data_9QFW
#
_entry.id   9QFW
#
_cell.length_a   1.00
_cell.length_b   1.00
_cell.length_c   1.00
_cell.angle_alpha   90.00
_cell.angle_beta   90.00
_cell.angle_gamma   90.00
#
_symmetry.space_group_name_H-M   'P 1'
#
loop_
_entity.id
_entity.type
_entity.pdbx_description
1 polymer 'Actin, cytoplasmic 1, N-terminally processed'
2 polymer Cofilin-1
3 polymer 'WD repeat-containing protein 1,Methylated-DNA--protein-cysteine methyltransferase'
4 non-polymer 'MAGNESIUM ION'
5 non-polymer "ADENOSINE-5'-DIPHOSPHATE"
#
loop_
_entity_poly.entity_id
_entity_poly.type
_entity_poly.pdbx_seq_one_letter_code
_entity_poly.pdbx_strand_id
1 'polypeptide(L)'
;DDDIAALVVDNGSGMCKAGFAGDDAPRAVFPSIVGRPRHQGVMVGMGQKDSYVGDEAQSKRGILTLKYPIE(HIC)GIVT
NWDDMEKIWHHTFYNELRVAPEEHPVLLTEAPLNPKANREKMTQIMFETFNTPAMYVAIQAVLSLYASGRTTGIVMDSGD
GVTHTVPIYEGYALPHAILRLDLAGRDLTDYLMKILTERGYSFTTTAEREIVRDIKEKLCYVALDFEQEMATAASSSSLE
KSYELPDGQVITIGNERFRCPEALFQPSFLGMESAGIHETTFNSIMKCDVDIRKDLYANTVLSGGTTMYPGIADRMQKEI
TALAPSTMKIKIIAPPERKYSVWIGGSILASLSTFQQMWISKQEYDESGPSIVHRKCF
;
A,B,C,D,E
2 'polypeptide(L)'
;MASGVAVSDGVIKVFNDMKVRKSSTPEEVKKRKKAVLFCLSEDKKNIILEEGKEILVGDVGQTVDDPYATFVKMLPDKDC
RYALYDATYETKESKKEDLVFIFWAPESAPLKSKMIYASSKDAIKKKLTGIKHELQANCYEEVKDRCTLAEKLGGSAVIS
LEGKPL
;
F,G,H,I,J
3 'polypeptide(L)'
;GAMGSMPYEIKKVFASLPQVERGVSKIIGGDPKGNNFLYTNGKCVILRNIDNPALADIYTEHAHQVVVAKYAPSGFYIAS
GDVSGKLRIWDTTQKEHLLKYEYQPFAGKIKDIAWTEDSKRIAVVGEGREKFGAVFLWDSGSSVGEITGHNKVINSVDIK
QSRPYRLATGSDDNCAAFFEGPPFKFKFTIGDHSRFVNCVRFSPDGNRFATASADGQIYIYDGKTGEKVCALGGSKAHDG
GIYAISWSPDSTHLLSASGDKTSKIWDVSVNSVVSTFPMGSTVLDQQLGCLWQKDHLLSVSLSGYINYLDRNNPSKPLHV
IKGHSKSIQCLTVHKNGGKSYIYSGSHDGHINYWDSETGENDSFAGKGHTNQVSRMTVDESGQLISCSMDDTVRYTSLML
RDYSGQGVVKLDVQPKCVAVGPGGYAVVVCIGQIVLLKDQRKCFSIDNPGYEPEVVAVHPGGDTVAIGGVDGNVRLYSIL
GTTLKDEGKLLEAKGPVTDVAYSHDGAFLAVCDASKVVTVFSVADGYSENNVFYGHHAKIVCLAWSPDNEHFASGGMDMM
VYVWTLSDPETRVKIQDAHRLHHVSSLAWLDEHTLVTTSHDASVKEWTITYGTGGGGSGGGGSMDKDCEMKRTTLDSPLG
KLELSGCEQGLHEIKLLGKGTSAADAVEVPAPAAVLGGPEPLMQATAWLNAYFHQPEAIEEFPVPALHHPVFQQESFTRQ
VLWKLLKVVKFGEVISYQQLAALAGNPAATAAVKTALSGNPVPILIPCHRVVSSSGAVGGYEGGLAVKEWLLAHEGHRLG
KPGLG
;
P,Q
#
# COMPACT_ATOMS: atom_id res chain seq x y z
N ALA A 5 34.82 -57.37 -62.43
CA ALA A 5 35.42 -57.84 -61.19
C ALA A 5 36.36 -56.78 -60.62
N ALA A 6 36.18 -56.46 -59.34
CA ALA A 6 36.99 -55.47 -58.66
C ALA A 6 38.08 -56.14 -57.84
N LEU A 7 39.23 -55.48 -57.77
CA LEU A 7 40.38 -55.99 -57.02
C LEU A 7 40.36 -55.43 -55.61
N VAL A 8 40.65 -56.30 -54.64
CA VAL A 8 40.77 -55.92 -53.24
C VAL A 8 42.22 -56.16 -52.82
N VAL A 9 42.87 -55.10 -52.36
CA VAL A 9 44.27 -55.14 -51.94
C VAL A 9 44.35 -54.65 -50.51
N ASP A 10 44.80 -55.53 -49.61
CA ASP A 10 45.07 -55.18 -48.22
C ASP A 10 46.59 -55.08 -48.08
N ASN A 11 47.06 -53.87 -47.83
CA ASN A 11 48.50 -53.61 -47.68
C ASN A 11 48.87 -53.74 -46.21
N GLY A 12 49.54 -54.83 -45.86
CA GLY A 12 49.91 -55.05 -44.48
C GLY A 12 51.31 -54.57 -44.15
N SER A 13 51.61 -54.47 -42.86
CA SER A 13 52.96 -54.07 -42.45
C SER A 13 53.98 -55.14 -42.80
N GLY A 14 53.58 -56.41 -42.86
CA GLY A 14 54.51 -57.46 -43.18
C GLY A 14 54.11 -58.31 -44.37
N MET A 15 52.82 -58.39 -44.66
CA MET A 15 52.31 -59.22 -45.75
C MET A 15 51.18 -58.48 -46.47
N CYS A 16 51.23 -58.50 -47.80
CA CYS A 16 50.22 -57.88 -48.64
C CYS A 16 49.34 -58.97 -49.23
N LYS A 17 48.03 -58.77 -49.17
CA LYS A 17 47.06 -59.73 -49.65
C LYS A 17 46.23 -59.12 -50.76
N ALA A 18 46.21 -59.77 -51.92
CA ALA A 18 45.49 -59.27 -53.08
C ALA A 18 44.56 -60.35 -53.60
N GLY A 19 43.40 -59.92 -54.09
CA GLY A 19 42.46 -60.86 -54.65
C GLY A 19 41.36 -60.13 -55.40
N PHE A 20 40.39 -60.91 -55.87
CA PHE A 20 39.25 -60.38 -56.61
C PHE A 20 38.02 -60.36 -55.71
N ALA A 21 37.20 -59.34 -55.89
CA ALA A 21 35.98 -59.21 -55.09
C ALA A 21 35.04 -60.38 -55.35
N GLY A 22 34.38 -60.83 -54.28
CA GLY A 22 33.51 -61.99 -54.35
C GLY A 22 34.18 -63.31 -54.07
N ASP A 23 35.49 -63.33 -53.86
CA ASP A 23 36.22 -64.56 -53.55
C ASP A 23 36.29 -64.76 -52.05
N ASP A 24 36.40 -66.02 -51.64
CA ASP A 24 36.44 -66.35 -50.22
C ASP A 24 37.80 -66.04 -49.59
N ALA A 25 38.89 -66.27 -50.31
CA ALA A 25 40.23 -66.07 -49.77
C ALA A 25 41.06 -65.25 -50.75
N PRO A 26 42.03 -64.49 -50.23
CA PRO A 26 42.90 -63.72 -51.14
C PRO A 26 43.69 -64.63 -52.07
N ARG A 27 43.86 -64.18 -53.31
CA ARG A 27 44.58 -64.99 -54.28
C ARG A 27 46.08 -65.01 -54.00
N ALA A 28 46.67 -63.85 -53.71
CA ALA A 28 48.10 -63.74 -53.47
C ALA A 28 48.35 -63.18 -52.08
N VAL A 29 49.19 -63.87 -51.30
CA VAL A 29 49.60 -63.41 -49.98
C VAL A 29 51.12 -63.43 -49.98
N PHE A 30 51.74 -62.26 -50.11
CA PHE A 30 53.18 -62.25 -50.27
C PHE A 30 53.82 -61.20 -49.37
N PRO A 31 55.08 -61.42 -48.96
CA PRO A 31 55.74 -60.44 -48.09
C PRO A 31 55.85 -59.07 -48.75
N SER A 32 55.64 -58.04 -47.94
CA SER A 32 55.66 -56.65 -48.41
C SER A 32 57.03 -56.02 -48.15
N ILE A 33 58.05 -56.55 -48.84
CA ILE A 33 59.42 -56.09 -48.69
C ILE A 33 59.99 -55.78 -50.07
N VAL A 34 61.03 -54.96 -50.06
CA VAL A 34 61.78 -54.61 -51.28
C VAL A 34 63.25 -54.83 -51.02
N GLY A 35 63.92 -55.52 -51.93
CA GLY A 35 65.34 -55.84 -51.80
C GLY A 35 66.17 -55.01 -52.77
N ARG A 36 67.25 -54.44 -52.25
CA ARG A 36 68.21 -53.67 -53.04
C ARG A 36 69.62 -54.18 -52.74
N PRO A 37 70.52 -54.14 -53.72
CA PRO A 37 71.83 -54.77 -53.54
C PRO A 37 72.61 -54.16 -52.37
N ARG A 38 73.36 -55.01 -51.69
CA ARG A 38 74.16 -54.61 -50.54
C ARG A 38 75.31 -53.71 -50.97
N ASP A 50 68.92 -55.59 -59.02
CA ASP A 50 68.73 -54.15 -58.92
C ASP A 50 67.64 -53.81 -57.91
N SER A 51 66.49 -54.47 -58.06
CA SER A 51 65.35 -54.25 -57.16
C SER A 51 64.43 -55.46 -57.26
N TYR A 52 64.29 -56.19 -56.15
CA TYR A 52 63.43 -57.36 -56.08
C TYR A 52 62.34 -57.11 -55.05
N VAL A 53 61.09 -57.35 -55.45
CA VAL A 53 59.93 -57.04 -54.63
C VAL A 53 59.17 -58.32 -54.35
N GLY A 54 58.88 -58.57 -53.09
CA GLY A 54 58.08 -59.72 -52.70
C GLY A 54 58.90 -60.97 -52.43
N ASP A 55 58.30 -62.13 -52.71
CA ASP A 55 58.95 -63.41 -52.42
C ASP A 55 60.29 -63.56 -53.14
N GLU A 56 60.45 -62.92 -54.29
CA GLU A 56 61.73 -62.98 -54.98
C GLU A 56 62.86 -62.43 -54.11
N ALA A 57 62.58 -61.36 -53.37
CA ALA A 57 63.58 -60.82 -52.44
C ALA A 57 63.98 -61.85 -51.41
N GLN A 58 63.05 -62.73 -51.02
CA GLN A 58 63.39 -63.81 -50.10
C GLN A 58 64.22 -64.88 -50.79
N SER A 59 64.00 -65.07 -52.09
CA SER A 59 64.64 -66.18 -52.80
C SER A 59 66.14 -65.95 -52.98
N LYS A 60 66.54 -64.71 -53.25
CA LYS A 60 67.94 -64.43 -53.54
C LYS A 60 68.76 -64.22 -52.28
N ARG A 61 68.15 -64.40 -51.10
CA ARG A 61 68.80 -64.47 -49.79
C ARG A 61 69.45 -63.15 -49.38
N GLY A 62 70.21 -63.17 -48.29
CA GLY A 62 70.74 -61.98 -47.64
C GLY A 62 71.61 -61.07 -48.48
N ILE A 63 71.81 -61.40 -49.75
CA ILE A 63 72.57 -60.52 -50.64
C ILE A 63 71.93 -59.15 -50.73
N LEU A 64 70.63 -59.06 -50.48
CA LEU A 64 69.89 -57.81 -50.53
C LEU A 64 69.83 -57.18 -49.13
N THR A 65 69.36 -55.94 -49.10
CA THR A 65 69.06 -55.23 -47.86
C THR A 65 67.55 -55.01 -47.85
N LEU A 66 66.82 -55.97 -47.30
CA LEU A 66 65.37 -55.92 -47.32
C LEU A 66 64.86 -54.71 -46.54
N LYS A 67 63.93 -53.98 -47.15
CA LYS A 67 63.35 -52.79 -46.54
C LYS A 67 61.83 -52.87 -46.63
N TYR A 68 61.16 -52.38 -45.59
CA TYR A 68 59.70 -52.41 -45.54
C TYR A 68 59.17 -51.01 -45.81
N PRO A 69 58.55 -50.76 -46.97
CA PRO A 69 57.89 -49.47 -47.16
C PRO A 69 56.79 -49.22 -46.14
N ILE A 70 56.07 -50.25 -45.74
CA ILE A 70 55.16 -50.21 -44.60
C ILE A 70 55.80 -51.06 -43.50
N GLU A 71 56.06 -50.44 -42.36
CA GLU A 71 56.67 -51.16 -41.25
C GLU A 71 55.76 -51.14 -40.03
N GLY A 73 52.17 -49.97 -40.39
CA GLY A 73 50.86 -49.59 -40.91
C GLY A 73 50.86 -48.32 -41.73
N ILE A 74 51.71 -47.37 -41.35
CA ILE A 74 51.79 -46.09 -42.05
C ILE A 74 52.86 -46.18 -43.13
N VAL A 75 52.50 -45.76 -44.35
CA VAL A 75 53.44 -45.79 -45.45
C VAL A 75 54.51 -44.72 -45.23
N THR A 76 55.77 -45.12 -45.33
CA THR A 76 56.89 -44.22 -45.14
C THR A 76 57.63 -43.86 -46.42
N ASN A 77 57.78 -44.81 -47.33
CA ASN A 77 58.50 -44.60 -48.58
C ASN A 77 57.56 -45.03 -49.71
N TRP A 78 57.15 -44.07 -50.54
CA TRP A 78 56.18 -44.34 -51.59
C TRP A 78 56.81 -44.94 -52.84
N ASP A 79 58.11 -44.74 -53.05
CA ASP A 79 58.75 -45.28 -54.26
C ASP A 79 58.72 -46.80 -54.26
N ASP A 80 59.03 -47.42 -53.12
CA ASP A 80 58.96 -48.88 -53.04
C ASP A 80 57.53 -49.37 -52.97
N MET A 81 56.62 -48.56 -52.44
CA MET A 81 55.21 -48.93 -52.42
C MET A 81 54.66 -49.01 -53.84
N GLU A 82 55.11 -48.10 -54.71
CA GLU A 82 54.73 -48.18 -56.13
C GLU A 82 55.19 -49.48 -56.75
N LYS A 83 56.43 -49.90 -56.45
CA LYS A 83 56.95 -51.15 -56.96
C LYS A 83 56.15 -52.33 -56.42
N ILE A 84 55.78 -52.29 -55.14
CA ILE A 84 55.00 -53.38 -54.56
C ILE A 84 53.63 -53.47 -55.22
N TRP A 85 52.98 -52.33 -55.45
CA TRP A 85 51.69 -52.35 -56.13
C TRP A 85 51.81 -52.86 -57.56
N HIS A 86 52.88 -52.46 -58.27
CA HIS A 86 53.08 -52.96 -59.63
C HIS A 86 53.28 -54.47 -59.64
N HIS A 87 54.07 -54.98 -58.69
CA HIS A 87 54.27 -56.42 -58.58
C HIS A 87 52.96 -57.13 -58.23
N THR A 88 52.14 -56.50 -57.39
CA THR A 88 50.85 -57.07 -57.05
C THR A 88 49.96 -57.20 -58.29
N PHE A 89 49.85 -56.12 -59.05
CA PHE A 89 48.92 -56.12 -60.19
C PHE A 89 49.41 -57.03 -61.31
N TYR A 90 50.69 -56.90 -61.69
CA TYR A 90 51.14 -57.58 -62.89
C TYR A 90 51.68 -58.98 -62.63
N ASN A 91 52.45 -59.18 -61.55
CA ASN A 91 53.07 -60.47 -61.32
C ASN A 91 52.23 -61.40 -60.46
N GLU A 92 51.52 -60.86 -59.46
CA GLU A 92 50.76 -61.69 -58.54
C GLU A 92 49.32 -61.88 -59.02
N LEU A 93 48.58 -60.79 -59.18
CA LEU A 93 47.21 -60.87 -59.65
C LEU A 93 47.11 -61.14 -61.14
N ARG A 94 48.17 -60.85 -61.90
CA ARG A 94 48.22 -61.10 -63.34
C ARG A 94 47.08 -60.40 -64.08
N VAL A 95 46.73 -59.20 -63.63
CA VAL A 95 45.70 -58.40 -64.26
C VAL A 95 46.21 -56.97 -64.42
N ALA A 96 45.65 -56.27 -65.41
CA ALA A 96 45.99 -54.88 -65.64
C ALA A 96 45.09 -53.98 -64.80
N PRO A 97 45.64 -53.09 -63.98
CA PRO A 97 44.78 -52.25 -63.14
C PRO A 97 43.91 -51.29 -63.93
N GLU A 98 44.22 -51.04 -65.20
CA GLU A 98 43.45 -50.09 -66.00
C GLU A 98 42.05 -50.58 -66.31
N GLU A 99 41.76 -51.87 -66.14
CA GLU A 99 40.46 -52.42 -66.47
C GLU A 99 39.67 -52.90 -65.25
N HIS A 100 40.23 -52.78 -64.05
CA HIS A 100 39.56 -53.26 -62.85
C HIS A 100 39.64 -52.21 -61.76
N PRO A 101 38.52 -51.83 -61.14
CA PRO A 101 38.58 -50.95 -59.98
C PRO A 101 39.22 -51.66 -58.80
N VAL A 102 39.91 -50.88 -57.97
CA VAL A 102 40.64 -51.43 -56.83
C VAL A 102 40.07 -50.84 -55.54
N LEU A 103 40.07 -51.65 -54.49
CA LEU A 103 39.70 -51.22 -53.15
C LEU A 103 40.91 -51.39 -52.25
N LEU A 104 41.33 -50.29 -51.64
CA LEU A 104 42.52 -50.28 -50.78
C LEU A 104 42.11 -50.12 -49.33
N THR A 105 42.86 -50.78 -48.45
CA THR A 105 42.65 -50.69 -47.02
C THR A 105 43.76 -49.89 -46.38
N GLU A 106 43.39 -48.99 -45.47
CA GLU A 106 44.34 -48.11 -44.81
C GLU A 106 44.43 -48.47 -43.34
N ALA A 107 45.59 -48.21 -42.74
CA ALA A 107 45.77 -48.42 -41.33
C ALA A 107 45.03 -47.34 -40.54
N PRO A 108 44.65 -47.64 -39.31
CA PRO A 108 44.05 -46.59 -38.46
C PRO A 108 45.04 -45.48 -38.17
N LEU A 109 44.50 -44.28 -37.94
CA LEU A 109 45.30 -43.07 -37.71
C LEU A 109 46.17 -42.74 -38.91
N ASN A 110 45.69 -43.07 -40.11
CA ASN A 110 46.44 -42.75 -41.32
C ASN A 110 46.29 -41.27 -41.64
N PRO A 111 47.39 -40.53 -41.80
CA PRO A 111 47.28 -39.09 -42.11
C PRO A 111 46.62 -38.86 -43.47
N LYS A 112 45.96 -37.72 -43.60
CA LYS A 112 45.22 -37.40 -44.82
C LYS A 112 46.15 -37.28 -46.02
N ALA A 113 47.38 -36.82 -45.81
CA ALA A 113 48.32 -36.68 -46.91
C ALA A 113 48.63 -38.04 -47.54
N ASN A 114 48.78 -39.08 -46.72
CA ASN A 114 48.99 -40.41 -47.26
C ASN A 114 47.79 -40.89 -48.04
N ARG A 115 46.58 -40.57 -47.59
CA ARG A 115 45.38 -40.93 -48.35
C ARG A 115 45.39 -40.25 -49.72
N GLU A 116 45.69 -38.95 -49.74
CA GLU A 116 45.70 -38.23 -51.02
C GLU A 116 46.78 -38.78 -51.95
N LYS A 117 47.96 -39.10 -51.40
CA LYS A 117 49.00 -39.69 -52.22
C LYS A 117 48.60 -41.07 -52.73
N MET A 118 47.90 -41.86 -51.92
CA MET A 118 47.40 -43.15 -52.38
C MET A 118 46.47 -42.99 -53.56
N THR A 119 45.50 -42.07 -53.45
CA THR A 119 44.57 -41.85 -54.55
C THR A 119 45.31 -41.35 -55.80
N GLN A 120 46.25 -40.43 -55.63
CA GLN A 120 46.98 -39.90 -56.78
C GLN A 120 47.80 -40.99 -57.46
N ILE A 121 48.45 -41.85 -56.68
CA ILE A 121 49.26 -42.92 -57.27
C ILE A 121 48.37 -43.92 -57.99
N MET A 122 47.24 -44.29 -57.39
CA MET A 122 46.33 -45.23 -58.03
C MET A 122 45.61 -44.65 -59.24
N PHE A 123 45.51 -43.33 -59.36
CA PHE A 123 44.79 -42.74 -60.47
C PHE A 123 45.68 -42.30 -61.62
N GLU A 124 46.85 -41.72 -61.34
CA GLU A 124 47.73 -41.22 -62.38
C GLU A 124 48.68 -42.28 -62.94
N THR A 125 49.25 -43.13 -62.08
CA THR A 125 50.21 -44.12 -62.54
C THR A 125 49.55 -45.38 -63.08
N PHE A 126 48.66 -45.99 -62.29
CA PHE A 126 48.00 -47.23 -62.70
C PHE A 126 46.74 -46.98 -63.53
N ASN A 127 46.25 -45.74 -63.57
CA ASN A 127 45.07 -45.39 -64.38
C ASN A 127 43.88 -46.29 -64.06
N THR A 128 43.65 -46.54 -62.78
CA THR A 128 42.53 -47.36 -62.36
C THR A 128 41.22 -46.65 -62.69
N PRO A 129 40.26 -47.34 -63.31
CA PRO A 129 38.98 -46.67 -63.63
C PRO A 129 38.24 -46.18 -62.40
N ALA A 130 38.34 -46.90 -61.29
CA ALA A 130 37.68 -46.51 -60.05
C ALA A 130 38.53 -46.97 -58.88
N MET A 131 38.30 -46.34 -57.73
CA MET A 131 39.09 -46.63 -56.54
C MET A 131 38.26 -46.32 -55.30
N TYR A 132 38.58 -47.01 -54.21
CA TYR A 132 37.93 -46.76 -52.92
C TYR A 132 38.91 -47.11 -51.81
N VAL A 133 38.83 -46.36 -50.71
CA VAL A 133 39.70 -46.54 -49.56
C VAL A 133 38.83 -46.85 -48.34
N ALA A 134 39.19 -47.91 -47.61
CA ALA A 134 38.45 -48.31 -46.42
C ALA A 134 39.41 -48.55 -45.27
N ILE A 135 38.90 -48.43 -44.06
CA ILE A 135 39.70 -48.65 -42.86
C ILE A 135 39.67 -50.14 -42.52
N GLN A 136 40.83 -50.69 -42.15
CA GLN A 136 40.90 -52.12 -41.84
C GLN A 136 40.06 -52.48 -40.63
N ALA A 137 40.09 -51.64 -39.59
CA ALA A 137 39.39 -51.97 -38.35
C ALA A 137 37.87 -52.02 -38.56
N VAL A 138 37.33 -51.05 -39.30
CA VAL A 138 35.88 -51.06 -39.52
C VAL A 138 35.49 -52.26 -40.39
N LEU A 139 36.33 -52.65 -41.34
CA LEU A 139 36.04 -53.83 -42.14
C LEU A 139 36.03 -55.09 -41.29
N SER A 140 37.00 -55.22 -40.38
CA SER A 140 37.02 -56.38 -39.49
C SER A 140 35.79 -56.40 -38.59
N LEU A 141 35.43 -55.24 -38.02
CA LEU A 141 34.27 -55.18 -37.14
C LEU A 141 32.98 -55.51 -37.89
N TYR A 142 32.83 -55.01 -39.12
CA TYR A 142 31.67 -55.36 -39.92
C TYR A 142 31.65 -56.85 -40.24
N ALA A 143 32.81 -57.42 -40.61
CA ALA A 143 32.88 -58.85 -40.88
C ALA A 143 32.55 -59.68 -39.66
N SER A 144 32.77 -59.15 -38.45
CA SER A 144 32.34 -59.80 -37.23
C SER A 144 30.85 -59.64 -36.98
N GLY A 145 30.11 -59.04 -37.91
CA GLY A 145 28.70 -58.80 -37.73
C GLY A 145 28.39 -57.79 -36.65
N ARG A 146 29.18 -56.73 -36.54
CA ARG A 146 29.02 -55.73 -35.49
C ARG A 146 29.23 -54.34 -36.07
N THR A 147 28.63 -53.35 -35.40
CA THR A 147 28.82 -51.95 -35.75
C THR A 147 29.58 -51.18 -34.68
N THR A 148 29.39 -51.50 -33.40
CA THR A 148 30.12 -50.88 -32.31
C THR A 148 30.92 -51.94 -31.58
N GLY A 149 32.16 -51.61 -31.23
CA GLY A 149 33.05 -52.54 -30.56
C GLY A 149 34.48 -52.12 -30.75
N ILE A 150 35.37 -52.83 -30.05
CA ILE A 150 36.79 -52.54 -30.10
C ILE A 150 37.49 -53.68 -30.82
N VAL A 151 38.27 -53.34 -31.85
CA VAL A 151 38.98 -54.31 -32.67
C VAL A 151 40.45 -54.26 -32.30
N MET A 152 41.01 -55.42 -31.95
CA MET A 152 42.44 -55.54 -31.65
C MET A 152 43.10 -56.21 -32.84
N ASP A 153 43.47 -55.40 -33.82
CA ASP A 153 44.11 -55.89 -35.05
C ASP A 153 45.60 -56.00 -34.78
N SER A 154 46.07 -57.21 -34.51
CA SER A 154 47.48 -57.47 -34.24
C SER A 154 48.09 -58.04 -35.52
N GLY A 155 48.87 -57.22 -36.22
CA GLY A 155 49.44 -57.60 -37.49
C GLY A 155 50.85 -58.13 -37.38
N ASP A 156 51.63 -57.95 -38.43
CA ASP A 156 53.00 -58.43 -38.46
C ASP A 156 53.97 -57.45 -37.82
N GLY A 157 53.72 -56.15 -37.93
CA GLY A 157 54.64 -55.16 -37.41
C GLY A 157 54.03 -54.20 -36.41
N VAL A 158 52.70 -54.10 -36.39
CA VAL A 158 52.02 -53.16 -35.52
C VAL A 158 50.70 -53.78 -35.04
N THR A 159 50.36 -53.48 -33.79
CA THR A 159 49.09 -53.90 -33.19
C THR A 159 48.28 -52.66 -32.86
N HIS A 160 47.04 -52.61 -33.36
CA HIS A 160 46.18 -51.44 -33.19
C HIS A 160 44.92 -51.85 -32.46
N THR A 161 44.63 -51.16 -31.35
CA THR A 161 43.35 -51.28 -30.66
C THR A 161 42.52 -50.08 -31.10
N VAL A 162 41.47 -50.36 -31.86
CA VAL A 162 40.63 -49.34 -32.50
C VAL A 162 39.21 -49.48 -31.93
N PRO A 163 38.74 -48.57 -31.10
CA PRO A 163 37.33 -48.57 -30.71
C PRO A 163 36.49 -47.85 -31.76
N ILE A 164 35.45 -48.52 -32.23
CA ILE A 164 34.58 -48.02 -33.29
C ILE A 164 33.17 -47.92 -32.74
N TYR A 165 32.57 -46.74 -32.84
CA TYR A 165 31.21 -46.51 -32.40
C TYR A 165 30.38 -46.03 -33.59
N GLU A 166 29.25 -46.69 -33.83
CA GLU A 166 28.33 -46.33 -34.91
C GLU A 166 29.06 -46.38 -36.25
N GLY A 167 29.97 -47.34 -36.40
CA GLY A 167 30.70 -47.52 -37.63
C GLY A 167 31.82 -46.54 -37.88
N TYR A 168 32.10 -45.64 -36.92
CA TYR A 168 33.14 -44.64 -37.06
C TYR A 168 34.16 -44.84 -35.95
N ALA A 169 35.42 -45.01 -36.34
CA ALA A 169 36.49 -45.19 -35.37
C ALA A 169 36.73 -43.90 -34.59
N LEU A 170 37.09 -44.04 -33.32
CA LEU A 170 37.39 -42.89 -32.49
C LEU A 170 38.89 -42.62 -32.52
N PRO A 171 39.32 -41.60 -33.26
CA PRO A 171 40.78 -41.38 -33.41
C PRO A 171 41.50 -41.07 -32.12
N HIS A 172 40.85 -40.42 -31.17
CA HIS A 172 41.52 -40.05 -29.92
C HIS A 172 41.74 -41.24 -28.99
N ALA A 173 41.13 -42.40 -29.28
CA ALA A 173 41.24 -43.56 -28.41
C ALA A 173 41.92 -44.75 -29.08
N ILE A 174 42.40 -44.59 -30.31
CA ILE A 174 43.12 -45.68 -30.98
C ILE A 174 44.52 -45.78 -30.37
N LEU A 175 44.90 -46.98 -29.94
CA LEU A 175 46.19 -47.20 -29.32
C LEU A 175 47.05 -48.09 -30.22
N ARG A 176 48.32 -47.72 -30.38
CA ARG A 176 49.24 -48.42 -31.27
C ARG A 176 50.40 -48.96 -30.48
N LEU A 177 50.70 -50.25 -30.68
CA LEU A 177 51.85 -50.92 -30.07
C LEU A 177 52.74 -51.46 -31.18
N ASP A 178 54.05 -51.30 -31.01
CA ASP A 178 54.99 -51.78 -32.01
C ASP A 178 55.32 -53.25 -31.88
N LEU A 179 54.76 -53.93 -30.87
CA LEU A 179 54.97 -55.36 -30.69
C LEU A 179 53.97 -56.13 -31.54
N ALA A 180 54.48 -57.06 -32.35
CA ALA A 180 53.63 -57.81 -33.27
C ALA A 180 54.34 -59.11 -33.63
N GLY A 181 53.86 -59.77 -34.69
CA GLY A 181 54.39 -61.08 -35.06
C GLY A 181 55.86 -61.07 -35.42
N ARG A 182 56.37 -59.95 -35.95
CA ARG A 182 57.79 -59.88 -36.28
C ARG A 182 58.66 -59.97 -35.03
N ASP A 183 58.30 -59.22 -33.99
CA ASP A 183 59.04 -59.28 -32.73
C ASP A 183 58.90 -60.65 -32.09
N LEU A 184 57.73 -61.28 -32.22
CA LEU A 184 57.56 -62.63 -31.69
C LEU A 184 58.44 -63.63 -32.42
N THR A 185 58.55 -63.50 -33.75
CA THR A 185 59.44 -64.37 -34.51
C THR A 185 60.89 -64.18 -34.09
N ASP A 186 61.31 -62.92 -33.89
CA ASP A 186 62.67 -62.67 -33.44
C ASP A 186 62.90 -63.25 -32.04
N TYR A 187 61.92 -63.12 -31.15
CA TYR A 187 62.06 -63.66 -29.81
C TYR A 187 62.14 -65.19 -29.82
N LEU A 188 61.33 -65.83 -30.65
CA LEU A 188 61.41 -67.28 -30.78
C LEU A 188 62.77 -67.69 -31.33
N MET A 189 63.27 -66.93 -32.30
CA MET A 189 64.63 -67.15 -32.83
C MET A 189 65.66 -67.11 -31.70
N LYS A 190 65.61 -66.05 -30.89
CA LYS A 190 66.57 -65.89 -29.80
C LYS A 190 66.45 -67.01 -28.77
N ILE A 191 65.23 -67.37 -28.37
CA ILE A 191 65.08 -68.40 -27.34
C ILE A 191 65.36 -69.80 -27.89
N LEU A 192 65.21 -70.02 -29.20
CA LEU A 192 65.64 -71.28 -29.79
C LEU A 192 67.15 -71.36 -29.90
N THR A 193 67.83 -70.23 -30.01
CA THR A 193 69.29 -70.27 -29.95
C THR A 193 69.80 -70.77 -28.60
N GLU A 194 68.96 -70.71 -27.55
CA GLU A 194 69.40 -71.19 -26.24
C GLU A 194 69.51 -72.71 -26.20
N ARG A 195 68.55 -73.42 -26.82
CA ARG A 195 68.57 -74.88 -26.78
C ARG A 195 69.80 -75.47 -27.46
N GLY A 196 70.31 -74.80 -28.48
CA GLY A 196 71.46 -75.30 -29.20
C GLY A 196 71.24 -75.33 -30.70
N TYR A 197 70.14 -74.71 -31.15
CA TYR A 197 69.83 -74.60 -32.57
C TYR A 197 70.21 -73.22 -33.06
N SER A 198 71.09 -73.17 -34.05
CA SER A 198 71.62 -71.91 -34.56
C SER A 198 70.72 -71.43 -35.70
N PHE A 199 69.88 -70.44 -35.40
CA PHE A 199 69.01 -69.79 -36.37
C PHE A 199 69.48 -68.34 -36.47
N THR A 200 70.08 -67.98 -37.60
CA THR A 200 70.50 -66.60 -37.80
C THR A 200 70.07 -66.02 -39.13
N THR A 201 70.09 -66.81 -40.20
CA THR A 201 69.91 -66.28 -41.54
C THR A 201 68.43 -66.11 -41.88
N THR A 202 68.18 -65.51 -43.04
CA THR A 202 66.81 -65.19 -43.46
C THR A 202 65.99 -66.46 -43.71
N ALA A 203 66.59 -67.46 -44.35
CA ALA A 203 65.87 -68.71 -44.57
C ALA A 203 65.52 -69.39 -43.26
N GLU A 204 66.48 -69.40 -42.32
CA GLU A 204 66.18 -69.90 -40.98
C GLU A 204 65.17 -69.02 -40.26
N ARG A 205 65.13 -67.72 -40.58
CA ARG A 205 64.08 -66.88 -40.00
C ARG A 205 62.70 -67.27 -40.51
N GLU A 206 62.58 -67.59 -41.80
CA GLU A 206 61.32 -68.10 -42.32
C GLU A 206 60.98 -69.46 -41.71
N ILE A 207 61.99 -70.30 -41.48
CA ILE A 207 61.76 -71.57 -40.82
C ILE A 207 61.20 -71.35 -39.41
N VAL A 208 61.78 -70.41 -38.68
CA VAL A 208 61.28 -70.09 -37.33
C VAL A 208 59.88 -69.52 -37.40
N ARG A 209 59.58 -68.73 -38.43
CA ARG A 209 58.22 -68.22 -38.60
C ARG A 209 57.22 -69.35 -38.80
N ASP A 210 57.59 -70.34 -39.63
CA ASP A 210 56.73 -71.50 -39.81
C ASP A 210 56.56 -72.27 -38.51
N ILE A 211 57.64 -72.41 -37.74
CA ILE A 211 57.57 -73.07 -36.44
C ILE A 211 56.60 -72.34 -35.53
N LYS A 212 56.69 -71.00 -35.50
CA LYS A 212 55.79 -70.21 -34.67
C LYS A 212 54.34 -70.37 -35.10
N GLU A 213 54.10 -70.38 -36.41
CA GLU A 213 52.75 -70.53 -36.92
C GLU A 213 52.17 -71.91 -36.70
N LYS A 214 53.00 -72.96 -36.60
CA LYS A 214 52.48 -74.31 -36.50
C LYS A 214 52.53 -74.93 -35.11
N LEU A 215 53.37 -74.42 -34.19
CA LEU A 215 53.58 -75.11 -32.92
C LEU A 215 53.48 -74.22 -31.69
N CYS A 216 53.14 -72.94 -31.83
CA CYS A 216 53.08 -72.03 -30.70
C CYS A 216 51.65 -71.82 -30.24
N TYR A 217 51.47 -71.67 -28.93
CA TYR A 217 50.15 -71.45 -28.34
C TYR A 217 50.29 -70.60 -27.09
N VAL A 218 49.20 -69.95 -26.71
CA VAL A 218 49.18 -69.09 -25.54
C VAL A 218 48.66 -69.88 -24.35
N ALA A 219 49.45 -69.90 -23.27
CA ALA A 219 49.07 -70.62 -22.07
C ALA A 219 48.12 -69.79 -21.22
N LEU A 220 47.12 -70.46 -20.63
CA LEU A 220 46.19 -69.76 -19.76
C LEU A 220 46.88 -69.23 -18.52
N ASP A 221 47.76 -70.03 -17.91
CA ASP A 221 48.53 -69.61 -16.74
C ASP A 221 50.00 -69.87 -17.04
N PHE A 222 50.78 -68.79 -17.18
CA PHE A 222 52.16 -68.91 -17.62
C PHE A 222 53.01 -69.66 -16.59
N GLU A 223 52.85 -69.35 -15.31
CA GLU A 223 53.66 -70.00 -14.29
C GLU A 223 53.33 -71.49 -14.19
N GLN A 224 52.05 -71.82 -14.18
CA GLN A 224 51.65 -73.22 -14.09
C GLN A 224 52.08 -74.00 -15.33
N GLU A 225 51.97 -73.37 -16.51
CA GLU A 225 52.41 -74.03 -17.73
C GLU A 225 53.91 -74.26 -17.73
N MET A 226 54.69 -73.29 -17.24
CA MET A 226 56.13 -73.47 -17.14
C MET A 226 56.48 -74.59 -16.17
N ALA A 227 55.78 -74.64 -15.03
CA ALA A 227 56.01 -75.72 -14.07
C ALA A 227 55.67 -77.08 -14.67
N THR A 228 54.58 -77.16 -15.42
CA THR A 228 54.21 -78.42 -16.08
C THR A 228 55.25 -78.82 -17.12
N ALA A 229 55.74 -77.85 -17.89
CA ALA A 229 56.75 -78.15 -18.91
C ALA A 229 58.05 -78.63 -18.28
N ALA A 230 58.45 -78.02 -17.16
CA ALA A 230 59.69 -78.42 -16.49
C ALA A 230 59.58 -79.76 -15.79
N SER A 231 58.37 -80.27 -15.58
CA SER A 231 58.16 -81.50 -14.82
C SER A 231 57.66 -82.66 -15.68
N SER A 232 57.60 -82.49 -17.00
CA SER A 232 57.11 -83.55 -17.88
C SER A 232 57.64 -83.30 -19.29
N SER A 233 57.26 -84.19 -20.21
CA SER A 233 57.65 -84.08 -21.61
C SER A 233 56.45 -84.11 -22.54
N SER A 234 55.24 -83.93 -22.01
CA SER A 234 54.04 -83.96 -22.84
C SER A 234 53.94 -82.70 -23.71
N LEU A 235 54.51 -81.59 -23.26
CA LEU A 235 54.43 -80.34 -24.00
C LEU A 235 55.45 -80.25 -25.14
N GLU A 236 56.44 -81.13 -25.16
CA GLU A 236 57.46 -81.08 -26.21
C GLU A 236 56.90 -81.58 -27.53
N LYS A 237 57.24 -80.91 -28.62
CA LYS A 237 56.79 -81.28 -29.95
C LYS A 237 57.99 -81.27 -30.90
N SER A 238 57.90 -82.09 -31.95
CA SER A 238 58.97 -82.25 -32.91
C SER A 238 58.61 -81.57 -34.23
N TYR A 239 59.57 -80.82 -34.77
CA TYR A 239 59.43 -80.14 -36.05
C TYR A 239 60.48 -80.63 -37.02
N GLU A 240 60.12 -80.71 -38.29
CA GLU A 240 61.00 -81.22 -39.33
C GLU A 240 61.50 -80.08 -40.20
N LEU A 241 62.82 -79.92 -40.26
CA LEU A 241 63.43 -78.87 -41.05
C LEU A 241 63.37 -79.23 -42.53
N PRO A 242 63.43 -78.23 -43.41
CA PRO A 242 63.38 -78.53 -44.85
C PRO A 242 64.51 -79.41 -45.34
N ASP A 243 65.65 -79.42 -44.65
CA ASP A 243 66.79 -80.25 -45.04
C ASP A 243 66.71 -81.67 -44.49
N GLY A 244 65.64 -82.02 -43.77
CA GLY A 244 65.48 -83.34 -43.22
C GLY A 244 65.83 -83.47 -41.75
N GLN A 245 66.33 -82.40 -41.12
CA GLN A 245 66.67 -82.46 -39.70
C GLN A 245 65.42 -82.28 -38.85
N VAL A 246 65.42 -82.92 -37.69
CA VAL A 246 64.30 -82.89 -36.75
C VAL A 246 64.77 -82.23 -35.46
N ILE A 247 63.98 -81.28 -34.97
CA ILE A 247 64.30 -80.57 -33.74
C ILE A 247 63.12 -80.69 -32.79
N THR A 248 63.40 -80.48 -31.51
CA THR A 248 62.40 -80.60 -30.45
C THR A 248 62.23 -79.28 -29.73
N ILE A 249 61.00 -78.94 -29.40
CA ILE A 249 60.66 -77.68 -28.75
C ILE A 249 59.84 -77.98 -27.51
N GLY A 250 60.21 -77.35 -26.39
CA GLY A 250 59.51 -77.55 -25.14
C GLY A 250 58.69 -76.35 -24.72
N ASN A 251 59.19 -75.61 -23.72
CA ASN A 251 58.46 -74.45 -23.22
C ASN A 251 58.40 -73.31 -24.23
N GLU A 252 59.34 -73.24 -25.16
CA GLU A 252 59.37 -72.17 -26.17
C GLU A 252 58.09 -72.11 -26.99
N ARG A 253 57.24 -73.14 -26.92
CA ARG A 253 55.95 -73.07 -27.60
C ARG A 253 55.09 -71.96 -27.04
N PHE A 254 55.07 -71.80 -25.71
CA PHE A 254 54.23 -70.79 -25.08
C PHE A 254 55.01 -69.60 -24.56
N ARG A 255 56.35 -69.65 -24.57
CA ARG A 255 57.13 -68.50 -24.15
C ARG A 255 57.16 -67.43 -25.23
N CYS A 256 57.18 -67.84 -26.50
CA CYS A 256 57.21 -66.86 -27.59
C CYS A 256 55.98 -65.98 -27.65
N PRO A 257 54.74 -66.50 -27.63
CA PRO A 257 53.57 -65.61 -27.66
C PRO A 257 53.32 -64.89 -26.35
N GLU A 258 53.87 -65.36 -25.23
CA GLU A 258 53.68 -64.70 -23.95
C GLU A 258 54.22 -63.27 -23.96
N ALA A 259 55.19 -62.98 -24.83
CA ALA A 259 55.68 -61.61 -24.96
C ALA A 259 54.59 -60.64 -25.37
N LEU A 260 53.50 -61.14 -25.97
CA LEU A 260 52.37 -60.27 -26.25
C LEU A 260 51.76 -59.72 -24.97
N PHE A 261 51.65 -60.56 -23.94
CA PHE A 261 51.08 -60.13 -22.67
C PHE A 261 52.12 -59.63 -21.69
N GLN A 262 53.39 -60.00 -21.89
CA GLN A 262 54.50 -59.55 -21.05
C GLN A 262 55.59 -59.02 -21.96
N PRO A 263 55.46 -57.78 -22.44
CA PRO A 263 56.49 -57.21 -23.32
C PRO A 263 57.85 -57.08 -22.66
N SER A 264 57.93 -57.17 -21.33
CA SER A 264 59.21 -57.09 -20.64
C SER A 264 60.15 -58.21 -21.04
N PHE A 265 59.62 -59.29 -21.63
CA PHE A 265 60.49 -60.34 -22.16
C PHE A 265 61.38 -59.81 -23.28
N LEU A 266 60.88 -58.88 -24.08
CA LEU A 266 61.64 -58.29 -25.18
C LEU A 266 62.41 -57.04 -24.77
N GLY A 267 62.33 -56.65 -23.50
CA GLY A 267 62.93 -55.42 -23.05
C GLY A 267 62.10 -54.18 -23.27
N MET A 268 60.92 -54.31 -23.87
CA MET A 268 60.05 -53.16 -24.08
C MET A 268 59.38 -52.75 -22.78
N GLU A 269 59.29 -51.42 -22.58
CA GLU A 269 58.61 -50.86 -21.43
C GLU A 269 57.10 -50.83 -21.60
N SER A 270 56.60 -50.88 -22.84
CA SER A 270 55.18 -50.75 -23.10
C SER A 270 54.41 -51.93 -22.50
N ALA A 271 53.10 -51.72 -22.36
CA ALA A 271 52.23 -52.72 -21.74
C ALA A 271 51.79 -53.77 -22.76
N GLY A 272 51.24 -54.85 -22.25
CA GLY A 272 50.78 -55.93 -23.11
C GLY A 272 49.51 -55.58 -23.86
N ILE A 273 49.09 -56.51 -24.73
CA ILE A 273 47.92 -56.26 -25.56
C ILE A 273 46.65 -56.11 -24.74
N HIS A 274 46.48 -56.90 -23.68
CA HIS A 274 45.32 -56.75 -22.82
C HIS A 274 45.29 -55.39 -22.13
N GLU A 275 46.44 -54.93 -21.64
CA GLU A 275 46.49 -53.62 -21.00
C GLU A 275 46.23 -52.50 -21.99
N THR A 276 46.76 -52.61 -23.23
CA THR A 276 46.46 -51.60 -24.23
C THR A 276 44.98 -51.59 -24.58
N THR A 277 44.37 -52.77 -24.68
CA THR A 277 42.93 -52.83 -24.94
C THR A 277 42.14 -52.16 -23.82
N PHE A 278 42.51 -52.44 -22.57
CA PHE A 278 41.82 -51.82 -21.45
C PHE A 278 42.02 -50.31 -21.42
N ASN A 279 43.24 -49.85 -21.73
CA ASN A 279 43.51 -48.42 -21.75
C ASN A 279 42.71 -47.72 -22.85
N SER A 280 42.62 -48.33 -24.03
CA SER A 280 41.82 -47.75 -25.10
C SER A 280 40.35 -47.75 -24.75
N ILE A 281 39.87 -48.77 -24.03
CA ILE A 281 38.48 -48.77 -23.58
C ILE A 281 38.25 -47.63 -22.59
N MET A 282 39.19 -47.43 -21.66
CA MET A 282 39.08 -46.32 -20.70
C MET A 282 39.26 -44.96 -21.34
N LYS A 283 39.71 -44.88 -22.59
CA LYS A 283 39.91 -43.60 -23.25
C LYS A 283 38.69 -43.14 -24.05
N CYS A 284 37.60 -43.88 -24.01
CA CYS A 284 36.37 -43.53 -24.71
C CYS A 284 35.37 -42.92 -23.74
N ASP A 285 34.17 -42.67 -24.24
CA ASP A 285 33.09 -42.15 -23.40
C ASP A 285 32.67 -43.19 -22.38
N VAL A 286 32.22 -42.72 -21.21
CA VAL A 286 31.88 -43.62 -20.12
C VAL A 286 30.68 -44.50 -20.48
N ASP A 287 29.72 -43.97 -21.23
CA ASP A 287 28.52 -44.73 -21.54
C ASP A 287 28.80 -45.90 -22.47
N ILE A 288 29.76 -45.76 -23.39
CA ILE A 288 30.02 -46.78 -24.40
C ILE A 288 31.04 -47.81 -23.94
N ARG A 289 31.62 -47.64 -22.75
CA ARG A 289 32.59 -48.61 -22.27
C ARG A 289 31.95 -49.97 -22.02
N LYS A 290 30.70 -49.98 -21.55
CA LYS A 290 29.98 -51.23 -21.36
C LYS A 290 29.82 -51.97 -22.69
N ASP A 291 29.46 -51.25 -23.75
CA ASP A 291 29.32 -51.88 -25.06
C ASP A 291 30.66 -52.32 -25.61
N LEU A 292 31.73 -51.56 -25.36
CA LEU A 292 33.05 -51.95 -25.84
C LEU A 292 33.57 -53.18 -25.13
N TYR A 293 33.25 -53.34 -23.84
CA TYR A 293 33.74 -54.51 -23.10
C TYR A 293 33.21 -55.81 -23.68
N ALA A 294 31.93 -55.83 -24.06
CA ALA A 294 31.29 -57.05 -24.54
C ALA A 294 31.43 -57.26 -26.04
N ASN A 295 32.15 -56.38 -26.73
CA ASN A 295 32.30 -56.45 -28.18
C ASN A 295 33.76 -56.28 -28.58
N THR A 296 34.66 -56.98 -27.90
CA THR A 296 36.08 -56.96 -28.23
C THR A 296 36.33 -58.03 -29.29
N VAL A 297 36.69 -57.60 -30.49
CA VAL A 297 36.89 -58.48 -31.63
C VAL A 297 38.38 -58.57 -31.94
N LEU A 298 38.86 -59.80 -32.10
CA LEU A 298 40.26 -60.05 -32.42
C LEU A 298 40.44 -60.13 -33.93
N SER A 299 41.52 -59.55 -34.44
CA SER A 299 41.82 -59.56 -35.86
C SER A 299 43.32 -59.63 -36.07
N GLY A 300 43.71 -60.03 -37.26
CA GLY A 300 45.11 -60.14 -37.62
C GLY A 300 45.63 -61.56 -37.44
N GLY A 301 46.75 -61.84 -38.11
CA GLY A 301 47.35 -63.17 -38.05
C GLY A 301 48.03 -63.47 -36.74
N THR A 302 48.44 -62.45 -36.00
CA THR A 302 49.07 -62.66 -34.69
C THR A 302 48.10 -63.24 -33.68
N THR A 303 46.82 -62.90 -33.77
CA THR A 303 45.81 -63.37 -32.82
C THR A 303 45.31 -64.78 -33.14
N MET A 304 46.06 -65.54 -33.94
CA MET A 304 45.67 -66.89 -34.32
C MET A 304 46.24 -67.97 -33.43
N TYR A 305 46.96 -67.60 -32.37
CA TYR A 305 47.47 -68.60 -31.44
C TYR A 305 46.30 -69.26 -30.72
N PRO A 306 46.26 -70.58 -30.62
CA PRO A 306 45.20 -71.23 -29.85
C PRO A 306 45.27 -70.82 -28.38
N GLY A 307 44.09 -70.59 -27.80
CA GLY A 307 43.99 -70.20 -26.40
C GLY A 307 44.23 -68.75 -26.12
N ILE A 308 44.45 -67.92 -27.15
CA ILE A 308 44.68 -66.50 -26.90
C ILE A 308 43.40 -65.80 -26.44
N ALA A 309 42.24 -66.25 -26.92
CA ALA A 309 40.99 -65.61 -26.52
C ALA A 309 40.72 -65.80 -25.04
N ASP A 310 40.94 -67.01 -24.52
CA ASP A 310 40.72 -67.26 -23.10
C ASP A 310 41.66 -66.44 -22.24
N ARG A 311 42.94 -66.37 -22.62
CA ARG A 311 43.91 -65.58 -21.86
C ARG A 311 43.55 -64.10 -21.89
N MET A 312 43.17 -63.59 -23.06
CA MET A 312 42.77 -62.19 -23.16
C MET A 312 41.56 -61.90 -22.30
N GLN A 313 40.56 -62.79 -22.33
CA GLN A 313 39.38 -62.61 -21.51
C GLN A 313 39.73 -62.60 -20.03
N LYS A 314 40.57 -63.54 -19.60
CA LYS A 314 40.95 -63.58 -18.19
C LYS A 314 41.70 -62.33 -17.77
N GLU A 315 42.66 -61.88 -18.58
CA GLU A 315 43.42 -60.70 -18.22
C GLU A 315 42.54 -59.44 -18.17
N ILE A 316 41.65 -59.28 -19.15
CA ILE A 316 40.80 -58.10 -19.15
C ILE A 316 39.81 -58.14 -17.99
N THR A 317 39.27 -59.33 -17.67
CA THR A 317 38.39 -59.45 -16.52
C THR A 317 39.13 -59.13 -15.23
N ALA A 318 40.41 -59.51 -15.14
CA ALA A 318 41.21 -59.09 -14.01
C ALA A 318 41.38 -57.58 -13.96
N LEU A 319 41.57 -56.94 -15.12
CA LEU A 319 41.74 -55.49 -15.14
C LEU A 319 40.39 -54.76 -14.99
N ALA A 320 39.36 -55.25 -15.66
CA ALA A 320 38.08 -54.55 -15.67
C ALA A 320 37.35 -54.72 -14.34
N PRO A 321 36.39 -53.84 -14.04
CA PRO A 321 35.58 -54.01 -12.84
C PRO A 321 34.77 -55.30 -12.90
N SER A 322 34.49 -55.85 -11.71
CA SER A 322 33.81 -57.13 -11.63
C SER A 322 32.40 -57.08 -12.18
N THR A 323 31.73 -55.93 -12.05
CA THR A 323 30.35 -55.82 -12.50
C THR A 323 30.22 -55.82 -14.02
N MET A 324 31.32 -55.66 -14.74
CA MET A 324 31.27 -55.59 -16.20
C MET A 324 31.43 -56.98 -16.82
N LYS A 325 30.81 -57.15 -17.98
CA LYS A 325 30.83 -58.41 -18.71
C LYS A 325 31.89 -58.30 -19.81
N ILE A 326 32.85 -59.23 -19.79
CA ILE A 326 33.94 -59.26 -20.75
C ILE A 326 33.70 -60.41 -21.71
N LYS A 327 33.63 -60.10 -23.00
CA LYS A 327 33.43 -61.10 -24.04
C LYS A 327 34.40 -60.84 -25.18
N ILE A 328 35.33 -61.76 -25.40
CA ILE A 328 36.32 -61.66 -26.46
C ILE A 328 35.84 -62.48 -27.64
N ILE A 329 35.67 -61.84 -28.78
CA ILE A 329 35.18 -62.49 -29.99
C ILE A 329 36.39 -62.87 -30.84
N ALA A 330 36.51 -64.15 -31.15
CA ALA A 330 37.61 -64.69 -31.96
C ALA A 330 37.02 -65.51 -33.09
N PRO A 331 36.54 -64.86 -34.14
CA PRO A 331 36.03 -65.62 -35.28
C PRO A 331 37.12 -66.44 -35.93
N PRO A 332 36.80 -67.64 -36.41
CA PRO A 332 37.85 -68.50 -36.98
C PRO A 332 38.48 -67.96 -38.26
N GLU A 333 37.86 -66.99 -38.93
CA GLU A 333 38.43 -66.39 -40.12
C GLU A 333 39.02 -65.01 -39.86
N ARG A 334 39.48 -64.76 -38.63
CA ARG A 334 39.99 -63.44 -38.28
C ARG A 334 41.34 -63.13 -38.91
N LYS A 335 42.04 -64.14 -39.46
CA LYS A 335 43.35 -63.89 -40.05
C LYS A 335 43.26 -62.98 -41.25
N TYR A 336 42.26 -63.18 -42.12
CA TYR A 336 42.08 -62.38 -43.32
C TYR A 336 40.76 -61.61 -43.28
N SER A 337 40.20 -61.43 -42.09
CA SER A 337 38.90 -60.78 -41.97
C SER A 337 38.92 -59.36 -42.52
N VAL A 338 40.08 -58.71 -42.50
CA VAL A 338 40.18 -57.39 -43.12
C VAL A 338 39.95 -57.48 -44.61
N TRP A 339 40.60 -58.44 -45.28
CA TRP A 339 40.41 -58.57 -46.72
C TRP A 339 39.04 -59.12 -47.07
N ILE A 340 38.63 -60.21 -46.40
CA ILE A 340 37.42 -60.92 -46.80
C ILE A 340 36.22 -59.99 -46.76
N GLY A 341 36.05 -59.26 -45.65
CA GLY A 341 34.96 -58.30 -45.58
C GLY A 341 35.01 -57.29 -46.71
N GLY A 342 36.20 -56.76 -47.00
CA GLY A 342 36.35 -55.88 -48.14
C GLY A 342 35.92 -56.56 -49.43
N SER A 343 36.33 -57.82 -49.60
CA SER A 343 35.94 -58.56 -50.79
C SER A 343 34.43 -58.69 -50.89
N ILE A 344 33.75 -58.74 -49.74
CA ILE A 344 32.29 -58.76 -49.75
C ILE A 344 31.74 -57.41 -50.17
N LEU A 345 32.35 -56.31 -49.68
CA LEU A 345 31.82 -54.99 -49.99
C LEU A 345 32.02 -54.62 -51.44
N ALA A 346 33.19 -54.94 -52.01
CA ALA A 346 33.46 -54.57 -53.39
C ALA A 346 32.67 -55.40 -54.39
N SER A 347 32.12 -56.54 -53.95
CA SER A 347 31.36 -57.42 -54.83
C SER A 347 29.88 -57.08 -54.89
N LEU A 348 29.40 -56.19 -54.02
CA LEU A 348 27.98 -55.85 -54.00
C LEU A 348 27.63 -54.98 -55.21
N SER A 349 26.51 -55.30 -55.85
CA SER A 349 26.07 -54.52 -57.00
C SER A 349 25.63 -53.12 -56.60
N THR A 350 25.15 -52.95 -55.37
CA THR A 350 24.76 -51.64 -54.88
C THR A 350 25.94 -50.80 -54.42
N PHE A 351 27.12 -51.40 -54.26
CA PHE A 351 28.32 -50.66 -53.89
C PHE A 351 29.00 -50.01 -55.09
N GLN A 352 28.55 -50.33 -56.30
CA GLN A 352 29.18 -49.81 -57.51
C GLN A 352 29.06 -48.28 -57.63
N GLN A 353 28.16 -47.66 -56.88
CA GLN A 353 27.99 -46.21 -56.93
C GLN A 353 28.86 -45.48 -55.92
N MET A 354 29.54 -46.19 -55.03
CA MET A 354 30.36 -45.57 -54.00
C MET A 354 31.83 -45.46 -54.40
N TRP A 355 32.20 -45.94 -55.58
CA TRP A 355 33.57 -45.81 -56.04
C TRP A 355 33.91 -44.36 -56.34
N ILE A 356 35.20 -44.08 -56.42
CA ILE A 356 35.70 -42.78 -56.88
C ILE A 356 36.02 -42.94 -58.36
N SER A 357 35.16 -42.40 -59.20
CA SER A 357 35.36 -42.51 -60.65
C SER A 357 36.52 -41.64 -61.09
N LYS A 358 37.08 -41.98 -62.25
CA LYS A 358 38.19 -41.20 -62.81
C LYS A 358 37.73 -39.78 -63.14
N GLN A 359 36.51 -39.64 -63.66
CA GLN A 359 36.00 -38.31 -63.99
C GLN A 359 35.84 -37.47 -62.72
N GLU A 360 35.35 -38.07 -61.63
CA GLU A 360 35.24 -37.33 -60.38
C GLU A 360 36.60 -36.88 -59.86
N TYR A 361 37.60 -37.76 -59.95
CA TYR A 361 38.94 -37.38 -59.54
C TYR A 361 39.49 -36.25 -60.39
N ASP A 362 39.24 -36.29 -61.71
CA ASP A 362 39.75 -35.26 -62.60
C ASP A 362 39.26 -33.87 -62.19
N GLU A 363 38.03 -33.78 -61.70
CA GLU A 363 37.50 -32.47 -61.32
C GLU A 363 37.81 -32.12 -59.87
N SER A 364 37.99 -33.13 -59.00
CA SER A 364 38.07 -32.84 -57.59
C SER A 364 39.50 -32.83 -57.04
N GLY A 365 40.46 -33.41 -57.75
CA GLY A 365 41.80 -33.52 -57.23
C GLY A 365 41.92 -34.68 -56.26
N PRO A 366 43.08 -34.80 -55.61
CA PRO A 366 43.27 -35.90 -54.65
C PRO A 366 42.36 -35.82 -53.43
N SER A 367 41.77 -34.65 -53.15
CA SER A 367 40.97 -34.47 -51.94
C SER A 367 39.58 -35.08 -52.04
N ILE A 368 39.24 -35.72 -53.15
CA ILE A 368 37.92 -36.34 -53.29
C ILE A 368 37.75 -37.50 -52.31
N VAL A 369 38.87 -38.11 -51.88
CA VAL A 369 38.79 -39.27 -50.99
C VAL A 369 38.23 -38.87 -49.63
N HIS A 370 38.56 -37.67 -49.16
CA HIS A 370 38.07 -37.23 -47.86
C HIS A 370 36.56 -37.06 -47.83
N ARG A 371 35.92 -36.87 -48.98
CA ARG A 371 34.48 -36.70 -49.05
C ARG A 371 33.76 -37.97 -49.49
N LYS A 372 34.38 -38.80 -50.33
CA LYS A 372 33.73 -40.02 -50.78
C LYS A 372 33.93 -41.16 -49.78
N CYS A 373 35.18 -41.49 -49.48
CA CYS A 373 35.47 -42.57 -48.53
C CYS A 373 35.48 -42.10 -47.08
N PHE A 374 35.38 -40.79 -46.84
CA PHE A 374 35.35 -40.20 -45.50
C PHE A 374 36.64 -40.45 -44.72
N ALA B 5 67.23 -17.23 6.89
CA ALA B 5 66.76 -17.47 5.53
C ALA B 5 65.52 -18.36 5.53
N ALA B 6 64.52 -17.97 4.76
CA ALA B 6 63.26 -18.70 4.67
C ALA B 6 63.16 -19.44 3.35
N LEU B 7 62.65 -20.67 3.41
CA LEU B 7 62.48 -21.51 2.24
C LEU B 7 61.14 -21.23 1.57
N VAL B 8 61.14 -21.26 0.25
CA VAL B 8 59.93 -21.10 -0.55
C VAL B 8 59.78 -22.33 -1.43
N VAL B 9 58.63 -22.99 -1.32
CA VAL B 9 58.34 -24.22 -2.06
C VAL B 9 57.02 -24.04 -2.80
N ASP B 10 57.08 -24.18 -4.13
CA ASP B 10 55.91 -24.15 -4.99
C ASP B 10 55.64 -25.58 -5.46
N ASN B 11 54.51 -26.13 -5.04
CA ASN B 11 54.12 -27.50 -5.38
C ASN B 11 53.27 -27.47 -6.64
N GLY B 12 53.92 -27.58 -7.78
CA GLY B 12 53.21 -27.61 -9.04
C GLY B 12 52.57 -28.96 -9.31
N SER B 13 51.77 -29.00 -10.37
CA SER B 13 51.10 -30.24 -10.73
C SER B 13 52.09 -31.29 -11.21
N GLY B 14 53.15 -30.88 -11.91
CA GLY B 14 54.13 -31.82 -12.41
C GLY B 14 55.56 -31.49 -12.06
N MET B 15 55.80 -30.25 -11.63
CA MET B 15 57.14 -29.81 -11.26
C MET B 15 57.09 -29.06 -9.94
N CYS B 16 57.93 -29.48 -9.01
CA CYS B 16 58.07 -28.83 -7.71
C CYS B 16 59.31 -27.93 -7.75
N LYS B 17 59.13 -26.69 -7.30
CA LYS B 17 60.20 -25.70 -7.28
C LYS B 17 60.51 -25.36 -5.83
N ALA B 18 61.79 -25.27 -5.50
CA ALA B 18 62.22 -24.95 -4.16
C ALA B 18 63.38 -23.96 -4.21
N GLY B 19 63.42 -23.09 -3.22
CA GLY B 19 64.51 -22.13 -3.16
C GLY B 19 64.50 -21.38 -1.83
N PHE B 20 65.37 -20.39 -1.76
CA PHE B 20 65.50 -19.55 -0.57
C PHE B 20 64.93 -18.17 -0.86
N ALA B 21 64.29 -17.57 0.15
CA ALA B 21 63.69 -16.26 -0.03
C ALA B 21 64.77 -15.22 -0.35
N GLY B 22 64.44 -14.32 -1.25
CA GLY B 22 65.39 -13.32 -1.71
C GLY B 22 66.21 -13.72 -2.93
N ASP B 23 66.04 -14.93 -3.43
CA ASP B 23 66.76 -15.39 -4.61
C ASP B 23 65.95 -15.11 -5.87
N ASP B 24 66.67 -14.93 -6.98
CA ASP B 24 66.00 -14.62 -8.24
C ASP B 24 65.29 -15.84 -8.82
N ALA B 25 65.92 -17.00 -8.77
CA ALA B 25 65.38 -18.21 -9.36
C ALA B 25 65.37 -19.34 -8.34
N PRO B 26 64.45 -20.29 -8.47
CA PRO B 26 64.41 -21.42 -7.53
C PRO B 26 65.70 -22.23 -7.59
N ARG B 27 66.13 -22.71 -6.42
CA ARG B 27 67.35 -23.50 -6.35
C ARG B 27 67.18 -24.85 -7.03
N ALA B 28 66.03 -25.49 -6.85
CA ALA B 28 65.78 -26.82 -7.41
C ALA B 28 64.44 -26.84 -8.12
N VAL B 29 64.41 -27.41 -9.31
CA VAL B 29 63.18 -27.63 -10.06
C VAL B 29 63.16 -29.09 -10.48
N PHE B 30 62.32 -29.89 -9.83
CA PHE B 30 62.36 -31.33 -10.10
C PHE B 30 60.96 -31.87 -10.27
N PRO B 31 60.80 -32.95 -11.05
CA PRO B 31 59.46 -33.50 -11.25
C PRO B 31 58.82 -33.95 -9.95
N SER B 32 57.52 -33.71 -9.82
CA SER B 32 56.76 -34.05 -8.62
C SER B 32 56.11 -35.43 -8.78
N ILE B 33 56.96 -36.45 -8.88
CA ILE B 33 56.52 -37.82 -9.07
C ILE B 33 57.16 -38.69 -7.99
N VAL B 34 56.52 -39.83 -7.72
CA VAL B 34 57.07 -40.84 -6.81
C VAL B 34 56.98 -42.18 -7.53
N GLY B 35 58.10 -42.90 -7.56
CA GLY B 35 58.18 -44.18 -8.26
C GLY B 35 58.16 -45.35 -7.30
N ARG B 36 57.41 -46.39 -7.67
CA ARG B 36 57.34 -47.60 -6.90
C ARG B 36 57.47 -48.81 -7.81
N PRO B 37 58.12 -49.88 -7.34
CA PRO B 37 58.40 -51.02 -8.22
C PRO B 37 57.13 -51.62 -8.80
N ARG B 38 57.20 -52.04 -10.06
CA ARG B 38 56.05 -52.58 -10.77
C ARG B 38 55.65 -53.95 -10.20
N ASP B 50 62.70 -49.06 -3.67
CA ASP B 50 61.42 -49.14 -2.96
C ASP B 50 60.57 -47.91 -3.22
N SER B 51 61.18 -46.73 -3.09
CA SER B 51 60.47 -45.47 -3.31
C SER B 51 61.48 -44.46 -3.85
N TYR B 52 61.36 -44.13 -5.13
CA TYR B 52 62.23 -43.16 -5.78
C TYR B 52 61.42 -41.91 -6.11
N VAL B 53 61.93 -40.75 -5.71
CA VAL B 53 61.21 -39.50 -5.80
C VAL B 53 62.04 -38.51 -6.62
N GLY B 54 61.38 -37.81 -7.53
CA GLY B 54 62.04 -36.78 -8.32
C GLY B 54 62.75 -37.32 -9.55
N ASP B 55 63.83 -36.64 -9.94
CA ASP B 55 64.58 -37.04 -11.13
C ASP B 55 65.09 -38.48 -11.03
N GLU B 56 65.36 -38.97 -9.82
CA GLU B 56 65.76 -40.36 -9.65
C GLU B 56 64.72 -41.30 -10.21
N ALA B 57 63.44 -41.02 -9.97
CA ALA B 57 62.38 -41.84 -10.53
C ALA B 57 62.42 -41.83 -12.05
N GLN B 58 62.82 -40.70 -12.65
CA GLN B 58 62.99 -40.65 -14.09
C GLN B 58 64.23 -41.43 -14.53
N SER B 59 65.25 -41.49 -13.67
CA SER B 59 66.50 -42.15 -14.04
C SER B 59 66.34 -43.66 -14.11
N LYS B 60 65.48 -44.24 -13.27
CA LYS B 60 65.30 -45.68 -13.21
C LYS B 60 64.30 -46.21 -14.23
N ARG B 61 64.05 -45.45 -15.31
CA ARG B 61 63.23 -45.83 -16.46
C ARG B 61 61.94 -46.55 -16.07
N GLY B 62 61.52 -47.51 -16.89
CA GLY B 62 60.23 -48.16 -16.76
C GLY B 62 60.17 -49.38 -15.88
N ILE B 63 61.23 -49.67 -15.12
CA ILE B 63 61.17 -50.80 -14.19
C ILE B 63 60.12 -50.55 -13.11
N LEU B 64 59.83 -49.29 -12.82
CA LEU B 64 58.91 -48.90 -11.76
C LEU B 64 57.85 -47.96 -12.30
N THR B 65 56.67 -48.01 -11.70
CA THR B 65 55.57 -47.15 -12.08
C THR B 65 55.62 -45.84 -11.33
N LEU B 66 55.30 -44.75 -12.02
CA LEU B 66 55.36 -43.39 -11.50
C LEU B 66 53.96 -42.93 -11.16
N LYS B 67 53.80 -42.31 -9.99
CA LYS B 67 52.52 -41.78 -9.55
C LYS B 67 52.70 -40.34 -9.11
N TYR B 68 51.71 -39.51 -9.47
CA TYR B 68 51.70 -38.10 -9.10
C TYR B 68 50.84 -37.91 -7.87
N PRO B 69 51.39 -37.54 -6.72
CA PRO B 69 50.52 -37.20 -5.58
C PRO B 69 49.66 -35.98 -5.87
N ILE B 70 50.26 -34.91 -6.36
CA ILE B 70 49.54 -33.76 -6.90
C ILE B 70 49.45 -33.95 -8.41
N GLU B 71 48.24 -34.05 -8.93
CA GLU B 71 48.07 -34.30 -10.36
C GLU B 71 47.28 -33.18 -11.01
N GLY B 73 46.73 -30.05 -9.12
CA GLY B 73 46.87 -28.95 -8.19
C GLY B 73 46.43 -29.28 -6.77
N ILE B 74 45.54 -30.26 -6.65
CA ILE B 74 44.98 -30.68 -5.38
C ILE B 74 45.64 -31.98 -4.96
N VAL B 75 46.15 -32.03 -3.73
CA VAL B 75 46.81 -33.23 -3.24
C VAL B 75 45.79 -34.34 -3.05
N THR B 76 46.05 -35.50 -3.66
CA THR B 76 45.16 -36.64 -3.58
C THR B 76 45.64 -37.72 -2.63
N ASN B 77 46.94 -37.91 -2.50
CA ASN B 77 47.51 -38.89 -1.59
C ASN B 77 48.59 -38.18 -0.77
N TRP B 78 48.35 -38.04 0.54
CA TRP B 78 49.25 -37.29 1.40
C TRP B 78 50.49 -38.08 1.77
N ASP B 79 50.55 -39.38 1.46
CA ASP B 79 51.70 -40.18 1.82
C ASP B 79 52.92 -39.83 0.97
N ASP B 80 52.76 -39.71 -0.35
CA ASP B 80 53.89 -39.36 -1.20
C ASP B 80 54.23 -37.88 -1.12
N MET B 81 53.30 -37.04 -0.68
CA MET B 81 53.63 -35.62 -0.50
C MET B 81 54.68 -35.43 0.58
N GLU B 82 54.58 -36.18 1.68
CA GLU B 82 55.60 -36.07 2.71
C GLU B 82 56.96 -36.55 2.20
N LYS B 83 56.97 -37.58 1.35
CA LYS B 83 58.23 -38.04 0.76
C LYS B 83 58.80 -36.99 -0.18
N ILE B 84 57.95 -36.34 -0.97
CA ILE B 84 58.42 -35.29 -1.86
C ILE B 84 58.99 -34.12 -1.07
N TRP B 85 58.33 -33.74 0.03
CA TRP B 85 58.84 -32.65 0.86
C TRP B 85 60.16 -33.04 1.54
N HIS B 86 60.28 -34.30 1.97
CA HIS B 86 61.53 -34.78 2.54
C HIS B 86 62.65 -34.70 1.51
N HIS B 87 62.38 -35.13 0.28
CA HIS B 87 63.38 -35.04 -0.79
C HIS B 87 63.72 -33.58 -1.08
N THR B 88 62.73 -32.70 -1.04
CA THR B 88 62.95 -31.28 -1.30
C THR B 88 63.87 -30.67 -0.24
N PHE B 89 63.60 -30.95 1.03
CA PHE B 89 64.37 -30.33 2.09
C PHE B 89 65.77 -30.92 2.22
N TYR B 90 65.88 -32.24 2.13
CA TYR B 90 67.16 -32.88 2.44
C TYR B 90 68.02 -33.13 1.20
N ASN B 91 67.42 -33.57 0.09
CA ASN B 91 68.20 -33.91 -1.09
C ASN B 91 68.33 -32.76 -2.08
N GLU B 92 67.32 -31.91 -2.20
CA GLU B 92 67.36 -30.82 -3.17
C GLU B 92 67.91 -29.53 -2.56
N LEU B 93 67.23 -29.01 -1.53
CA LEU B 93 67.69 -27.81 -0.87
C LEU B 93 68.88 -28.04 0.05
N ARG B 94 69.08 -29.29 0.50
CA ARG B 94 70.20 -29.65 1.37
C ARG B 94 70.23 -28.80 2.63
N VAL B 95 69.05 -28.57 3.21
CA VAL B 95 68.92 -27.81 4.45
C VAL B 95 68.02 -28.58 5.41
N ALA B 96 68.15 -28.26 6.69
CA ALA B 96 67.30 -28.85 7.72
C ALA B 96 66.00 -28.07 7.80
N PRO B 97 64.84 -28.71 7.59
CA PRO B 97 63.57 -27.96 7.64
C PRO B 97 63.26 -27.34 8.99
N GLU B 98 63.85 -27.86 10.06
CA GLU B 98 63.57 -27.33 11.40
C GLU B 98 64.33 -26.05 11.71
N GLU B 99 65.25 -25.63 10.83
CA GLU B 99 66.03 -24.42 11.07
C GLU B 99 65.59 -23.25 10.19
N HIS B 100 64.69 -23.45 9.25
CA HIS B 100 64.24 -22.38 8.37
C HIS B 100 62.72 -22.40 8.28
N PRO B 101 62.06 -21.25 8.38
CA PRO B 101 60.64 -21.19 8.06
C PRO B 101 60.40 -21.43 6.58
N VAL B 102 59.25 -22.03 6.27
CA VAL B 102 58.91 -22.41 4.90
C VAL B 102 57.65 -21.68 4.48
N LEU B 103 57.61 -21.26 3.22
CA LEU B 103 56.44 -20.66 2.61
C LEU B 103 55.91 -21.62 1.55
N LEU B 104 54.64 -22.01 1.69
CA LEU B 104 54.02 -22.97 0.78
C LEU B 104 53.00 -22.27 -0.11
N THR B 105 52.83 -22.80 -1.31
CA THR B 105 51.86 -22.29 -2.25
C THR B 105 50.78 -23.34 -2.49
N GLU B 106 49.54 -22.88 -2.61
CA GLU B 106 48.40 -23.77 -2.77
C GLU B 106 47.67 -23.43 -4.06
N ALA B 107 47.09 -24.44 -4.68
CA ALA B 107 46.31 -24.25 -5.88
C ALA B 107 44.99 -23.58 -5.53
N PRO B 108 44.40 -22.83 -6.47
CA PRO B 108 43.07 -22.24 -6.22
C PRO B 108 42.02 -23.32 -6.02
N LEU B 109 40.98 -22.97 -5.26
CA LEU B 109 39.91 -23.89 -4.90
C LEU B 109 40.43 -25.08 -4.09
N ASN B 110 41.46 -24.83 -3.28
CA ASN B 110 41.98 -25.87 -2.40
C ASN B 110 41.04 -26.06 -1.22
N PRO B 111 40.60 -27.29 -0.94
CA PRO B 111 39.72 -27.51 0.21
C PRO B 111 40.43 -27.19 1.52
N LYS B 112 39.65 -26.79 2.52
CA LYS B 112 40.20 -26.39 3.81
C LYS B 112 40.86 -27.57 4.52
N ALA B 113 40.33 -28.78 4.33
CA ALA B 113 40.93 -29.96 4.94
C ALA B 113 42.35 -30.16 4.44
N ASN B 114 42.60 -29.89 3.16
CA ASN B 114 43.95 -29.96 2.64
C ASN B 114 44.87 -28.94 3.29
N ARG B 115 44.37 -27.72 3.53
CA ARG B 115 45.17 -26.72 4.22
C ARG B 115 45.54 -27.16 5.63
N GLU B 116 44.55 -27.70 6.36
CA GLU B 116 44.82 -28.18 7.72
C GLU B 116 45.80 -29.33 7.72
N LYS B 117 45.65 -30.27 6.78
CA LYS B 117 46.59 -31.37 6.69
C LYS B 117 47.99 -30.88 6.35
N MET B 118 48.09 -29.89 5.47
CA MET B 118 49.40 -29.34 5.10
C MET B 118 50.08 -28.70 6.31
N THR B 119 49.37 -27.85 7.05
CA THR B 119 50.01 -27.23 8.21
C THR B 119 50.34 -28.26 9.29
N GLN B 120 49.47 -29.25 9.51
CA GLN B 120 49.76 -30.28 10.50
C GLN B 120 50.99 -31.09 10.10
N ILE B 121 51.12 -31.42 8.82
CA ILE B 121 52.28 -32.17 8.36
C ILE B 121 53.55 -31.35 8.51
N MET B 122 53.50 -30.08 8.10
CA MET B 122 54.68 -29.24 8.16
C MET B 122 55.07 -28.84 9.58
N PHE B 123 54.15 -28.95 10.54
CA PHE B 123 54.46 -28.61 11.92
C PHE B 123 54.77 -29.83 12.79
N GLU B 124 54.32 -31.02 12.39
CA GLU B 124 54.51 -32.23 13.19
C GLU B 124 55.60 -33.14 12.65
N THR B 125 55.74 -33.25 11.34
CA THR B 125 56.71 -34.15 10.75
C THR B 125 58.08 -33.50 10.55
N PHE B 126 58.10 -32.27 10.04
CA PHE B 126 59.35 -31.59 9.74
C PHE B 126 59.75 -30.58 10.81
N ASN B 127 58.87 -30.26 11.75
CA ASN B 127 59.18 -29.36 12.87
C ASN B 127 59.65 -28.00 12.38
N THR B 128 58.98 -27.46 11.37
CA THR B 128 59.33 -26.15 10.85
C THR B 128 59.00 -25.08 11.89
N PRO B 129 59.94 -24.19 12.23
CA PRO B 129 59.64 -23.16 13.24
C PRO B 129 58.51 -22.23 12.83
N ALA B 130 58.35 -21.94 11.54
CA ALA B 130 57.29 -21.07 11.08
C ALA B 130 56.85 -21.53 9.69
N MET B 131 55.64 -21.16 9.31
CA MET B 131 55.06 -21.64 8.07
C MET B 131 54.01 -20.65 7.58
N TYR B 132 53.84 -20.59 6.26
CA TYR B 132 52.87 -19.70 5.63
C TYR B 132 52.35 -20.35 4.36
N VAL B 133 51.10 -20.08 4.03
CA VAL B 133 50.44 -20.60 2.84
C VAL B 133 49.90 -19.44 2.03
N ALA B 134 50.18 -19.42 0.74
CA ALA B 134 49.74 -18.37 -0.16
C ALA B 134 49.14 -18.97 -1.43
N ILE B 135 48.24 -18.21 -2.05
CA ILE B 135 47.60 -18.65 -3.29
C ILE B 135 48.53 -18.37 -4.45
N GLN B 136 48.68 -19.35 -5.35
CA GLN B 136 49.59 -19.18 -6.49
C GLN B 136 49.13 -18.06 -7.40
N ALA B 137 47.84 -18.01 -7.72
CA ALA B 137 47.34 -16.98 -8.63
C ALA B 137 47.52 -15.59 -8.04
N VAL B 138 47.25 -15.43 -6.74
CA VAL B 138 47.43 -14.15 -6.09
C VAL B 138 48.89 -13.72 -6.13
N LEU B 139 49.80 -14.66 -5.86
CA LEU B 139 51.23 -14.34 -5.90
C LEU B 139 51.66 -13.92 -7.30
N SER B 140 51.19 -14.62 -8.33
CA SER B 140 51.54 -14.25 -9.69
C SER B 140 51.00 -12.88 -10.06
N LEU B 141 49.75 -12.60 -9.67
CA LEU B 141 49.16 -11.30 -9.97
C LEU B 141 49.90 -10.18 -9.24
N TYR B 142 50.29 -10.41 -7.99
CA TYR B 142 51.07 -9.41 -7.26
C TYR B 142 52.43 -9.21 -7.93
N ALA B 143 53.08 -10.28 -8.36
CA ALA B 143 54.35 -10.17 -9.05
C ALA B 143 54.21 -9.44 -10.38
N SER B 144 53.03 -9.46 -10.98
CA SER B 144 52.76 -8.70 -12.18
C SER B 144 52.46 -7.24 -11.90
N GLY B 145 52.44 -6.83 -10.63
CA GLY B 145 52.18 -5.44 -10.28
C GLY B 145 50.73 -5.05 -10.31
N ARG B 146 49.82 -6.00 -10.09
CA ARG B 146 48.39 -5.75 -10.13
C ARG B 146 47.70 -6.35 -8.92
N THR B 147 46.60 -5.74 -8.51
CA THR B 147 45.74 -6.29 -7.48
C THR B 147 44.38 -6.75 -7.98
N THR B 148 43.93 -6.24 -9.12
CA THR B 148 42.67 -6.66 -9.73
C THR B 148 42.94 -7.15 -11.14
N GLY B 149 42.49 -8.35 -11.45
CA GLY B 149 42.70 -8.92 -12.77
C GLY B 149 42.48 -10.41 -12.75
N ILE B 150 42.58 -11.01 -13.92
CA ILE B 150 42.36 -12.44 -14.08
C ILE B 150 43.69 -13.08 -14.45
N VAL B 151 44.05 -14.14 -13.73
CA VAL B 151 45.30 -14.86 -13.95
C VAL B 151 44.97 -16.19 -14.60
N MET B 152 45.60 -16.46 -15.74
CA MET B 152 45.43 -17.73 -16.44
C MET B 152 46.70 -18.54 -16.22
N ASP B 153 46.72 -19.30 -15.14
CA ASP B 153 47.89 -20.08 -14.74
C ASP B 153 47.78 -21.46 -15.38
N SER B 154 48.59 -21.70 -16.40
CA SER B 154 48.60 -22.98 -17.11
C SER B 154 49.88 -23.72 -16.73
N GLY B 155 49.72 -24.80 -15.97
CA GLY B 155 50.87 -25.55 -15.48
C GLY B 155 51.13 -26.83 -16.23
N ASP B 156 51.49 -27.89 -15.50
CA ASP B 156 51.82 -29.18 -16.11
C ASP B 156 50.60 -30.09 -16.23
N GLY B 157 49.82 -30.21 -15.17
CA GLY B 157 48.70 -31.12 -15.17
C GLY B 157 47.34 -30.46 -15.10
N VAL B 158 47.30 -29.15 -14.88
CA VAL B 158 46.04 -28.44 -14.73
C VAL B 158 46.22 -27.00 -15.17
N THR B 159 45.13 -26.42 -15.65
CA THR B 159 45.08 -25.01 -16.03
C THR B 159 43.96 -24.34 -15.23
N HIS B 160 44.23 -23.16 -14.70
CA HIS B 160 43.27 -22.43 -13.88
C HIS B 160 43.09 -21.03 -14.42
N THR B 161 41.85 -20.56 -14.45
CA THR B 161 41.53 -19.16 -14.70
C THR B 161 40.94 -18.61 -13.40
N VAL B 162 41.67 -17.71 -12.76
CA VAL B 162 41.34 -17.21 -11.45
C VAL B 162 41.14 -15.70 -11.55
N PRO B 163 39.90 -15.23 -11.44
CA PRO B 163 39.68 -13.78 -11.34
C PRO B 163 39.85 -13.32 -9.89
N ILE B 164 40.61 -12.24 -9.71
CA ILE B 164 40.94 -11.71 -8.39
C ILE B 164 40.54 -10.23 -8.37
N TYR B 165 39.79 -9.85 -7.35
CA TYR B 165 39.39 -8.45 -7.15
C TYR B 165 39.95 -7.96 -5.82
N GLU B 166 40.79 -6.93 -5.88
CA GLU B 166 41.39 -6.32 -4.68
C GLU B 166 42.12 -7.35 -3.84
N GLY B 167 42.86 -8.25 -4.51
CA GLY B 167 43.68 -9.22 -3.81
C GLY B 167 42.96 -10.45 -3.31
N TYR B 168 41.66 -10.59 -3.58
CA TYR B 168 40.88 -11.74 -3.13
C TYR B 168 40.31 -12.44 -4.35
N ALA B 169 40.64 -13.73 -4.50
CA ALA B 169 40.12 -14.50 -5.62
C ALA B 169 38.63 -14.75 -5.44
N LEU B 170 37.92 -14.82 -6.57
CA LEU B 170 36.49 -15.09 -6.55
C LEU B 170 36.26 -16.58 -6.77
N PRO B 171 35.97 -17.34 -5.69
CA PRO B 171 35.86 -18.80 -5.84
C PRO B 171 34.74 -19.24 -6.77
N HIS B 172 33.64 -18.50 -6.84
CA HIS B 172 32.52 -18.91 -7.68
C HIS B 172 32.81 -18.74 -9.17
N ALA B 173 33.89 -18.03 -9.52
CA ALA B 173 34.23 -17.79 -10.92
C ALA B 173 35.54 -18.41 -11.34
N ILE B 174 36.22 -19.13 -10.45
CA ILE B 174 37.46 -19.82 -10.81
C ILE B 174 37.12 -21.02 -11.68
N LEU B 175 37.75 -21.12 -12.84
CA LEU B 175 37.49 -22.20 -13.78
C LEU B 175 38.72 -23.09 -13.89
N ARG B 176 38.50 -24.40 -13.94
CA ARG B 176 39.57 -25.38 -14.02
C ARG B 176 39.44 -26.19 -15.30
N LEU B 177 40.52 -26.25 -16.07
CA LEU B 177 40.58 -27.03 -17.31
C LEU B 177 41.69 -28.05 -17.17
N ASP B 178 41.35 -29.33 -17.37
CA ASP B 178 42.33 -30.39 -17.20
C ASP B 178 43.39 -30.39 -18.28
N LEU B 179 43.20 -29.62 -19.34
CA LEU B 179 44.19 -29.51 -20.40
C LEU B 179 45.38 -28.68 -19.93
N ALA B 180 46.58 -29.21 -20.11
CA ALA B 180 47.79 -28.55 -19.63
C ALA B 180 48.98 -29.07 -20.42
N GLY B 181 50.18 -28.80 -19.92
CA GLY B 181 51.39 -29.15 -20.65
C GLY B 181 51.60 -30.64 -20.82
N ARG B 182 51.15 -31.45 -19.86
CA ARG B 182 51.30 -32.90 -19.97
C ARG B 182 50.53 -33.44 -21.16
N ASP B 183 49.29 -32.99 -21.34
CA ASP B 183 48.51 -33.40 -22.50
C ASP B 183 49.14 -32.92 -23.80
N LEU B 184 49.73 -31.72 -23.79
CA LEU B 184 50.41 -31.24 -24.99
C LEU B 184 51.62 -32.10 -25.33
N THR B 185 52.38 -32.52 -24.32
CA THR B 185 53.52 -33.40 -24.55
C THR B 185 53.07 -34.75 -25.10
N ASP B 186 51.99 -35.30 -24.53
CA ASP B 186 51.47 -36.57 -25.05
C ASP B 186 50.99 -36.42 -26.48
N TYR B 187 50.33 -35.30 -26.80
CA TYR B 187 49.88 -35.07 -28.17
C TYR B 187 51.04 -34.92 -29.13
N LEU B 188 52.12 -34.26 -28.69
CA LEU B 188 53.31 -34.15 -29.53
C LEU B 188 53.93 -35.52 -29.77
N MET B 189 53.96 -36.37 -28.74
CA MET B 189 54.44 -37.74 -28.92
C MET B 189 53.57 -38.48 -29.93
N LYS B 190 52.25 -38.30 -29.84
CA LYS B 190 51.34 -38.98 -30.76
C LYS B 190 51.54 -38.51 -32.20
N ILE B 191 51.71 -37.20 -32.41
CA ILE B 191 51.80 -36.68 -33.77
C ILE B 191 53.19 -36.79 -34.35
N LEU B 192 54.22 -37.01 -33.52
CA LEU B 192 55.55 -37.23 -34.06
C LEU B 192 55.69 -38.61 -34.68
N THR B 193 54.76 -39.52 -34.41
CA THR B 193 54.79 -40.84 -35.02
C THR B 193 54.24 -40.82 -36.45
N GLU B 194 53.59 -39.74 -36.86
CA GLU B 194 53.11 -39.63 -38.24
C GLU B 194 54.27 -39.43 -39.22
N ARG B 195 55.41 -38.93 -38.75
CA ARG B 195 56.59 -38.76 -39.59
C ARG B 195 57.53 -39.95 -39.51
N GLY B 196 57.18 -40.98 -38.75
CA GLY B 196 58.03 -42.15 -38.60
C GLY B 196 58.89 -42.17 -37.36
N TYR B 197 58.81 -41.14 -36.52
CA TYR B 197 59.57 -41.10 -35.27
C TYR B 197 58.76 -41.76 -34.17
N SER B 198 59.26 -42.89 -33.66
CA SER B 198 58.57 -43.64 -32.62
C SER B 198 59.05 -43.15 -31.26
N PHE B 199 58.17 -42.48 -30.53
CA PHE B 199 58.44 -41.98 -29.18
C PHE B 199 57.40 -42.59 -28.25
N THR B 200 57.81 -43.60 -27.48
CA THR B 200 56.90 -44.29 -26.59
C THR B 200 57.40 -44.38 -25.17
N THR B 201 58.70 -44.53 -24.95
CA THR B 201 59.23 -44.71 -23.62
C THR B 201 59.28 -43.40 -22.86
N THR B 202 59.43 -43.51 -21.53
CA THR B 202 59.53 -42.33 -20.68
C THR B 202 60.78 -41.52 -21.00
N ALA B 203 61.90 -42.20 -21.24
CA ALA B 203 63.12 -41.49 -21.61
C ALA B 203 62.93 -40.71 -22.90
N GLU B 204 62.21 -41.28 -23.87
CA GLU B 204 61.87 -40.55 -25.07
C GLU B 204 60.78 -39.52 -24.83
N ARG B 205 59.93 -39.73 -23.82
CA ARG B 205 58.95 -38.72 -23.45
C ARG B 205 59.64 -37.44 -22.97
N GLU B 206 60.73 -37.58 -22.22
CA GLU B 206 61.49 -36.41 -21.81
C GLU B 206 62.11 -35.70 -23.01
N ILE B 207 62.59 -36.45 -24.00
CA ILE B 207 63.12 -35.84 -25.21
C ILE B 207 62.04 -35.07 -25.95
N VAL B 208 60.83 -35.64 -26.03
CA VAL B 208 59.73 -34.95 -26.69
C VAL B 208 59.33 -33.70 -25.91
N ARG B 209 59.41 -33.76 -24.58
CA ARG B 209 59.15 -32.58 -23.78
C ARG B 209 60.17 -31.48 -24.07
N ASP B 210 61.44 -31.85 -24.21
CA ASP B 210 62.46 -30.87 -24.58
C ASP B 210 62.20 -30.29 -25.96
N ILE B 211 61.78 -31.13 -26.91
CA ILE B 211 61.44 -30.64 -28.25
C ILE B 211 60.30 -29.64 -28.16
N LYS B 212 59.28 -29.95 -27.37
CA LYS B 212 58.15 -29.04 -27.21
C LYS B 212 58.58 -27.72 -26.59
N GLU B 213 59.45 -27.78 -25.58
CA GLU B 213 59.93 -26.58 -24.91
C GLU B 213 60.82 -25.73 -25.80
N LYS B 214 61.55 -26.32 -26.73
CA LYS B 214 62.52 -25.57 -27.52
C LYS B 214 62.05 -25.17 -28.91
N LEU B 215 61.09 -25.89 -29.51
CA LEU B 215 60.75 -25.65 -30.90
C LEU B 215 59.28 -25.32 -31.16
N CYS B 216 58.41 -25.45 -30.15
CA CYS B 216 56.98 -25.26 -30.36
C CYS B 216 56.59 -23.80 -30.15
N TYR B 217 55.64 -23.33 -30.95
CA TYR B 217 55.14 -21.97 -30.86
C TYR B 217 53.67 -21.97 -31.26
N VAL B 218 52.96 -20.94 -30.83
CA VAL B 218 51.53 -20.81 -31.12
C VAL B 218 51.36 -19.95 -32.36
N ALA B 219 50.60 -20.46 -33.34
CA ALA B 219 50.35 -19.77 -34.59
C ALA B 219 49.20 -18.78 -34.43
N LEU B 220 49.37 -17.58 -34.99
CA LEU B 220 48.31 -16.59 -34.92
C LEU B 220 47.09 -17.01 -35.72
N ASP B 221 47.30 -17.55 -36.92
CA ASP B 221 46.22 -18.07 -37.76
C ASP B 221 46.57 -19.51 -38.13
N PHE B 222 45.81 -20.46 -37.59
CA PHE B 222 46.18 -21.87 -37.73
C PHE B 222 46.05 -22.35 -39.17
N GLU B 223 44.96 -21.99 -39.86
CA GLU B 223 44.75 -22.47 -41.21
C GLU B 223 45.80 -21.91 -42.17
N GLN B 224 46.07 -20.60 -42.08
CA GLN B 224 47.08 -19.98 -42.93
C GLN B 224 48.46 -20.57 -42.66
N GLU B 225 48.78 -20.81 -41.39
CA GLU B 225 50.06 -21.40 -41.05
C GLU B 225 50.18 -22.84 -41.56
N MET B 226 49.10 -23.61 -41.48
CA MET B 226 49.11 -24.96 -42.04
C MET B 226 49.34 -24.92 -43.55
N ALA B 227 48.66 -24.00 -44.24
CA ALA B 227 48.86 -23.87 -45.67
C ALA B 227 50.30 -23.48 -46.00
N THR B 228 50.86 -22.54 -45.23
CA THR B 228 52.25 -22.13 -45.45
C THR B 228 53.21 -23.29 -45.21
N ALA B 229 52.98 -24.07 -44.16
CA ALA B 229 53.84 -25.22 -43.88
C ALA B 229 53.75 -26.26 -44.98
N ALA B 230 52.54 -26.49 -45.51
CA ALA B 230 52.38 -27.44 -46.61
C ALA B 230 52.88 -26.90 -47.94
N SER B 231 53.06 -25.59 -48.08
CA SER B 231 53.47 -24.98 -49.34
C SER B 231 54.93 -24.52 -49.33
N SER B 232 55.69 -24.86 -48.30
CA SER B 232 57.09 -24.44 -48.21
C SER B 232 57.81 -25.32 -47.19
N SER B 233 59.07 -25.00 -46.92
CA SER B 233 59.87 -25.74 -45.95
C SER B 233 60.61 -24.80 -45.00
N SER B 234 60.22 -23.52 -44.95
CA SER B 234 60.89 -22.57 -44.06
C SER B 234 60.52 -22.78 -42.61
N LEU B 235 59.50 -23.59 -42.33
CA LEU B 235 59.04 -23.81 -40.96
C LEU B 235 59.59 -25.08 -40.33
N GLU B 236 60.43 -25.83 -41.05
CA GLU B 236 60.98 -27.07 -40.53
C GLU B 236 62.23 -26.80 -39.71
N LYS B 237 62.34 -27.42 -38.54
CA LYS B 237 63.47 -27.26 -37.66
C LYS B 237 64.06 -28.61 -37.31
N SER B 238 65.38 -28.64 -37.11
CA SER B 238 66.10 -29.86 -36.81
C SER B 238 66.50 -29.89 -35.34
N TYR B 239 66.21 -31.00 -34.68
CA TYR B 239 66.55 -31.21 -33.28
C TYR B 239 67.41 -32.45 -33.16
N GLU B 240 68.48 -32.36 -32.38
CA GLU B 240 69.43 -33.45 -32.22
C GLU B 240 69.08 -34.27 -30.99
N LEU B 241 68.95 -35.58 -31.18
CA LEU B 241 68.64 -36.49 -30.08
C LEU B 241 69.87 -36.62 -29.18
N PRO B 242 69.67 -37.06 -27.93
CA PRO B 242 70.81 -37.21 -27.02
C PRO B 242 71.88 -38.16 -27.52
N ASP B 243 71.52 -39.17 -28.31
CA ASP B 243 72.49 -40.15 -28.78
C ASP B 243 73.10 -39.80 -30.14
N GLY B 244 72.70 -38.67 -30.74
CA GLY B 244 73.38 -38.15 -31.92
C GLY B 244 72.56 -38.10 -33.19
N GLN B 245 71.33 -38.61 -33.20
CA GLN B 245 70.50 -38.54 -34.39
C GLN B 245 69.75 -37.22 -34.45
N VAL B 246 69.52 -36.74 -35.67
CA VAL B 246 68.80 -35.49 -35.91
C VAL B 246 67.45 -35.81 -36.52
N ILE B 247 66.41 -35.15 -36.02
CA ILE B 247 65.05 -35.33 -36.49
C ILE B 247 64.50 -33.98 -36.92
N THR B 248 63.71 -33.98 -37.98
CA THR B 248 63.14 -32.75 -38.54
C THR B 248 61.67 -32.68 -38.20
N ILE B 249 61.24 -31.55 -37.64
CA ILE B 249 59.86 -31.32 -37.26
C ILE B 249 59.33 -30.14 -38.04
N GLY B 250 58.15 -30.30 -38.65
CA GLY B 250 57.59 -29.27 -39.51
C GLY B 250 56.37 -28.59 -38.96
N ASN B 251 55.20 -28.97 -39.46
CA ASN B 251 53.95 -28.32 -39.06
C ASN B 251 53.51 -28.69 -37.65
N GLU B 252 54.13 -29.69 -37.03
CA GLU B 252 53.79 -30.05 -35.66
C GLU B 252 54.17 -28.97 -34.66
N ARG B 253 55.06 -28.05 -35.04
CA ARG B 253 55.54 -27.03 -34.10
C ARG B 253 54.40 -26.16 -33.59
N PHE B 254 53.48 -25.77 -34.47
CA PHE B 254 52.30 -25.03 -34.07
C PHE B 254 51.08 -25.91 -33.87
N ARG B 255 51.13 -27.17 -34.30
CA ARG B 255 50.00 -28.08 -34.08
C ARG B 255 49.97 -28.58 -32.64
N CYS B 256 51.14 -28.77 -32.02
CA CYS B 256 51.17 -29.23 -30.63
C CYS B 256 50.52 -28.25 -29.67
N PRO B 257 50.85 -26.95 -29.66
CA PRO B 257 50.16 -26.03 -28.74
C PRO B 257 48.81 -25.57 -29.22
N GLU B 258 48.41 -25.89 -30.46
CA GLU B 258 47.09 -25.51 -30.94
C GLU B 258 45.99 -26.22 -30.18
N ALA B 259 46.28 -27.36 -29.54
CA ALA B 259 45.29 -28.04 -28.73
C ALA B 259 44.84 -27.20 -27.54
N LEU B 260 45.63 -26.21 -27.14
CA LEU B 260 45.21 -25.32 -26.05
C LEU B 260 43.96 -24.55 -26.43
N PHE B 261 43.89 -24.07 -27.67
CA PHE B 261 42.73 -23.32 -28.13
C PHE B 261 41.68 -24.19 -28.81
N GLN B 262 42.06 -25.38 -29.27
CA GLN B 262 41.14 -26.34 -29.89
C GLN B 262 41.32 -27.68 -29.19
N PRO B 263 40.67 -27.88 -28.04
CA PRO B 263 40.82 -29.16 -27.32
C PRO B 263 40.29 -30.36 -28.10
N SER B 264 39.48 -30.15 -29.13
CA SER B 264 38.95 -31.26 -29.92
C SER B 264 40.06 -32.06 -30.59
N PHE B 265 41.26 -31.48 -30.72
CA PHE B 265 42.39 -32.25 -31.25
C PHE B 265 42.71 -33.44 -30.36
N LEU B 266 42.47 -33.34 -29.07
CA LEU B 266 42.71 -34.44 -28.14
C LEU B 266 41.44 -35.23 -27.83
N GLY B 267 40.33 -34.93 -28.51
CA GLY B 267 39.08 -35.60 -28.23
C GLY B 267 38.31 -35.07 -27.05
N MET B 268 38.80 -34.02 -26.39
CA MET B 268 38.13 -33.45 -25.24
C MET B 268 37.02 -32.50 -25.69
N GLU B 269 35.90 -32.54 -24.98
CA GLU B 269 34.75 -31.71 -25.29
C GLU B 269 34.79 -30.35 -24.63
N SER B 270 35.78 -30.09 -23.78
CA SER B 270 35.87 -28.81 -23.09
C SER B 270 36.29 -27.71 -24.06
N ALA B 271 36.19 -26.47 -23.58
CA ALA B 271 36.53 -25.31 -24.40
C ALA B 271 38.02 -24.98 -24.26
N GLY B 272 38.49 -24.13 -25.17
CA GLY B 272 39.87 -23.72 -25.16
C GLY B 272 40.19 -22.78 -24.01
N ILE B 273 41.46 -22.42 -23.91
CA ILE B 273 41.89 -21.55 -22.82
C ILE B 273 41.29 -20.15 -22.98
N HIS B 274 41.18 -19.65 -24.21
CA HIS B 274 40.58 -18.34 -24.43
C HIS B 274 39.10 -18.35 -24.05
N GLU B 275 38.38 -19.40 -24.44
CA GLU B 275 36.96 -19.48 -24.09
C GLU B 275 36.77 -19.69 -22.60
N THR B 276 37.67 -20.45 -21.98
CA THR B 276 37.61 -20.62 -20.53
C THR B 276 37.83 -19.29 -19.81
N THR B 277 38.80 -18.50 -20.28
CA THR B 277 39.04 -17.19 -19.70
C THR B 277 37.83 -16.27 -19.88
N PHE B 278 37.24 -16.29 -21.07
CA PHE B 278 36.05 -15.48 -21.31
C PHE B 278 34.89 -15.91 -20.42
N ASN B 279 34.69 -17.22 -20.25
CA ASN B 279 33.60 -17.70 -19.41
C ASN B 279 33.84 -17.33 -17.95
N SER B 280 35.07 -17.43 -17.47
CA SER B 280 35.37 -17.04 -16.10
C SER B 280 35.20 -15.54 -15.89
N ILE B 281 35.54 -14.73 -16.90
CA ILE B 281 35.30 -13.29 -16.80
C ILE B 281 33.80 -13.01 -16.74
N MET B 282 33.03 -13.67 -17.60
CA MET B 282 31.59 -13.45 -17.63
C MET B 282 30.86 -14.02 -16.41
N LYS B 283 31.53 -14.80 -15.58
CA LYS B 283 30.94 -15.32 -14.36
C LYS B 283 31.12 -14.39 -13.17
N CYS B 284 31.78 -13.25 -13.36
CA CYS B 284 32.00 -12.28 -12.30
C CYS B 284 30.96 -11.17 -12.38
N ASP B 285 31.14 -10.15 -11.53
CA ASP B 285 30.26 -9.00 -11.56
C ASP B 285 30.41 -8.24 -12.88
N VAL B 286 29.31 -7.60 -13.30
CA VAL B 286 29.30 -6.88 -14.56
C VAL B 286 30.23 -5.67 -14.48
N ASP B 287 30.30 -5.02 -13.32
CA ASP B 287 31.06 -3.78 -13.18
C ASP B 287 32.57 -4.00 -13.08
N ILE B 288 33.04 -5.24 -12.89
CA ILE B 288 34.46 -5.53 -12.85
C ILE B 288 34.97 -6.21 -14.11
N ARG B 289 34.08 -6.58 -15.04
CA ARG B 289 34.52 -7.21 -16.27
C ARG B 289 35.39 -6.26 -17.10
N LYS B 290 35.13 -4.95 -17.00
CA LYS B 290 35.96 -3.99 -17.72
C LYS B 290 37.41 -4.06 -17.27
N ASP B 291 37.64 -4.18 -15.96
CA ASP B 291 39.00 -4.31 -15.45
C ASP B 291 39.57 -5.68 -15.74
N LEU B 292 38.74 -6.73 -15.64
CA LEU B 292 39.24 -8.08 -15.90
C LEU B 292 39.69 -8.26 -17.35
N TYR B 293 38.97 -7.65 -18.30
CA TYR B 293 39.37 -7.76 -19.70
C TYR B 293 40.73 -7.12 -19.94
N ALA B 294 41.00 -5.99 -19.29
CA ALA B 294 42.23 -5.25 -19.50
C ALA B 294 43.35 -5.68 -18.56
N ASN B 295 43.09 -6.59 -17.63
CA ASN B 295 44.11 -7.06 -16.69
C ASN B 295 44.22 -8.58 -16.72
N THR B 296 44.32 -9.16 -17.91
CA THR B 296 44.49 -10.60 -18.06
C THR B 296 45.98 -10.93 -18.02
N VAL B 297 46.39 -11.70 -17.01
CA VAL B 297 47.79 -12.04 -16.77
C VAL B 297 48.00 -13.52 -17.04
N LEU B 298 49.01 -13.83 -17.85
CA LEU B 298 49.39 -15.21 -18.12
C LEU B 298 50.45 -15.67 -17.12
N SER B 299 50.35 -16.93 -16.71
CA SER B 299 51.29 -17.49 -15.76
C SER B 299 51.43 -18.98 -16.01
N GLY B 300 52.51 -19.55 -15.51
CA GLY B 300 52.78 -20.96 -15.67
C GLY B 300 53.73 -21.23 -16.82
N GLY B 301 54.31 -22.44 -16.81
CA GLY B 301 55.27 -22.82 -17.82
C GLY B 301 54.66 -23.07 -19.20
N THR B 302 53.40 -23.48 -19.25
CA THR B 302 52.74 -23.72 -20.53
C THR B 302 52.53 -22.44 -21.33
N THR B 303 52.34 -21.30 -20.67
CA THR B 303 52.11 -20.02 -21.34
C THR B 303 53.39 -19.41 -21.90
N MET B 304 54.47 -20.19 -22.01
CA MET B 304 55.74 -19.68 -22.49
C MET B 304 55.93 -19.87 -23.99
N TYR B 305 54.90 -20.35 -24.70
CA TYR B 305 55.02 -20.50 -26.14
C TYR B 305 55.12 -19.13 -26.80
N PRO B 306 56.11 -18.91 -27.66
CA PRO B 306 56.21 -17.60 -28.35
C PRO B 306 55.02 -17.39 -29.26
N GLY B 307 54.31 -16.29 -29.04
CA GLY B 307 53.12 -15.97 -29.81
C GLY B 307 51.80 -16.37 -29.18
N ILE B 308 51.81 -16.82 -27.93
CA ILE B 308 50.55 -17.19 -27.28
C ILE B 308 49.78 -15.95 -26.85
N ALA B 309 50.48 -14.86 -26.51
CA ALA B 309 49.80 -13.64 -26.07
C ALA B 309 48.99 -13.03 -27.20
N ASP B 310 49.56 -12.94 -28.40
CA ASP B 310 48.82 -12.36 -29.53
C ASP B 310 47.62 -13.20 -29.90
N ARG B 311 47.78 -14.52 -29.94
CA ARG B 311 46.66 -15.40 -30.26
C ARG B 311 45.56 -15.30 -29.21
N MET B 312 45.94 -15.26 -27.93
CA MET B 312 44.94 -15.10 -26.87
C MET B 312 44.22 -13.78 -26.99
N GLN B 313 44.95 -12.70 -27.27
CA GLN B 313 44.32 -11.39 -27.42
C GLN B 313 43.33 -11.40 -28.58
N LYS B 314 43.74 -11.97 -29.72
CA LYS B 314 42.85 -12.01 -30.88
C LYS B 314 41.60 -12.84 -30.59
N GLU B 315 41.76 -14.00 -29.94
CA GLU B 315 40.61 -14.85 -29.66
C GLU B 315 39.66 -14.20 -28.67
N ILE B 316 40.19 -13.60 -27.60
CA ILE B 316 39.31 -12.96 -26.63
C ILE B 316 38.62 -11.75 -27.24
N THR B 317 39.33 -11.00 -28.09
CA THR B 317 38.70 -9.89 -28.80
C THR B 317 37.56 -10.39 -29.67
N ALA B 318 37.77 -11.51 -30.36
CA ALA B 318 36.69 -12.12 -31.14
C ALA B 318 35.53 -12.55 -30.26
N LEU B 319 35.80 -12.92 -29.01
CA LEU B 319 34.74 -13.32 -28.09
C LEU B 319 34.12 -12.12 -27.36
N ALA B 320 34.95 -11.21 -26.86
CA ALA B 320 34.46 -10.10 -26.07
C ALA B 320 33.78 -9.06 -26.96
N PRO B 321 32.92 -8.22 -26.37
CA PRO B 321 32.30 -7.15 -27.16
C PRO B 321 33.34 -6.17 -27.70
N SER B 322 33.01 -5.56 -28.84
CA SER B 322 33.94 -4.69 -29.53
C SER B 322 34.29 -3.44 -28.73
N THR B 323 33.36 -2.94 -27.90
CA THR B 323 33.65 -1.75 -27.11
C THR B 323 34.67 -2.03 -26.02
N MET B 324 34.76 -3.28 -25.57
CA MET B 324 35.70 -3.64 -24.52
C MET B 324 37.13 -3.64 -25.05
N LYS B 325 38.07 -3.23 -24.20
CA LYS B 325 39.48 -3.21 -24.54
C LYS B 325 40.14 -4.45 -23.94
N ILE B 326 40.79 -5.24 -24.79
CA ILE B 326 41.41 -6.50 -24.38
C ILE B 326 42.93 -6.32 -24.33
N LYS B 327 43.51 -6.61 -23.18
CA LYS B 327 44.95 -6.54 -22.98
C LYS B 327 45.41 -7.81 -22.27
N ILE B 328 46.32 -8.55 -22.91
CA ILE B 328 46.88 -9.77 -22.34
C ILE B 328 48.29 -9.46 -21.87
N ILE B 329 48.54 -9.67 -20.59
CA ILE B 329 49.84 -9.39 -19.98
C ILE B 329 50.62 -10.69 -19.92
N ALA B 330 51.78 -10.72 -20.58
CA ALA B 330 52.64 -11.90 -20.61
C ALA B 330 54.03 -11.47 -20.17
N PRO B 331 54.27 -11.38 -18.87
CA PRO B 331 55.59 -10.96 -18.40
C PRO B 331 56.64 -11.96 -18.81
N PRO B 332 57.87 -11.49 -19.11
CA PRO B 332 58.93 -12.42 -19.52
C PRO B 332 59.28 -13.46 -18.47
N GLU B 333 59.03 -13.18 -17.20
CA GLU B 333 59.33 -14.11 -16.11
C GLU B 333 58.08 -14.78 -15.56
N ARG B 334 57.09 -15.04 -16.41
CA ARG B 334 55.85 -15.66 -15.95
C ARG B 334 55.98 -17.14 -15.65
N LYS B 335 57.07 -17.78 -16.10
CA LYS B 335 57.24 -19.21 -15.83
C LYS B 335 57.38 -19.48 -14.34
N TYR B 336 58.14 -18.65 -13.63
CA TYR B 336 58.34 -18.78 -12.19
C TYR B 336 57.80 -17.58 -11.43
N SER B 337 56.76 -16.94 -11.98
CA SER B 337 56.22 -15.74 -11.34
C SER B 337 55.69 -16.04 -9.94
N VAL B 338 55.03 -17.18 -9.76
CA VAL B 338 54.50 -17.55 -8.45
C VAL B 338 55.62 -17.69 -7.43
N TRP B 339 56.65 -18.45 -7.80
CA TRP B 339 57.75 -18.68 -6.86
C TRP B 339 58.53 -17.39 -6.59
N ILE B 340 58.76 -16.58 -7.62
CA ILE B 340 59.50 -15.33 -7.41
C ILE B 340 58.71 -14.40 -6.51
N GLY B 341 57.40 -14.30 -6.73
CA GLY B 341 56.58 -13.49 -5.84
C GLY B 341 56.60 -13.99 -4.41
N GLY B 342 56.50 -15.31 -4.24
CA GLY B 342 56.56 -15.86 -2.89
C GLY B 342 57.89 -15.60 -2.21
N SER B 343 59.00 -15.74 -2.95
CA SER B 343 60.31 -15.48 -2.38
C SER B 343 60.47 -14.02 -2.00
N ILE B 344 60.00 -13.11 -2.85
CA ILE B 344 60.07 -11.69 -2.53
C ILE B 344 59.25 -11.37 -1.30
N LEU B 345 58.05 -11.95 -1.21
CA LEU B 345 57.20 -11.72 -0.04
C LEU B 345 57.85 -12.26 1.23
N ALA B 346 58.44 -13.45 1.17
CA ALA B 346 59.06 -14.04 2.36
C ALA B 346 60.39 -13.37 2.71
N SER B 347 61.01 -12.67 1.77
CA SER B 347 62.28 -12.01 2.04
C SER B 347 62.12 -10.68 2.77
N LEU B 348 60.91 -10.15 2.85
CA LEU B 348 60.70 -8.86 3.50
C LEU B 348 60.85 -8.97 5.01
N SER B 349 61.45 -7.95 5.62
CA SER B 349 61.59 -7.91 7.07
C SER B 349 60.26 -7.66 7.77
N THR B 350 59.33 -6.97 7.11
CA THR B 350 58.02 -6.72 7.68
C THR B 350 57.09 -7.92 7.62
N PHE B 351 57.44 -8.94 6.83
CA PHE B 351 56.65 -10.16 6.72
C PHE B 351 56.95 -11.14 7.84
N GLN B 352 57.95 -10.86 8.68
CA GLN B 352 58.31 -11.79 9.75
C GLN B 352 57.23 -11.89 10.82
N GLN B 353 56.27 -10.96 10.86
CA GLN B 353 55.18 -11.02 11.81
C GLN B 353 53.98 -11.81 11.31
N MET B 354 53.95 -12.17 10.03
CA MET B 354 52.85 -12.92 9.46
C MET B 354 53.10 -14.43 9.43
N TRP B 355 54.27 -14.88 9.89
CA TRP B 355 54.53 -16.31 9.96
C TRP B 355 53.68 -16.94 11.07
N ILE B 356 53.32 -18.20 10.85
CA ILE B 356 52.61 -18.99 11.85
C ILE B 356 53.68 -19.65 12.72
N SER B 357 53.87 -19.14 13.93
CA SER B 357 54.90 -19.67 14.82
C SER B 357 54.48 -21.01 15.38
N LYS B 358 55.46 -21.72 15.94
CA LYS B 358 55.18 -23.02 16.55
C LYS B 358 54.26 -22.88 17.75
N GLN B 359 54.46 -21.85 18.57
CA GLN B 359 53.63 -21.64 19.75
C GLN B 359 52.19 -21.38 19.35
N GLU B 360 51.97 -20.59 18.30
CA GLU B 360 50.60 -20.33 17.84
C GLU B 360 49.95 -21.62 17.36
N TYR B 361 50.69 -22.48 16.67
CA TYR B 361 50.14 -23.76 16.25
C TYR B 361 49.78 -24.62 17.45
N ASP B 362 50.62 -24.65 18.48
CA ASP B 362 50.32 -25.43 19.67
C ASP B 362 49.07 -24.90 20.37
N GLU B 363 48.93 -23.58 20.46
CA GLU B 363 47.77 -23.01 21.14
C GLU B 363 46.48 -23.23 20.36
N SER B 364 46.51 -23.01 19.04
CA SER B 364 45.29 -23.02 18.24
C SER B 364 45.06 -24.33 17.50
N GLY B 365 46.11 -24.98 17.01
CA GLY B 365 45.97 -26.20 16.26
C GLY B 365 46.09 -25.95 14.77
N PRO B 366 45.71 -26.96 13.97
CA PRO B 366 45.80 -26.81 12.51
C PRO B 366 44.92 -25.72 11.94
N SER B 367 43.87 -25.30 12.66
CA SER B 367 42.95 -24.30 12.16
C SER B 367 43.54 -22.90 12.10
N ILE B 368 44.73 -22.69 12.68
CA ILE B 368 45.32 -21.35 12.71
C ILE B 368 45.52 -20.81 11.30
N VAL B 369 45.84 -21.70 10.34
CA VAL B 369 46.07 -21.26 8.97
C VAL B 369 44.82 -20.63 8.38
N HIS B 370 43.64 -20.99 8.89
CA HIS B 370 42.41 -20.40 8.37
C HIS B 370 42.26 -18.93 8.77
N ARG B 371 42.94 -18.50 9.83
CA ARG B 371 42.83 -17.12 10.29
C ARG B 371 44.11 -16.32 10.10
N LYS B 372 45.26 -16.97 9.94
CA LYS B 372 46.52 -16.27 9.72
C LYS B 372 46.83 -16.10 8.24
N CYS B 373 46.80 -17.19 7.48
CA CYS B 373 47.09 -17.17 6.06
C CYS B 373 45.86 -16.85 5.21
N PHE B 374 44.70 -16.68 5.82
CA PHE B 374 43.45 -16.41 5.11
C PHE B 374 43.16 -17.48 4.05
N ALA C 5 -9.15 -39.23 -26.82
CA ALA C 5 -8.44 -38.77 -25.64
C ALA C 5 -7.83 -37.40 -25.87
N ALA C 6 -7.34 -36.78 -24.80
CA ALA C 6 -6.72 -35.46 -24.86
C ALA C 6 -5.29 -35.53 -24.37
N LEU C 7 -4.42 -34.74 -24.99
CA LEU C 7 -3.01 -34.71 -24.64
C LEU C 7 -2.74 -33.63 -23.62
N VAL C 8 -1.92 -33.97 -22.62
CA VAL C 8 -1.45 -33.02 -21.62
C VAL C 8 0.05 -32.89 -21.77
N VAL C 9 0.50 -31.66 -21.99
CA VAL C 9 1.91 -31.35 -22.21
C VAL C 9 2.32 -30.27 -21.23
N ASP C 10 3.32 -30.55 -20.40
CA ASP C 10 3.88 -29.61 -19.45
C ASP C 10 5.30 -29.29 -19.91
N ASN C 11 5.48 -28.11 -20.48
CA ASN C 11 6.78 -27.67 -20.97
C ASN C 11 7.55 -27.04 -19.83
N GLY C 12 8.50 -27.78 -19.27
CA GLY C 12 9.29 -27.30 -18.15
C GLY C 12 10.53 -26.55 -18.61
N SER C 13 11.26 -26.04 -17.62
CA SER C 13 12.48 -25.30 -17.90
C SER C 13 13.58 -26.20 -18.45
N GLY C 14 13.67 -27.43 -17.96
CA GLY C 14 14.69 -28.34 -18.44
C GLY C 14 14.18 -29.71 -18.82
N MET C 15 12.95 -30.03 -18.41
CA MET C 15 12.34 -31.31 -18.74
C MET C 15 10.90 -31.10 -19.19
N CYS C 16 10.57 -31.65 -20.35
CA CYS C 16 9.23 -31.58 -20.91
C CYS C 16 8.53 -32.90 -20.62
N LYS C 17 7.32 -32.80 -20.06
CA LYS C 17 6.49 -33.95 -19.75
C LYS C 17 5.32 -33.97 -20.71
N ALA C 18 4.88 -35.16 -21.11
CA ALA C 18 3.78 -35.32 -22.02
C ALA C 18 3.06 -36.63 -21.74
N GLY C 19 1.76 -36.64 -22.01
CA GLY C 19 0.98 -37.84 -21.80
C GLY C 19 -0.46 -37.63 -22.22
N PHE C 20 -1.29 -38.60 -21.89
CA PHE C 20 -2.70 -38.58 -22.23
C PHE C 20 -3.54 -38.31 -20.99
N ALA C 21 -4.66 -37.62 -21.19
CA ALA C 21 -5.55 -37.31 -20.08
C ALA C 21 -6.11 -38.59 -19.47
N GLY C 22 -6.19 -38.62 -18.15
CA GLY C 22 -6.65 -39.79 -17.43
C GLY C 22 -5.58 -40.77 -17.03
N ASP C 23 -4.34 -40.56 -17.47
CA ASP C 23 -3.24 -41.43 -17.09
C ASP C 23 -2.61 -40.95 -15.78
N ASP C 24 -2.10 -41.91 -15.01
CA ASP C 24 -1.52 -41.59 -13.71
C ASP C 24 -0.14 -40.94 -13.83
N ALA C 25 0.59 -41.25 -14.89
CA ALA C 25 1.96 -40.78 -15.04
C ALA C 25 2.19 -40.27 -16.46
N PRO C 26 3.06 -39.29 -16.64
CA PRO C 26 3.34 -38.78 -18.00
C PRO C 26 4.12 -39.81 -18.80
N ARG C 27 3.61 -40.12 -20.00
CA ARG C 27 4.24 -41.14 -20.83
C ARG C 27 5.65 -40.75 -21.22
N ALA C 28 5.86 -39.49 -21.58
CA ALA C 28 7.16 -39.01 -22.05
C ALA C 28 7.70 -37.98 -21.06
N VAL C 29 8.95 -38.15 -20.65
CA VAL C 29 9.66 -37.17 -19.82
C VAL C 29 11.05 -37.03 -20.43
N PHE C 30 11.25 -35.98 -21.22
CA PHE C 30 12.52 -35.87 -21.91
C PHE C 30 13.11 -34.48 -21.77
N PRO C 31 14.43 -34.35 -21.87
CA PRO C 31 15.06 -33.02 -21.73
C PRO C 31 14.53 -32.05 -22.77
N SER C 32 14.31 -30.81 -22.32
CA SER C 32 13.76 -29.76 -23.19
C SER C 32 14.91 -28.92 -23.74
N ILE C 33 15.72 -29.56 -24.59
CA ILE C 33 16.87 -28.92 -25.21
C ILE C 33 16.81 -29.13 -26.71
N VAL C 34 17.47 -28.22 -27.44
CA VAL C 34 17.64 -28.34 -28.88
C VAL C 34 19.13 -28.28 -29.18
N GLY C 35 19.63 -29.28 -29.89
CA GLY C 35 21.04 -29.37 -30.20
C GLY C 35 21.30 -29.08 -31.67
N ARG C 36 22.36 -28.32 -31.92
CA ARG C 36 22.76 -27.97 -33.27
C ARG C 36 24.26 -28.23 -33.45
N PRO C 37 24.69 -28.59 -34.66
CA PRO C 37 26.11 -28.93 -34.85
C PRO C 37 27.01 -27.77 -34.50
N ARG C 38 28.14 -28.10 -33.87
CA ARG C 38 29.08 -27.10 -33.37
C ARG C 38 29.75 -26.35 -34.52
N ASP C 50 22.01 -31.97 -38.08
CA ASP C 50 21.40 -30.70 -38.46
C ASP C 50 20.65 -30.08 -37.29
N SER C 51 19.78 -30.86 -36.64
CA SER C 51 19.04 -30.39 -35.48
C SER C 51 18.53 -31.60 -34.72
N TYR C 52 18.98 -31.77 -33.49
CA TYR C 52 18.59 -32.89 -32.63
C TYR C 52 17.85 -32.36 -31.42
N VAL C 53 16.71 -32.96 -31.11
CA VAL C 53 15.80 -32.47 -30.08
C VAL C 53 15.59 -33.55 -29.04
N GLY C 54 15.74 -33.19 -27.78
CA GLY C 54 15.41 -34.12 -26.70
C GLY C 54 16.56 -35.06 -26.39
N ASP C 55 16.22 -36.35 -26.25
CA ASP C 55 17.23 -37.33 -25.87
C ASP C 55 18.26 -37.57 -26.98
N GLU C 56 17.88 -37.32 -28.23
CA GLU C 56 18.83 -37.48 -29.32
C GLU C 56 19.99 -36.49 -29.20
N ALA C 57 19.69 -35.25 -28.81
CA ALA C 57 20.74 -34.26 -28.63
C ALA C 57 21.65 -34.63 -27.46
N GLN C 58 21.09 -35.28 -26.44
CA GLN C 58 21.88 -35.70 -25.29
C GLN C 58 22.84 -36.84 -25.63
N SER C 59 22.58 -37.58 -26.71
CA SER C 59 23.37 -38.75 -27.06
C SER C 59 24.60 -38.43 -27.90
N LYS C 60 24.80 -37.17 -28.28
CA LYS C 60 25.97 -36.80 -29.05
C LYS C 60 27.03 -36.09 -28.23
N ARG C 61 26.68 -35.56 -27.06
CA ARG C 61 27.63 -35.01 -26.08
C ARG C 61 28.31 -33.79 -26.69
N GLY C 62 29.64 -33.74 -26.78
CA GLY C 62 30.36 -32.56 -27.20
C GLY C 62 30.41 -32.32 -28.69
N ILE C 63 29.80 -33.18 -29.49
CA ILE C 63 29.76 -32.97 -30.94
C ILE C 63 28.99 -31.70 -31.27
N LEU C 64 27.91 -31.45 -30.56
CA LEU C 64 26.99 -30.35 -30.86
C LEU C 64 26.87 -29.42 -29.67
N THR C 65 26.19 -28.30 -29.88
CA THR C 65 25.91 -27.32 -28.83
C THR C 65 24.42 -27.33 -28.51
N LEU C 66 24.11 -27.21 -27.22
CA LEU C 66 22.75 -27.35 -26.71
C LEU C 66 22.22 -25.98 -26.30
N LYS C 67 20.97 -25.69 -26.67
CA LYS C 67 20.31 -24.46 -26.26
C LYS C 67 18.92 -24.78 -25.73
N TYR C 68 18.47 -23.95 -24.79
CA TYR C 68 17.18 -24.13 -24.14
C TYR C 68 16.19 -23.10 -24.67
N PRO C 69 15.21 -23.47 -25.49
CA PRO C 69 14.17 -22.50 -25.85
C PRO C 69 13.41 -21.98 -24.64
N ILE C 70 13.17 -22.84 -23.66
CA ILE C 70 12.66 -22.44 -22.35
C ILE C 70 13.79 -22.64 -21.36
N GLU C 71 14.21 -21.55 -20.71
CA GLU C 71 15.35 -21.63 -19.80
C GLU C 71 14.96 -21.21 -18.39
N GLY C 73 11.31 -20.80 -17.62
CA GLY C 73 9.86 -20.89 -17.66
C GLY C 73 9.25 -20.28 -18.90
N ILE C 74 9.71 -19.08 -19.26
CA ILE C 74 9.19 -18.37 -20.41
C ILE C 74 9.96 -18.78 -21.65
N VAL C 75 9.25 -18.82 -22.78
CA VAL C 75 9.87 -19.22 -24.05
C VAL C 75 10.62 -18.02 -24.62
N THR C 76 11.90 -18.20 -24.90
CA THR C 76 12.71 -17.13 -25.48
C THR C 76 12.96 -17.35 -26.96
N ASN C 77 12.76 -18.56 -27.46
CA ASN C 77 12.98 -18.90 -28.87
C ASN C 77 11.85 -19.81 -29.32
N TRP C 78 10.90 -19.25 -30.07
CA TRP C 78 9.73 -20.02 -30.50
C TRP C 78 10.06 -21.00 -31.62
N ASP C 79 11.10 -20.72 -32.42
CA ASP C 79 11.46 -21.64 -33.49
C ASP C 79 11.91 -22.99 -32.93
N ASP C 80 12.67 -22.99 -31.85
CA ASP C 80 13.06 -24.25 -31.22
C ASP C 80 11.91 -24.86 -30.44
N MET C 81 11.01 -24.05 -29.90
CA MET C 81 9.86 -24.59 -29.19
C MET C 81 8.93 -25.34 -30.14
N GLU C 82 8.80 -24.86 -31.38
CA GLU C 82 8.02 -25.59 -32.37
C GLU C 82 8.62 -26.97 -32.64
N LYS C 83 9.95 -27.03 -32.76
CA LYS C 83 10.61 -28.32 -32.95
C LYS C 83 10.43 -29.23 -31.75
N ILE C 84 10.51 -28.67 -30.54
CA ILE C 84 10.31 -29.48 -29.34
C ILE C 84 8.89 -30.04 -29.30
N TRP C 85 7.90 -29.22 -29.64
CA TRP C 85 6.52 -29.71 -29.65
C TRP C 85 6.32 -30.76 -30.73
N HIS C 86 6.95 -30.58 -31.90
CA HIS C 86 6.85 -31.58 -32.95
C HIS C 86 7.45 -32.91 -32.51
N HIS C 87 8.62 -32.85 -31.85
CA HIS C 87 9.22 -34.08 -31.33
C HIS C 87 8.36 -34.71 -30.25
N THR C 88 7.72 -33.88 -29.42
CA THR C 88 6.82 -34.38 -28.39
C THR C 88 5.65 -35.14 -29.00
N PHE C 89 5.01 -34.55 -30.01
CA PHE C 89 3.82 -35.15 -30.58
C PHE C 89 4.13 -36.38 -31.42
N TYR C 90 5.16 -36.31 -32.26
CA TYR C 90 5.39 -37.36 -33.25
C TYR C 90 6.38 -38.42 -32.78
N ASN C 91 7.42 -38.04 -32.05
CA ASN C 91 8.45 -39.01 -31.69
C ASN C 91 8.26 -39.58 -30.29
N GLU C 92 7.76 -38.78 -29.35
CA GLU C 92 7.58 -39.26 -27.98
C GLU C 92 6.17 -39.80 -27.75
N LEU C 93 5.15 -38.96 -27.94
CA LEU C 93 3.78 -39.40 -27.78
C LEU C 93 3.31 -40.30 -28.92
N ARG C 94 3.91 -40.18 -30.09
CA ARG C 94 3.59 -41.02 -31.24
C ARG C 94 2.13 -40.91 -31.65
N VAL C 95 1.58 -39.69 -31.56
CA VAL C 95 0.22 -39.42 -31.96
C VAL C 95 0.19 -38.19 -32.85
N ALA C 96 -0.88 -38.08 -33.64
CA ALA C 96 -1.07 -36.92 -34.49
C ALA C 96 -1.75 -35.80 -33.71
N PRO C 97 -1.14 -34.62 -33.60
CA PRO C 97 -1.77 -33.55 -32.81
C PRO C 97 -3.09 -33.08 -33.38
N GLU C 98 -3.36 -33.30 -34.66
CA GLU C 98 -4.61 -32.85 -35.28
C GLU C 98 -5.81 -33.68 -34.85
N GLU C 99 -5.61 -34.80 -34.15
CA GLU C 99 -6.70 -35.67 -33.77
C GLU C 99 -7.02 -35.64 -32.28
N HIS C 100 -6.17 -35.02 -31.45
CA HIS C 100 -6.39 -34.97 -30.02
C HIS C 100 -6.26 -33.53 -29.54
N PRO C 101 -7.18 -33.04 -28.71
CA PRO C 101 -6.98 -31.73 -28.07
C PRO C 101 -5.79 -31.76 -27.12
N VAL C 102 -5.12 -30.61 -27.02
CA VAL C 102 -3.88 -30.49 -26.26
C VAL C 102 -4.09 -29.50 -25.14
N LEU C 103 -3.77 -29.92 -23.91
CA LEU C 103 -3.77 -29.03 -22.76
C LEU C 103 -2.33 -28.65 -22.43
N LEU C 104 -2.08 -27.35 -22.35
CA LEU C 104 -0.74 -26.82 -22.14
C LEU C 104 -0.65 -26.13 -20.78
N THR C 105 0.55 -26.12 -20.22
CA THR C 105 0.83 -25.41 -18.98
C THR C 105 1.82 -24.29 -19.25
N GLU C 106 1.63 -23.18 -18.54
CA GLU C 106 2.48 -22.01 -18.69
C GLU C 106 3.03 -21.59 -17.33
N ALA C 107 4.22 -20.99 -17.36
CA ALA C 107 4.85 -20.52 -16.14
C ALA C 107 4.13 -19.30 -15.59
N PRO C 108 4.21 -19.06 -14.28
CA PRO C 108 3.64 -17.84 -13.72
C PRO C 108 4.32 -16.60 -14.27
N LEU C 109 3.58 -15.49 -14.29
CA LEU C 109 4.03 -14.22 -14.85
C LEU C 109 4.39 -14.35 -16.33
N ASN C 110 3.64 -15.19 -17.04
CA ASN C 110 3.87 -15.36 -18.47
C ASN C 110 3.30 -14.17 -19.24
N PRO C 111 4.09 -13.53 -20.10
CA PRO C 111 3.56 -12.40 -20.88
C PRO C 111 2.42 -12.83 -21.79
N LYS C 112 1.46 -11.92 -21.98
CA LYS C 112 0.28 -12.22 -22.78
C LYS C 112 0.64 -12.49 -24.24
N ALA C 113 1.62 -11.78 -24.78
CA ALA C 113 2.04 -12.03 -26.15
C ALA C 113 2.56 -13.45 -26.32
N ASN C 114 3.22 -13.98 -25.28
CA ASN C 114 3.63 -15.39 -25.33
C ASN C 114 2.43 -16.32 -25.39
N ARG C 115 1.38 -16.02 -24.63
CA ARG C 115 0.17 -16.83 -24.70
C ARG C 115 -0.43 -16.80 -26.09
N GLU C 116 -0.50 -15.61 -26.69
CA GLU C 116 -1.05 -15.49 -28.05
C GLU C 116 -0.19 -16.24 -29.06
N LYS C 117 1.14 -16.12 -28.95
CA LYS C 117 2.01 -16.86 -29.87
C LYS C 117 1.84 -18.36 -29.69
N MET C 118 1.69 -18.82 -28.45
CA MET C 118 1.50 -20.24 -28.20
C MET C 118 0.22 -20.75 -28.83
N THR C 119 -0.89 -20.02 -28.66
CA THR C 119 -2.14 -20.50 -29.25
C THR C 119 -2.11 -20.41 -30.76
N GLN C 120 -1.50 -19.37 -31.32
CA GLN C 120 -1.37 -19.28 -32.77
C GLN C 120 -0.56 -20.44 -33.32
N ILE C 121 0.55 -20.79 -32.66
CA ILE C 121 1.36 -21.93 -33.10
C ILE C 121 0.55 -23.22 -33.02
N MET C 122 -0.15 -23.43 -31.91
CA MET C 122 -0.87 -24.69 -31.74
C MET C 122 -2.02 -24.83 -32.73
N PHE C 123 -2.71 -23.72 -33.05
CA PHE C 123 -3.85 -23.83 -33.94
C PHE C 123 -3.47 -23.80 -35.42
N GLU C 124 -2.42 -23.07 -35.79
CA GLU C 124 -2.08 -22.90 -37.19
C GLU C 124 -1.03 -23.88 -37.68
N THR C 125 -0.07 -24.26 -36.83
CA THR C 125 1.00 -25.15 -37.27
C THR C 125 0.64 -26.62 -37.07
N PHE C 126 0.06 -26.96 -35.92
CA PHE C 126 -0.27 -28.34 -35.61
C PHE C 126 -1.73 -28.69 -35.88
N ASN C 127 -2.58 -27.70 -36.12
CA ASN C 127 -3.98 -27.93 -36.47
C ASN C 127 -4.71 -28.74 -35.40
N THR C 128 -4.44 -28.43 -34.14
CA THR C 128 -5.12 -29.12 -33.05
C THR C 128 -6.59 -28.72 -33.01
N PRO C 129 -7.50 -29.70 -32.90
CA PRO C 129 -8.94 -29.34 -32.89
C PRO C 129 -9.35 -28.48 -31.71
N ALA C 130 -8.76 -28.71 -30.54
CA ALA C 130 -9.09 -27.97 -29.34
C ALA C 130 -7.86 -27.83 -28.47
N MET C 131 -7.86 -26.85 -27.58
CA MET C 131 -6.67 -26.55 -26.80
C MET C 131 -7.03 -25.71 -25.59
N TYR C 132 -6.20 -25.80 -24.55
CA TYR C 132 -6.40 -25.06 -23.31
C TYR C 132 -5.04 -24.74 -22.69
N VAL C 133 -4.97 -23.64 -21.96
CA VAL C 133 -3.76 -23.20 -21.28
C VAL C 133 -4.07 -23.04 -19.80
N ALA C 134 -3.21 -23.62 -18.95
CA ALA C 134 -3.40 -23.59 -17.51
C ALA C 134 -2.10 -23.16 -16.84
N ILE C 135 -2.24 -22.60 -15.64
CA ILE C 135 -1.08 -22.16 -14.86
C ILE C 135 -0.58 -23.33 -14.02
N GLN C 136 0.74 -23.52 -14.02
CA GLN C 136 1.33 -24.66 -13.29
C GLN C 136 1.07 -24.56 -11.79
N ALA C 137 1.21 -23.36 -11.23
CA ALA C 137 1.06 -23.21 -9.78
C ALA C 137 -0.35 -23.53 -9.32
N VAL C 138 -1.36 -23.04 -10.04
CA VAL C 138 -2.74 -23.33 -9.64
C VAL C 138 -3.05 -24.81 -9.83
N LEU C 139 -2.45 -25.44 -10.85
CA LEU C 139 -2.65 -26.88 -11.02
C LEU C 139 -2.06 -27.66 -9.86
N SER C 140 -0.85 -27.29 -9.42
CA SER C 140 -0.26 -27.95 -8.26
C SER C 140 -1.10 -27.74 -7.00
N LEU C 141 -1.58 -26.51 -6.80
CA LEU C 141 -2.39 -26.21 -5.62
C LEU C 141 -3.69 -27.01 -5.65
N TYR C 142 -4.33 -27.11 -6.80
CA TYR C 142 -5.55 -27.90 -6.91
C TYR C 142 -5.27 -29.38 -6.68
N ALA C 143 -4.18 -29.90 -7.24
CA ALA C 143 -3.82 -31.29 -7.02
C ALA C 143 -3.49 -31.56 -5.56
N SER C 144 -3.10 -30.54 -4.81
CA SER C 144 -2.92 -30.66 -3.37
C SER C 144 -4.23 -30.54 -2.60
N GLY C 145 -5.34 -30.31 -3.29
CA GLY C 145 -6.62 -30.18 -2.64
C GLY C 145 -6.86 -28.85 -1.97
N ARG C 146 -6.28 -27.78 -2.52
CA ARG C 146 -6.37 -26.46 -1.91
C ARG C 146 -6.73 -25.43 -2.97
N THR C 147 -7.41 -24.37 -2.53
CA THR C 147 -7.67 -23.21 -3.38
C THR C 147 -6.92 -21.97 -2.95
N THR C 148 -6.44 -21.92 -1.71
CA THR C 148 -5.68 -20.78 -1.20
C THR C 148 -4.40 -21.29 -0.56
N GLY C 149 -3.28 -20.72 -0.97
CA GLY C 149 -1.99 -21.12 -0.43
C GLY C 149 -0.87 -20.64 -1.33
N ILE C 150 0.35 -20.91 -0.89
CA ILE C 150 1.54 -20.49 -1.63
C ILE C 150 2.24 -21.74 -2.15
N VAL C 151 2.49 -21.78 -3.46
CA VAL C 151 3.13 -22.91 -4.12
C VAL C 151 4.57 -22.54 -4.38
N MET C 152 5.49 -23.36 -3.88
CA MET C 152 6.92 -23.16 -4.08
C MET C 152 7.38 -24.18 -5.12
N ASP C 153 7.22 -23.83 -6.40
CA ASP C 153 7.54 -24.73 -7.50
C ASP C 153 9.01 -24.54 -7.85
N SER C 154 9.84 -25.52 -7.49
CA SER C 154 11.27 -25.49 -7.78
C SER C 154 11.55 -26.52 -8.87
N GLY C 155 11.87 -26.03 -10.07
CA GLY C 155 12.08 -26.90 -11.20
C GLY C 155 13.53 -27.09 -11.57
N ASP C 156 13.81 -27.12 -12.88
CA ASP C 156 15.15 -27.35 -13.40
C ASP C 156 15.95 -26.05 -13.56
N GLY C 157 15.32 -25.01 -14.11
CA GLY C 157 16.03 -23.79 -14.38
C GLY C 157 15.57 -22.59 -13.59
N VAL C 158 14.37 -22.66 -13.02
CA VAL C 158 13.79 -21.52 -12.31
C VAL C 158 12.98 -22.04 -11.13
N THR C 159 12.90 -21.21 -10.09
CA THR C 159 12.08 -21.47 -8.91
C THR C 159 11.08 -20.34 -8.76
N HIS C 160 9.82 -20.69 -8.58
CA HIS C 160 8.74 -19.71 -8.50
C HIS C 160 7.96 -19.90 -7.21
N THR C 161 7.86 -18.82 -6.42
CA THR C 161 6.98 -18.78 -5.26
C THR C 161 5.73 -18.01 -5.69
N VAL C 162 4.61 -18.73 -5.80
CA VAL C 162 3.36 -18.18 -6.31
C VAL C 162 2.31 -18.22 -5.20
N PRO C 163 1.93 -17.09 -4.63
CA PRO C 163 0.80 -17.06 -3.69
C PRO C 163 -0.52 -16.96 -4.47
N ILE C 164 -1.45 -17.85 -4.15
CA ILE C 164 -2.72 -17.97 -4.85
C ILE C 164 -3.84 -17.83 -3.83
N TYR C 165 -4.80 -16.96 -4.12
CA TYR C 165 -5.96 -16.75 -3.28
C TYR C 165 -7.21 -17.10 -4.07
N GLU C 166 -8.09 -17.91 -3.47
CA GLU C 166 -9.37 -18.33 -4.05
C GLU C 166 -9.20 -18.83 -5.50
N GLY C 167 -8.03 -19.41 -5.78
CA GLY C 167 -7.74 -19.94 -7.10
C GLY C 167 -7.17 -18.95 -8.08
N TYR C 168 -6.88 -17.72 -7.65
CA TYR C 168 -6.29 -16.71 -8.51
C TYR C 168 -4.91 -16.34 -7.97
N ALA C 169 -3.89 -16.48 -8.81
CA ALA C 169 -2.54 -16.11 -8.39
C ALA C 169 -2.42 -14.60 -8.29
N LEU C 170 -1.61 -14.14 -7.33
CA LEU C 170 -1.39 -12.72 -7.15
C LEU C 170 -0.12 -12.30 -7.89
N PRO C 171 -0.25 -11.66 -9.05
CA PRO C 171 0.94 -11.36 -9.86
C PRO C 171 1.95 -10.46 -9.18
N HIS C 172 1.50 -9.52 -8.34
CA HIS C 172 2.44 -8.58 -7.73
C HIS C 172 3.27 -9.22 -6.64
N ALA C 173 2.92 -10.42 -6.18
CA ALA C 173 3.64 -11.09 -5.10
C ALA C 173 4.35 -12.35 -5.55
N ILE C 174 4.26 -12.73 -6.82
CA ILE C 174 4.98 -13.89 -7.32
C ILE C 174 6.46 -13.55 -7.39
N LEU C 175 7.29 -14.41 -6.80
CA LEU C 175 8.73 -14.18 -6.79
C LEU C 175 9.45 -15.26 -7.58
N ARG C 176 10.49 -14.87 -8.31
CA ARG C 176 11.26 -15.77 -9.15
C ARG C 176 12.71 -15.78 -8.68
N LEU C 177 13.28 -16.97 -8.55
CA LEU C 177 14.66 -17.17 -8.15
C LEU C 177 15.33 -18.04 -9.21
N ASP C 178 16.48 -17.58 -9.71
CA ASP C 178 17.16 -18.30 -10.79
C ASP C 178 17.84 -19.59 -10.32
N LEU C 179 17.92 -19.83 -9.01
CA LEU C 179 18.47 -21.07 -8.50
C LEU C 179 17.46 -22.20 -8.66
N ALA C 180 17.92 -23.33 -9.19
CA ALA C 180 17.07 -24.48 -9.41
C ALA C 180 17.94 -25.73 -9.51
N GLY C 181 17.37 -26.83 -10.02
CA GLY C 181 18.09 -28.08 -10.05
C GLY C 181 19.31 -28.07 -10.94
N ARG C 182 19.29 -27.29 -12.02
CA ARG C 182 20.44 -27.22 -12.91
C ARG C 182 21.66 -26.67 -12.20
N ASP C 183 21.48 -25.59 -11.43
CA ASP C 183 22.59 -25.03 -10.67
C ASP C 183 23.07 -25.99 -9.60
N LEU C 184 22.16 -26.75 -8.99
CA LEU C 184 22.57 -27.75 -8.01
C LEU C 184 23.40 -28.85 -8.66
N THR C 185 23.01 -29.29 -9.85
CA THR C 185 23.81 -30.29 -10.56
C THR C 185 25.19 -29.75 -10.90
N ASP C 186 25.26 -28.50 -11.37
CA ASP C 186 26.56 -27.90 -11.65
C ASP C 186 27.41 -27.78 -10.40
N TYR C 187 26.79 -27.42 -9.27
CA TYR C 187 27.54 -27.32 -8.02
C TYR C 187 28.04 -28.68 -7.55
N LEU C 188 27.23 -29.73 -7.72
CA LEU C 188 27.67 -31.07 -7.37
C LEU C 188 28.84 -31.49 -8.26
N MET C 189 28.78 -31.16 -9.55
CA MET C 189 29.91 -31.42 -10.42
C MET C 189 31.16 -30.69 -9.94
N LYS C 190 31.00 -29.43 -9.52
CA LYS C 190 32.13 -28.65 -9.05
C LYS C 190 32.74 -29.25 -7.78
N ILE C 191 31.89 -29.68 -6.84
CA ILE C 191 32.39 -30.16 -5.55
C ILE C 191 32.81 -31.62 -5.57
N LEU C 192 32.42 -32.38 -6.60
CA LEU C 192 32.89 -33.76 -6.69
C LEU C 192 34.36 -33.82 -7.11
N THR C 193 34.85 -32.79 -7.80
CA THR C 193 36.25 -32.76 -8.20
C THR C 193 37.20 -32.57 -7.01
N GLU C 194 36.67 -32.12 -5.87
CA GLU C 194 37.51 -32.00 -4.68
C GLU C 194 37.96 -33.35 -4.17
N ARG C 195 37.14 -34.39 -4.37
CA ARG C 195 37.52 -35.74 -3.98
C ARG C 195 38.38 -36.45 -5.01
N GLY C 196 38.62 -35.83 -6.17
CA GLY C 196 39.42 -36.43 -7.21
C GLY C 196 38.64 -37.02 -8.36
N TYR C 197 37.31 -36.85 -8.40
CA TYR C 197 36.49 -37.36 -9.48
C TYR C 197 36.28 -36.26 -10.51
N SER C 198 36.69 -36.53 -11.75
CA SER C 198 36.61 -35.55 -12.83
C SER C 198 35.30 -35.77 -13.60
N PHE C 199 34.33 -34.88 -13.38
CA PHE C 199 33.06 -34.88 -14.10
C PHE C 199 32.97 -33.58 -14.88
N THR C 200 33.24 -33.64 -16.18
CA THR C 200 33.29 -32.41 -16.97
C THR C 200 32.38 -32.44 -18.19
N THR C 201 32.30 -33.57 -18.89
CA THR C 201 31.53 -33.60 -20.13
C THR C 201 30.04 -33.76 -19.85
N THR C 202 29.26 -33.83 -20.93
CA THR C 202 27.81 -33.90 -20.80
C THR C 202 27.37 -35.24 -20.23
N ALA C 203 28.00 -36.34 -20.66
CA ALA C 203 27.66 -37.64 -20.11
C ALA C 203 27.94 -37.70 -18.62
N GLU C 204 29.09 -37.18 -18.20
CA GLU C 204 29.36 -37.09 -16.77
C GLU C 204 28.42 -36.13 -16.07
N ARG C 205 27.90 -35.12 -16.78
CA ARG C 205 26.88 -34.26 -16.18
C ARG C 205 25.61 -35.04 -15.90
N GLU C 206 25.20 -35.91 -16.83
CA GLU C 206 24.05 -36.77 -16.57
C GLU C 206 24.31 -37.75 -15.43
N ILE C 207 25.53 -38.28 -15.35
CA ILE C 207 25.87 -39.16 -14.23
C ILE C 207 25.76 -38.41 -12.91
N VAL C 208 26.26 -37.18 -12.87
CA VAL C 208 26.18 -36.37 -11.65
C VAL C 208 24.74 -36.03 -11.32
N ARG C 209 23.91 -35.81 -12.34
CA ARG C 209 22.48 -35.60 -12.10
C ARG C 209 21.85 -36.83 -11.46
N ASP C 210 22.21 -38.02 -11.94
CA ASP C 210 21.69 -39.25 -11.35
C ASP C 210 22.16 -39.40 -9.91
N ILE C 211 23.43 -39.07 -9.64
CA ILE C 211 23.95 -39.12 -8.27
C ILE C 211 23.17 -38.16 -7.38
N LYS C 212 22.90 -36.96 -7.87
CA LYS C 212 22.14 -35.98 -7.10
C LYS C 212 20.73 -36.48 -6.82
N GLU C 213 20.09 -37.11 -7.80
CA GLU C 213 18.74 -37.61 -7.61
C GLU C 213 18.66 -38.83 -6.70
N LYS C 214 19.72 -39.62 -6.61
CA LYS C 214 19.66 -40.85 -5.81
C LYS C 214 20.31 -40.76 -4.44
N LEU C 215 21.25 -39.85 -4.22
CA LEU C 215 22.04 -39.85 -2.99
C LEU C 215 22.01 -38.55 -2.20
N CYS C 216 21.41 -37.48 -2.72
CA CYS C 216 21.44 -36.20 -2.05
C CYS C 216 20.21 -36.02 -1.15
N TYR C 217 20.42 -35.33 -0.03
CA TYR C 217 19.37 -35.05 0.92
C TYR C 217 19.67 -33.74 1.63
N VAL C 218 18.62 -33.14 2.19
CA VAL C 218 18.76 -31.87 2.90
C VAL C 218 18.91 -32.12 4.38
N ALA C 219 19.95 -31.55 4.97
CA ALA C 219 20.23 -31.72 6.39
C ALA C 219 19.45 -30.70 7.22
N LEU C 220 18.89 -31.16 8.34
CA LEU C 220 18.16 -30.25 9.23
C LEU C 220 19.08 -29.18 9.80
N ASP C 221 20.27 -29.55 10.23
CA ASP C 221 21.27 -28.63 10.77
C ASP C 221 22.56 -28.82 9.98
N PHE C 222 22.89 -27.85 9.13
CA PHE C 222 24.00 -28.01 8.21
C PHE C 222 25.33 -28.13 8.95
N GLU C 223 25.55 -27.31 9.97
CA GLU C 223 26.83 -27.33 10.66
C GLU C 223 27.01 -28.62 11.47
N GLN C 224 25.97 -29.05 12.18
CA GLN C 224 26.06 -30.30 12.93
C GLN C 224 26.24 -31.49 11.99
N GLU C 225 25.55 -31.47 10.85
CA GLU C 225 25.71 -32.54 9.88
C GLU C 225 27.12 -32.56 9.29
N MET C 226 27.68 -31.38 9.01
CA MET C 226 29.07 -31.33 8.55
C MET C 226 30.01 -31.87 9.62
N ALA C 227 29.75 -31.56 10.88
CA ALA C 227 30.59 -32.07 11.96
C ALA C 227 30.53 -33.59 12.05
N THR C 228 29.34 -34.18 12.00
CA THR C 228 29.26 -35.64 12.11
C THR C 228 29.80 -36.31 10.86
N ALA C 229 29.67 -35.66 9.69
CA ALA C 229 30.30 -36.20 8.49
C ALA C 229 31.81 -36.19 8.58
N ALA C 230 32.39 -35.12 9.16
CA ALA C 230 33.83 -35.06 9.33
C ALA C 230 34.34 -35.92 10.47
N SER C 231 33.47 -36.35 11.39
CA SER C 231 33.88 -37.16 12.51
C SER C 231 33.47 -38.63 12.38
N SER C 232 32.86 -39.03 11.27
CA SER C 232 32.42 -40.41 11.12
C SER C 232 32.29 -40.72 9.64
N SER C 233 32.22 -42.02 9.33
CA SER C 233 32.06 -42.51 7.97
C SER C 233 30.65 -43.04 7.71
N SER C 234 29.72 -42.81 8.64
CA SER C 234 28.37 -43.36 8.48
C SER C 234 27.59 -42.66 7.38
N LEU C 235 28.01 -41.45 6.99
CA LEU C 235 27.29 -40.68 5.98
C LEU C 235 27.76 -40.97 4.56
N GLU C 236 28.83 -41.72 4.39
CA GLU C 236 29.34 -42.01 3.05
C GLU C 236 28.50 -43.06 2.36
N LYS C 237 28.35 -42.92 1.04
CA LYS C 237 27.61 -43.87 0.23
C LYS C 237 28.39 -44.15 -1.05
N SER C 238 28.10 -45.28 -1.68
CA SER C 238 28.77 -45.71 -2.89
C SER C 238 27.80 -45.66 -4.07
N TYR C 239 28.30 -45.17 -5.21
CA TYR C 239 27.53 -45.12 -6.43
C TYR C 239 28.32 -45.81 -7.54
N GLU C 240 27.64 -46.67 -8.29
CA GLU C 240 28.26 -47.42 -9.38
C GLU C 240 28.13 -46.63 -10.66
N LEU C 241 29.27 -46.30 -11.28
CA LEU C 241 29.27 -45.57 -12.54
C LEU C 241 28.78 -46.47 -13.67
N PRO C 242 28.32 -45.88 -14.77
CA PRO C 242 27.83 -46.70 -15.89
C PRO C 242 28.87 -47.64 -16.48
N ASP C 243 30.16 -47.35 -16.30
CA ASP C 243 31.22 -48.19 -16.84
C ASP C 243 31.82 -49.14 -15.80
N GLY C 244 31.24 -49.20 -14.60
CA GLY C 244 31.59 -50.20 -13.61
C GLY C 244 32.32 -49.67 -12.39
N GLN C 245 32.97 -48.51 -12.48
CA GLN C 245 33.70 -48.00 -11.33
C GLN C 245 32.72 -47.56 -10.23
N VAL C 246 33.19 -47.67 -8.99
CA VAL C 246 32.40 -47.29 -7.81
C VAL C 246 33.06 -46.07 -7.19
N ILE C 247 32.28 -45.01 -7.02
CA ILE C 247 32.77 -43.76 -6.44
C ILE C 247 32.01 -43.52 -5.14
N THR C 248 32.75 -43.10 -4.11
CA THR C 248 32.18 -42.84 -2.80
C THR C 248 31.92 -41.34 -2.66
N ILE C 249 30.84 -41.01 -1.96
CA ILE C 249 30.42 -39.63 -1.73
C ILE C 249 30.11 -39.47 -0.25
N GLY C 250 30.62 -38.39 0.34
CA GLY C 250 30.44 -38.17 1.77
C GLY C 250 29.60 -36.97 2.12
N ASN C 251 30.26 -35.88 2.51
CA ASN C 251 29.57 -34.67 2.92
C ASN C 251 28.96 -33.89 1.75
N GLU C 252 29.25 -34.28 0.51
CA GLU C 252 28.63 -33.64 -0.64
C GLU C 252 27.13 -33.93 -0.73
N ARG C 253 26.66 -35.01 -0.10
CA ARG C 253 25.26 -35.40 -0.20
C ARG C 253 24.33 -34.30 0.29
N PHE C 254 24.67 -33.67 1.42
CA PHE C 254 23.89 -32.56 1.93
C PHE C 254 24.45 -31.20 1.55
N ARG C 255 25.67 -31.16 1.00
CA ARG C 255 26.22 -29.89 0.53
C ARG C 255 25.61 -29.47 -0.80
N CYS C 256 25.30 -30.45 -1.67
CA CYS C 256 24.70 -30.10 -2.96
C CYS C 256 23.35 -29.41 -2.82
N PRO C 257 22.39 -29.90 -2.03
CA PRO C 257 21.11 -29.19 -1.90
C PRO C 257 21.13 -28.05 -0.90
N GLU C 258 22.21 -27.90 -0.12
CA GLU C 258 22.30 -26.80 0.82
C GLU C 258 22.36 -25.44 0.13
N ALA C 259 22.75 -25.42 -1.15
CA ALA C 259 22.74 -24.17 -1.90
C ALA C 259 21.34 -23.62 -2.09
N LEU C 260 20.31 -24.46 -1.92
CA LEU C 260 18.93 -23.97 -1.99
C LEU C 260 18.65 -22.97 -0.89
N PHE C 261 19.15 -23.24 0.33
CA PHE C 261 18.94 -22.34 1.45
C PHE C 261 20.08 -21.37 1.65
N GLN C 262 21.26 -21.65 1.09
CA GLN C 262 22.42 -20.76 1.16
C GLN C 262 22.94 -20.55 -0.24
N PRO C 263 22.34 -19.63 -1.01
CA PRO C 263 22.82 -19.38 -2.37
C PRO C 263 24.24 -18.84 -2.43
N SER C 264 24.77 -18.32 -1.33
CA SER C 264 26.14 -17.81 -1.33
C SER C 264 27.16 -18.89 -1.64
N PHE C 265 26.79 -20.17 -1.51
CA PHE C 265 27.67 -21.24 -1.93
C PHE C 265 27.99 -21.15 -3.42
N LEU C 266 27.02 -20.72 -4.23
CA LEU C 266 27.22 -20.57 -5.67
C LEU C 266 27.64 -19.17 -6.07
N GLY C 267 27.86 -18.29 -5.09
CA GLY C 267 28.27 -16.93 -5.37
C GLY C 267 27.15 -15.98 -5.71
N MET C 268 25.91 -16.43 -5.73
CA MET C 268 24.80 -15.54 -6.04
C MET C 268 24.49 -14.65 -4.85
N GLU C 269 23.92 -13.48 -5.13
CA GLU C 269 23.57 -12.50 -4.12
C GLU C 269 22.15 -12.69 -3.59
N SER C 270 21.35 -13.54 -4.22
CA SER C 270 19.94 -13.67 -3.87
C SER C 270 19.77 -14.48 -2.59
N ALA C 271 18.54 -14.49 -2.09
CA ALA C 271 18.20 -15.19 -0.86
C ALA C 271 17.81 -16.64 -1.14
N GLY C 272 17.69 -17.41 -0.07
CA GLY C 272 17.33 -18.81 -0.19
C GLY C 272 15.87 -19.00 -0.53
N ILE C 273 15.50 -20.27 -0.70
CA ILE C 273 14.11 -20.59 -1.04
C ILE C 273 13.18 -20.28 0.12
N HIS C 274 13.61 -20.54 1.36
CA HIS C 274 12.80 -20.19 2.52
C HIS C 274 12.63 -18.68 2.63
N GLU C 275 13.71 -17.93 2.43
CA GLU C 275 13.62 -16.47 2.48
C GLU C 275 12.77 -15.93 1.34
N THR C 276 12.89 -16.52 0.15
CA THR C 276 12.04 -16.10 -0.96
C THR C 276 10.57 -16.37 -0.67
N THR C 277 10.26 -17.53 -0.09
CA THR C 277 8.88 -17.84 0.28
C THR C 277 8.36 -16.85 1.31
N PHE C 278 9.17 -16.54 2.33
CA PHE C 278 8.75 -15.59 3.35
C PHE C 278 8.53 -14.20 2.75
N ASN C 279 9.44 -13.77 1.85
CA ASN C 279 9.30 -12.46 1.23
C ASN C 279 8.05 -12.38 0.37
N SER C 280 7.77 -13.43 -0.39
CA SER C 280 6.56 -13.45 -1.21
C SER C 280 5.30 -13.47 -0.35
N ILE C 281 5.34 -14.16 0.78
CA ILE C 281 4.21 -14.14 1.70
C ILE C 281 4.00 -12.73 2.26
N MET C 282 5.08 -12.08 2.66
CA MET C 282 4.99 -10.73 3.22
C MET C 282 4.61 -9.69 2.17
N LYS C 283 4.67 -10.02 0.89
CA LYS C 283 4.26 -9.11 -0.17
C LYS C 283 2.77 -9.16 -0.45
N CYS C 284 2.04 -10.03 0.22
CA CYS C 284 0.60 -10.16 0.03
C CYS C 284 -0.15 -9.32 1.07
N ASP C 285 -1.47 -9.42 1.05
CA ASP C 285 -2.28 -8.69 2.01
C ASP C 285 -2.11 -9.29 3.40
N VAL C 286 -2.25 -8.42 4.42
CA VAL C 286 -2.00 -8.84 5.79
C VAL C 286 -3.04 -9.86 6.24
N ASP C 287 -4.28 -9.74 5.77
CA ASP C 287 -5.35 -10.61 6.22
C ASP C 287 -5.23 -12.04 5.69
N ILE C 288 -4.46 -12.25 4.61
CA ILE C 288 -4.33 -13.57 4.01
C ILE C 288 -2.98 -14.20 4.30
N ARG C 289 -2.08 -13.50 4.99
CA ARG C 289 -0.79 -14.08 5.32
C ARG C 289 -0.94 -15.26 6.27
N LYS C 290 -1.93 -15.22 7.17
CA LYS C 290 -2.17 -16.36 8.05
C LYS C 290 -2.55 -17.60 7.26
N ASP C 291 -3.41 -17.44 6.25
CA ASP C 291 -3.79 -18.57 5.41
C ASP C 291 -2.60 -19.05 4.58
N LEU C 292 -1.79 -18.12 4.09
CA LEU C 292 -0.64 -18.51 3.26
C LEU C 292 0.42 -19.24 4.08
N TYR C 293 0.59 -18.87 5.35
CA TYR C 293 1.62 -19.51 6.17
C TYR C 293 1.32 -20.99 6.38
N ALA C 294 0.06 -21.34 6.60
CA ALA C 294 -0.34 -22.70 6.90
C ALA C 294 -0.70 -23.52 5.67
N ASN C 295 -0.52 -22.97 4.47
CA ASN C 295 -0.85 -23.65 3.23
C ASN C 295 0.29 -23.52 2.23
N THR C 296 1.51 -23.78 2.68
CA THR C 296 2.69 -23.76 1.82
C THR C 296 2.84 -25.13 1.18
N VAL C 297 2.72 -25.18 -0.15
CA VAL C 297 2.75 -26.43 -0.90
C VAL C 297 4.05 -26.47 -1.70
N LEU C 298 4.77 -27.57 -1.59
CA LEU C 298 6.01 -27.77 -2.34
C LEU C 298 5.73 -28.53 -3.62
N SER C 299 6.31 -28.07 -4.73
CA SER C 299 6.13 -28.69 -6.02
C SER C 299 7.44 -28.63 -6.80
N GLY C 300 7.55 -29.48 -7.81
CA GLY C 300 8.71 -29.51 -8.67
C GLY C 300 9.67 -30.62 -8.29
N GLY C 301 10.55 -30.94 -9.24
CA GLY C 301 11.52 -32.01 -9.04
C GLY C 301 12.54 -31.70 -7.97
N THR C 302 13.01 -30.45 -7.90
CA THR C 302 14.03 -30.08 -6.94
C THR C 302 13.56 -30.22 -5.50
N THR C 303 12.27 -30.10 -5.23
CA THR C 303 11.73 -30.23 -3.89
C THR C 303 11.58 -31.69 -3.46
N MET C 304 12.20 -32.62 -4.16
CA MET C 304 12.08 -34.04 -3.86
C MET C 304 13.19 -34.57 -2.97
N TYR C 305 14.08 -33.72 -2.48
CA TYR C 305 15.11 -34.19 -1.57
C TYR C 305 14.47 -34.62 -0.25
N PRO C 306 14.85 -35.76 0.29
CA PRO C 306 14.36 -36.14 1.63
C PRO C 306 14.79 -35.13 2.68
N GLY C 307 13.87 -34.82 3.59
CA GLY C 307 14.15 -33.88 4.65
C GLY C 307 14.10 -32.42 4.25
N ILE C 308 13.58 -32.09 3.08
CA ILE C 308 13.50 -30.69 2.70
C ILE C 308 12.29 -30.02 3.35
N ALA C 309 11.22 -30.77 3.61
CA ALA C 309 10.04 -30.19 4.25
C ALA C 309 10.35 -29.74 5.67
N ASP C 310 11.07 -30.57 6.44
CA ASP C 310 11.41 -30.21 7.80
C ASP C 310 12.32 -29.00 7.85
N ARG C 311 13.33 -28.97 6.97
CA ARG C 311 14.23 -27.82 6.93
C ARG C 311 13.50 -26.54 6.53
N MET C 312 12.63 -26.63 5.53
CA MET C 312 11.85 -25.47 5.12
C MET C 312 10.96 -24.98 6.25
N GLN C 313 10.29 -25.90 6.95
CA GLN C 313 9.43 -25.52 8.05
C GLN C 313 10.22 -24.85 9.16
N LYS C 314 11.38 -25.41 9.52
CA LYS C 314 12.20 -24.82 10.57
C LYS C 314 12.68 -23.43 10.18
N GLU C 315 13.15 -23.26 8.94
CA GLU C 315 13.63 -21.96 8.51
C GLU C 315 12.52 -20.92 8.48
N ILE C 316 11.35 -21.28 7.93
CA ILE C 316 10.25 -20.33 7.88
C ILE C 316 9.76 -19.99 9.29
N THR C 317 9.74 -20.97 10.19
CA THR C 317 9.38 -20.69 11.58
C THR C 317 10.39 -19.72 12.20
N ALA C 318 11.67 -19.90 11.89
CA ALA C 318 12.68 -18.94 12.35
C ALA C 318 12.45 -17.55 11.78
N LEU C 319 11.97 -17.44 10.54
CA LEU C 319 11.70 -16.13 9.96
C LEU C 319 10.32 -15.58 10.33
N ALA C 320 9.29 -16.42 10.32
CA ALA C 320 7.94 -15.97 10.58
C ALA C 320 7.76 -15.63 12.07
N PRO C 321 6.76 -14.82 12.40
CA PRO C 321 6.47 -14.53 13.81
C PRO C 321 6.11 -15.80 14.56
N SER C 322 6.42 -15.80 15.86
CA SER C 322 6.22 -17.00 16.67
C SER C 322 4.75 -17.38 16.78
N THR C 323 3.85 -16.40 16.80
CA THR C 323 2.43 -16.70 16.92
C THR C 323 1.87 -17.42 15.71
N MET C 324 2.51 -17.28 14.54
CA MET C 324 2.02 -17.94 13.34
C MET C 324 2.36 -19.42 13.33
N LYS C 325 1.43 -20.20 12.77
CA LYS C 325 1.60 -21.64 12.61
C LYS C 325 2.05 -21.92 11.17
N ILE C 326 3.21 -22.55 11.03
CA ILE C 326 3.80 -22.84 9.73
C ILE C 326 3.59 -24.31 9.42
N LYS C 327 3.05 -24.59 8.24
CA LYS C 327 2.80 -25.95 7.78
C LYS C 327 3.27 -26.07 6.34
N ILE C 328 4.28 -26.90 6.12
CA ILE C 328 4.84 -27.14 4.79
C ILE C 328 4.25 -28.45 4.29
N ILE C 329 3.53 -28.38 3.17
CA ILE C 329 2.90 -29.55 2.55
C ILE C 329 3.83 -30.08 1.48
N ALA C 330 4.22 -31.35 1.62
CA ALA C 330 5.09 -32.02 0.66
C ALA C 330 4.42 -33.33 0.24
N PRO C 331 3.43 -33.25 -0.66
CA PRO C 331 2.79 -34.49 -1.11
C PRO C 331 3.78 -35.38 -1.82
N PRO C 332 3.65 -36.70 -1.67
CA PRO C 332 4.63 -37.62 -2.28
C PRO C 332 4.67 -37.56 -3.79
N GLU C 333 3.63 -37.07 -4.45
CA GLU C 333 3.61 -36.98 -5.91
C GLU C 333 3.86 -35.56 -6.41
N ARG C 334 4.56 -34.74 -5.64
CA ARG C 334 4.77 -33.35 -6.02
C ARG C 334 5.68 -33.18 -7.23
N LYS C 335 6.43 -34.23 -7.62
CA LYS C 335 7.34 -34.10 -8.75
C LYS C 335 6.59 -33.82 -10.04
N TYR C 336 5.46 -34.51 -10.26
CA TYR C 336 4.67 -34.36 -11.47
C TYR C 336 3.26 -33.85 -11.15
N SER C 337 3.09 -33.22 -9.98
CA SER C 337 1.77 -32.75 -9.58
C SER C 337 1.21 -31.73 -10.56
N VAL C 338 2.08 -31.00 -11.25
CA VAL C 338 1.61 -30.09 -12.30
C VAL C 338 0.95 -30.88 -13.43
N TRP C 339 1.60 -31.96 -13.88
CA TRP C 339 1.05 -32.73 -14.98
C TRP C 339 -0.19 -33.50 -14.56
N ILE C 340 -0.12 -34.21 -13.43
CA ILE C 340 -1.23 -35.04 -13.00
C ILE C 340 -2.49 -34.20 -12.79
N GLY C 341 -2.34 -33.06 -12.12
CA GLY C 341 -3.46 -32.16 -11.96
C GLY C 341 -4.05 -31.74 -13.28
N GLY C 342 -3.20 -31.49 -14.28
CA GLY C 342 -3.70 -31.25 -15.61
C GLY C 342 -4.37 -32.47 -16.21
N SER C 343 -3.75 -33.64 -16.07
CA SER C 343 -4.26 -34.84 -16.71
C SER C 343 -5.66 -35.18 -16.21
N ILE C 344 -5.90 -35.01 -14.91
CA ILE C 344 -7.25 -35.18 -14.37
C ILE C 344 -8.19 -34.14 -14.97
N LEU C 345 -7.75 -32.89 -15.02
CA LEU C 345 -8.63 -31.80 -15.45
C LEU C 345 -9.08 -32.00 -16.89
N ALA C 346 -8.18 -32.43 -17.77
CA ALA C 346 -8.56 -32.68 -19.16
C ALA C 346 -9.34 -33.97 -19.32
N SER C 347 -9.33 -34.85 -18.31
CA SER C 347 -10.00 -36.13 -18.42
C SER C 347 -11.48 -36.07 -18.05
N LEU C 348 -11.94 -34.96 -17.47
CA LEU C 348 -13.32 -34.85 -17.05
C LEU C 348 -14.25 -34.72 -18.25
N SER C 349 -15.39 -35.41 -18.19
CA SER C 349 -16.38 -35.30 -19.24
C SER C 349 -17.08 -33.95 -19.24
N THR C 350 -17.06 -33.24 -18.12
CA THR C 350 -17.66 -31.92 -18.03
C THR C 350 -16.69 -30.81 -18.42
N PHE C 351 -15.42 -31.14 -18.65
CA PHE C 351 -14.42 -30.16 -19.05
C PHE C 351 -14.38 -29.93 -20.56
N GLN C 352 -15.05 -30.78 -21.34
CA GLN C 352 -14.97 -30.67 -22.79
C GLN C 352 -15.59 -29.38 -23.31
N GLN C 353 -16.42 -28.70 -22.52
CA GLN C 353 -16.97 -27.42 -22.93
C GLN C 353 -16.04 -26.26 -22.66
N MET C 354 -14.97 -26.47 -21.89
CA MET C 354 -14.02 -25.42 -21.58
C MET C 354 -12.85 -25.36 -22.57
N TRP C 355 -12.79 -26.27 -23.53
CA TRP C 355 -11.77 -26.20 -24.56
C TRP C 355 -12.00 -25.01 -25.48
N ILE C 356 -10.94 -24.58 -26.15
CA ILE C 356 -11.02 -23.54 -27.16
C ILE C 356 -11.10 -24.24 -28.52
N SER C 357 -12.27 -24.19 -29.13
CA SER C 357 -12.47 -24.86 -30.39
C SER C 357 -11.75 -24.12 -31.52
N LYS C 358 -11.56 -24.84 -32.64
CA LYS C 358 -10.92 -24.23 -33.80
C LYS C 358 -11.78 -23.10 -34.37
N GLN C 359 -13.11 -23.29 -34.40
CA GLN C 359 -13.99 -22.25 -34.92
C GLN C 359 -13.95 -21.01 -34.04
N GLU C 360 -13.85 -21.18 -32.72
CA GLU C 360 -13.71 -20.03 -31.83
C GLU C 360 -12.42 -19.26 -32.12
N TYR C 361 -11.33 -19.99 -32.35
CA TYR C 361 -10.07 -19.34 -32.72
C TYR C 361 -10.19 -18.60 -34.04
N ASP C 362 -10.89 -19.19 -35.01
CA ASP C 362 -11.08 -18.53 -36.29
C ASP C 362 -11.89 -17.24 -36.13
N GLU C 363 -12.93 -17.29 -35.28
CA GLU C 363 -13.77 -16.10 -35.09
C GLU C 363 -13.04 -15.01 -34.33
N SER C 364 -12.27 -15.37 -33.30
CA SER C 364 -11.70 -14.38 -32.40
C SER C 364 -10.20 -14.17 -32.57
N GLY C 365 -9.47 -15.17 -33.08
CA GLY C 365 -8.03 -15.08 -33.15
C GLY C 365 -7.38 -15.57 -31.87
N PRO C 366 -6.08 -15.33 -31.72
CA PRO C 366 -5.39 -15.78 -30.49
C PRO C 366 -5.95 -15.17 -29.22
N SER C 367 -6.43 -13.92 -29.26
CA SER C 367 -6.91 -13.22 -28.08
C SER C 367 -7.97 -14.00 -27.31
N ILE C 368 -8.58 -15.02 -27.91
CA ILE C 368 -9.57 -15.83 -27.23
C ILE C 368 -9.00 -16.47 -25.97
N VAL C 369 -7.70 -16.78 -25.96
CA VAL C 369 -7.12 -17.40 -24.78
C VAL C 369 -7.18 -16.46 -23.59
N HIS C 370 -7.24 -15.15 -23.83
CA HIS C 370 -7.33 -14.21 -22.72
C HIS C 370 -8.71 -14.23 -22.07
N ARG C 371 -9.68 -14.90 -22.68
CA ARG C 371 -11.04 -14.98 -22.15
C ARG C 371 -11.42 -16.40 -21.73
N LYS C 372 -11.18 -17.38 -22.59
CA LYS C 372 -11.56 -18.75 -22.26
C LYS C 372 -10.64 -19.35 -21.20
N CYS C 373 -9.33 -19.12 -21.34
CA CYS C 373 -8.37 -19.65 -20.37
C CYS C 373 -8.09 -18.68 -19.23
N PHE C 374 -8.63 -17.47 -19.29
CA PHE C 374 -8.43 -16.46 -18.25
C PHE C 374 -6.95 -16.19 -17.99
N ALA D 5 31.36 30.50 4.13
CA ALA D 5 30.45 29.83 3.22
C ALA D 5 29.52 28.89 3.98
N ALA D 6 28.26 28.85 3.57
CA ALA D 6 27.25 28.02 4.20
C ALA D 6 27.04 26.73 3.41
N LEU D 7 26.60 25.69 4.11
CA LEU D 7 26.30 24.40 3.50
C LEU D 7 24.80 24.22 3.39
N VAL D 8 24.35 23.79 2.22
CA VAL D 8 22.94 23.48 1.98
C VAL D 8 22.85 21.97 1.78
N VAL D 9 22.04 21.33 2.62
CA VAL D 9 21.87 19.87 2.60
C VAL D 9 20.39 19.57 2.46
N ASP D 10 20.04 18.83 1.40
CA ASP D 10 18.69 18.35 1.16
C ASP D 10 18.69 16.86 1.48
N ASN D 11 17.91 16.47 2.49
CA ASN D 11 17.79 15.08 2.91
C ASN D 11 16.62 14.45 2.17
N GLY D 12 16.91 13.90 1.00
CA GLY D 12 15.89 13.22 0.24
C GLY D 12 15.56 11.85 0.80
N SER D 13 14.48 11.27 0.28
CA SER D 13 14.07 9.95 0.72
C SER D 13 15.08 8.87 0.30
N GLY D 14 15.70 9.03 -0.86
CA GLY D 14 16.67 8.05 -1.30
C GLY D 14 18.01 8.63 -1.68
N MET D 15 18.06 9.93 -1.95
CA MET D 15 19.29 10.61 -2.35
C MET D 15 19.47 11.86 -1.51
N CYS D 16 20.65 12.00 -0.91
CA CYS D 16 21.01 13.19 -0.16
C CYS D 16 21.86 14.08 -1.06
N LYS D 17 21.52 15.36 -1.12
CA LYS D 17 22.20 16.33 -1.98
C LYS D 17 22.78 17.44 -1.11
N ALA D 18 24.11 17.51 -1.06
CA ALA D 18 24.79 18.51 -0.26
C ALA D 18 25.64 19.39 -1.17
N GLY D 19 25.77 20.65 -0.78
CA GLY D 19 26.60 21.57 -1.52
C GLY D 19 26.82 22.84 -0.74
N PHE D 20 27.44 23.81 -1.40
CA PHE D 20 27.75 25.10 -0.78
C PHE D 20 26.79 26.16 -1.29
N ALA D 21 26.40 27.06 -0.40
CA ALA D 21 25.50 28.15 -0.78
C ALA D 21 26.15 29.03 -1.83
N GLY D 22 25.38 29.40 -2.84
CA GLY D 22 25.87 30.18 -3.96
C GLY D 22 26.25 29.35 -5.17
N ASP D 23 26.31 28.02 -5.04
CA ASP D 23 26.61 27.15 -6.15
C ASP D 23 25.33 26.85 -6.94
N ASP D 24 25.50 26.61 -8.24
CA ASP D 24 24.35 26.34 -9.09
C ASP D 24 23.78 24.95 -8.86
N ALA D 25 24.62 23.97 -8.54
CA ALA D 25 24.21 22.59 -8.39
C ALA D 25 24.86 22.00 -7.15
N PRO D 26 24.22 21.03 -6.51
CA PRO D 26 24.82 20.40 -5.33
C PRO D 26 26.13 19.71 -5.68
N ARG D 27 27.10 19.81 -4.77
CA ARG D 27 28.41 19.21 -5.04
C ARG D 27 28.35 17.69 -4.96
N ALA D 28 27.64 17.15 -3.97
CA ALA D 28 27.58 15.72 -3.75
C ALA D 28 26.13 15.25 -3.76
N VAL D 29 25.83 14.24 -4.55
CA VAL D 29 24.52 13.60 -4.59
C VAL D 29 24.74 12.11 -4.39
N PHE D 30 24.40 11.60 -3.21
CA PHE D 30 24.70 10.20 -2.95
C PHE D 30 23.51 9.50 -2.30
N PRO D 31 23.39 8.18 -2.50
CA PRO D 31 22.25 7.46 -1.92
C PRO D 31 22.22 7.57 -0.40
N SER D 32 21.01 7.70 0.14
CA SER D 32 20.81 7.84 1.59
C SER D 32 20.52 6.48 2.20
N ILE D 33 21.57 5.66 2.25
CA ILE D 33 21.48 4.29 2.77
C ILE D 33 22.57 4.07 3.79
N VAL D 34 22.36 3.10 4.66
CA VAL D 34 23.38 2.61 5.58
C VAL D 34 23.42 1.09 5.46
N GLY D 35 24.61 0.56 5.19
CA GLY D 35 24.79 -0.87 4.95
C GLY D 35 25.54 -1.53 6.11
N ARG D 36 25.02 -2.65 6.57
CA ARG D 36 25.65 -3.42 7.62
C ARG D 36 25.79 -4.87 7.21
N PRO D 37 26.85 -5.55 7.64
CA PRO D 37 27.07 -6.93 7.18
C PRO D 37 25.92 -7.84 7.54
N ARG D 38 25.65 -8.79 6.64
CA ARG D 38 24.53 -9.72 6.78
C ARG D 38 24.60 -10.51 8.07
N ASP D 50 31.87 -3.13 8.85
CA ASP D 50 31.12 -2.82 10.06
C ASP D 50 29.91 -1.96 9.76
N SER D 51 30.12 -0.85 9.06
CA SER D 51 29.04 0.06 8.69
C SER D 51 29.50 0.90 7.51
N TYR D 52 28.83 0.75 6.36
CA TYR D 52 29.15 1.49 5.16
C TYR D 52 27.96 2.37 4.79
N VAL D 53 28.24 3.64 4.52
CA VAL D 53 27.20 4.64 4.30
C VAL D 53 27.40 5.26 2.92
N GLY D 54 26.32 5.36 2.15
CA GLY D 54 26.36 6.06 0.88
C GLY D 54 26.74 5.18 -0.29
N ASP D 55 27.62 5.70 -1.15
CA ASP D 55 28.04 4.94 -2.33
C ASP D 55 28.88 3.74 -1.97
N GLU D 56 29.51 3.73 -0.79
CA GLU D 56 30.30 2.57 -0.38
C GLU D 56 29.41 1.34 -0.22
N ALA D 57 28.22 1.52 0.35
CA ALA D 57 27.31 0.38 0.54
C ALA D 57 26.89 -0.22 -0.79
N GLN D 58 26.63 0.63 -1.79
CA GLN D 58 26.28 0.13 -3.12
C GLN D 58 27.43 -0.64 -3.73
N SER D 59 28.65 -0.12 -3.62
CA SER D 59 29.84 -0.76 -4.18
C SER D 59 30.55 -1.62 -3.15
N LYS D 60 29.82 -2.52 -2.50
CA LYS D 60 30.40 -3.44 -1.53
C LYS D 60 29.80 -4.84 -1.66
N ARG D 61 29.33 -5.19 -2.86
CA ARG D 61 28.73 -6.49 -3.15
C ARG D 61 27.46 -6.69 -2.33
N GLY D 62 26.79 -7.83 -2.52
CA GLY D 62 25.58 -8.12 -1.78
C GLY D 62 25.84 -8.86 -0.48
N ILE D 63 26.97 -8.57 0.16
CA ILE D 63 27.33 -9.19 1.42
C ILE D 63 26.80 -8.39 2.61
N LEU D 64 25.95 -7.40 2.38
CA LEU D 64 25.46 -6.53 3.43
C LEU D 64 24.03 -6.12 3.15
N THR D 65 23.28 -5.86 4.22
CA THR D 65 21.91 -5.40 4.13
C THR D 65 21.86 -3.88 4.23
N LEU D 66 20.96 -3.28 3.44
CA LEU D 66 20.83 -1.84 3.33
C LEU D 66 19.58 -1.39 4.08
N LYS D 67 19.70 -0.27 4.80
CA LYS D 67 18.58 0.31 5.53
C LYS D 67 18.51 1.79 5.25
N TYR D 68 17.30 2.32 5.16
CA TYR D 68 17.07 3.73 4.89
C TYR D 68 16.65 4.42 6.17
N PRO D 69 17.50 5.25 6.79
CA PRO D 69 17.03 6.05 7.93
C PRO D 69 15.89 6.97 7.54
N ILE D 70 15.95 7.55 6.35
CA ILE D 70 14.82 8.25 5.75
C ILE D 70 14.31 7.38 4.62
N GLU D 71 13.08 6.88 4.74
CA GLU D 71 12.55 5.98 3.73
C GLU D 71 11.42 6.66 2.96
N GLY D 73 10.63 10.32 3.64
CA GLY D 73 10.67 11.72 4.01
C GLY D 73 10.84 12.00 5.49
N ILE D 74 10.39 11.07 6.33
CA ILE D 74 10.44 11.21 7.78
C ILE D 74 11.56 10.34 8.32
N VAL D 75 12.41 10.93 9.17
CA VAL D 75 13.52 10.18 9.75
C VAL D 75 12.97 9.23 10.81
N THR D 76 13.28 7.94 10.66
CA THR D 76 12.85 6.92 11.62
C THR D 76 14.00 6.43 12.48
N ASN D 77 15.21 6.34 11.94
CA ASN D 77 16.39 5.89 12.67
C ASN D 77 17.39 7.05 12.71
N TRP D 78 17.49 7.70 13.87
CA TRP D 78 18.40 8.83 14.02
C TRP D 78 19.87 8.39 14.11
N ASP D 79 20.13 7.18 14.60
CA ASP D 79 21.52 6.71 14.67
C ASP D 79 22.13 6.58 13.28
N ASP D 80 21.36 6.09 12.31
CA ASP D 80 21.85 6.03 10.93
C ASP D 80 21.87 7.41 10.28
N MET D 81 20.97 8.31 10.70
CA MET D 81 20.98 9.65 10.16
C MET D 81 22.23 10.41 10.57
N GLU D 82 22.69 10.20 11.81
CA GLU D 82 23.95 10.80 12.23
C GLU D 82 25.12 10.29 11.40
N LYS D 83 25.13 8.99 11.10
CA LYS D 83 26.16 8.43 10.24
C LYS D 83 26.11 9.05 8.84
N ILE D 84 24.91 9.21 8.30
CA ILE D 84 24.76 9.77 6.96
C ILE D 84 25.25 11.22 6.95
N TRP D 85 24.91 12.00 7.97
CA TRP D 85 25.35 13.39 8.02
C TRP D 85 26.86 13.49 8.21
N HIS D 86 27.44 12.57 9.00
CA HIS D 86 28.90 12.54 9.15
C HIS D 86 29.57 12.22 7.83
N HIS D 87 29.05 11.23 7.10
CA HIS D 87 29.59 10.92 5.78
C HIS D 87 29.42 12.08 4.82
N THR D 88 28.31 12.82 4.94
CA THR D 88 28.09 13.98 4.10
C THR D 88 29.11 15.06 4.35
N PHE D 89 29.34 15.39 5.62
CA PHE D 89 30.24 16.50 5.95
C PHE D 89 31.69 16.15 5.70
N TYR D 90 32.12 14.95 6.09
CA TYR D 90 33.55 14.64 6.09
C TYR D 90 34.00 13.97 4.80
N ASN D 91 33.19 13.07 4.24
CA ASN D 91 33.62 12.31 3.08
C ASN D 91 33.15 12.91 1.76
N GLU D 92 31.96 13.51 1.73
CA GLU D 92 31.41 14.06 0.49
C GLU D 92 31.77 15.54 0.32
N LEU D 93 31.34 16.38 1.26
CA LEU D 93 31.68 17.79 1.20
C LEU D 93 33.13 18.07 1.59
N ARG D 94 33.73 17.18 2.39
CA ARG D 94 35.12 17.31 2.81
C ARG D 94 35.37 18.60 3.58
N VAL D 95 34.41 18.98 4.42
CA VAL D 95 34.53 20.16 5.26
C VAL D 95 34.23 19.78 6.71
N ALA D 96 34.71 20.61 7.63
CA ALA D 96 34.40 20.45 9.04
C ALA D 96 33.09 21.16 9.35
N PRO D 97 32.07 20.46 9.84
CA PRO D 97 30.78 21.13 10.10
C PRO D 97 30.85 22.21 11.16
N GLU D 98 31.89 22.21 12.00
CA GLU D 98 32.01 23.20 13.06
C GLU D 98 32.39 24.58 12.54
N GLU D 99 32.72 24.71 11.26
CA GLU D 99 33.14 25.99 10.69
C GLU D 99 32.17 26.57 9.68
N HIS D 100 31.18 25.81 9.22
CA HIS D 100 30.26 26.26 8.19
C HIS D 100 28.83 26.14 8.68
N PRO D 101 28.04 27.20 8.59
CA PRO D 101 26.60 27.08 8.89
C PRO D 101 25.93 26.13 7.91
N VAL D 102 24.94 25.38 8.42
CA VAL D 102 24.29 24.33 7.66
C VAL D 102 22.81 24.67 7.53
N LEU D 103 22.29 24.67 6.31
CA LEU D 103 20.87 24.82 6.04
C LEU D 103 20.31 23.45 5.69
N LEU D 104 19.28 23.03 6.42
CA LEU D 104 18.67 21.72 6.21
C LEU D 104 17.22 21.88 5.74
N THR D 105 16.77 20.90 4.97
CA THR D 105 15.40 20.87 4.46
C THR D 105 14.66 19.70 5.08
N GLU D 106 13.40 19.92 5.43
CA GLU D 106 12.56 18.91 6.04
C GLU D 106 11.34 18.65 5.17
N ALA D 107 10.86 17.42 5.21
CA ALA D 107 9.70 17.03 4.42
C ALA D 107 8.44 17.68 4.98
N PRO D 108 7.42 17.87 4.14
CA PRO D 108 6.15 18.39 4.64
C PRO D 108 5.52 17.44 5.65
N LEU D 109 4.75 18.02 6.58
CA LEU D 109 4.11 17.28 7.67
C LEU D 109 5.13 16.59 8.57
N ASN D 110 6.31 17.18 8.69
CA ASN D 110 7.33 16.64 9.58
C ASN D 110 6.93 16.91 11.03
N PRO D 111 6.98 15.91 11.91
CA PRO D 111 6.64 16.14 13.31
C PRO D 111 7.59 17.12 13.97
N LYS D 112 7.07 17.85 14.95
CA LYS D 112 7.88 18.85 15.66
C LYS D 112 9.02 18.18 16.43
N ALA D 113 8.78 16.99 16.97
CA ALA D 113 9.83 16.29 17.72
C ALA D 113 11.02 15.98 16.83
N ASN D 114 10.77 15.54 15.59
CA ASN D 114 11.87 15.29 14.66
C ASN D 114 12.64 16.57 14.35
N ARG D 115 11.93 17.69 14.21
CA ARG D 115 12.60 18.97 13.95
C ARG D 115 13.51 19.36 15.11
N GLU D 116 13.01 19.25 16.34
CA GLU D 116 13.84 19.57 17.51
C GLU D 116 15.00 18.60 17.64
N LYS D 117 14.80 17.32 17.34
CA LYS D 117 15.89 16.37 17.39
C LYS D 117 16.96 16.69 16.35
N MET D 118 16.53 17.11 15.15
CA MET D 118 17.49 17.52 14.13
C MET D 118 18.29 18.74 14.59
N THR D 119 17.63 19.72 15.18
CA THR D 119 18.34 20.89 15.68
C THR D 119 19.34 20.50 16.77
N GLN D 120 18.94 19.64 17.69
CA GLN D 120 19.83 19.21 18.76
C GLN D 120 21.02 18.44 18.23
N ILE D 121 20.79 17.56 17.25
CA ILE D 121 21.88 16.79 16.65
C ILE D 121 22.86 17.71 15.95
N MET D 122 22.35 18.69 15.20
CA MET D 122 23.23 19.62 14.50
C MET D 122 24.05 20.44 15.48
N PHE D 123 23.44 20.90 16.57
CA PHE D 123 24.14 21.81 17.47
C PHE D 123 24.99 21.10 18.52
N GLU D 124 24.80 19.80 18.73
CA GLU D 124 25.55 19.09 19.75
C GLU D 124 26.51 18.06 19.18
N THR D 125 26.07 17.24 18.22
CA THR D 125 26.93 16.22 17.64
C THR D 125 27.95 16.81 16.67
N PHE D 126 27.55 17.83 15.90
CA PHE D 126 28.42 18.40 14.89
C PHE D 126 28.94 19.79 15.23
N ASN D 127 28.36 20.45 16.25
CA ASN D 127 28.82 21.76 16.71
C ASN D 127 28.81 22.79 15.57
N THR D 128 27.77 22.76 14.75
CA THR D 128 27.65 23.73 13.67
C THR D 128 27.43 25.12 14.24
N PRO D 129 28.18 26.13 13.79
CA PRO D 129 28.01 27.48 14.34
C PRO D 129 26.62 28.06 14.13
N ALA D 130 25.97 27.72 13.00
CA ALA D 130 24.63 28.22 12.72
C ALA D 130 23.85 27.14 11.99
N MET D 131 22.52 27.24 12.06
CA MET D 131 21.66 26.19 11.54
C MET D 131 20.33 26.80 11.13
N TYR D 132 19.67 26.16 10.18
CA TYR D 132 18.37 26.61 9.69
C TYR D 132 17.62 25.45 9.09
N VAL D 133 16.28 25.52 9.16
CA VAL D 133 15.40 24.47 8.65
C VAL D 133 14.39 25.12 7.72
N ALA D 134 14.16 24.50 6.56
CA ALA D 134 13.18 24.97 5.59
C ALA D 134 12.40 23.78 5.06
N ILE D 135 11.21 24.07 4.52
CA ILE D 135 10.37 23.03 3.94
C ILE D 135 10.70 22.90 2.46
N GLN D 136 10.79 21.65 1.99
CA GLN D 136 11.16 21.41 0.59
C GLN D 136 10.12 21.96 -0.37
N ALA D 137 8.83 21.77 -0.06
CA ALA D 137 7.78 22.19 -0.98
C ALA D 137 7.75 23.70 -1.15
N VAL D 138 7.87 24.44 -0.05
CA VAL D 138 7.86 25.89 -0.17
C VAL D 138 9.11 26.38 -0.88
N LEU D 139 10.24 25.69 -0.70
CA LEU D 139 11.45 26.07 -1.43
C LEU D 139 11.27 25.87 -2.93
N SER D 140 10.67 24.75 -3.33
CA SER D 140 10.40 24.53 -4.75
C SER D 140 9.44 25.57 -5.30
N LEU D 141 8.38 25.88 -4.55
CA LEU D 141 7.42 26.87 -5.00
C LEU D 141 8.06 28.25 -5.15
N TYR D 142 8.91 28.63 -4.19
CA TYR D 142 9.62 29.90 -4.28
C TYR D 142 10.58 29.92 -5.47
N ALA D 143 11.31 28.83 -5.69
CA ALA D 143 12.19 28.74 -6.84
C ALA D 143 11.43 28.83 -8.15
N SER D 144 10.18 28.37 -8.17
CA SER D 144 9.32 28.53 -9.34
C SER D 144 8.77 29.95 -9.47
N GLY D 145 9.17 30.87 -8.58
CA GLY D 145 8.69 32.23 -8.64
C GLY D 145 7.27 32.42 -8.18
N ARG D 146 6.75 31.51 -7.36
CA ARG D 146 5.36 31.56 -6.93
C ARG D 146 5.28 31.47 -5.41
N THR D 147 4.17 31.98 -4.88
CA THR D 147 3.85 31.85 -3.46
C THR D 147 2.58 31.06 -3.22
N THR D 148 1.67 31.02 -4.18
CA THR D 148 0.43 30.26 -4.09
C THR D 148 0.39 29.23 -5.21
N GLY D 149 0.17 27.98 -4.85
CA GLY D 149 0.12 26.91 -5.82
C GLY D 149 0.30 25.57 -5.13
N ILE D 150 0.21 24.52 -5.93
CA ILE D 150 0.33 23.15 -5.44
C ILE D 150 1.62 22.55 -6.00
N VAL D 151 2.45 22.02 -5.10
CA VAL D 151 3.73 21.43 -5.46
C VAL D 151 3.57 19.91 -5.43
N MET D 152 3.90 19.26 -6.53
CA MET D 152 3.88 17.80 -6.64
C MET D 152 5.32 17.32 -6.64
N ASP D 153 5.86 17.13 -5.43
CA ASP D 153 7.27 16.74 -5.26
C ASP D 153 7.33 15.22 -5.24
N SER D 154 7.77 14.63 -6.35
CA SER D 154 7.90 13.18 -6.47
C SER D 154 9.37 12.83 -6.38
N GLY D 155 9.78 12.19 -5.29
CA GLY D 155 11.17 11.87 -5.06
C GLY D 155 11.53 10.43 -5.28
N ASP D 156 12.39 9.88 -4.43
CA ASP D 156 12.84 8.50 -4.58
C ASP D 156 11.93 7.51 -3.86
N GLY D 157 11.47 7.86 -2.66
CA GLY D 157 10.66 6.94 -1.88
C GLY D 157 9.29 7.46 -1.51
N VAL D 158 9.03 8.74 -1.73
CA VAL D 158 7.76 9.34 -1.33
C VAL D 158 7.39 10.43 -2.34
N THR D 159 6.09 10.58 -2.56
CA THR D 159 5.53 11.65 -3.36
C THR D 159 4.62 12.50 -2.49
N HIS D 160 4.81 13.81 -2.53
CA HIS D 160 4.07 14.73 -1.68
C HIS D 160 3.35 15.75 -2.54
N THR D 161 2.03 15.85 -2.38
CA THR D 161 1.24 16.90 -3.00
C THR D 161 0.92 17.92 -1.91
N VAL D 162 1.53 19.09 -2.00
CA VAL D 162 1.44 20.13 -0.98
C VAL D 162 0.77 21.36 -1.57
N PRO D 163 -0.48 21.66 -1.21
CA PRO D 163 -1.09 22.94 -1.61
C PRO D 163 -0.70 24.04 -0.64
N ILE D 164 -0.10 25.11 -1.16
CA ILE D 164 0.39 26.22 -0.37
C ILE D 164 -0.34 27.48 -0.80
N TYR D 165 -0.89 28.21 0.16
CA TYR D 165 -1.64 29.43 -0.13
C TYR D 165 -0.97 30.58 0.61
N GLU D 166 -0.42 31.53 -0.16
CA GLU D 166 0.29 32.68 0.39
C GLU D 166 1.41 32.26 1.33
N GLY D 167 2.17 31.25 0.92
CA GLY D 167 3.33 30.81 1.68
C GLY D 167 3.04 29.87 2.82
N TYR D 168 1.78 29.52 3.06
CA TYR D 168 1.41 28.61 4.14
C TYR D 168 0.88 27.31 3.53
N ALA D 169 1.61 26.22 3.74
CA ALA D 169 1.12 24.92 3.35
C ALA D 169 -0.07 24.53 4.21
N LEU D 170 -1.10 23.97 3.56
CA LEU D 170 -2.31 23.58 4.27
C LEU D 170 -2.15 22.15 4.77
N PRO D 171 -1.95 21.95 6.08
CA PRO D 171 -1.73 20.58 6.56
C PRO D 171 -2.90 19.64 6.35
N HIS D 172 -4.12 20.17 6.27
CA HIS D 172 -5.29 19.32 6.11
C HIS D 172 -5.46 18.81 4.68
N ALA D 173 -4.69 19.33 3.73
CA ALA D 173 -4.82 18.94 2.34
C ALA D 173 -3.53 18.39 1.74
N ILE D 174 -2.46 18.28 2.53
CA ILE D 174 -1.22 17.69 2.03
C ILE D 174 -1.41 16.18 1.94
N LEU D 175 -1.13 15.62 0.77
CA LEU D 175 -1.30 14.18 0.54
C LEU D 175 0.04 13.51 0.34
N ARG D 176 0.20 12.34 0.92
CA ARG D 176 1.42 11.56 0.89
C ARG D 176 1.16 10.23 0.18
N LEU D 177 1.99 9.92 -0.82
CA LEU D 177 1.84 8.73 -1.63
C LEU D 177 3.14 7.95 -1.61
N ASP D 178 3.05 6.65 -1.36
CA ASP D 178 4.25 5.81 -1.28
C ASP D 178 4.81 5.46 -2.66
N LEU D 179 4.28 6.04 -3.72
CA LEU D 179 4.76 5.76 -5.07
C LEU D 179 5.82 6.78 -5.48
N ALA D 180 6.99 6.29 -5.87
CA ALA D 180 8.10 7.17 -6.22
C ALA D 180 9.06 6.41 -7.13
N GLY D 181 10.27 6.96 -7.30
CA GLY D 181 11.20 6.41 -8.28
C GLY D 181 11.76 5.05 -7.90
N ARG D 182 11.82 4.74 -6.60
CA ARG D 182 12.30 3.43 -6.18
C ARG D 182 11.38 2.32 -6.69
N ASP D 183 10.06 2.51 -6.56
CA ASP D 183 9.12 1.53 -7.07
C ASP D 183 9.16 1.45 -8.59
N LEU D 184 9.39 2.58 -9.26
CA LEU D 184 9.54 2.56 -10.71
C LEU D 184 10.77 1.76 -11.13
N THR D 185 11.88 1.92 -10.43
CA THR D 185 13.07 1.14 -10.72
C THR D 185 12.84 -0.35 -10.49
N ASP D 186 12.17 -0.69 -9.39
CA ASP D 186 11.85 -2.09 -9.13
C ASP D 186 10.93 -2.65 -10.21
N TYR D 187 9.95 -1.87 -10.66
CA TYR D 187 9.05 -2.32 -11.71
C TYR D 187 9.79 -2.51 -13.03
N LEU D 188 10.73 -1.61 -13.34
CA LEU D 188 11.52 -1.77 -14.54
C LEU D 188 12.38 -3.03 -14.46
N MET D 189 12.94 -3.32 -13.29
CA MET D 189 13.67 -4.57 -13.10
C MET D 189 12.76 -5.76 -13.33
N LYS D 190 11.53 -5.69 -12.82
CA LYS D 190 10.59 -6.80 -12.97
C LYS D 190 10.20 -7.02 -14.43
N ILE D 191 9.93 -5.93 -15.16
CA ILE D 191 9.44 -6.07 -16.54
C ILE D 191 10.57 -6.28 -17.54
N LEU D 192 11.82 -5.97 -17.17
CA LEU D 192 12.93 -6.23 -18.07
C LEU D 192 13.28 -7.72 -18.13
N THR D 193 12.80 -8.52 -17.17
CA THR D 193 13.03 -9.96 -17.23
C THR D 193 12.14 -10.65 -18.24
N GLU D 194 11.06 -10.00 -18.68
CA GLU D 194 10.21 -10.58 -19.71
C GLU D 194 10.96 -10.73 -21.03
N ARG D 195 11.81 -9.76 -21.36
CA ARG D 195 12.61 -9.82 -22.58
C ARG D 195 13.77 -10.80 -22.47
N GLY D 196 14.04 -11.33 -21.28
CA GLY D 196 15.15 -12.24 -21.08
C GLY D 196 16.36 -11.65 -20.38
N TYR D 197 16.28 -10.42 -19.91
CA TYR D 197 17.39 -9.77 -19.22
C TYR D 197 17.21 -9.95 -17.71
N SER D 198 18.19 -10.58 -17.07
CA SER D 198 18.10 -10.88 -15.64
C SER D 198 18.83 -9.78 -14.87
N PHE D 199 18.06 -8.96 -14.15
CA PHE D 199 18.61 -7.90 -13.31
C PHE D 199 18.14 -8.15 -11.88
N THR D 200 19.00 -8.74 -11.07
CA THR D 200 18.63 -9.07 -9.70
C THR D 200 19.56 -8.45 -8.66
N THR D 201 20.85 -8.37 -8.94
CA THR D 201 21.81 -7.86 -7.98
C THR D 201 21.71 -6.33 -7.89
N THR D 202 22.31 -5.79 -6.83
CA THR D 202 22.32 -4.34 -6.65
C THR D 202 23.11 -3.64 -7.75
N ALA D 203 24.22 -4.25 -8.18
CA ALA D 203 24.98 -3.70 -9.29
C ALA D 203 24.12 -3.62 -10.56
N GLU D 204 23.29 -4.64 -10.79
CA GLU D 204 22.34 -4.58 -11.88
C GLU D 204 21.19 -3.61 -11.59
N ARG D 205 20.86 -3.41 -10.31
CA ARG D 205 19.83 -2.44 -9.97
C ARG D 205 20.24 -1.03 -10.34
N GLU D 206 21.51 -0.68 -10.11
CA GLU D 206 22.01 0.62 -10.56
C GLU D 206 21.97 0.76 -12.07
N ILE D 207 22.29 -0.31 -12.80
CA ILE D 207 22.20 -0.28 -14.25
C ILE D 207 20.76 -0.03 -14.70
N VAL D 208 19.81 -0.71 -14.06
CA VAL D 208 18.40 -0.51 -14.41
C VAL D 208 17.96 0.91 -14.06
N ARG D 209 18.49 1.46 -12.97
CA ARG D 209 18.20 2.85 -12.63
C ARG D 209 18.71 3.80 -13.71
N ASP D 210 19.92 3.54 -14.22
CA ASP D 210 20.46 4.36 -15.30
C ASP D 210 19.61 4.23 -16.56
N ILE D 211 19.17 3.01 -16.87
CA ILE D 211 18.29 2.81 -18.03
C ILE D 211 17.00 3.59 -17.87
N LYS D 212 16.42 3.56 -16.67
CA LYS D 212 15.21 4.32 -16.40
C LYS D 212 15.43 5.82 -16.57
N GLU D 213 16.55 6.32 -16.07
CA GLU D 213 16.85 7.74 -16.18
C GLU D 213 17.17 8.18 -17.60
N LYS D 214 17.64 7.28 -18.46
CA LYS D 214 18.08 7.68 -19.78
C LYS D 214 17.10 7.36 -20.91
N LEU D 215 16.27 6.33 -20.78
CA LEU D 215 15.45 5.89 -21.90
C LEU D 215 13.96 5.90 -21.64
N CYS D 216 13.51 6.14 -20.41
CA CYS D 216 12.09 6.08 -20.08
C CYS D 216 11.42 7.42 -20.32
N TYR D 217 10.17 7.36 -20.77
CA TYR D 217 9.38 8.56 -21.03
C TYR D 217 7.91 8.24 -20.80
N VAL D 218 7.12 9.29 -20.57
CA VAL D 218 5.70 9.14 -20.30
C VAL D 218 4.92 9.34 -21.59
N ALA D 219 4.07 8.38 -21.92
CA ALA D 219 3.25 8.44 -23.12
C ALA D 219 1.99 9.23 -22.84
N LEU D 220 1.62 10.13 -23.78
CA LEU D 220 0.41 10.91 -23.62
C LEU D 220 -0.83 10.02 -23.62
N ASP D 221 -0.87 9.03 -24.51
CA ASP D 221 -1.94 8.04 -24.57
C ASP D 221 -1.29 6.66 -24.47
N PHE D 222 -1.55 5.95 -23.37
CA PHE D 222 -0.85 4.70 -23.11
C PHE D 222 -1.26 3.62 -24.10
N GLU D 223 -2.56 3.51 -24.39
CA GLU D 223 -3.03 2.42 -25.26
C GLU D 223 -2.55 2.62 -26.70
N GLN D 224 -2.64 3.84 -27.21
CA GLN D 224 -2.18 4.09 -28.58
C GLN D 224 -0.68 3.87 -28.69
N GLU D 225 0.08 4.29 -27.67
CA GLU D 225 1.52 4.06 -27.68
C GLU D 225 1.84 2.57 -27.63
N MET D 226 1.09 1.81 -26.83
CA MET D 226 1.30 0.37 -26.79
C MET D 226 1.00 -0.28 -28.14
N ALA D 227 -0.07 0.15 -28.80
CA ALA D 227 -0.38 -0.37 -30.12
C ALA D 227 0.71 -0.03 -31.13
N THR D 228 1.22 1.20 -31.07
CA THR D 228 2.30 1.61 -31.97
C THR D 228 3.56 0.78 -31.72
N ALA D 229 3.90 0.56 -30.44
CA ALA D 229 5.07 -0.24 -30.12
C ALA D 229 4.91 -1.68 -30.59
N ALA D 230 3.72 -2.24 -30.46
CA ALA D 230 3.46 -3.60 -30.92
C ALA D 230 3.37 -3.71 -32.43
N SER D 231 3.10 -2.61 -33.14
CA SER D 231 2.95 -2.64 -34.58
C SER D 231 4.17 -2.13 -35.33
N SER D 232 5.26 -1.83 -34.65
CA SER D 232 6.46 -1.30 -35.31
C SER D 232 7.65 -1.48 -34.37
N SER D 233 8.78 -0.89 -34.74
CA SER D 233 10.00 -0.94 -33.93
C SER D 233 10.65 0.44 -33.81
N SER D 234 9.89 1.51 -34.02
CA SER D 234 10.45 2.85 -33.93
C SER D 234 10.72 3.26 -32.49
N LEU D 235 10.00 2.69 -31.53
CA LEU D 235 10.19 3.04 -30.13
C LEU D 235 11.31 2.27 -29.45
N GLU D 236 11.88 1.26 -30.12
CA GLU D 236 12.95 0.48 -29.51
C GLU D 236 14.23 1.30 -29.42
N LYS D 237 14.95 1.12 -28.31
CA LYS D 237 16.21 1.82 -28.08
C LYS D 237 17.25 0.83 -27.55
N SER D 238 18.51 1.14 -27.81
CA SER D 238 19.63 0.28 -27.43
C SER D 238 20.42 0.93 -26.30
N TYR D 239 20.75 0.14 -25.29
CA TYR D 239 21.54 0.59 -24.15
C TYR D 239 22.74 -0.33 -23.98
N GLU D 240 23.90 0.27 -23.72
CA GLU D 240 25.15 -0.48 -23.59
C GLU D 240 25.44 -0.71 -22.12
N LEU D 241 25.59 -1.97 -21.73
CA LEU D 241 25.92 -2.33 -20.36
C LEU D 241 27.37 -1.95 -20.05
N PRO D 242 27.70 -1.84 -18.77
CA PRO D 242 29.10 -1.50 -18.41
C PRO D 242 30.12 -2.51 -18.92
N ASP D 243 29.74 -3.76 -19.11
CA ASP D 243 30.66 -4.79 -19.58
C ASP D 243 30.70 -4.91 -21.09
N GLY D 244 29.98 -4.05 -21.81
CA GLY D 244 30.06 -3.97 -23.25
C GLY D 244 28.88 -4.57 -24.00
N GLN D 245 28.06 -5.38 -23.34
CA GLN D 245 26.90 -5.97 -24.00
C GLN D 245 25.84 -4.91 -24.27
N VAL D 246 25.12 -5.07 -25.37
CA VAL D 246 24.09 -4.12 -25.80
C VAL D 246 22.74 -4.82 -25.67
N ILE D 247 21.82 -4.18 -24.95
CA ILE D 247 20.47 -4.69 -24.77
C ILE D 247 19.51 -3.75 -25.48
N THR D 248 18.35 -4.29 -25.86
CA THR D 248 17.31 -3.52 -26.53
C THR D 248 16.07 -3.46 -25.65
N ILE D 249 15.39 -2.32 -25.69
CA ILE D 249 14.19 -2.09 -24.88
C ILE D 249 13.12 -1.50 -25.78
N GLY D 250 11.88 -1.93 -25.57
CA GLY D 250 10.78 -1.50 -26.42
C GLY D 250 9.72 -0.70 -25.69
N ASN D 251 8.55 -1.31 -25.49
CA ASN D 251 7.45 -0.64 -24.80
C ASN D 251 7.77 -0.35 -23.34
N GLU D 252 8.70 -1.09 -22.73
CA GLU D 252 9.09 -0.84 -21.34
C GLU D 252 9.59 0.57 -21.11
N ARG D 253 9.86 1.33 -22.17
CA ARG D 253 10.23 2.74 -21.99
C ARG D 253 9.10 3.52 -21.37
N PHE D 254 7.86 3.27 -21.78
CA PHE D 254 6.72 4.00 -21.25
C PHE D 254 5.86 3.18 -20.30
N ARG D 255 6.11 1.87 -20.18
CA ARG D 255 5.37 1.08 -19.20
C ARG D 255 5.88 1.32 -17.79
N CYS D 256 7.18 1.55 -17.63
CA CYS D 256 7.73 1.80 -16.29
C CYS D 256 7.20 3.08 -15.67
N PRO D 257 7.22 4.24 -16.32
CA PRO D 257 6.66 5.44 -15.68
C PRO D 257 5.14 5.45 -15.64
N GLU D 258 4.47 4.63 -16.45
CA GLU D 258 3.02 4.59 -16.44
C GLU D 258 2.48 4.17 -15.08
N ALA D 259 3.26 3.43 -14.29
CA ALA D 259 2.84 3.08 -12.94
C ALA D 259 2.58 4.30 -12.08
N LEU D 260 3.16 5.45 -12.44
CA LEU D 260 2.84 6.69 -11.73
C LEU D 260 1.37 7.04 -11.88
N PHE D 261 0.82 6.86 -13.06
CA PHE D 261 -0.58 7.18 -13.31
C PHE D 261 -1.51 5.99 -13.11
N GLN D 262 -0.98 4.78 -13.16
CA GLN D 262 -1.76 3.56 -12.92
C GLN D 262 -1.00 2.71 -11.90
N PRO D 263 -1.13 3.02 -10.61
CA PRO D 263 -0.42 2.23 -9.59
C PRO D 263 -0.88 0.78 -9.53
N SER D 264 -2.01 0.43 -10.13
CA SER D 264 -2.45 -0.96 -10.16
C SER D 264 -1.47 -1.86 -10.89
N PHE D 265 -0.57 -1.28 -11.70
CA PHE D 265 0.48 -2.09 -12.31
C PHE D 265 1.38 -2.72 -11.25
N LEU D 266 1.57 -2.05 -10.12
CA LEU D 266 2.38 -2.59 -9.03
C LEU D 266 1.53 -3.22 -7.93
N GLY D 267 0.23 -3.37 -8.15
CA GLY D 267 -0.64 -3.96 -7.16
C GLY D 267 -1.01 -3.06 -6.01
N MET D 268 -0.78 -1.76 -6.12
CA MET D 268 -1.08 -0.84 -5.04
C MET D 268 -2.51 -0.31 -5.14
N GLU D 269 -3.10 -0.05 -3.98
CA GLU D 269 -4.46 0.49 -3.88
C GLU D 269 -4.54 1.95 -4.25
N SER D 270 -3.52 2.74 -3.89
CA SER D 270 -3.60 4.18 -4.00
C SER D 270 -3.69 4.62 -5.45
N ALA D 271 -4.28 5.79 -5.66
CA ALA D 271 -4.49 6.34 -6.99
C ALA D 271 -3.20 6.93 -7.54
N GLY D 272 -3.25 7.38 -8.78
CA GLY D 272 -2.09 7.93 -9.44
C GLY D 272 -1.75 9.32 -8.94
N ILE D 273 -0.66 9.86 -9.49
CA ILE D 273 -0.21 11.19 -9.08
C ILE D 273 -1.20 12.25 -9.53
N HIS D 274 -1.80 12.10 -10.72
CA HIS D 274 -2.81 13.06 -11.16
C HIS D 274 -4.03 13.03 -10.26
N GLU D 275 -4.51 11.83 -9.90
CA GLU D 275 -5.65 11.72 -9.02
C GLU D 275 -5.33 12.20 -7.61
N THR D 276 -4.12 11.93 -7.11
CA THR D 276 -3.72 12.44 -5.81
C THR D 276 -3.68 13.95 -5.81
N THR D 277 -3.15 14.55 -6.88
CA THR D 277 -3.13 16.00 -6.99
C THR D 277 -4.55 16.56 -7.02
N PHE D 278 -5.44 15.93 -7.78
CA PHE D 278 -6.83 16.38 -7.84
C PHE D 278 -7.50 16.27 -6.47
N ASN D 279 -7.26 15.17 -5.76
CA ASN D 279 -7.87 14.99 -4.44
C ASN D 279 -7.34 16.03 -3.45
N SER D 280 -6.04 16.31 -3.49
CA SER D 280 -5.48 17.32 -2.60
C SER D 280 -6.02 18.71 -2.92
N ILE D 281 -6.21 19.01 -4.22
CA ILE D 281 -6.78 20.29 -4.60
C ILE D 281 -8.23 20.40 -4.11
N MET D 282 -9.01 19.33 -4.28
CA MET D 282 -10.41 19.34 -3.88
C MET D 282 -10.62 19.35 -2.37
N LYS D 283 -9.56 19.12 -1.59
CA LYS D 283 -9.67 19.17 -0.15
C LYS D 283 -9.48 20.58 0.41
N CYS D 284 -9.23 21.56 -0.45
CA CYS D 284 -9.03 22.94 -0.04
C CYS D 284 -10.31 23.74 -0.23
N ASP D 285 -10.25 25.02 0.13
CA ASP D 285 -11.39 25.90 -0.02
C ASP D 285 -11.68 26.15 -1.50
N VAL D 286 -12.97 26.39 -1.79
CA VAL D 286 -13.38 26.59 -3.18
C VAL D 286 -12.77 27.86 -3.76
N ASP D 287 -12.60 28.89 -2.93
CA ASP D 287 -12.06 30.15 -3.43
C ASP D 287 -10.62 30.01 -3.92
N ILE D 288 -9.86 29.07 -3.36
CA ILE D 288 -8.46 28.91 -3.70
C ILE D 288 -8.21 27.77 -4.67
N ARG D 289 -9.24 26.97 -4.99
CA ARG D 289 -9.04 25.88 -5.94
C ARG D 289 -8.69 26.39 -7.32
N LYS D 290 -9.27 27.53 -7.74
CA LYS D 290 -8.92 28.09 -9.04
C LYS D 290 -7.45 28.47 -9.11
N ASP D 291 -6.93 29.09 -8.04
CA ASP D 291 -5.52 29.46 -8.01
C ASP D 291 -4.62 28.22 -7.93
N LEU D 292 -5.05 27.18 -7.22
CA LEU D 292 -4.24 25.97 -7.12
C LEU D 292 -4.20 25.23 -8.46
N TYR D 293 -5.32 25.22 -9.20
CA TYR D 293 -5.37 24.50 -10.47
C TYR D 293 -4.41 25.10 -11.49
N ALA D 294 -4.29 26.42 -11.51
CA ALA D 294 -3.47 27.11 -12.50
C ALA D 294 -2.02 27.29 -12.06
N ASN D 295 -1.63 26.76 -10.92
CA ASN D 295 -0.27 26.91 -10.39
C ASN D 295 0.25 25.56 -9.89
N THR D 296 0.09 24.53 -10.69
CA THR D 296 0.58 23.19 -10.34
C THR D 296 2.05 23.10 -10.72
N VAL D 297 2.93 23.05 -9.72
CA VAL D 297 4.37 23.03 -9.93
C VAL D 297 4.88 21.62 -9.67
N LEU D 298 5.68 21.11 -10.60
CA LEU D 298 6.29 19.79 -10.48
C LEU D 298 7.72 19.94 -9.97
N SER D 299 8.12 19.02 -9.11
CA SER D 299 9.48 19.02 -8.58
C SER D 299 9.86 17.59 -8.20
N GLY D 300 11.15 17.38 -8.04
CA GLY D 300 11.68 16.07 -7.71
C GLY D 300 12.26 15.37 -8.92
N GLY D 301 13.10 14.37 -8.65
CA GLY D 301 13.75 13.65 -9.73
C GLY D 301 12.79 12.84 -10.57
N THR D 302 11.77 12.25 -9.93
CA THR D 302 10.81 11.42 -10.65
C THR D 302 10.02 12.19 -11.70
N THR D 303 9.78 13.48 -11.49
CA THR D 303 9.02 14.30 -12.41
C THR D 303 9.85 14.77 -13.61
N MET D 304 10.99 14.13 -13.88
CA MET D 304 11.87 14.53 -14.97
C MET D 304 11.64 13.72 -16.24
N TYR D 305 10.67 12.81 -16.25
CA TYR D 305 10.40 12.06 -17.47
C TYR D 305 9.88 13.00 -18.55
N PRO D 306 10.40 12.92 -19.77
CA PRO D 306 9.85 13.76 -20.85
C PRO D 306 8.39 13.44 -21.10
N GLY D 307 7.60 14.49 -21.35
CA GLY D 307 6.19 14.33 -21.61
C GLY D 307 5.33 14.13 -20.38
N ILE D 308 5.89 14.20 -19.18
CA ILE D 308 5.07 14.03 -17.98
C ILE D 308 4.14 15.23 -17.77
N ALA D 309 4.59 16.44 -18.13
CA ALA D 309 3.77 17.62 -17.92
C ALA D 309 2.49 17.58 -18.77
N ASP D 310 2.62 17.17 -20.04
CA ASP D 310 1.45 17.10 -20.90
C ASP D 310 0.46 16.04 -20.42
N ARG D 311 0.96 14.87 -20.01
CA ARG D 311 0.08 13.83 -19.50
C ARG D 311 -0.62 14.28 -18.22
N MET D 312 0.12 14.93 -17.32
CA MET D 312 -0.49 15.44 -16.09
C MET D 312 -1.56 16.47 -16.41
N GLN D 313 -1.28 17.38 -17.35
CA GLN D 313 -2.26 18.38 -17.73
C GLN D 313 -3.51 17.74 -18.31
N LYS D 314 -3.34 16.76 -19.19
CA LYS D 314 -4.50 16.10 -19.80
C LYS D 314 -5.33 15.36 -18.74
N GLU D 315 -4.67 14.63 -17.84
CA GLU D 315 -5.42 13.87 -16.84
C GLU D 315 -6.13 14.80 -15.86
N ILE D 316 -5.48 15.88 -15.42
CA ILE D 316 -6.14 16.80 -14.51
C ILE D 316 -7.29 17.51 -15.20
N THR D 317 -7.10 17.90 -16.46
CA THR D 317 -8.19 18.54 -17.21
C THR D 317 -9.38 17.60 -17.34
N ALA D 318 -9.11 16.30 -17.54
CA ALA D 318 -10.19 15.33 -17.54
C ALA D 318 -10.87 15.27 -16.18
N LEU D 319 -10.09 15.30 -15.10
CA LEU D 319 -10.68 15.23 -13.76
C LEU D 319 -11.34 16.55 -13.37
N ALA D 320 -10.69 17.67 -13.67
CA ALA D 320 -11.18 18.97 -13.23
C ALA D 320 -12.40 19.40 -14.03
N PRO D 321 -13.21 20.31 -13.50
CA PRO D 321 -14.34 20.85 -14.26
C PRO D 321 -13.85 21.58 -15.50
N SER D 322 -14.71 21.57 -16.53
CA SER D 322 -14.32 22.13 -17.83
C SER D 322 -14.03 23.62 -17.76
N THR D 323 -14.83 24.37 -16.99
CA THR D 323 -14.67 25.81 -16.92
C THR D 323 -13.32 26.23 -16.32
N MET D 324 -12.72 25.38 -15.50
CA MET D 324 -11.47 25.70 -14.85
C MET D 324 -10.30 25.63 -15.83
N LYS D 325 -9.25 26.39 -15.54
CA LYS D 325 -8.04 26.42 -16.36
C LYS D 325 -6.96 25.64 -15.64
N ILE D 326 -6.29 24.74 -16.37
CA ILE D 326 -5.25 23.87 -15.82
C ILE D 326 -3.92 24.28 -16.44
N LYS D 327 -2.95 24.57 -15.59
CA LYS D 327 -1.60 24.93 -16.02
C LYS D 327 -0.61 24.18 -15.15
N ILE D 328 0.24 23.37 -15.77
CA ILE D 328 1.24 22.57 -15.08
C ILE D 328 2.60 23.20 -15.31
N ILE D 329 3.31 23.50 -14.23
CA ILE D 329 4.62 24.14 -14.29
C ILE D 329 5.68 23.06 -14.17
N ALA D 330 6.56 22.99 -15.17
CA ALA D 330 7.67 22.04 -15.19
C ALA D 330 8.95 22.80 -15.50
N PRO D 331 9.52 23.48 -14.51
CA PRO D 331 10.76 24.21 -14.76
C PRO D 331 11.87 23.25 -15.09
N PRO D 332 12.83 23.68 -15.92
CA PRO D 332 13.94 22.79 -16.30
C PRO D 332 14.84 22.41 -15.14
N GLU D 333 14.82 23.17 -14.05
CA GLU D 333 15.68 22.92 -12.90
C GLU D 333 14.95 22.20 -11.78
N ARG D 334 13.75 21.68 -12.05
CA ARG D 334 12.90 21.13 -11.00
C ARG D 334 13.48 19.89 -10.33
N LYS D 335 14.51 19.26 -10.90
CA LYS D 335 15.09 18.09 -10.26
C LYS D 335 15.73 18.46 -8.92
N TYR D 336 16.45 19.57 -8.87
CA TYR D 336 17.13 20.02 -7.65
C TYR D 336 16.55 21.35 -7.19
N SER D 337 15.30 21.64 -7.57
CA SER D 337 14.68 22.91 -7.22
C SER D 337 14.62 23.11 -5.71
N VAL D 338 14.49 22.03 -4.95
CA VAL D 338 14.54 22.14 -3.48
C VAL D 338 15.90 22.65 -3.04
N TRP D 339 16.96 22.05 -3.57
CA TRP D 339 18.31 22.45 -3.17
C TRP D 339 18.66 23.83 -3.72
N ILE D 340 18.44 24.05 -5.02
CA ILE D 340 18.90 25.27 -5.67
C ILE D 340 18.34 26.49 -4.96
N GLY D 341 17.02 26.51 -4.72
CA GLY D 341 16.43 27.62 -3.99
C GLY D 341 17.08 27.83 -2.65
N GLY D 342 17.27 26.74 -1.89
CA GLY D 342 18.00 26.85 -0.64
C GLY D 342 19.38 27.45 -0.83
N SER D 343 20.10 26.99 -1.86
CA SER D 343 21.42 27.53 -2.13
C SER D 343 21.35 29.02 -2.42
N ILE D 344 20.26 29.48 -3.03
CA ILE D 344 20.08 30.91 -3.20
C ILE D 344 19.80 31.56 -1.84
N LEU D 345 18.88 30.96 -1.07
CA LEU D 345 18.42 31.60 0.17
C LEU D 345 19.57 31.74 1.16
N ALA D 346 20.42 30.72 1.27
CA ALA D 346 21.55 30.78 2.18
C ALA D 346 22.68 31.66 1.64
N SER D 347 22.64 32.01 0.36
CA SER D 347 23.70 32.84 -0.22
C SER D 347 23.43 34.32 -0.11
N LEU D 348 22.23 34.72 0.30
CA LEU D 348 21.88 36.13 0.38
C LEU D 348 22.58 36.80 1.55
N SER D 349 22.97 38.06 1.38
CA SER D 349 23.59 38.81 2.45
C SER D 349 22.61 39.12 3.58
N THR D 350 21.32 39.21 3.29
CA THR D 350 20.32 39.49 4.31
C THR D 350 19.94 38.25 5.12
N PHE D 351 20.30 37.06 4.64
CA PHE D 351 19.99 35.84 5.36
C PHE D 351 20.92 35.59 6.54
N GLN D 352 22.01 36.35 6.65
CA GLN D 352 22.97 36.14 7.73
C GLN D 352 22.31 36.31 9.09
N GLN D 353 21.30 37.16 9.19
CA GLN D 353 20.59 37.39 10.44
C GLN D 353 19.50 36.36 10.70
N MET D 354 19.15 35.54 9.71
CA MET D 354 18.11 34.53 9.89
C MET D 354 18.65 33.21 10.41
N TRP D 355 19.96 33.07 10.54
CA TRP D 355 20.54 31.83 11.06
C TRP D 355 20.25 31.68 12.54
N ILE D 356 20.13 30.44 12.99
CA ILE D 356 20.01 30.12 14.41
C ILE D 356 21.42 29.98 14.95
N SER D 357 21.88 30.98 15.69
CA SER D 357 23.22 30.93 16.26
C SER D 357 23.27 29.90 17.39
N LYS D 358 24.48 29.37 17.62
CA LYS D 358 24.66 28.40 18.70
C LYS D 358 24.40 29.04 20.06
N GLN D 359 24.70 30.34 20.20
CA GLN D 359 24.40 31.03 21.45
C GLN D 359 22.90 31.05 21.73
N GLU D 360 22.10 31.26 20.68
CA GLU D 360 20.65 31.18 20.85
C GLU D 360 20.19 29.77 21.16
N TYR D 361 20.87 28.77 20.58
CA TYR D 361 20.50 27.39 20.87
C TYR D 361 20.72 27.06 22.34
N ASP D 362 21.93 27.29 22.84
CA ASP D 362 22.15 27.06 24.27
C ASP D 362 21.75 28.29 25.08
N GLU D 363 20.60 28.84 24.70
CA GLU D 363 19.83 29.77 25.50
C GLU D 363 18.34 29.50 25.44
N SER D 364 17.85 28.86 24.38
CA SER D 364 16.42 28.58 24.22
C SER D 364 16.09 27.12 23.99
N GLY D 365 17.08 26.22 23.97
CA GLY D 365 16.80 24.82 23.77
C GLY D 365 16.50 24.50 22.32
N PRO D 366 16.13 23.26 22.05
CA PRO D 366 15.73 22.89 20.68
C PRO D 366 14.47 23.60 20.21
N SER D 367 13.69 24.18 21.12
CA SER D 367 12.45 24.85 20.75
C SER D 367 12.67 26.15 19.98
N ILE D 368 13.91 26.64 19.90
CA ILE D 368 14.20 27.86 19.15
C ILE D 368 13.93 27.67 17.66
N VAL D 369 13.91 26.43 17.18
CA VAL D 369 13.64 26.18 15.77
C VAL D 369 12.22 26.56 15.41
N HIS D 370 11.29 26.47 16.35
CA HIS D 370 9.91 26.85 16.09
C HIS D 370 9.73 28.36 16.04
N ARG D 371 10.60 29.13 16.68
CA ARG D 371 10.47 30.58 16.73
C ARG D 371 11.28 31.25 15.62
N LYS D 372 12.55 30.86 15.46
CA LYS D 372 13.37 31.43 14.40
C LYS D 372 12.86 30.98 13.03
N CYS D 373 12.82 29.68 12.80
CA CYS D 373 12.21 29.14 11.60
C CYS D 373 10.73 28.84 11.85
N PHE D 374 9.99 28.68 10.77
CA PHE D 374 8.56 28.35 10.84
C PHE D 374 7.78 29.36 11.68
N ALA E 5 -42.13 -10.57 14.84
CA ALA E 5 -40.96 -9.81 15.25
C ALA E 5 -40.63 -8.73 14.23
N ALA E 6 -40.27 -7.55 14.71
CA ALA E 6 -39.93 -6.42 13.86
C ALA E 6 -38.42 -6.26 13.75
N LEU E 7 -38.00 -5.63 12.65
CA LEU E 7 -36.60 -5.37 12.39
C LEU E 7 -36.28 -3.91 12.70
N VAL E 8 -35.11 -3.69 13.30
CA VAL E 8 -34.61 -2.35 13.60
C VAL E 8 -33.31 -2.16 12.83
N VAL E 9 -33.27 -1.13 11.99
CA VAL E 9 -32.11 -0.81 11.18
C VAL E 9 -31.70 0.63 11.50
N ASP E 10 -30.46 0.81 11.91
CA ASP E 10 -29.87 2.12 12.19
C ASP E 10 -28.79 2.35 11.15
N ASN E 11 -29.03 3.30 10.25
CA ASN E 11 -28.09 3.60 9.17
C ASN E 11 -27.19 4.74 9.61
N GLY E 12 -25.93 4.42 9.91
CA GLY E 12 -24.96 5.41 10.31
C GLY E 12 -24.13 5.89 9.13
N SER E 13 -23.27 6.87 9.41
CA SER E 13 -22.40 7.40 8.37
C SER E 13 -21.33 6.41 7.95
N GLY E 14 -20.88 5.56 8.88
CA GLY E 14 -19.83 4.61 8.56
C GLY E 14 -20.21 3.17 8.82
N MET E 15 -21.13 2.95 9.76
CA MET E 15 -21.54 1.60 10.13
C MET E 15 -23.06 1.53 10.19
N CYS E 16 -23.61 0.47 9.60
CA CYS E 16 -25.04 0.18 9.66
C CYS E 16 -25.26 -0.97 10.62
N LYS E 17 -26.19 -0.79 11.55
CA LYS E 17 -26.48 -1.77 12.59
C LYS E 17 -27.91 -2.27 12.45
N ALA E 18 -28.08 -3.57 12.25
CA ALA E 18 -29.39 -4.14 12.05
C ALA E 18 -29.62 -5.26 13.04
N GLY E 19 -30.87 -5.44 13.44
CA GLY E 19 -31.21 -6.50 14.35
C GLY E 19 -32.72 -6.65 14.48
N PHE E 20 -33.13 -7.48 15.42
CA PHE E 20 -34.53 -7.77 15.66
C PHE E 20 -35.01 -7.05 16.91
N ALA E 21 -36.25 -6.57 16.86
CA ALA E 21 -36.83 -5.88 18.00
C ALA E 21 -36.91 -6.82 19.21
N GLY E 22 -36.59 -6.27 20.38
CA GLY E 22 -36.54 -7.05 21.60
C GLY E 22 -35.19 -7.65 21.91
N ASP E 23 -34.21 -7.51 21.02
CA ASP E 23 -32.87 -8.02 21.26
C ASP E 23 -32.03 -6.99 22.00
N ASP E 24 -31.10 -7.48 22.82
CA ASP E 24 -30.26 -6.58 23.61
C ASP E 24 -29.24 -5.85 22.73
N ALA E 25 -28.70 -6.54 21.72
CA ALA E 25 -27.67 -5.98 20.86
C ALA E 25 -28.02 -6.23 19.40
N PRO E 26 -27.55 -5.37 18.50
CA PRO E 26 -27.81 -5.61 17.07
C PRO E 26 -27.18 -6.89 16.60
N ARG E 27 -27.88 -7.60 15.69
CA ARG E 27 -27.36 -8.86 15.18
C ARG E 27 -26.19 -8.63 14.23
N ALA E 28 -26.30 -7.65 13.35
CA ALA E 28 -25.25 -7.37 12.36
C ALA E 28 -24.82 -5.92 12.47
N VAL E 29 -23.51 -5.69 12.41
CA VAL E 29 -22.93 -4.35 12.37
C VAL E 29 -21.89 -4.36 11.27
N PHE E 30 -22.19 -3.72 10.14
CA PHE E 30 -21.27 -3.80 9.02
C PHE E 30 -21.03 -2.42 8.42
N PRO E 31 -19.86 -2.20 7.81
CA PRO E 31 -19.57 -0.89 7.22
C PRO E 31 -20.57 -0.54 6.13
N SER E 32 -20.96 0.74 6.09
CA SER E 32 -21.94 1.22 5.13
C SER E 32 -21.22 1.77 3.90
N ILE E 33 -20.66 0.85 3.12
CA ILE E 33 -19.90 1.17 1.93
C ILE E 33 -20.50 0.41 0.74
N VAL E 34 -20.28 0.95 -0.46
CA VAL E 34 -20.61 0.25 -1.69
C VAL E 34 -19.38 0.29 -2.58
N GLY E 35 -18.94 -0.86 -3.05
CA GLY E 35 -17.75 -0.97 -3.87
C GLY E 35 -18.09 -1.33 -5.31
N ARG E 36 -17.42 -0.66 -6.24
CA ARG E 36 -17.60 -0.93 -7.66
C ARG E 36 -16.23 -1.09 -8.31
N PRO E 37 -16.12 -1.95 -9.32
CA PRO E 37 -14.79 -2.25 -9.87
C PRO E 37 -14.08 -1.02 -10.41
N ARG E 38 -12.76 -0.99 -10.21
CA ARG E 38 -11.94 0.14 -10.64
C ARG E 38 -11.90 0.26 -12.15
N ASP E 50 -18.92 -7.20 -9.66
CA ASP E 50 -19.65 -6.13 -10.32
C ASP E 50 -20.11 -5.07 -9.31
N SER E 51 -20.50 -5.52 -8.12
CA SER E 51 -20.92 -4.63 -7.05
C SER E 51 -20.85 -5.36 -5.73
N TYR E 52 -19.97 -4.94 -4.85
CA TYR E 52 -19.80 -5.55 -3.53
C TYR E 52 -20.21 -4.55 -2.46
N VAL E 53 -21.08 -4.98 -1.54
CA VAL E 53 -21.68 -4.10 -0.55
C VAL E 53 -21.29 -4.59 0.84
N GLY E 54 -20.81 -3.66 1.66
CA GLY E 54 -20.47 -3.98 3.04
C GLY E 54 -19.12 -4.64 3.20
N ASP E 55 -19.05 -5.63 4.10
CA ASP E 55 -17.80 -6.31 4.40
C ASP E 55 -17.17 -6.97 3.18
N GLU E 56 -17.97 -7.42 2.22
CA GLU E 56 -17.41 -8.00 1.00
C GLU E 56 -16.52 -7.00 0.28
N ALA E 57 -16.88 -5.71 0.33
CA ALA E 57 -16.03 -4.69 -0.29
C ALA E 57 -14.71 -4.57 0.45
N GLN E 58 -14.72 -4.78 1.77
CA GLN E 58 -13.49 -4.67 2.54
C GLN E 58 -12.53 -5.83 2.25
N SER E 59 -13.07 -7.00 1.89
CA SER E 59 -12.27 -8.18 1.67
C SER E 59 -11.71 -8.29 0.26
N LYS E 60 -12.03 -7.35 -0.62
CA LYS E 60 -11.48 -7.33 -1.97
C LYS E 60 -10.55 -6.15 -2.22
N ARG E 61 -10.76 -5.03 -1.54
CA ARG E 61 -9.79 -3.94 -1.43
C ARG E 61 -9.51 -3.25 -2.76
N GLY E 62 -8.32 -3.49 -3.32
CA GLY E 62 -7.81 -2.65 -4.41
C GLY E 62 -8.50 -2.84 -5.74
N ILE E 63 -9.19 -3.96 -5.94
CA ILE E 63 -9.84 -4.21 -7.22
C ILE E 63 -11.00 -3.25 -7.45
N LEU E 64 -11.51 -2.63 -6.38
CA LEU E 64 -12.70 -1.80 -6.45
C LEU E 64 -12.48 -0.49 -5.71
N THR E 65 -13.31 0.49 -6.07
CA THR E 65 -13.39 1.78 -5.38
C THR E 65 -14.59 1.76 -4.46
N LEU E 66 -14.41 2.30 -3.26
CA LEU E 66 -15.43 2.32 -2.22
C LEU E 66 -16.09 3.69 -2.16
N LYS E 67 -17.40 3.70 -1.95
CA LYS E 67 -18.16 4.95 -1.86
C LYS E 67 -19.13 4.89 -0.69
N TYR E 68 -19.38 6.05 -0.10
CA TYR E 68 -20.28 6.20 1.03
C TYR E 68 -21.58 6.85 0.58
N PRO E 69 -22.69 6.12 0.49
CA PRO E 69 -23.96 6.79 0.20
C PRO E 69 -24.41 7.70 1.33
N ILE E 70 -24.31 7.23 2.57
CA ILE E 70 -24.49 8.06 3.76
C ILE E 70 -23.11 8.41 4.27
N GLU E 71 -22.72 9.67 4.12
CA GLU E 71 -21.38 10.09 4.50
C GLU E 71 -21.40 11.05 5.68
N GLY E 73 -24.58 11.38 7.63
CA GLY E 73 -25.89 11.14 8.19
C GLY E 73 -27.01 11.29 7.19
N ILE E 74 -26.78 12.10 6.15
CA ILE E 74 -27.77 12.40 5.14
C ILE E 74 -27.52 11.53 3.92
N VAL E 75 -28.57 10.91 3.40
CA VAL E 75 -28.44 10.03 2.25
C VAL E 75 -28.12 10.86 1.01
N THR E 76 -27.10 10.44 0.27
CA THR E 76 -26.70 11.10 -0.97
C THR E 76 -26.96 10.27 -2.20
N ASN E 77 -26.58 8.99 -2.20
CA ASN E 77 -26.78 8.08 -3.33
C ASN E 77 -27.86 7.07 -2.94
N TRP E 78 -29.09 7.32 -3.39
CA TRP E 78 -30.19 6.41 -3.06
C TRP E 78 -30.04 5.05 -3.72
N ASP E 79 -29.44 5.02 -4.92
CA ASP E 79 -29.23 3.75 -5.61
C ASP E 79 -28.35 2.82 -4.81
N ASP E 80 -27.26 3.35 -4.23
CA ASP E 80 -26.38 2.53 -3.41
C ASP E 80 -27.03 2.17 -2.08
N MET E 81 -27.83 3.07 -1.51
CA MET E 81 -28.52 2.76 -0.27
C MET E 81 -29.54 1.64 -0.48
N GLU E 82 -30.12 1.54 -1.67
CA GLU E 82 -30.99 0.40 -1.96
C GLU E 82 -30.23 -0.91 -1.87
N LYS E 83 -29.02 -0.97 -2.43
CA LYS E 83 -28.22 -2.18 -2.35
C LYS E 83 -27.80 -2.47 -0.91
N ILE E 84 -27.48 -1.42 -0.15
CA ILE E 84 -27.11 -1.63 1.25
C ILE E 84 -28.28 -2.19 2.04
N TRP E 85 -29.48 -1.66 1.81
CA TRP E 85 -30.66 -2.19 2.49
C TRP E 85 -30.95 -3.63 2.09
N HIS E 86 -30.76 -3.95 0.80
CA HIS E 86 -30.94 -5.32 0.35
C HIS E 86 -29.93 -6.25 1.02
N HIS E 87 -28.68 -5.82 1.13
CA HIS E 87 -27.66 -6.60 1.82
C HIS E 87 -28.02 -6.79 3.29
N THR E 88 -28.54 -5.73 3.92
CA THR E 88 -28.98 -5.82 5.31
C THR E 88 -30.07 -6.86 5.48
N PHE E 89 -31.10 -6.80 4.63
CA PHE E 89 -32.26 -7.66 4.83
C PHE E 89 -31.95 -9.11 4.48
N TYR E 90 -31.24 -9.35 3.37
CA TYR E 90 -31.07 -10.71 2.90
C TYR E 90 -29.78 -11.35 3.37
N ASN E 91 -28.66 -10.62 3.37
CA ASN E 91 -27.37 -11.20 3.69
C ASN E 91 -26.99 -11.07 5.16
N GLU E 92 -27.44 -10.00 5.83
CA GLU E 92 -27.09 -9.80 7.24
C GLU E 92 -28.16 -10.35 8.17
N LEU E 93 -29.38 -9.83 8.06
CA LEU E 93 -30.48 -10.32 8.89
C LEU E 93 -31.00 -11.67 8.44
N ARG E 94 -30.82 -12.02 7.17
CA ARG E 94 -31.26 -13.31 6.62
C ARG E 94 -32.76 -13.52 6.81
N VAL E 95 -33.54 -12.46 6.58
CA VAL E 95 -34.99 -12.53 6.65
C VAL E 95 -35.58 -11.85 5.41
N ALA E 96 -36.82 -12.20 5.11
CA ALA E 96 -37.53 -11.56 4.01
C ALA E 96 -38.16 -10.26 4.50
N PRO E 97 -37.84 -9.11 3.90
CA PRO E 97 -38.37 -7.85 4.42
C PRO E 97 -39.89 -7.72 4.33
N GLU E 98 -40.53 -8.49 3.46
CA GLU E 98 -41.98 -8.37 3.28
C GLU E 98 -42.77 -9.03 4.39
N GLU E 99 -42.11 -9.72 5.32
CA GLU E 99 -42.80 -10.40 6.40
C GLU E 99 -42.61 -9.76 7.76
N HIS E 100 -41.69 -8.81 7.90
CA HIS E 100 -41.41 -8.18 9.18
C HIS E 100 -41.51 -6.67 9.03
N PRO E 101 -42.20 -5.98 9.95
CA PRO E 101 -42.16 -4.52 9.96
C PRO E 101 -40.76 -4.02 10.26
N VAL E 102 -40.41 -2.89 9.67
CA VAL E 102 -39.06 -2.34 9.77
C VAL E 102 -39.13 -0.95 10.40
N LEU E 103 -38.35 -0.75 11.46
CA LEU E 103 -38.19 0.55 12.09
C LEU E 103 -36.86 1.14 11.66
N LEU E 104 -36.88 2.35 11.11
CA LEU E 104 -35.68 3.02 10.64
C LEU E 104 -35.41 4.25 11.47
N THR E 105 -34.14 4.67 11.47
CA THR E 105 -33.70 5.86 12.17
C THR E 105 -33.13 6.85 11.17
N GLU E 106 -33.49 8.12 11.32
CA GLU E 106 -33.06 9.17 10.42
C GLU E 106 -32.21 10.18 11.18
N ALA E 107 -31.24 10.75 10.46
CA ALA E 107 -30.32 11.71 11.05
C ALA E 107 -31.05 13.03 11.35
N PRO E 108 -30.54 13.81 12.30
CA PRO E 108 -31.12 15.13 12.54
C PRO E 108 -30.95 16.03 11.33
N LEU E 109 -31.89 16.97 11.18
CA LEU E 109 -31.91 17.90 10.06
C LEU E 109 -31.99 17.16 8.72
N ASN E 110 -32.71 16.04 8.72
CA ASN E 110 -32.91 15.29 7.49
C ASN E 110 -34.00 15.95 6.66
N PRO E 111 -33.74 16.26 5.39
CA PRO E 111 -34.77 16.90 4.55
C PRO E 111 -36.00 16.01 4.41
N LYS E 112 -37.15 16.66 4.28
CA LYS E 112 -38.40 15.91 4.16
C LYS E 112 -38.44 15.07 2.89
N ALA E 113 -37.74 15.52 1.84
CA ALA E 113 -37.68 14.74 0.60
C ALA E 113 -36.99 13.41 0.84
N ASN E 114 -35.94 13.39 1.67
CA ASN E 114 -35.29 12.13 2.01
C ASN E 114 -36.22 11.21 2.79
N ARG E 115 -37.02 11.77 3.70
CA ARG E 115 -38.01 10.96 4.42
C ARG E 115 -39.00 10.33 3.46
N GLU E 116 -39.52 11.12 2.52
CA GLU E 116 -40.46 10.59 1.53
C GLU E 116 -39.80 9.52 0.66
N LYS E 117 -38.56 9.74 0.22
CA LYS E 117 -37.87 8.75 -0.58
C LYS E 117 -37.65 7.45 0.19
N MET E 118 -37.29 7.56 1.48
CA MET E 118 -37.07 6.37 2.30
C MET E 118 -38.37 5.59 2.48
N THR E 119 -39.46 6.28 2.80
CA THR E 119 -40.73 5.57 2.99
C THR E 119 -41.29 5.05 1.68
N GLN E 120 -40.91 5.65 0.55
CA GLN E 120 -41.29 5.07 -0.75
C GLN E 120 -40.49 3.81 -1.04
N ILE E 121 -39.18 3.85 -0.80
CA ILE E 121 -38.32 2.70 -1.09
C ILE E 121 -38.72 1.51 -0.23
N MET E 122 -39.02 1.76 1.05
CA MET E 122 -39.40 0.66 1.93
C MET E 122 -40.68 -0.02 1.46
N PHE E 123 -41.66 0.74 1.00
CA PHE E 123 -42.97 0.15 0.70
C PHE E 123 -43.05 -0.40 -0.72
N GLU E 124 -42.37 0.22 -1.68
CA GLU E 124 -42.47 -0.24 -3.06
C GLU E 124 -41.38 -1.26 -3.40
N THR E 125 -40.12 -0.95 -3.08
CA THR E 125 -39.03 -1.85 -3.46
C THR E 125 -39.05 -3.14 -2.65
N PHE E 126 -39.22 -3.04 -1.33
CA PHE E 126 -39.12 -4.19 -0.45
C PHE E 126 -40.48 -4.72 0.01
N ASN E 127 -41.57 -3.97 -0.22
CA ASN E 127 -42.92 -4.41 0.13
C ASN E 127 -43.03 -4.75 1.62
N THR E 128 -42.45 -3.91 2.46
CA THR E 128 -42.53 -4.13 3.90
C THR E 128 -43.98 -3.95 4.38
N PRO E 129 -44.49 -4.85 5.21
CA PRO E 129 -45.87 -4.69 5.69
C PRO E 129 -46.08 -3.43 6.51
N ALA E 130 -45.07 -2.98 7.25
CA ALA E 130 -45.18 -1.79 8.07
C ALA E 130 -43.83 -1.12 8.18
N MET E 131 -43.84 0.16 8.53
CA MET E 131 -42.62 0.96 8.57
C MET E 131 -42.78 2.09 9.57
N TYR E 132 -41.64 2.57 10.08
CA TYR E 132 -41.63 3.67 11.02
C TYR E 132 -40.26 4.34 10.98
N VAL E 133 -40.24 5.66 11.16
CA VAL E 133 -39.02 6.46 11.15
C VAL E 133 -38.93 7.21 12.47
N ALA E 134 -37.74 7.20 13.08
CA ALA E 134 -37.50 7.90 14.33
C ALA E 134 -36.18 8.65 14.25
N ILE E 135 -36.08 9.70 15.06
CA ILE E 135 -34.85 10.50 15.12
C ILE E 135 -33.85 9.79 16.01
N GLN E 136 -32.59 9.73 15.56
CA GLN E 136 -31.56 9.05 16.35
C GLN E 136 -31.34 9.75 17.69
N ALA E 137 -31.30 11.08 17.68
CA ALA E 137 -31.03 11.82 18.91
C ALA E 137 -32.13 11.62 19.94
N VAL E 138 -33.39 11.67 19.51
CA VAL E 138 -34.48 11.47 20.46
C VAL E 138 -34.49 10.03 20.96
N LEU E 139 -34.10 9.07 20.12
CA LEU E 139 -34.01 7.69 20.58
C LEU E 139 -32.94 7.52 21.64
N SER E 140 -31.77 8.14 21.44
CA SER E 140 -30.72 8.10 22.46
C SER E 140 -31.18 8.76 23.76
N LEU E 141 -31.83 9.92 23.64
CA LEU E 141 -32.29 10.64 24.82
C LEU E 141 -33.32 9.83 25.60
N TYR E 142 -34.26 9.20 24.88
CA TYR E 142 -35.24 8.35 25.56
C TYR E 142 -34.57 7.14 26.20
N ALA E 143 -33.61 6.53 25.49
CA ALA E 143 -32.90 5.38 26.05
C ALA E 143 -32.10 5.75 27.30
N SER E 144 -31.68 7.01 27.42
CA SER E 144 -31.04 7.49 28.64
C SER E 144 -32.05 7.84 29.72
N GLY E 145 -33.33 7.58 29.49
CA GLY E 145 -34.35 7.90 30.47
C GLY E 145 -34.66 9.38 30.59
N ARG E 146 -34.48 10.14 29.51
CA ARG E 146 -34.64 11.59 29.54
C ARG E 146 -35.49 12.03 28.37
N THR E 147 -36.16 13.18 28.55
CA THR E 147 -36.94 13.80 27.49
C THR E 147 -36.47 15.20 27.14
N THR E 148 -35.69 15.84 28.01
CA THR E 148 -35.14 17.17 27.77
C THR E 148 -33.63 17.12 27.99
N GLY E 149 -32.87 17.56 27.00
CA GLY E 149 -31.44 17.58 27.11
C GLY E 149 -30.80 17.69 25.74
N ILE E 150 -29.48 17.79 25.75
CA ILE E 150 -28.70 17.92 24.52
C ILE E 150 -27.92 16.63 24.31
N VAL E 151 -28.04 16.06 23.12
CA VAL E 151 -27.39 14.81 22.76
C VAL E 151 -26.23 15.12 21.84
N MET E 152 -25.05 14.62 22.18
CA MET E 152 -23.86 14.76 21.36
C MET E 152 -23.57 13.41 20.71
N ASP E 153 -24.20 13.17 19.57
CA ASP E 153 -24.07 11.91 18.84
C ASP E 153 -22.84 12.04 17.93
N SER E 154 -21.74 11.44 18.37
CA SER E 154 -20.50 11.45 17.59
C SER E 154 -20.31 10.06 16.98
N GLY E 155 -20.50 9.97 15.68
CA GLY E 155 -20.44 8.71 14.96
C GLY E 155 -19.14 8.52 14.21
N ASP E 156 -19.23 7.94 13.02
CA ASP E 156 -18.06 7.65 12.21
C ASP E 156 -17.64 8.83 11.35
N GLY E 157 -18.55 9.38 10.56
CA GLY E 157 -18.20 10.44 9.64
C GLY E 157 -18.80 11.79 9.97
N VAL E 158 -19.64 11.86 11.00
CA VAL E 158 -20.32 13.10 11.35
C VAL E 158 -20.54 13.13 12.85
N THR E 159 -20.65 14.35 13.39
CA THR E 159 -20.98 14.57 14.79
C THR E 159 -22.12 15.59 14.85
N HIS E 160 -23.14 15.29 15.65
CA HIS E 160 -24.34 16.10 15.74
C HIS E 160 -24.61 16.47 17.19
N THR E 161 -24.78 17.76 17.46
CA THR E 161 -25.24 18.25 18.75
C THR E 161 -26.68 18.68 18.58
N VAL E 162 -27.59 17.94 19.20
CA VAL E 162 -29.03 18.09 19.03
C VAL E 162 -29.64 18.44 20.38
N PRO E 163 -30.09 19.68 20.59
CA PRO E 163 -30.86 19.98 21.81
C PRO E 163 -32.33 19.63 21.61
N ILE E 164 -32.90 18.91 22.57
CA ILE E 164 -34.27 18.43 22.49
C ILE E 164 -34.98 18.92 23.74
N TYR E 165 -36.07 19.65 23.55
CA TYR E 165 -36.91 20.14 24.65
C TYR E 165 -38.26 19.44 24.58
N GLU E 166 -38.58 18.67 25.62
CA GLU E 166 -39.84 17.94 25.71
C GLU E 166 -40.07 17.05 24.50
N GLY E 167 -39.04 16.32 24.07
CA GLY E 167 -39.18 15.36 23.00
C GLY E 167 -39.24 15.98 21.61
N TYR E 168 -39.01 17.29 21.52
CA TYR E 168 -39.02 18.00 20.26
C TYR E 168 -37.65 18.61 20.05
N ALA E 169 -36.92 18.12 19.04
CA ALA E 169 -35.62 18.67 18.72
C ALA E 169 -35.76 20.08 18.16
N LEU E 170 -34.83 20.96 18.54
CA LEU E 170 -34.85 22.33 18.07
C LEU E 170 -34.04 22.44 16.78
N PRO E 171 -34.69 22.56 15.62
CA PRO E 171 -33.95 22.57 14.36
C PRO E 171 -33.01 23.76 14.22
N HIS E 172 -33.31 24.89 14.85
CA HIS E 172 -32.49 26.08 14.67
C HIS E 172 -31.22 26.03 15.52
N ALA E 173 -31.11 25.07 16.44
CA ALA E 173 -29.96 24.98 17.32
C ALA E 173 -29.15 23.69 17.13
N ILE E 174 -29.55 22.84 16.20
CA ILE E 174 -28.81 21.62 15.90
C ILE E 174 -27.53 22.00 15.16
N LEU E 175 -26.40 21.53 15.66
CA LEU E 175 -25.12 21.83 15.04
C LEU E 175 -24.47 20.56 14.51
N ARG E 176 -23.86 20.67 13.34
CA ARG E 176 -23.18 19.56 12.70
C ARG E 176 -21.70 19.87 12.56
N LEU E 177 -20.86 18.96 13.03
CA LEU E 177 -19.41 19.05 12.90
C LEU E 177 -18.91 17.85 12.13
N ASP E 178 -18.11 18.09 11.09
CA ASP E 178 -17.61 17.02 10.24
C ASP E 178 -16.54 16.18 10.92
N LEU E 179 -16.04 16.61 12.08
CA LEU E 179 -15.03 15.86 12.81
C LEU E 179 -15.70 14.68 13.52
N ALA E 180 -15.20 13.48 13.26
CA ALA E 180 -15.80 12.28 13.83
C ALA E 180 -14.75 11.16 13.84
N GLY E 181 -15.20 9.92 14.03
CA GLY E 181 -14.28 8.81 14.18
C GLY E 181 -13.46 8.53 12.94
N ARG E 182 -14.00 8.85 11.75
CA ARG E 182 -13.23 8.66 10.53
C ARG E 182 -11.97 9.51 10.52
N ASP E 183 -12.10 10.78 10.90
CA ASP E 183 -10.94 11.67 10.97
C ASP E 183 -9.97 11.24 12.06
N LEU E 184 -10.48 10.71 13.17
CA LEU E 184 -9.58 10.20 14.21
C LEU E 184 -8.80 8.99 13.72
N THR E 185 -9.46 8.09 12.98
CA THR E 185 -8.75 6.94 12.41
C THR E 185 -7.69 7.40 11.42
N ASP E 186 -8.03 8.38 10.57
CA ASP E 186 -7.03 8.91 9.64
C ASP E 186 -5.87 9.57 10.38
N TYR E 187 -6.15 10.29 11.46
CA TYR E 187 -5.09 10.94 12.23
C TYR E 187 -4.16 9.92 12.87
N LEU E 188 -4.73 8.85 13.44
CA LEU E 188 -3.89 7.78 13.99
C LEU E 188 -3.09 7.10 12.89
N MET E 189 -3.70 6.90 11.72
CA MET E 189 -3.00 6.34 10.58
C MET E 189 -1.81 7.20 10.19
N LYS E 190 -1.99 8.52 10.21
CA LYS E 190 -0.91 9.44 9.86
C LYS E 190 0.19 9.43 10.91
N ILE E 191 -0.17 9.51 12.20
CA ILE E 191 0.84 9.62 13.24
C ILE E 191 1.53 8.30 13.53
N LEU E 192 0.95 7.17 13.11
CA LEU E 192 1.65 5.90 13.26
C LEU E 192 2.79 5.75 12.28
N THR E 193 2.77 6.48 11.17
CA THR E 193 3.88 6.45 10.22
C THR E 193 5.11 7.16 10.77
N GLU E 194 4.94 8.03 11.77
CA GLU E 194 6.09 8.69 12.38
C GLU E 194 6.96 7.70 13.17
N ARG E 195 6.41 6.56 13.57
CA ARG E 195 7.17 5.52 14.24
C ARG E 195 7.76 4.50 13.28
N GLY E 196 7.53 4.66 11.98
CA GLY E 196 8.06 3.74 10.98
C GLY E 196 7.07 2.73 10.47
N TYR E 197 5.92 2.57 11.11
CA TYR E 197 4.90 1.63 10.65
C TYR E 197 4.25 2.16 9.38
N SER E 198 4.05 1.26 8.42
CA SER E 198 3.49 1.60 7.12
C SER E 198 2.03 1.15 7.06
N PHE E 199 1.11 2.09 7.21
CA PHE E 199 -0.33 1.84 7.10
C PHE E 199 -0.84 2.72 5.95
N THR E 200 -1.11 2.10 4.80
CA THR E 200 -1.67 2.83 3.66
C THR E 200 -2.91 2.18 3.08
N THR E 201 -2.96 0.86 3.01
CA THR E 201 -4.03 0.17 2.30
C THR E 201 -5.34 0.23 3.08
N THR E 202 -6.43 -0.12 2.40
CA THR E 202 -7.75 -0.14 3.04
C THR E 202 -7.81 -1.21 4.12
N ALA E 203 -7.19 -2.36 3.89
CA ALA E 203 -7.22 -3.43 4.89
C ALA E 203 -6.52 -3.00 6.17
N GLU E 204 -5.38 -2.30 6.05
CA GLU E 204 -4.68 -1.81 7.22
C GLU E 204 -5.42 -0.69 7.94
N ARG E 205 -6.33 0.00 7.24
CA ARG E 205 -7.14 1.02 7.90
C ARG E 205 -8.03 0.41 8.98
N GLU E 206 -8.57 -0.78 8.72
CA GLU E 206 -9.36 -1.46 9.75
C GLU E 206 -8.50 -1.89 10.93
N ILE E 207 -7.25 -2.28 10.68
CA ILE E 207 -6.34 -2.61 11.77
C ILE E 207 -6.08 -1.38 12.63
N VAL E 208 -5.85 -0.23 11.97
CA VAL E 208 -5.63 1.01 12.72
C VAL E 208 -6.89 1.39 13.49
N ARG E 209 -8.06 1.15 12.91
CA ARG E 209 -9.31 1.42 13.62
C ARG E 209 -9.44 0.54 14.86
N ASP E 210 -9.04 -0.73 14.74
CA ASP E 210 -9.06 -1.62 15.90
C ASP E 210 -8.09 -1.15 16.98
N ILE E 211 -6.91 -0.69 16.57
CA ILE E 211 -5.95 -0.14 17.53
C ILE E 211 -6.55 1.07 18.23
N LYS E 212 -7.22 1.94 17.46
CA LYS E 212 -7.85 3.13 18.04
C LYS E 212 -8.93 2.75 19.04
N GLU E 213 -9.75 1.74 18.70
CA GLU E 213 -10.81 1.30 19.59
C GLU E 213 -10.30 0.59 20.84
N LYS E 214 -9.15 -0.06 20.76
CA LYS E 214 -8.66 -0.87 21.88
C LYS E 214 -7.67 -0.17 22.79
N LEU E 215 -6.85 0.75 22.27
CA LEU E 215 -5.72 1.28 23.03
C LEU E 215 -5.75 2.79 23.23
N CYS E 216 -6.72 3.50 22.65
CA CYS E 216 -6.76 4.95 22.77
C CYS E 216 -7.63 5.39 23.94
N TYR E 217 -7.27 6.52 24.53
CA TYR E 217 -8.01 7.09 25.63
C TYR E 217 -7.84 8.60 25.62
N VAL E 218 -8.80 9.29 26.23
CA VAL E 218 -8.79 10.75 26.29
C VAL E 218 -8.14 11.19 27.59
N ALA E 219 -7.15 12.05 27.49
CA ALA E 219 -6.45 12.57 28.66
C ALA E 219 -7.21 13.75 29.25
N LEU E 220 -7.30 13.79 30.58
CA LEU E 220 -7.98 14.89 31.25
C LEU E 220 -7.27 16.21 30.99
N ASP E 221 -5.94 16.23 31.10
CA ASP E 221 -5.13 17.41 30.83
C ASP E 221 -4.05 17.02 29.83
N PHE E 222 -4.10 17.63 28.65
CA PHE E 222 -3.30 17.13 27.52
C PHE E 222 -1.82 17.43 27.71
N GLU E 223 -1.48 18.68 28.08
CA GLU E 223 -0.08 19.02 28.29
C GLU E 223 0.50 18.29 29.50
N GLN E 224 -0.27 18.17 30.58
CA GLN E 224 0.17 17.42 31.74
C GLN E 224 0.36 15.95 31.38
N GLU E 225 -0.53 15.39 30.56
CA GLU E 225 -0.39 14.00 30.15
C GLU E 225 0.88 13.81 29.33
N MET E 226 1.18 14.74 28.42
CA MET E 226 2.45 14.69 27.71
C MET E 226 3.65 14.76 28.65
N ALA E 227 3.59 15.66 29.63
CA ALA E 227 4.73 15.82 30.55
C ALA E 227 4.95 14.55 31.38
N THR E 228 3.87 13.91 31.85
CA THR E 228 4.04 12.70 32.65
C THR E 228 4.36 11.47 31.79
N ALA E 229 3.90 11.43 30.53
CA ALA E 229 4.06 10.25 29.70
C ALA E 229 5.46 10.09 29.14
N ALA E 230 6.33 11.09 29.27
CA ALA E 230 7.69 10.98 28.76
C ALA E 230 8.45 9.87 29.48
N SER E 231 8.27 9.76 30.80
CA SER E 231 8.96 8.76 31.61
C SER E 231 8.01 7.75 32.21
N SER E 232 6.79 7.64 31.69
CA SER E 232 5.79 6.72 32.22
C SER E 232 6.01 5.34 31.63
N SER E 233 6.16 4.34 32.50
CA SER E 233 6.40 2.97 32.06
C SER E 233 5.13 2.27 31.58
N SER E 234 3.95 2.76 31.96
CA SER E 234 2.69 2.12 31.60
C SER E 234 2.08 2.69 30.33
N LEU E 235 2.61 3.78 29.80
CA LEU E 235 2.04 4.37 28.59
C LEU E 235 2.22 3.45 27.39
N GLU E 236 3.37 2.80 27.28
CA GLU E 236 3.69 1.98 26.11
C GLU E 236 2.77 0.76 26.05
N LYS E 237 2.17 0.53 24.90
CA LYS E 237 1.30 -0.62 24.67
C LYS E 237 1.72 -1.34 23.40
N SER E 238 1.41 -2.63 23.33
CA SER E 238 1.73 -3.47 22.20
C SER E 238 0.47 -4.08 21.62
N TYR E 239 0.36 -4.05 20.29
CA TYR E 239 -0.76 -4.61 19.56
C TYR E 239 -0.26 -5.62 18.55
N GLU E 240 -1.01 -6.69 18.34
CA GLU E 240 -0.61 -7.75 17.43
C GLU E 240 -1.40 -7.67 16.14
N LEU E 241 -0.70 -7.59 15.02
CA LEU E 241 -1.35 -7.53 13.72
C LEU E 241 -1.93 -8.90 13.34
N PRO E 242 -2.86 -8.93 12.39
CA PRO E 242 -3.41 -10.23 11.96
C PRO E 242 -2.37 -11.17 11.39
N ASP E 243 -1.27 -10.66 10.86
CA ASP E 243 -0.22 -11.49 10.30
C ASP E 243 0.86 -11.86 11.30
N GLY E 244 0.68 -11.50 12.58
CA GLY E 244 1.60 -11.87 13.63
C GLY E 244 2.58 -10.79 14.03
N GLN E 245 2.75 -9.75 13.23
CA GLN E 245 3.65 -8.67 13.58
C GLN E 245 3.10 -7.89 14.77
N VAL E 246 4.01 -7.39 15.60
CA VAL E 246 3.66 -6.64 16.81
C VAL E 246 4.11 -5.20 16.62
N ILE E 247 3.17 -4.27 16.76
CA ILE E 247 3.46 -2.85 16.72
C ILE E 247 3.36 -2.29 18.12
N THR E 248 4.09 -1.20 18.36
CA THR E 248 4.16 -0.57 19.67
C THR E 248 3.66 0.87 19.55
N ILE E 249 2.75 1.25 20.42
CA ILE E 249 2.14 2.58 20.42
C ILE E 249 2.33 3.21 21.78
N GLY E 250 2.77 4.47 21.80
CA GLY E 250 3.05 5.16 23.04
C GLY E 250 2.11 6.32 23.32
N ASN E 251 2.61 7.55 23.17
CA ASN E 251 1.78 8.72 23.43
C ASN E 251 0.65 8.87 22.43
N GLU E 252 0.77 8.28 21.23
CA GLU E 252 -0.30 8.32 20.25
C GLU E 252 -1.60 7.73 20.77
N ARG E 253 -1.57 7.06 21.92
CA ARG E 253 -2.81 6.58 22.53
C ARG E 253 -3.72 7.74 22.92
N PHE E 254 -3.15 8.82 23.45
CA PHE E 254 -3.98 9.96 23.85
C PHE E 254 -3.86 11.14 22.91
N ARG E 255 -2.97 11.08 21.91
CA ARG E 255 -2.89 12.15 20.92
C ARG E 255 -3.99 12.03 19.88
N CYS E 256 -4.37 10.80 19.51
CA CYS E 256 -5.39 10.60 18.50
C CYS E 256 -6.75 11.13 18.90
N PRO E 257 -7.31 10.81 20.08
CA PRO E 257 -8.62 11.37 20.42
C PRO E 257 -8.59 12.83 20.82
N GLU E 258 -7.41 13.39 21.12
CA GLU E 258 -7.32 14.80 21.44
C GLU E 258 -7.75 15.68 20.28
N ALA E 259 -7.73 15.15 19.05
CA ALA E 259 -8.24 15.91 17.91
C ALA E 259 -9.72 16.20 18.04
N LEU E 260 -10.43 15.48 18.89
CA LEU E 260 -11.84 15.80 19.14
C LEU E 260 -11.98 17.18 19.79
N PHE E 261 -11.12 17.49 20.75
CA PHE E 261 -11.18 18.76 21.46
C PHE E 261 -10.25 19.81 20.87
N GLN E 262 -9.25 19.40 20.09
CA GLN E 262 -8.35 20.32 19.41
C GLN E 262 -8.29 19.93 17.94
N PRO E 263 -9.26 20.38 17.13
CA PRO E 263 -9.24 20.04 15.70
C PRO E 263 -8.04 20.59 14.96
N SER E 264 -7.30 21.55 15.53
CA SER E 264 -6.13 22.11 14.87
C SER E 264 -5.06 21.05 14.61
N PHE E 265 -5.12 19.92 15.32
CA PHE E 265 -4.19 18.83 15.04
C PHE E 265 -4.37 18.27 13.64
N LEU E 266 -5.59 18.33 13.12
CA LEU E 266 -5.87 17.87 11.76
C LEU E 266 -5.76 18.97 10.73
N GLY E 267 -5.44 20.20 11.15
CA GLY E 267 -5.45 21.34 10.26
C GLY E 267 -6.80 22.01 10.12
N MET E 268 -7.85 21.44 10.70
CA MET E 268 -9.18 22.03 10.63
C MET E 268 -9.25 23.30 11.47
N GLU E 269 -10.02 24.26 10.98
CA GLU E 269 -10.26 25.51 11.70
C GLU E 269 -11.55 25.46 12.51
N SER E 270 -12.28 24.35 12.47
CA SER E 270 -13.55 24.24 13.18
C SER E 270 -13.30 24.06 14.69
N ALA E 271 -14.36 24.27 15.46
CA ALA E 271 -14.28 24.13 16.90
C ALA E 271 -14.39 22.66 17.31
N GLY E 272 -13.99 22.38 18.55
CA GLY E 272 -14.06 21.04 19.08
C GLY E 272 -15.47 20.63 19.45
N ILE E 273 -15.60 19.39 19.94
CA ILE E 273 -16.92 18.89 20.29
C ILE E 273 -17.48 19.64 21.50
N HIS E 274 -16.64 19.98 22.47
CA HIS E 274 -17.12 20.74 23.62
C HIS E 274 -17.58 22.13 23.21
N GLU E 275 -16.82 22.81 22.35
CA GLU E 275 -17.21 24.12 21.87
C GLU E 275 -18.46 24.04 20.99
N THR E 276 -18.58 23.01 20.17
CA THR E 276 -19.80 22.85 19.37
C THR E 276 -21.01 22.62 20.26
N THR E 277 -20.87 21.81 21.30
CA THR E 277 -21.96 21.59 22.25
C THR E 277 -22.34 22.90 22.95
N PHE E 278 -21.35 23.67 23.38
CA PHE E 278 -21.64 24.94 24.03
C PHE E 278 -22.32 25.92 23.08
N ASN E 279 -21.89 25.95 21.82
CA ASN E 279 -22.53 26.82 20.83
C ASN E 279 -23.97 26.40 20.58
N SER E 280 -24.22 25.09 20.50
CA SER E 280 -25.59 24.61 20.31
C SER E 280 -26.46 24.96 21.51
N ILE E 281 -25.90 24.86 22.73
CA ILE E 281 -26.65 25.24 23.92
C ILE E 281 -26.98 26.73 23.90
N MET E 282 -26.00 27.56 23.55
CA MET E 282 -26.20 29.00 23.55
C MET E 282 -27.14 29.48 22.46
N LYS E 283 -27.50 28.62 21.51
CA LYS E 283 -28.42 28.99 20.44
C LYS E 283 -29.88 28.78 20.84
N CYS E 284 -30.14 28.36 22.07
CA CYS E 284 -31.50 28.12 22.55
C CYS E 284 -31.94 29.26 23.47
N ASP E 285 -33.18 29.18 23.93
CA ASP E 285 -33.71 30.19 24.83
C ASP E 285 -33.03 30.11 26.19
N VAL E 286 -32.92 31.26 26.85
CA VAL E 286 -32.28 31.32 28.17
C VAL E 286 -33.05 30.52 29.20
N ASP E 287 -34.35 30.33 29.00
CA ASP E 287 -35.15 29.57 29.97
C ASP E 287 -34.73 28.11 30.02
N ILE E 288 -34.34 27.55 28.87
CA ILE E 288 -34.06 26.13 28.77
C ILE E 288 -32.57 25.79 28.80
N ARG E 289 -31.69 26.79 28.83
CA ARG E 289 -30.25 26.51 28.82
C ARG E 289 -29.81 25.74 30.05
N LYS E 290 -30.44 25.99 31.21
CA LYS E 290 -30.07 25.28 32.42
C LYS E 290 -30.33 23.78 32.28
N ASP E 291 -31.49 23.42 31.74
CA ASP E 291 -31.81 22.00 31.56
C ASP E 291 -30.86 21.34 30.57
N LEU E 292 -30.54 22.04 29.48
CA LEU E 292 -29.60 21.49 28.50
C LEU E 292 -28.22 21.29 29.11
N TYR E 293 -27.77 22.26 29.93
CA TYR E 293 -26.49 22.11 30.61
C TYR E 293 -26.50 20.93 31.56
N ALA E 294 -27.59 20.75 32.31
CA ALA E 294 -27.68 19.70 33.30
C ALA E 294 -28.00 18.33 32.71
N ASN E 295 -28.37 18.26 31.43
CA ASN E 295 -28.77 17.00 30.81
C ASN E 295 -28.03 16.78 29.50
N THR E 296 -26.70 16.93 29.53
CA THR E 296 -25.88 16.66 28.36
C THR E 296 -25.63 15.16 28.27
N VAL E 297 -26.12 14.54 27.19
CA VAL E 297 -26.06 13.10 27.01
C VAL E 297 -25.08 12.78 25.90
N LEU E 298 -24.17 11.84 26.16
CA LEU E 298 -23.21 11.38 25.16
C LEU E 298 -23.73 10.11 24.50
N SER E 299 -23.56 10.04 23.18
CA SER E 299 -23.97 8.86 22.42
C SER E 299 -23.07 8.72 21.19
N GLY E 300 -23.03 7.52 20.65
CA GLY E 300 -22.23 7.23 19.49
C GLY E 300 -20.97 6.45 19.84
N GLY E 301 -20.41 5.80 18.80
CA GLY E 301 -19.22 5.00 19.00
C GLY E 301 -18.00 5.82 19.39
N THR E 302 -17.87 7.02 18.80
CA THR E 302 -16.72 7.87 19.07
C THR E 302 -16.64 8.30 20.53
N THR E 303 -17.78 8.48 21.20
CA THR E 303 -17.81 8.93 22.59
C THR E 303 -17.55 7.79 23.58
N MET E 304 -16.95 6.70 23.13
CA MET E 304 -16.68 5.55 23.98
C MET E 304 -15.25 5.51 24.52
N TYR E 305 -14.46 6.54 24.27
CA TYR E 305 -13.10 6.57 24.79
C TYR E 305 -13.13 6.66 26.31
N PRO E 306 -12.31 5.89 27.01
CA PRO E 306 -12.27 6.02 28.48
C PRO E 306 -11.75 7.38 28.89
N GLY E 307 -12.51 8.06 29.74
CA GLY E 307 -12.14 9.39 30.20
C GLY E 307 -12.67 10.52 29.37
N ILE E 308 -13.58 10.27 28.42
CA ILE E 308 -14.11 11.35 27.61
C ILE E 308 -15.17 12.15 28.37
N ALA E 309 -15.86 11.52 29.33
CA ALA E 309 -16.87 12.23 30.09
C ALA E 309 -16.24 13.29 30.99
N ASP E 310 -15.17 12.93 31.70
CA ASP E 310 -14.51 13.89 32.57
C ASP E 310 -13.91 15.05 31.78
N ARG E 311 -13.27 14.74 30.65
CA ARG E 311 -12.71 15.81 29.82
C ARG E 311 -13.80 16.71 29.26
N MET E 312 -14.92 16.13 28.82
CA MET E 312 -16.02 16.94 28.32
C MET E 312 -16.58 17.84 29.41
N GLN E 313 -16.72 17.30 30.62
CA GLN E 313 -17.19 18.12 31.73
C GLN E 313 -16.23 19.27 32.01
N LYS E 314 -14.94 18.98 32.06
CA LYS E 314 -13.95 20.01 32.35
C LYS E 314 -13.94 21.10 31.28
N GLU E 315 -14.05 20.71 30.01
CA GLU E 315 -14.01 21.70 28.95
C GLU E 315 -15.29 22.51 28.87
N ILE E 316 -16.45 21.87 29.08
CA ILE E 316 -17.71 22.60 29.02
C ILE E 316 -17.85 23.56 30.19
N THR E 317 -17.37 23.16 31.38
CA THR E 317 -17.45 24.03 32.54
C THR E 317 -16.72 25.35 32.30
N ALA E 318 -15.63 25.32 31.54
CA ALA E 318 -14.88 26.54 31.26
C ALA E 318 -15.72 27.53 30.46
N LEU E 319 -16.47 27.04 29.46
CA LEU E 319 -17.28 27.90 28.62
C LEU E 319 -18.61 28.27 29.29
N ALA E 320 -19.10 27.45 30.22
CA ALA E 320 -20.38 27.70 30.85
C ALA E 320 -20.27 28.88 31.82
N PRO E 321 -21.40 29.54 32.10
CA PRO E 321 -21.39 30.64 33.09
C PRO E 321 -20.92 30.18 34.46
N SER E 322 -20.69 31.16 35.33
CA SER E 322 -20.08 30.89 36.63
C SER E 322 -20.97 29.99 37.48
N THR E 323 -22.27 30.26 37.51
CA THR E 323 -23.21 29.52 38.35
C THR E 323 -24.12 28.69 37.45
N MET E 324 -23.66 27.49 37.13
CA MET E 324 -24.45 26.57 36.31
C MET E 324 -23.97 25.16 36.57
N LYS E 325 -24.90 24.21 36.64
CA LYS E 325 -24.58 22.81 36.89
C LYS E 325 -24.36 22.10 35.57
N ILE E 326 -23.16 21.53 35.41
CA ILE E 326 -22.79 20.79 34.20
C ILE E 326 -22.76 19.32 34.57
N LYS E 327 -23.59 18.53 33.89
CA LYS E 327 -23.65 17.08 34.10
C LYS E 327 -23.56 16.40 32.75
N ILE E 328 -22.44 15.73 32.50
CA ILE E 328 -22.25 14.97 31.27
C ILE E 328 -22.67 13.53 31.53
N ILE E 329 -23.67 13.07 30.81
CA ILE E 329 -24.22 11.72 30.99
C ILE E 329 -23.57 10.80 29.98
N ALA E 330 -22.91 9.75 30.46
CA ALA E 330 -22.22 8.77 29.63
C ALA E 330 -22.71 7.39 30.03
N PRO E 331 -23.89 6.99 29.56
CA PRO E 331 -24.39 5.66 29.89
C PRO E 331 -23.48 4.59 29.32
N PRO E 332 -23.34 3.45 29.99
CA PRO E 332 -22.42 2.42 29.51
C PRO E 332 -22.81 1.83 28.16
N GLU E 333 -24.06 1.95 27.75
CA GLU E 333 -24.53 1.40 26.48
C GLU E 333 -24.71 2.47 25.41
N ARG E 334 -24.01 3.60 25.54
CA ARG E 334 -24.18 4.71 24.61
C ARG E 334 -23.69 4.40 23.20
N LYS E 335 -22.93 3.32 23.01
CA LYS E 335 -22.44 2.99 21.68
C LYS E 335 -23.58 2.65 20.73
N TYR E 336 -24.55 1.87 21.20
CA TYR E 336 -25.68 1.44 20.38
C TYR E 336 -27.00 1.95 20.95
N SER E 337 -26.95 3.04 21.72
CA SER E 337 -28.17 3.56 22.35
C SER E 337 -29.21 3.95 21.33
N VAL E 338 -28.79 4.34 20.12
CA VAL E 338 -29.75 4.62 19.05
C VAL E 338 -30.51 3.36 18.68
N TRP E 339 -29.79 2.25 18.49
CA TRP E 339 -30.43 1.01 18.10
C TRP E 339 -31.24 0.42 19.24
N ILE E 340 -30.64 0.33 20.43
CA ILE E 340 -31.31 -0.31 21.56
C ILE E 340 -32.61 0.42 21.89
N GLY E 341 -32.56 1.75 21.94
CA GLY E 341 -33.78 2.51 22.16
C GLY E 341 -34.84 2.22 21.11
N GLY E 342 -34.42 2.04 19.86
CA GLY E 342 -35.35 1.59 18.85
C GLY E 342 -35.85 0.18 19.11
N SER E 343 -34.94 -0.73 19.48
CA SER E 343 -35.31 -2.13 19.63
C SER E 343 -36.36 -2.32 20.71
N ILE E 344 -36.23 -1.59 21.82
CA ILE E 344 -37.27 -1.61 22.84
C ILE E 344 -38.57 -1.04 22.28
N LEU E 345 -38.47 0.09 21.58
CA LEU E 345 -39.68 0.80 21.13
C LEU E 345 -40.50 -0.07 20.18
N ALA E 346 -39.83 -0.78 19.28
CA ALA E 346 -40.56 -1.64 18.35
C ALA E 346 -41.08 -2.90 19.02
N SER E 347 -40.52 -3.28 20.17
CA SER E 347 -40.96 -4.50 20.83
C SER E 347 -42.19 -4.30 21.71
N LEU E 348 -42.56 -3.05 21.99
CA LEU E 348 -43.74 -2.80 22.81
C LEU E 348 -45.00 -3.19 22.07
N SER E 349 -45.92 -3.84 22.79
CA SER E 349 -47.19 -4.21 22.18
C SER E 349 -48.01 -2.99 21.81
N THR E 350 -48.06 -1.98 22.68
CA THR E 350 -48.82 -0.77 22.40
C THR E 350 -48.27 0.01 21.20
N PHE E 351 -47.04 -0.27 20.78
CA PHE E 351 -46.48 0.34 19.59
C PHE E 351 -47.04 -0.24 18.30
N GLN E 352 -47.81 -1.33 18.39
CA GLN E 352 -48.28 -2.01 17.18
C GLN E 352 -49.22 -1.12 16.37
N GLN E 353 -49.86 -0.14 17.01
CA GLN E 353 -50.73 0.77 16.31
C GLN E 353 -49.99 1.95 15.67
N MET E 354 -48.72 2.15 16.02
CA MET E 354 -47.94 3.26 15.49
C MET E 354 -47.20 2.90 14.21
N TRP E 355 -47.33 1.66 13.74
CA TRP E 355 -46.70 1.22 12.50
C TRP E 355 -47.46 1.81 11.32
N ILE E 356 -46.73 2.36 10.36
CA ILE E 356 -47.35 2.82 9.12
C ILE E 356 -47.68 1.60 8.26
N SER E 357 -48.94 1.21 8.22
CA SER E 357 -49.35 0.06 7.43
C SER E 357 -49.24 0.37 5.94
N LYS E 358 -49.13 -0.69 5.14
CA LYS E 358 -49.03 -0.51 3.70
C LYS E 358 -50.30 0.11 3.13
N GLN E 359 -51.46 -0.25 3.70
CA GLN E 359 -52.72 0.34 3.27
C GLN E 359 -52.72 1.85 3.50
N GLU E 360 -52.25 2.29 4.66
CA GLU E 360 -52.15 3.72 4.92
C GLU E 360 -51.21 4.38 3.92
N TYR E 361 -50.16 3.69 3.51
CA TYR E 361 -49.28 4.22 2.47
C TYR E 361 -50.01 4.37 1.14
N ASP E 362 -50.83 3.38 0.77
CA ASP E 362 -51.56 3.47 -0.49
C ASP E 362 -52.54 4.63 -0.48
N GLU E 363 -53.29 4.79 0.62
CA GLU E 363 -54.24 5.91 0.69
C GLU E 363 -53.53 7.25 0.76
N SER E 364 -52.44 7.37 1.52
CA SER E 364 -51.84 8.66 1.78
C SER E 364 -50.61 8.96 0.92
N GLY E 365 -49.90 7.94 0.45
CA GLY E 365 -48.72 8.16 -0.34
C GLY E 365 -47.48 8.37 0.52
N PRO E 366 -46.40 8.86 -0.09
CA PRO E 366 -45.15 9.05 0.65
C PRO E 366 -45.25 10.06 1.80
N SER E 367 -46.24 10.94 1.78
CA SER E 367 -46.35 11.97 2.81
C SER E 367 -46.86 11.46 4.15
N ILE E 368 -47.31 10.20 4.21
CA ILE E 368 -47.89 9.67 5.44
C ILE E 368 -46.86 9.70 6.57
N VAL E 369 -45.58 9.54 6.25
CA VAL E 369 -44.55 9.54 7.27
C VAL E 369 -44.51 10.88 7.99
N HIS E 370 -44.92 11.95 7.30
CA HIS E 370 -44.92 13.27 7.92
C HIS E 370 -45.98 13.38 9.01
N ARG E 371 -46.91 12.43 9.10
CA ARG E 371 -47.99 12.47 10.07
C ARG E 371 -47.81 11.44 11.17
N LYS E 372 -47.61 10.17 10.80
CA LYS E 372 -47.50 9.12 11.81
C LYS E 372 -46.15 9.15 12.51
N CYS E 373 -45.07 9.28 11.72
CA CYS E 373 -43.73 9.30 12.30
C CYS E 373 -43.28 10.68 12.76
N PHE E 374 -44.08 11.71 12.49
CA PHE E 374 -43.77 13.08 12.90
C PHE E 374 -42.42 13.56 12.33
N ALA F 2 30.07 -48.27 -45.98
CA ALA F 2 28.65 -48.51 -46.18
C ALA F 2 28.42 -49.30 -47.46
N SER F 3 27.53 -50.30 -47.38
CA SER F 3 27.23 -51.13 -48.54
C SER F 3 26.36 -50.40 -49.56
N GLY F 4 25.63 -49.37 -49.14
CA GLY F 4 24.77 -48.65 -50.05
C GLY F 4 23.42 -49.29 -50.31
N VAL F 5 23.06 -50.31 -49.55
CA VAL F 5 21.76 -50.95 -49.73
C VAL F 5 20.65 -50.00 -49.32
N ALA F 6 19.69 -49.78 -50.21
CA ALA F 6 18.61 -48.84 -49.95
C ALA F 6 17.47 -49.53 -49.21
N VAL F 7 16.52 -48.71 -48.75
CA VAL F 7 15.36 -49.18 -48.01
C VAL F 7 14.14 -49.09 -48.92
N SER F 8 13.44 -50.21 -49.07
CA SER F 8 12.27 -50.24 -49.94
C SER F 8 11.13 -49.43 -49.34
N ASP F 9 10.21 -48.98 -50.21
CA ASP F 9 9.08 -48.19 -49.75
C ASP F 9 8.12 -48.97 -48.87
N GLY F 10 7.99 -50.29 -49.10
CA GLY F 10 7.14 -51.10 -48.26
C GLY F 10 7.60 -51.24 -46.83
N VAL F 11 8.88 -50.97 -46.57
CA VAL F 11 9.40 -50.97 -45.20
C VAL F 11 9.21 -49.60 -44.55
N ILE F 12 9.43 -48.52 -45.30
CA ILE F 12 9.26 -47.19 -44.75
C ILE F 12 7.79 -46.92 -44.44
N LYS F 13 6.88 -47.45 -45.28
CA LYS F 13 5.46 -47.30 -45.02
C LYS F 13 5.05 -48.02 -43.74
N VAL F 14 5.56 -49.24 -43.55
CA VAL F 14 5.25 -50.00 -42.35
C VAL F 14 5.80 -49.30 -41.12
N PHE F 15 7.02 -48.78 -41.21
CA PHE F 15 7.60 -48.04 -40.10
C PHE F 15 6.79 -46.79 -39.77
N ASN F 16 6.33 -46.07 -40.80
CA ASN F 16 5.51 -44.88 -40.57
C ASN F 16 4.20 -45.23 -39.89
N ASP F 17 3.56 -46.33 -40.32
CA ASP F 17 2.32 -46.75 -39.68
C ASP F 17 2.56 -47.24 -38.26
N MET F 18 3.73 -47.84 -38.00
CA MET F 18 4.02 -48.37 -36.67
C MET F 18 4.37 -47.26 -35.69
N LYS F 19 5.06 -46.22 -36.15
CA LYS F 19 5.53 -45.19 -35.24
C LYS F 19 4.38 -44.31 -34.75
N VAL F 20 3.72 -43.62 -35.67
CA VAL F 20 2.62 -42.72 -35.33
C VAL F 20 1.32 -43.52 -35.34
N ARG F 21 0.65 -43.56 -34.20
CA ARG F 21 -0.61 -44.28 -34.05
C ARG F 21 -1.76 -43.31 -34.28
N LYS F 22 -2.47 -43.48 -35.39
CA LYS F 22 -3.62 -42.65 -35.69
C LYS F 22 -4.88 -43.27 -35.08
N SER F 23 -5.86 -42.40 -34.81
CA SER F 23 -7.12 -42.87 -34.25
C SER F 23 -7.80 -43.82 -35.21
N SER F 24 -8.28 -44.94 -34.68
CA SER F 24 -8.88 -45.99 -35.50
C SER F 24 -9.90 -46.75 -34.67
N THR F 25 -10.79 -47.44 -35.38
CA THR F 25 -11.82 -48.23 -34.73
C THR F 25 -11.19 -49.44 -34.04
N PRO F 26 -11.89 -50.01 -33.04
CA PRO F 26 -11.27 -51.10 -32.26
C PRO F 26 -10.85 -52.31 -33.08
N GLU F 27 -11.54 -52.63 -34.18
CA GLU F 27 -11.09 -53.75 -35.00
C GLU F 27 -9.83 -53.41 -35.77
N GLU F 28 -9.60 -52.12 -36.05
CA GLU F 28 -8.40 -51.72 -36.76
C GLU F 28 -7.17 -51.72 -35.86
N VAL F 29 -7.34 -51.40 -34.57
CA VAL F 29 -6.19 -51.37 -33.67
C VAL F 29 -5.61 -52.76 -33.47
N LYS F 30 -6.42 -53.81 -33.67
CA LYS F 30 -5.91 -55.17 -33.58
C LYS F 30 -4.98 -55.51 -34.72
N LYS F 31 -5.03 -54.77 -35.82
CA LYS F 31 -4.16 -55.00 -36.97
C LYS F 31 -2.83 -54.26 -36.86
N ARG F 32 -2.61 -53.50 -35.80
CA ARG F 32 -1.33 -52.83 -35.61
C ARG F 32 -0.23 -53.85 -35.36
N LYS F 33 0.99 -53.50 -35.75
CA LYS F 33 2.13 -54.41 -35.64
C LYS F 33 2.88 -54.14 -34.34
N LYS F 34 3.13 -55.20 -33.57
CA LYS F 34 3.92 -55.13 -32.35
C LYS F 34 5.38 -55.46 -32.61
N ALA F 35 5.65 -56.44 -33.48
CA ALA F 35 7.00 -56.81 -33.87
C ALA F 35 7.00 -57.16 -35.35
N VAL F 36 8.05 -56.74 -36.04
CA VAL F 36 8.13 -56.94 -37.49
C VAL F 36 9.60 -57.15 -37.86
N LEU F 37 9.83 -58.01 -38.87
CA LEU F 37 11.16 -58.37 -39.30
C LEU F 37 11.41 -57.86 -40.72
N PHE F 38 12.59 -57.28 -40.94
CA PHE F 38 13.05 -56.85 -42.25
C PHE F 38 14.25 -57.70 -42.67
N CYS F 39 14.26 -58.13 -43.92
CA CYS F 39 15.34 -58.96 -44.44
C CYS F 39 15.86 -58.36 -45.74
N LEU F 40 16.77 -59.09 -46.38
CA LEU F 40 17.34 -58.67 -47.65
C LEU F 40 16.63 -59.34 -48.81
N SER F 41 16.60 -58.66 -49.95
CA SER F 41 16.00 -59.21 -51.15
C SER F 41 16.90 -60.30 -51.74
N GLU F 42 16.35 -61.02 -52.72
CA GLU F 42 17.13 -62.06 -53.39
C GLU F 42 18.34 -61.47 -54.11
N ASP F 43 18.15 -60.32 -54.76
CA ASP F 43 19.26 -59.63 -55.41
C ASP F 43 20.12 -58.84 -54.44
N LYS F 44 19.70 -58.74 -53.17
CA LYS F 44 20.46 -58.05 -52.12
C LYS F 44 20.75 -56.60 -52.50
N LYS F 45 19.75 -55.93 -53.09
CA LYS F 45 19.85 -54.51 -53.39
C LYS F 45 18.87 -53.65 -52.59
N ASN F 46 18.01 -54.25 -51.78
CA ASN F 46 17.03 -53.49 -51.01
C ASN F 46 16.70 -54.25 -49.74
N ILE F 47 16.23 -53.52 -48.74
CA ILE F 47 15.75 -54.10 -47.49
C ILE F 47 14.25 -54.27 -47.62
N ILE F 48 13.80 -55.52 -47.72
CA ILE F 48 12.41 -55.81 -47.97
C ILE F 48 11.76 -56.33 -46.70
N LEU F 49 10.43 -56.39 -46.70
CA LEU F 49 9.66 -56.94 -45.60
C LEU F 49 9.68 -58.45 -45.68
N GLU F 50 9.95 -59.11 -44.56
CA GLU F 50 9.88 -60.57 -44.50
C GLU F 50 8.43 -60.99 -44.30
N GLU F 51 7.85 -61.63 -45.32
CA GLU F 51 6.44 -61.97 -45.29
C GLU F 51 6.19 -63.09 -44.29
N GLY F 52 5.16 -62.92 -43.46
CA GLY F 52 4.76 -63.93 -42.51
C GLY F 52 5.44 -63.86 -41.16
N LYS F 53 6.56 -63.13 -41.06
CA LYS F 53 7.26 -62.97 -39.79
C LYS F 53 6.87 -61.63 -39.19
N GLU F 54 5.71 -61.61 -38.54
CA GLU F 54 5.22 -60.41 -37.89
C GLU F 54 4.30 -60.82 -36.75
N ILE F 55 4.13 -59.90 -35.80
CA ILE F 55 3.25 -60.09 -34.66
C ILE F 55 2.26 -58.94 -34.64
N LEU F 56 0.97 -59.25 -34.50
CA LEU F 56 -0.04 -58.22 -34.41
C LEU F 56 -0.38 -57.93 -32.95
N VAL F 57 -0.88 -56.71 -32.71
CA VAL F 57 -1.31 -56.35 -31.37
C VAL F 57 -2.50 -57.20 -30.94
N GLY F 58 -3.38 -57.54 -31.89
CA GLY F 58 -4.52 -58.38 -31.57
C GLY F 58 -4.14 -59.75 -31.09
N ASP F 59 -3.06 -60.32 -31.63
CA ASP F 59 -2.61 -61.63 -31.18
C ASP F 59 -2.11 -61.61 -29.75
N VAL F 60 -1.65 -60.44 -29.27
CA VAL F 60 -1.16 -60.33 -27.90
C VAL F 60 -2.34 -60.32 -26.94
N GLY F 61 -2.30 -61.22 -25.95
CA GLY F 61 -3.35 -61.32 -24.96
C GLY F 61 -4.44 -62.31 -25.29
N GLN F 62 -4.56 -62.73 -26.55
CA GLN F 62 -5.55 -63.71 -26.96
C GLN F 62 -4.89 -65.00 -27.43
N THR F 63 -3.95 -64.92 -28.37
CA THR F 63 -3.21 -66.07 -28.87
C THR F 63 -1.77 -66.10 -28.38
N VAL F 64 -1.09 -64.96 -28.35
CA VAL F 64 0.29 -64.88 -27.91
C VAL F 64 0.32 -64.48 -26.45
N ASP F 65 1.02 -65.25 -25.63
CA ASP F 65 1.16 -64.96 -24.21
C ASP F 65 2.24 -63.91 -23.97
N ASP F 66 3.48 -64.21 -24.35
CA ASP F 66 4.59 -63.28 -24.22
C ASP F 66 5.05 -62.83 -25.59
N PRO F 67 4.75 -61.60 -26.01
CA PRO F 67 5.16 -61.15 -27.35
C PRO F 67 6.67 -61.18 -27.57
N TYR F 68 7.46 -60.86 -26.55
CA TYR F 68 8.90 -60.87 -26.72
C TYR F 68 9.43 -62.28 -26.94
N ALA F 69 8.88 -63.27 -26.23
CA ALA F 69 9.36 -64.64 -26.38
C ALA F 69 9.09 -65.17 -27.79
N THR F 70 7.87 -64.98 -28.29
CA THR F 70 7.57 -65.44 -29.64
C THR F 70 8.31 -64.63 -30.69
N PHE F 71 8.55 -63.34 -30.43
CA PHE F 71 9.35 -62.55 -31.36
C PHE F 71 10.78 -63.08 -31.44
N VAL F 72 11.35 -63.45 -30.29
CA VAL F 72 12.69 -64.05 -30.29
C VAL F 72 12.67 -65.38 -31.03
N LYS F 73 11.63 -66.18 -30.81
CA LYS F 73 11.49 -67.44 -31.54
C LYS F 73 11.40 -67.20 -33.05
N MET F 74 10.84 -66.06 -33.48
CA MET F 74 10.75 -65.75 -34.89
C MET F 74 12.12 -65.51 -35.53
N LEU F 75 13.12 -65.14 -34.74
CA LEU F 75 14.44 -64.80 -35.28
C LEU F 75 15.15 -66.06 -35.76
N PRO F 76 15.63 -66.10 -37.00
CA PRO F 76 16.40 -67.27 -37.46
C PRO F 76 17.73 -67.37 -36.74
N ASP F 77 18.19 -68.60 -36.57
CA ASP F 77 19.43 -68.87 -35.87
C ASP F 77 20.65 -68.94 -36.80
N LYS F 78 20.45 -68.81 -38.11
CA LYS F 78 21.55 -68.94 -39.07
C LYS F 78 21.57 -67.80 -40.08
N ASP F 79 20.90 -66.69 -39.79
CA ASP F 79 20.87 -65.56 -40.72
C ASP F 79 20.59 -64.29 -39.95
N CYS F 80 21.19 -63.19 -40.41
CA CYS F 80 20.98 -61.89 -39.81
C CYS F 80 19.65 -61.29 -40.27
N ARG F 81 19.13 -60.37 -39.47
CA ARG F 81 17.82 -59.79 -39.75
C ARG F 81 17.65 -58.51 -38.95
N TYR F 82 16.96 -57.54 -39.54
CA TYR F 82 16.56 -56.35 -38.81
C TYR F 82 15.19 -56.59 -38.18
N ALA F 83 14.96 -55.94 -37.05
CA ALA F 83 13.71 -56.13 -36.33
C ALA F 83 13.26 -54.81 -35.73
N LEU F 84 11.95 -54.64 -35.67
CA LEU F 84 11.32 -53.47 -35.06
C LEU F 84 10.31 -54.00 -34.05
N TYR F 85 10.55 -53.70 -32.78
CA TYR F 85 9.71 -54.19 -31.69
C TYR F 85 9.07 -53.02 -30.96
N ASP F 86 7.75 -53.06 -30.83
CA ASP F 86 7.02 -52.00 -30.13
C ASP F 86 6.96 -52.36 -28.65
N ALA F 87 8.06 -52.14 -27.95
CA ALA F 87 8.14 -52.52 -26.55
C ALA F 87 7.25 -51.64 -25.70
N THR F 88 6.62 -52.24 -24.70
CA THR F 88 5.77 -51.53 -23.74
C THR F 88 6.27 -51.86 -22.34
N TYR F 89 6.89 -50.90 -21.68
CA TYR F 89 7.50 -51.12 -20.38
C TYR F 89 6.93 -50.12 -19.37
N GLU F 90 7.16 -50.40 -18.09
CA GLU F 90 6.69 -49.54 -17.01
C GLU F 90 7.85 -49.29 -16.08
N THR F 91 8.19 -48.00 -15.93
CA THR F 91 9.28 -47.55 -15.07
C THR F 91 8.69 -47.16 -13.71
N LYS F 92 9.55 -46.88 -12.74
CA LYS F 92 9.08 -46.47 -11.42
C LYS F 92 8.26 -45.18 -11.47
N GLU F 93 8.46 -44.34 -12.48
CA GLU F 93 7.79 -43.06 -12.56
C GLU F 93 6.79 -42.94 -13.70
N SER F 94 6.83 -43.84 -14.69
CA SER F 94 5.97 -43.69 -15.85
C SER F 94 5.86 -45.03 -16.58
N LYS F 95 4.85 -45.12 -17.44
CA LYS F 95 4.66 -46.25 -18.34
C LYS F 95 4.90 -45.77 -19.77
N LYS F 96 5.86 -46.39 -20.45
CA LYS F 96 6.30 -45.95 -21.76
C LYS F 96 6.05 -47.03 -22.80
N GLU F 97 5.87 -46.60 -24.05
CA GLU F 97 5.73 -47.49 -25.19
C GLU F 97 6.64 -46.94 -26.29
N ASP F 98 7.70 -47.67 -26.60
CA ASP F 98 8.75 -47.17 -27.48
C ASP F 98 9.13 -48.22 -28.52
N LEU F 99 9.60 -47.73 -29.67
CA LEU F 99 10.10 -48.59 -30.73
C LEU F 99 11.56 -48.93 -30.49
N VAL F 100 11.90 -50.20 -30.66
CA VAL F 100 13.25 -50.70 -30.47
C VAL F 100 13.71 -51.32 -31.78
N PHE F 101 14.88 -50.91 -32.25
CA PHE F 101 15.49 -51.45 -33.46
C PHE F 101 16.50 -52.50 -33.05
N ILE F 102 16.27 -53.75 -33.47
CA ILE F 102 17.10 -54.88 -33.08
C ILE F 102 17.85 -55.38 -34.30
N PHE F 103 19.14 -55.60 -34.16
CA PHE F 103 19.98 -56.06 -35.26
C PHE F 103 20.47 -57.46 -34.91
N TRP F 104 19.75 -58.48 -35.39
CA TRP F 104 20.07 -59.86 -35.06
C TRP F 104 21.15 -60.38 -35.99
N ALA F 105 22.35 -60.57 -35.45
CA ALA F 105 23.50 -61.04 -36.24
C ALA F 105 24.16 -62.19 -35.50
N PRO F 106 23.59 -63.39 -35.60
CA PRO F 106 24.16 -64.53 -34.88
C PRO F 106 25.53 -64.91 -35.41
N GLU F 107 26.33 -65.51 -34.53
CA GLU F 107 27.68 -65.91 -34.91
C GLU F 107 27.66 -67.03 -35.94
N SER F 108 26.58 -67.81 -35.97
CA SER F 108 26.47 -68.91 -36.93
C SER F 108 26.07 -68.46 -38.32
N ALA F 109 25.69 -67.20 -38.48
CA ALA F 109 25.29 -66.70 -39.79
C ALA F 109 26.50 -66.67 -40.73
N PRO F 110 26.26 -66.80 -42.04
CA PRO F 110 27.37 -66.70 -42.99
C PRO F 110 27.99 -65.32 -42.98
N LEU F 111 29.29 -65.29 -43.29
CA LEU F 111 30.03 -64.03 -43.25
C LEU F 111 29.49 -63.02 -44.25
N LYS F 112 29.02 -63.49 -45.42
CA LYS F 112 28.41 -62.59 -46.39
C LYS F 112 27.24 -61.84 -45.79
N SER F 113 26.29 -62.57 -45.20
CA SER F 113 25.10 -61.94 -44.63
C SER F 113 25.47 -61.01 -43.47
N LYS F 114 26.38 -61.46 -42.60
CA LYS F 114 26.78 -60.61 -41.47
C LYS F 114 27.39 -59.31 -41.97
N MET F 115 28.29 -59.38 -42.94
CA MET F 115 28.96 -58.19 -43.43
C MET F 115 27.98 -57.25 -44.12
N ILE F 116 27.07 -57.80 -44.93
CA ILE F 116 26.13 -56.94 -45.67
C ILE F 116 25.14 -56.28 -44.70
N TYR F 117 24.61 -57.03 -43.74
CA TYR F 117 23.68 -56.44 -42.78
C TYR F 117 24.38 -55.41 -41.90
N ALA F 118 25.62 -55.68 -41.47
CA ALA F 118 26.33 -54.73 -40.63
C ALA F 118 26.65 -53.44 -41.37
N SER F 119 27.07 -53.56 -42.65
CA SER F 119 27.47 -52.37 -43.39
C SER F 119 26.29 -51.47 -43.72
N SER F 120 25.12 -52.06 -43.99
CA SER F 120 23.94 -51.29 -44.38
C SER F 120 23.04 -50.92 -43.22
N LYS F 121 23.43 -51.26 -41.99
CA LYS F 121 22.60 -50.94 -40.82
C LYS F 121 22.47 -49.43 -40.62
N ASP F 122 23.57 -48.69 -40.84
CA ASP F 122 23.53 -47.25 -40.60
C ASP F 122 22.55 -46.55 -41.53
N ALA F 123 22.52 -46.94 -42.82
CA ALA F 123 21.62 -46.28 -43.76
C ALA F 123 20.16 -46.50 -43.40
N ILE F 124 19.77 -47.74 -43.11
CA ILE F 124 18.38 -48.02 -42.77
C ILE F 124 18.02 -47.38 -41.44
N LYS F 125 18.95 -47.35 -40.49
CA LYS F 125 18.67 -46.67 -39.23
C LYS F 125 18.48 -45.17 -39.42
N LYS F 126 19.25 -44.56 -40.31
CA LYS F 126 19.05 -43.14 -40.62
C LYS F 126 17.69 -42.93 -41.30
N LYS F 127 17.28 -43.85 -42.17
CA LYS F 127 15.98 -43.72 -42.82
C LYS F 127 14.84 -43.84 -41.83
N LEU F 128 14.99 -44.67 -40.79
CA LEU F 128 13.96 -44.83 -39.76
C LEU F 128 14.16 -43.73 -38.72
N THR F 129 13.69 -42.53 -39.07
CA THR F 129 13.84 -41.38 -38.20
C THR F 129 12.86 -41.45 -37.03
N GLY F 130 13.37 -41.18 -35.83
CA GLY F 130 12.55 -41.11 -34.64
C GLY F 130 12.66 -42.26 -33.68
N ILE F 131 13.64 -43.15 -33.86
CA ILE F 131 13.83 -44.29 -32.98
C ILE F 131 15.08 -44.06 -32.13
N LYS F 132 14.96 -44.34 -30.83
CA LYS F 132 16.04 -44.11 -29.88
C LYS F 132 16.70 -45.38 -29.38
N HIS F 133 15.93 -46.34 -28.89
CA HIS F 133 16.49 -47.58 -28.35
C HIS F 133 16.94 -48.50 -29.48
N GLU F 134 18.09 -49.12 -29.30
CA GLU F 134 18.62 -50.09 -30.25
C GLU F 134 19.29 -51.22 -29.49
N LEU F 135 18.98 -52.46 -29.88
CA LEU F 135 19.51 -53.65 -29.23
C LEU F 135 20.26 -54.47 -30.27
N GLN F 136 21.58 -54.51 -30.17
CA GLN F 136 22.43 -55.28 -31.08
C GLN F 136 22.76 -56.61 -30.40
N ALA F 137 22.18 -57.69 -30.90
CA ALA F 137 22.37 -59.03 -30.35
C ALA F 137 23.14 -59.87 -31.34
N ASN F 138 24.23 -60.50 -30.87
CA ASN F 138 25.08 -61.33 -31.72
C ASN F 138 25.00 -62.81 -31.37
N CYS F 139 24.14 -63.19 -30.42
CA CYS F 139 23.93 -64.59 -30.12
C CYS F 139 22.57 -64.74 -29.46
N TYR F 140 22.11 -66.00 -29.39
CA TYR F 140 20.76 -66.26 -28.88
C TYR F 140 20.63 -65.85 -27.42
N GLU F 141 21.72 -65.91 -26.65
CA GLU F 141 21.66 -65.52 -25.24
C GLU F 141 21.38 -64.03 -25.08
N GLU F 142 21.96 -63.19 -25.94
CA GLU F 142 21.77 -61.75 -25.81
C GLU F 142 20.34 -61.34 -26.14
N VAL F 143 19.64 -62.11 -26.98
CA VAL F 143 18.30 -61.73 -27.39
C VAL F 143 17.20 -62.45 -26.61
N LYS F 144 17.49 -63.63 -26.06
CA LYS F 144 16.45 -64.40 -25.39
C LYS F 144 16.05 -63.80 -24.05
N ASP F 145 17.02 -63.29 -23.29
CA ASP F 145 16.72 -62.79 -21.95
C ASP F 145 15.88 -61.53 -22.02
N ARG F 146 14.90 -61.43 -21.12
CA ARG F 146 14.08 -60.22 -21.03
C ARG F 146 14.82 -59.10 -20.32
N CYS F 147 15.68 -59.46 -19.36
CA CYS F 147 16.38 -58.47 -18.56
C CYS F 147 17.33 -57.60 -19.38
N THR F 148 17.94 -58.16 -20.42
CA THR F 148 18.81 -57.33 -21.27
C THR F 148 18.01 -56.28 -22.02
N LEU F 149 16.84 -56.64 -22.54
CA LEU F 149 15.98 -55.65 -23.19
C LEU F 149 15.53 -54.59 -22.19
N ALA F 150 15.16 -55.02 -20.98
CA ALA F 150 14.77 -54.06 -19.96
C ALA F 150 15.90 -53.09 -19.63
N GLU F 151 17.13 -53.62 -19.52
CA GLU F 151 18.28 -52.76 -19.24
C GLU F 151 18.53 -51.79 -20.39
N LYS F 152 18.40 -52.26 -21.63
CA LYS F 152 18.58 -51.37 -22.78
C LYS F 152 17.55 -50.26 -22.80
N LEU F 153 16.30 -50.59 -22.46
CA LEU F 153 15.23 -49.59 -22.45
C LEU F 153 15.49 -48.50 -21.42
N GLY F 154 15.53 -48.86 -20.14
CA GLY F 154 15.74 -47.87 -19.10
C GLY F 154 16.89 -48.18 -18.16
N GLY F 155 17.25 -49.46 -18.05
CA GLY F 155 18.26 -49.88 -17.09
C GLY F 155 17.65 -50.55 -15.89
N SER F 156 18.10 -50.17 -14.69
CA SER F 156 17.52 -50.70 -13.46
C SER F 156 16.21 -50.00 -13.09
N ALA F 157 15.86 -48.92 -13.78
CA ALA F 157 14.63 -48.20 -13.47
C ALA F 157 13.40 -48.94 -13.98
N VAL F 158 13.55 -49.78 -15.01
CA VAL F 158 12.42 -50.53 -15.55
C VAL F 158 12.01 -51.57 -14.53
N ILE F 159 10.75 -51.52 -14.10
CA ILE F 159 10.25 -52.46 -13.09
C ILE F 159 9.32 -53.48 -13.74
N SER F 160 8.68 -53.11 -14.84
CA SER F 160 7.80 -54.05 -15.52
C SER F 160 8.05 -53.98 -17.03
N LEU F 161 7.85 -55.11 -17.70
CA LEU F 161 8.00 -55.17 -19.14
C LEU F 161 6.87 -56.02 -19.71
N GLU F 162 6.14 -55.44 -20.67
CA GLU F 162 5.01 -56.12 -21.32
C GLU F 162 3.96 -56.55 -20.31
N GLY F 163 3.73 -55.72 -19.30
CA GLY F 163 2.68 -55.96 -18.33
C GLY F 163 3.01 -56.95 -17.23
N LYS F 164 4.22 -57.49 -17.22
CA LYS F 164 4.62 -58.47 -16.21
C LYS F 164 5.91 -58.02 -15.55
N PRO F 165 5.99 -58.12 -14.22
CA PRO F 165 7.20 -57.67 -13.52
C PRO F 165 8.40 -58.52 -13.87
N LEU F 166 9.57 -57.89 -13.80
CA LEU F 166 10.83 -58.54 -14.14
C LEU F 166 11.13 -59.70 -13.18
N ALA G 2 49.65 -9.94 1.94
CA ALA G 2 49.98 -8.91 2.91
C ALA G 2 51.48 -8.88 3.20
N SER G 3 52.15 -7.86 2.67
CA SER G 3 53.59 -7.74 2.88
C SER G 3 53.93 -7.28 4.28
N GLY G 4 53.07 -6.47 4.89
CA GLY G 4 53.30 -5.96 6.22
C GLY G 4 53.87 -4.57 6.31
N VAL G 5 54.00 -3.86 5.19
CA VAL G 5 54.53 -2.50 5.23
C VAL G 5 53.47 -1.57 5.80
N ALA G 6 53.86 -0.80 6.81
CA ALA G 6 52.95 0.10 7.50
C ALA G 6 53.03 1.51 6.92
N VAL G 7 51.99 2.29 7.16
CA VAL G 7 51.94 3.67 6.68
C VAL G 7 52.55 4.58 7.73
N SER G 8 53.48 5.42 7.30
CA SER G 8 54.12 6.36 8.21
C SER G 8 53.12 7.43 8.66
N ASP G 9 53.38 8.00 9.83
CA ASP G 9 52.50 9.03 10.39
C ASP G 9 52.45 10.28 9.51
N GLY G 10 53.55 10.61 8.84
CA GLY G 10 53.54 11.75 7.94
C GLY G 10 52.58 11.60 6.77
N VAL G 11 52.52 10.42 6.17
CA VAL G 11 51.58 10.18 5.08
C VAL G 11 50.14 10.30 5.57
N ILE G 12 49.85 9.75 6.76
CA ILE G 12 48.51 9.86 7.32
C ILE G 12 48.15 11.32 7.58
N LYS G 13 49.09 12.09 8.13
CA LYS G 13 48.83 13.50 8.39
C LYS G 13 48.59 14.27 7.10
N VAL G 14 49.39 13.99 6.07
CA VAL G 14 49.21 14.66 4.78
C VAL G 14 47.84 14.32 4.18
N PHE G 15 47.45 13.04 4.25
CA PHE G 15 46.15 12.64 3.73
C PHE G 15 45.02 13.31 4.50
N ASN G 16 45.15 13.41 5.82
CA ASN G 16 44.11 14.05 6.62
C ASN G 16 44.01 15.54 6.29
N ASP G 17 45.16 16.19 6.10
CA ASP G 17 45.13 17.61 5.74
C ASP G 17 44.54 17.83 4.35
N MET G 18 44.84 16.94 3.42
CA MET G 18 44.34 17.10 2.05
C MET G 18 42.87 16.74 1.91
N LYS G 19 42.38 15.77 2.69
CA LYS G 19 41.01 15.31 2.56
C LYS G 19 40.01 16.37 2.98
N VAL G 20 40.07 16.79 4.24
CA VAL G 20 39.15 17.79 4.78
C VAL G 20 39.82 19.15 4.67
N ARG G 21 39.17 20.06 3.93
CA ARG G 21 39.70 21.41 3.71
C ARG G 21 39.12 22.33 4.77
N LYS G 22 39.94 22.69 5.76
CA LYS G 22 39.52 23.59 6.82
C LYS G 22 39.65 25.03 6.38
N SER G 23 38.82 25.90 6.97
CA SER G 23 38.87 27.32 6.65
C SER G 23 40.23 27.89 7.01
N SER G 24 40.79 28.68 6.10
CA SER G 24 42.13 29.21 6.28
C SER G 24 42.30 30.47 5.43
N THR G 25 43.35 31.21 5.73
CA THR G 25 43.69 32.41 4.96
C THR G 25 44.11 32.01 3.54
N PRO G 26 43.91 32.90 2.56
CA PRO G 26 44.25 32.54 1.18
C PRO G 26 45.71 32.19 0.98
N GLU G 27 46.63 32.83 1.70
CA GLU G 27 48.03 32.43 1.61
C GLU G 27 48.27 31.07 2.23
N GLU G 28 47.36 30.59 3.07
CA GLU G 28 47.39 29.22 3.55
C GLU G 28 46.61 28.27 2.66
N VAL G 29 45.60 28.77 1.95
CA VAL G 29 44.89 27.95 0.97
C VAL G 29 45.82 27.61 -0.19
N LYS G 30 46.68 28.56 -0.57
CA LYS G 30 47.62 28.31 -1.65
C LYS G 30 48.63 27.23 -1.30
N LYS G 31 48.76 26.87 -0.03
CA LYS G 31 49.69 25.83 0.40
C LYS G 31 49.07 24.44 0.39
N ARG G 32 47.81 24.31 -0.01
CA ARG G 32 47.18 23.01 -0.08
C ARG G 32 47.79 22.16 -1.19
N LYS G 33 47.68 20.85 -1.02
CA LYS G 33 48.28 19.90 -1.96
C LYS G 33 47.25 19.42 -2.97
N LYS G 34 47.56 19.59 -4.25
CA LYS G 34 46.73 19.07 -5.34
C LYS G 34 47.09 17.63 -5.69
N ALA G 35 48.38 17.29 -5.64
CA ALA G 35 48.85 15.95 -5.93
C ALA G 35 50.09 15.66 -5.10
N VAL G 36 50.21 14.42 -4.64
CA VAL G 36 51.34 14.02 -3.80
C VAL G 36 51.71 12.57 -4.14
N LEU G 37 52.97 12.22 -3.89
CA LEU G 37 53.51 10.91 -4.20
C LEU G 37 54.01 10.24 -2.93
N PHE G 38 53.76 8.93 -2.83
CA PHE G 38 54.25 8.10 -1.73
C PHE G 38 55.16 7.02 -2.27
N CYS G 39 56.30 6.86 -1.62
CA CYS G 39 57.27 5.83 -1.99
C CYS G 39 57.60 4.96 -0.78
N LEU G 40 58.58 4.07 -0.92
CA LEU G 40 59.02 3.23 0.18
C LEU G 40 60.28 3.80 0.81
N SER G 41 60.45 3.52 2.10
CA SER G 41 61.68 3.90 2.78
C SER G 41 62.85 3.07 2.28
N GLU G 42 64.06 3.52 2.63
CA GLU G 42 65.26 2.82 2.16
C GLU G 42 65.34 1.40 2.69
N ASP G 43 64.74 1.14 3.86
CA ASP G 43 64.68 -0.20 4.41
C ASP G 43 63.43 -0.97 3.98
N LYS G 44 62.56 -0.34 3.19
CA LYS G 44 61.32 -0.96 2.71
C LYS G 44 60.48 -1.48 3.87
N LYS G 45 60.39 -0.69 4.94
CA LYS G 45 59.57 -1.02 6.10
C LYS G 45 58.41 -0.07 6.32
N ASN G 46 58.40 1.08 5.65
CA ASN G 46 57.33 2.05 5.81
C ASN G 46 57.08 2.74 4.48
N ILE G 47 55.87 3.25 4.31
CA ILE G 47 55.52 4.07 3.15
C ILE G 47 55.68 5.54 3.57
N ILE G 48 56.60 6.23 2.89
CA ILE G 48 56.95 7.59 3.25
C ILE G 48 56.61 8.53 2.09
N LEU G 49 56.76 9.82 2.35
CA LEU G 49 56.52 10.85 1.35
C LEU G 49 57.75 11.03 0.47
N GLU G 50 57.52 11.20 -0.83
CA GLU G 50 58.60 11.51 -1.76
C GLU G 50 58.88 13.00 -1.71
N GLU G 51 60.08 13.38 -1.26
CA GLU G 51 60.41 14.78 -1.06
C GLU G 51 60.52 15.49 -2.42
N GLY G 52 59.80 16.61 -2.55
CA GLY G 52 59.84 17.41 -3.74
C GLY G 52 58.91 16.98 -4.84
N LYS G 53 58.30 15.80 -4.75
CA LYS G 53 57.37 15.31 -5.75
C LYS G 53 55.94 15.59 -5.32
N GLU G 54 55.59 16.88 -5.35
CA GLU G 54 54.26 17.31 -4.96
C GLU G 54 53.86 18.53 -5.77
N ILE G 55 52.56 18.75 -5.88
CA ILE G 55 52.00 19.91 -6.56
C ILE G 55 51.13 20.66 -5.56
N LEU G 56 51.29 21.98 -5.51
CA LEU G 56 50.50 22.80 -4.62
C LEU G 56 49.35 23.46 -5.39
N VAL G 57 48.28 23.77 -4.66
CA VAL G 57 47.13 24.42 -5.27
C VAL G 57 47.50 25.80 -5.78
N GLY G 58 48.38 26.49 -5.06
CA GLY G 58 48.80 27.82 -5.50
C GLY G 58 49.51 27.80 -6.83
N ASP G 59 50.32 26.77 -7.07
CA ASP G 59 51.02 26.66 -8.36
C ASP G 59 50.06 26.40 -9.50
N VAL G 60 48.90 25.83 -9.23
CA VAL G 60 47.92 25.53 -10.28
C VAL G 60 47.32 26.82 -10.79
N GLY G 61 47.42 27.05 -12.09
CA GLY G 61 46.88 28.23 -12.72
C GLY G 61 47.89 29.34 -12.97
N GLN G 62 49.04 29.32 -12.30
CA GLN G 62 50.07 30.33 -12.49
C GLN G 62 51.41 29.74 -12.92
N THR G 63 51.76 28.55 -12.43
CA THR G 63 53.01 27.89 -12.79
C THR G 63 52.78 26.63 -13.61
N VAL G 64 51.91 25.75 -13.16
CA VAL G 64 51.49 24.57 -13.92
C VAL G 64 50.13 24.88 -14.52
N ASP G 65 50.01 24.70 -15.83
CA ASP G 65 48.76 25.00 -16.51
C ASP G 65 47.78 23.84 -16.43
N ASP G 66 48.27 22.62 -16.65
CA ASP G 66 47.45 21.42 -16.57
C ASP G 66 47.96 20.54 -15.43
N PRO G 67 47.29 20.53 -14.27
CA PRO G 67 47.81 19.74 -13.14
C PRO G 67 47.97 18.26 -13.43
N TYR G 68 47.06 17.68 -14.21
CA TYR G 68 47.15 16.25 -14.49
C TYR G 68 48.41 15.91 -15.29
N ALA G 69 48.73 16.73 -16.30
CA ALA G 69 49.91 16.46 -17.11
C ALA G 69 51.18 16.55 -16.29
N THR G 70 51.31 17.59 -15.46
CA THR G 70 52.49 17.73 -14.60
C THR G 70 52.58 16.58 -13.61
N PHE G 71 51.44 16.19 -13.03
CA PHE G 71 51.44 15.07 -12.09
C PHE G 71 51.88 13.78 -12.77
N VAL G 72 51.44 13.56 -14.02
CA VAL G 72 51.86 12.39 -14.77
C VAL G 72 53.36 12.43 -15.02
N LYS G 73 53.88 13.61 -15.42
CA LYS G 73 55.32 13.75 -15.62
C LYS G 73 56.10 13.53 -14.33
N MET G 74 55.48 13.75 -13.17
CA MET G 74 56.15 13.47 -11.90
C MET G 74 56.32 11.98 -11.67
N LEU G 75 55.53 11.14 -12.32
CA LEU G 75 55.60 9.70 -12.08
C LEU G 75 56.91 9.13 -12.66
N PRO G 76 57.63 8.32 -11.90
CA PRO G 76 58.85 7.70 -12.44
C PRO G 76 58.53 6.69 -13.53
N ASP G 77 59.45 6.56 -14.49
CA ASP G 77 59.28 5.66 -15.61
C ASP G 77 59.89 4.28 -15.38
N LYS G 78 60.59 4.08 -14.26
CA LYS G 78 61.24 2.80 -14.00
C LYS G 78 60.93 2.28 -12.60
N ASP G 79 59.97 2.87 -11.90
CA ASP G 79 59.65 2.45 -10.54
C ASP G 79 58.17 2.65 -10.29
N CYS G 80 57.66 1.93 -9.29
CA CYS G 80 56.26 2.03 -8.91
C CYS G 80 56.10 3.04 -7.77
N ARG G 81 54.88 3.56 -7.63
CA ARG G 81 54.64 4.63 -6.68
C ARG G 81 53.16 4.64 -6.30
N TYR G 82 52.85 5.26 -5.15
CA TYR G 82 51.48 5.58 -4.82
C TYR G 82 51.28 7.07 -5.04
N ALA G 83 50.04 7.48 -5.32
CA ALA G 83 49.76 8.87 -5.62
C ALA G 83 48.39 9.24 -5.10
N LEU G 84 48.27 10.46 -4.61
CA LEU G 84 46.99 11.03 -4.21
C LEU G 84 46.77 12.29 -5.04
N TYR G 85 45.70 12.32 -5.81
CA TYR G 85 45.40 13.43 -6.70
C TYR G 85 44.03 14.00 -6.37
N ASP G 86 43.97 15.29 -6.05
CA ASP G 86 42.71 15.96 -5.75
C ASP G 86 42.12 16.42 -7.07
N ALA G 87 41.35 15.54 -7.71
CA ALA G 87 40.83 15.81 -9.03
C ALA G 87 39.54 16.62 -8.95
N THR G 88 39.52 17.75 -9.62
CA THR G 88 38.31 18.57 -9.78
C THR G 88 37.77 18.31 -11.18
N TYR G 89 36.46 18.11 -11.27
CA TYR G 89 35.81 17.84 -12.54
C TYR G 89 34.36 18.33 -12.48
N GLU G 90 33.66 18.18 -13.60
CA GLU G 90 32.29 18.66 -13.70
C GLU G 90 31.53 17.75 -14.65
N THR G 91 30.44 17.18 -14.14
CA THR G 91 29.55 16.35 -14.92
C THR G 91 28.39 17.19 -15.46
N LYS G 92 27.40 16.52 -16.05
CA LYS G 92 26.27 17.23 -16.61
C LYS G 92 25.34 17.79 -15.55
N GLU G 93 25.54 17.43 -14.28
CA GLU G 93 24.63 17.83 -13.23
C GLU G 93 25.29 18.48 -12.02
N SER G 94 26.62 18.46 -11.91
CA SER G 94 27.28 18.99 -10.74
C SER G 94 28.76 19.22 -11.01
N LYS G 95 29.40 19.93 -10.09
CA LYS G 95 30.85 20.14 -10.10
C LYS G 95 31.42 19.51 -8.84
N LYS G 96 32.36 18.58 -9.02
CA LYS G 96 32.86 17.76 -7.92
C LYS G 96 34.36 17.93 -7.76
N GLU G 97 34.83 17.67 -6.54
CA GLU G 97 36.26 17.69 -6.20
C GLU G 97 36.52 16.47 -5.32
N ASP G 98 37.06 15.40 -5.90
CA ASP G 98 37.24 14.15 -5.19
C ASP G 98 38.69 13.72 -5.21
N LEU G 99 39.07 12.94 -4.19
CA LEU G 99 40.42 12.38 -4.09
C LEU G 99 40.50 11.08 -4.88
N VAL G 100 41.58 10.92 -5.62
CA VAL G 100 41.84 9.74 -6.44
C VAL G 100 43.15 9.12 -6.00
N PHE G 101 43.13 7.81 -5.76
CA PHE G 101 44.32 7.05 -5.37
C PHE G 101 44.86 6.36 -6.62
N ILE G 102 46.05 6.73 -7.03
CA ILE G 102 46.69 6.19 -8.23
C ILE G 102 47.80 5.24 -7.81
N PHE G 103 47.76 4.02 -8.34
CA PHE G 103 48.78 3.01 -8.07
C PHE G 103 49.62 2.86 -9.32
N TRP G 104 50.70 3.64 -9.41
CA TRP G 104 51.58 3.61 -10.57
C TRP G 104 52.47 2.37 -10.46
N ALA G 105 52.50 1.56 -11.52
CA ALA G 105 53.27 0.32 -11.54
C ALA G 105 53.59 -0.05 -12.97
N PRO G 106 54.57 0.61 -13.58
CA PRO G 106 54.89 0.33 -14.98
C PRO G 106 55.46 -1.07 -15.16
N GLU G 107 55.23 -1.64 -16.34
CA GLU G 107 55.75 -2.97 -16.65
C GLU G 107 57.28 -3.00 -16.71
N SER G 108 57.92 -1.85 -16.91
CA SER G 108 59.37 -1.78 -16.95
C SER G 108 60.01 -1.71 -15.57
N ALA G 109 59.21 -1.58 -14.51
CA ALA G 109 59.75 -1.50 -13.16
C ALA G 109 60.31 -2.87 -12.74
N PRO G 110 61.25 -2.89 -11.81
CA PRO G 110 61.76 -4.17 -11.32
C PRO G 110 60.68 -4.96 -10.61
N LEU G 111 60.80 -6.29 -10.68
CA LEU G 111 59.77 -7.17 -10.13
C LEU G 111 59.66 -7.00 -8.62
N LYS G 112 60.77 -6.77 -7.93
CA LYS G 112 60.74 -6.62 -6.48
C LYS G 112 59.85 -5.46 -6.06
N SER G 113 60.03 -4.29 -6.68
CA SER G 113 59.22 -3.14 -6.35
C SER G 113 57.75 -3.37 -6.67
N LYS G 114 57.47 -3.96 -7.84
CA LYS G 114 56.08 -4.24 -8.20
C LYS G 114 55.42 -5.16 -7.18
N MET G 115 56.12 -6.22 -6.78
CA MET G 115 55.54 -7.16 -5.82
C MET G 115 55.29 -6.50 -4.47
N ILE G 116 56.29 -5.76 -3.97
CA ILE G 116 56.12 -5.14 -2.65
C ILE G 116 54.99 -4.11 -2.68
N TYR G 117 54.94 -3.29 -3.73
CA TYR G 117 53.90 -2.27 -3.82
C TYR G 117 52.51 -2.87 -3.98
N ALA G 118 52.39 -3.92 -4.81
CA ALA G 118 51.09 -4.54 -5.02
C ALA G 118 50.60 -5.26 -3.78
N SER G 119 51.51 -5.93 -3.05
CA SER G 119 51.09 -6.66 -1.86
C SER G 119 50.65 -5.71 -0.74
N SER G 120 51.25 -4.53 -0.66
CA SER G 120 50.97 -3.58 0.41
C SER G 120 49.97 -2.50 0.02
N LYS G 121 49.41 -2.55 -1.19
CA LYS G 121 48.47 -1.52 -1.62
C LYS G 121 47.22 -1.51 -0.76
N ASP G 122 46.67 -2.69 -0.47
CA ASP G 122 45.46 -2.75 0.34
C ASP G 122 45.71 -2.27 1.76
N ALA G 123 46.90 -2.54 2.31
CA ALA G 123 47.21 -2.09 3.66
C ALA G 123 47.19 -0.58 3.77
N ILE G 124 47.81 0.12 2.81
CA ILE G 124 47.81 1.58 2.85
C ILE G 124 46.44 2.13 2.50
N LYS G 125 45.73 1.49 1.57
CA LYS G 125 44.41 1.99 1.19
C LYS G 125 43.39 1.84 2.31
N LYS G 126 43.54 0.82 3.16
CA LYS G 126 42.61 0.67 4.27
C LYS G 126 42.80 1.76 5.31
N LYS G 127 44.02 2.28 5.46
CA LYS G 127 44.25 3.39 6.37
C LYS G 127 43.72 4.71 5.81
N LEU G 128 43.76 4.86 4.48
CA LEU G 128 43.26 6.08 3.83
C LEU G 128 41.75 5.95 3.60
N THR G 129 41.02 6.02 4.70
CA THR G 129 39.57 5.93 4.63
C THR G 129 38.96 7.20 4.05
N GLY G 130 37.90 7.04 3.27
CA GLY G 130 37.19 8.16 2.70
C GLY G 130 37.47 8.46 1.25
N ILE G 131 38.25 7.63 0.56
CA ILE G 131 38.52 7.80 -0.87
C ILE G 131 37.71 6.77 -1.63
N LYS G 132 37.06 7.21 -2.71
CA LYS G 132 36.18 6.36 -3.50
C LYS G 132 36.76 5.98 -4.85
N HIS G 133 37.45 6.90 -5.52
CA HIS G 133 38.01 6.62 -6.84
C HIS G 133 39.44 6.11 -6.72
N GLU G 134 39.75 5.07 -7.48
CA GLU G 134 41.11 4.55 -7.57
C GLU G 134 41.44 4.28 -9.02
N LEU G 135 42.62 4.73 -9.45
CA LEU G 135 43.13 4.46 -10.79
C LEU G 135 44.36 3.57 -10.68
N GLN G 136 44.32 2.41 -11.33
CA GLN G 136 45.45 1.49 -11.35
C GLN G 136 46.09 1.58 -12.73
N ALA G 137 47.30 2.13 -12.79
CA ALA G 137 48.02 2.34 -14.04
C ALA G 137 49.23 1.43 -14.09
N ASN G 138 49.34 0.65 -15.17
CA ASN G 138 50.47 -0.22 -15.39
C ASN G 138 51.30 0.15 -16.61
N CYS G 139 50.88 1.16 -17.36
CA CYS G 139 51.61 1.64 -18.52
C CYS G 139 51.49 3.15 -18.59
N TYR G 140 52.43 3.77 -19.29
CA TYR G 140 52.41 5.22 -19.43
C TYR G 140 51.18 5.67 -20.21
N GLU G 141 50.77 4.90 -21.22
CA GLU G 141 49.61 5.26 -22.02
C GLU G 141 48.32 5.15 -21.22
N GLU G 142 48.33 4.35 -20.14
CA GLU G 142 47.13 4.18 -19.33
C GLU G 142 46.91 5.36 -18.37
N VAL G 143 47.90 6.23 -18.20
CA VAL G 143 47.79 7.34 -17.28
C VAL G 143 48.02 8.70 -17.94
N LYS G 144 48.71 8.77 -19.07
CA LYS G 144 48.95 10.06 -19.71
C LYS G 144 47.67 10.62 -20.29
N ASP G 145 46.76 9.75 -20.73
CA ASP G 145 45.51 10.21 -21.32
C ASP G 145 44.66 10.94 -20.28
N ARG G 146 43.99 12.00 -20.71
CA ARG G 146 43.10 12.73 -19.81
C ARG G 146 41.72 12.08 -19.75
N CYS G 147 41.42 11.15 -20.65
CA CYS G 147 40.07 10.57 -20.70
C CYS G 147 39.97 9.36 -19.77
N THR G 148 41.08 8.67 -19.52
CA THR G 148 41.03 7.51 -18.64
C THR G 148 40.72 7.91 -17.20
N LEU G 149 41.23 9.06 -16.75
CA LEU G 149 40.85 9.55 -15.44
C LEU G 149 39.38 9.90 -15.37
N ALA G 150 38.85 10.55 -16.42
CA ALA G 150 37.45 10.93 -16.43
C ALA G 150 36.54 9.72 -16.44
N GLU G 151 36.94 8.66 -17.16
CA GLU G 151 36.15 7.43 -17.17
C GLU G 151 36.09 6.81 -15.77
N LYS G 152 37.22 6.82 -15.06
CA LYS G 152 37.22 6.29 -13.69
C LYS G 152 36.38 7.15 -12.76
N LEU G 153 36.46 8.47 -12.91
CA LEU G 153 35.75 9.39 -12.02
C LEU G 153 34.23 9.20 -12.11
N GLY G 154 33.65 9.48 -13.28
CA GLY G 154 32.23 9.34 -13.46
C GLY G 154 31.84 8.49 -14.64
N GLY G 155 32.72 8.39 -15.62
CA GLY G 155 32.43 7.67 -16.84
C GLY G 155 32.13 8.64 -17.99
N SER G 156 31.01 8.41 -18.67
CA SER G 156 30.60 9.28 -19.77
C SER G 156 29.88 10.54 -19.28
N ALA G 157 29.55 10.63 -17.99
CA ALA G 157 28.86 11.80 -17.48
C ALA G 157 29.79 13.00 -17.35
N VAL G 158 31.09 12.74 -17.16
CA VAL G 158 32.04 13.83 -16.97
C VAL G 158 32.19 14.60 -18.27
N ILE G 159 31.86 15.89 -18.23
CA ILE G 159 31.98 16.75 -19.40
C ILE G 159 33.16 17.71 -19.31
N SER G 160 33.70 17.96 -18.12
CA SER G 160 34.86 18.84 -17.99
C SER G 160 35.77 18.27 -16.91
N LEU G 161 37.08 18.43 -17.12
CA LEU G 161 38.09 17.98 -16.15
C LEU G 161 39.11 19.09 -15.97
N GLU G 162 39.33 19.49 -14.72
CA GLU G 162 40.30 20.52 -14.37
C GLU G 162 40.04 21.82 -15.11
N GLY G 163 38.76 22.15 -15.29
CA GLY G 163 38.38 23.40 -15.92
C GLY G 163 38.47 23.43 -17.42
N LYS G 164 38.87 22.35 -18.07
CA LYS G 164 39.01 22.31 -19.52
C LYS G 164 38.09 21.23 -20.08
N PRO G 165 37.32 21.52 -21.12
CA PRO G 165 36.43 20.51 -21.70
C PRO G 165 37.21 19.32 -22.23
N LEU G 166 36.60 18.14 -22.11
CA LEU G 166 37.23 16.91 -22.59
C LEU G 166 37.21 16.86 -24.11
N ALA H 2 -11.08 -24.42 -13.06
CA ALA H 2 -12.45 -24.45 -13.56
C ALA H 2 -12.74 -25.79 -14.25
N SER H 3 -13.23 -26.75 -13.48
CA SER H 3 -13.53 -28.07 -14.01
C SER H 3 -14.85 -28.14 -14.76
N GLY H 4 -15.70 -27.12 -14.64
CA GLY H 4 -16.95 -27.10 -15.35
C GLY H 4 -18.09 -27.86 -14.69
N VAL H 5 -17.89 -28.35 -13.47
CA VAL H 5 -18.93 -29.09 -12.78
C VAL H 5 -20.04 -28.12 -12.37
N ALA H 6 -21.27 -28.45 -12.74
CA ALA H 6 -22.42 -27.61 -12.43
C ALA H 6 -23.00 -27.97 -11.07
N VAL H 7 -23.76 -27.04 -10.50
CA VAL H 7 -24.42 -27.21 -9.21
C VAL H 7 -25.86 -27.61 -9.46
N SER H 8 -26.27 -28.74 -8.88
CA SER H 8 -27.63 -29.22 -9.06
C SER H 8 -28.63 -28.27 -8.42
N ASP H 9 -29.85 -28.25 -8.98
CA ASP H 9 -30.89 -27.36 -8.49
C ASP H 9 -31.29 -27.66 -7.05
N GLY H 10 -31.18 -28.92 -6.62
CA GLY H 10 -31.49 -29.25 -5.25
C GLY H 10 -30.58 -28.56 -4.25
N VAL H 11 -29.29 -28.50 -4.57
CA VAL H 11 -28.34 -27.82 -3.68
C VAL H 11 -28.65 -26.33 -3.60
N ILE H 12 -28.97 -25.70 -4.73
CA ILE H 12 -29.30 -24.29 -4.73
C ILE H 12 -30.57 -24.04 -3.94
N LYS H 13 -31.57 -24.90 -4.10
CA LYS H 13 -32.81 -24.76 -3.34
C LYS H 13 -32.56 -24.91 -1.84
N VAL H 14 -31.73 -25.89 -1.45
CA VAL H 14 -31.43 -26.10 -0.04
C VAL H 14 -30.70 -24.90 0.54
N PHE H 15 -29.73 -24.36 -0.21
CA PHE H 15 -29.01 -23.17 0.26
C PHE H 15 -29.94 -21.97 0.39
N ASN H 16 -30.85 -21.80 -0.57
CA ASN H 16 -31.78 -20.67 -0.51
C ASN H 16 -32.72 -20.80 0.68
N ASP H 17 -33.19 -22.02 0.97
CA ASP H 17 -34.04 -22.22 2.14
C ASP H 17 -33.26 -22.00 3.43
N MET H 18 -31.99 -22.41 3.46
CA MET H 18 -31.21 -22.29 4.69
C MET H 18 -30.79 -20.86 4.97
N LYS H 19 -30.44 -20.08 3.94
CA LYS H 19 -29.96 -18.72 4.18
C LYS H 19 -31.06 -17.82 4.71
N VAL H 20 -32.14 -17.65 3.95
CA VAL H 20 -33.24 -16.77 4.33
C VAL H 20 -34.19 -17.54 5.23
N ARG H 21 -34.44 -16.99 6.43
CA ARG H 21 -35.35 -17.60 7.40
C ARG H 21 -36.71 -16.92 7.26
N LYS H 22 -37.68 -17.64 6.70
CA LYS H 22 -39.03 -17.13 6.56
C LYS H 22 -39.88 -17.55 7.75
N SER H 23 -40.90 -16.76 8.05
CA SER H 23 -41.78 -17.06 9.17
C SER H 23 -42.50 -18.38 8.92
N SER H 24 -42.55 -19.23 9.94
CA SER H 24 -43.11 -20.56 9.80
C SER H 24 -43.58 -21.04 11.17
N THR H 25 -44.35 -22.13 11.14
CA THR H 25 -44.83 -22.73 12.38
C THR H 25 -43.65 -23.31 13.17
N PRO H 26 -43.79 -23.43 14.49
CA PRO H 26 -42.69 -24.02 15.28
C PRO H 26 -42.36 -25.45 14.87
N GLU H 27 -43.34 -26.20 14.38
CA GLU H 27 -43.05 -27.53 13.83
C GLU H 27 -42.24 -27.45 12.54
N GLU H 28 -42.37 -26.36 11.79
CA GLU H 28 -41.61 -26.18 10.57
C GLU H 28 -40.21 -25.63 10.82
N VAL H 29 -40.01 -24.94 11.94
CA VAL H 29 -38.68 -24.44 12.27
C VAL H 29 -37.73 -25.60 12.57
N LYS H 30 -38.24 -26.64 13.22
CA LYS H 30 -37.43 -27.81 13.54
C LYS H 30 -36.97 -28.55 12.29
N LYS H 31 -37.58 -28.28 11.13
CA LYS H 31 -37.20 -28.91 9.88
C LYS H 31 -36.09 -28.16 9.16
N ARG H 32 -35.64 -27.02 9.70
CA ARG H 32 -34.56 -26.27 9.09
C ARG H 32 -33.24 -27.05 9.20
N LYS H 33 -32.36 -26.82 8.23
CA LYS H 33 -31.08 -27.49 8.18
C LYS H 33 -30.00 -26.64 8.84
N LYS H 34 -29.33 -27.21 9.84
CA LYS H 34 -28.22 -26.54 10.52
C LYS H 34 -26.89 -26.80 9.83
N ALA H 35 -26.65 -28.04 9.41
CA ALA H 35 -25.44 -28.40 8.68
C ALA H 35 -25.81 -29.38 7.59
N VAL H 36 -25.29 -29.16 6.38
CA VAL H 36 -25.60 -30.01 5.24
C VAL H 36 -24.30 -30.30 4.48
N LEU H 37 -24.25 -31.45 3.81
CA LEU H 37 -23.07 -31.89 3.07
C LEU H 37 -23.42 -32.12 1.61
N PHE H 38 -22.58 -31.61 0.73
CA PHE H 38 -22.68 -31.82 -0.71
C PHE H 38 -21.50 -32.66 -1.19
N CYS H 39 -21.78 -33.54 -2.14
CA CYS H 39 -20.76 -34.39 -2.73
C CYS H 39 -20.93 -34.39 -4.25
N LEU H 40 -20.08 -35.14 -4.92
CA LEU H 40 -20.15 -35.24 -6.38
C LEU H 40 -21.09 -36.36 -6.79
N SER H 41 -21.65 -36.22 -7.99
CA SER H 41 -22.48 -37.27 -8.55
C SER H 41 -21.62 -38.47 -8.94
N GLU H 42 -22.28 -39.61 -9.12
CA GLU H 42 -21.57 -40.82 -9.53
C GLU H 42 -20.92 -40.65 -10.90
N ASP H 43 -21.50 -39.81 -11.75
CA ASP H 43 -20.91 -39.48 -13.04
C ASP H 43 -19.96 -38.29 -12.97
N LYS H 44 -19.79 -37.69 -11.78
CA LYS H 44 -18.89 -36.55 -11.58
C LYS H 44 -19.23 -35.39 -12.52
N LYS H 45 -20.52 -35.13 -12.69
CA LYS H 45 -20.99 -34.03 -13.53
C LYS H 45 -21.76 -32.97 -12.76
N ASN H 46 -22.36 -33.31 -11.63
CA ASN H 46 -23.14 -32.37 -10.83
C ASN H 46 -22.77 -32.52 -9.36
N ILE H 47 -22.98 -31.44 -8.61
CA ILE H 47 -22.74 -31.43 -7.17
C ILE H 47 -24.08 -31.75 -6.52
N ILE H 48 -24.27 -33.01 -6.15
CA ILE H 48 -25.52 -33.45 -5.53
C ILE H 48 -25.42 -33.30 -4.02
N LEU H 49 -26.55 -33.41 -3.34
CA LEU H 49 -26.64 -33.27 -1.90
C LEU H 49 -26.63 -34.66 -1.27
N GLU H 50 -25.81 -34.83 -0.24
CA GLU H 50 -25.72 -36.13 0.45
C GLU H 50 -27.06 -36.48 1.08
N GLU H 51 -27.47 -37.73 0.92
CA GLU H 51 -28.79 -38.16 1.36
C GLU H 51 -28.94 -38.06 2.87
N GLY H 52 -28.15 -38.83 3.62
CA GLY H 52 -28.27 -38.89 5.06
C GLY H 52 -27.33 -38.01 5.84
N LYS H 53 -26.46 -37.25 5.18
CA LYS H 53 -25.48 -36.41 5.87
C LYS H 53 -26.04 -35.00 6.02
N GLU H 54 -26.87 -34.83 7.05
CA GLU H 54 -27.41 -33.52 7.38
C GLU H 54 -27.81 -33.50 8.85
N ILE H 55 -27.91 -32.29 9.40
CA ILE H 55 -28.33 -32.07 10.77
C ILE H 55 -29.50 -31.09 10.76
N LEU H 56 -30.54 -31.41 11.51
CA LEU H 56 -31.69 -30.53 11.62
C LEU H 56 -31.60 -29.68 12.88
N VAL H 57 -32.25 -28.52 12.84
CA VAL H 57 -32.24 -27.62 14.00
C VAL H 57 -32.96 -28.27 15.17
N GLY H 58 -34.03 -29.03 14.90
CA GLY H 58 -34.74 -29.69 15.97
C GLY H 58 -33.89 -30.69 16.73
N ASP H 59 -32.97 -31.36 16.02
CA ASP H 59 -32.10 -32.33 16.67
C ASP H 59 -31.07 -31.67 17.58
N VAL H 60 -30.83 -30.37 17.43
CA VAL H 60 -29.85 -29.67 18.25
C VAL H 60 -30.47 -29.36 19.61
N GLY H 61 -29.88 -29.89 20.66
CA GLY H 61 -30.36 -29.69 22.01
C GLY H 61 -31.19 -30.83 22.58
N GLN H 62 -31.88 -31.59 21.74
CA GLN H 62 -32.62 -32.77 22.18
C GLN H 62 -31.80 -34.04 22.01
N THR H 63 -31.32 -34.31 20.79
CA THR H 63 -30.49 -35.47 20.50
C THR H 63 -29.03 -35.13 20.26
N VAL H 64 -28.76 -34.02 19.57
CA VAL H 64 -27.40 -33.59 19.27
C VAL H 64 -27.01 -32.55 20.31
N ASP H 65 -26.15 -32.93 21.26
CA ASP H 65 -25.70 -32.00 22.28
C ASP H 65 -24.79 -30.92 21.67
N ASP H 66 -23.81 -31.34 20.88
CA ASP H 66 -22.87 -30.41 20.24
C ASP H 66 -23.02 -30.53 18.73
N PRO H 67 -23.66 -29.57 18.06
CA PRO H 67 -23.83 -29.70 16.60
C PRO H 67 -22.51 -29.76 15.84
N TYR H 68 -21.50 -29.02 16.29
CA TYR H 68 -20.24 -28.98 15.55
C TYR H 68 -19.48 -30.30 15.64
N ALA H 69 -19.45 -30.92 16.81
CA ALA H 69 -18.75 -32.19 16.96
C ALA H 69 -19.37 -33.28 16.08
N THR H 70 -20.71 -33.39 16.11
CA THR H 70 -21.36 -34.37 15.27
C THR H 70 -21.20 -34.04 13.79
N PHE H 71 -21.26 -32.76 13.42
CA PHE H 71 -21.05 -32.38 12.03
C PHE H 71 -19.67 -32.77 11.56
N VAL H 72 -18.65 -32.56 12.38
CA VAL H 72 -17.30 -33.01 12.04
C VAL H 72 -17.26 -34.53 11.93
N LYS H 73 -18.00 -35.21 12.81
CA LYS H 73 -18.08 -36.67 12.73
C LYS H 73 -18.67 -37.15 11.41
N MET H 74 -19.64 -36.42 10.84
CA MET H 74 -20.21 -36.82 9.56
C MET H 74 -19.24 -36.65 8.40
N LEU H 75 -18.14 -35.93 8.57
CA LEU H 75 -17.20 -35.72 7.50
C LEU H 75 -16.39 -37.00 7.26
N PRO H 76 -16.36 -37.53 6.05
CA PRO H 76 -15.54 -38.71 5.78
C PRO H 76 -14.06 -38.38 5.89
N ASP H 77 -13.28 -39.37 6.31
CA ASP H 77 -11.85 -39.21 6.53
C ASP H 77 -11.00 -39.59 5.32
N LYS H 78 -11.63 -40.04 4.23
CA LYS H 78 -10.89 -40.45 3.04
C LYS H 78 -11.49 -39.86 1.76
N ASP H 79 -12.35 -38.86 1.88
CA ASP H 79 -12.99 -38.27 0.71
C ASP H 79 -13.22 -36.79 0.96
N CYS H 80 -13.37 -36.05 -0.13
CA CYS H 80 -13.59 -34.61 -0.06
C CYS H 80 -15.07 -34.29 -0.18
N ARG H 81 -15.50 -33.27 0.57
CA ARG H 81 -16.90 -32.86 0.62
C ARG H 81 -17.00 -31.35 0.70
N TYR H 82 -18.17 -30.84 0.34
CA TYR H 82 -18.54 -29.46 0.62
C TYR H 82 -19.51 -29.48 1.79
N ALA H 83 -19.45 -28.45 2.63
CA ALA H 83 -20.31 -28.40 3.80
C ALA H 83 -20.82 -26.98 4.00
N LEU H 84 -22.06 -26.89 4.44
CA LEU H 84 -22.69 -25.62 4.79
C LEU H 84 -23.13 -25.72 6.25
N TYR H 85 -22.58 -24.86 7.10
CA TYR H 85 -22.80 -24.93 8.53
C TYR H 85 -23.36 -23.59 9.02
N ASP H 86 -24.52 -23.63 9.67
CA ASP H 86 -25.16 -22.42 10.18
C ASP H 86 -24.69 -22.19 11.60
N ALA H 87 -23.54 -21.52 11.72
CA ALA H 87 -22.91 -21.31 13.02
C ALA H 87 -23.56 -20.13 13.73
N THR H 88 -24.01 -20.38 14.96
CA THR H 88 -24.59 -19.34 15.82
C THR H 88 -23.57 -19.06 16.92
N TYR H 89 -22.85 -17.95 16.77
CA TYR H 89 -21.82 -17.59 17.73
C TYR H 89 -22.19 -16.27 18.42
N GLU H 90 -21.36 -15.84 19.35
CA GLU H 90 -21.63 -14.63 20.10
C GLU H 90 -20.30 -13.95 20.43
N THR H 91 -20.18 -12.70 20.02
CA THR H 91 -19.00 -11.89 20.30
C THR H 91 -19.26 -11.02 21.53
N LYS H 92 -18.31 -10.14 21.82
CA LYS H 92 -18.45 -9.23 22.96
C LYS H 92 -19.55 -8.21 22.77
N GLU H 93 -19.95 -7.92 21.52
CA GLU H 93 -20.91 -6.87 21.24
C GLU H 93 -22.18 -7.34 20.56
N SER H 94 -22.23 -8.57 20.05
CA SER H 94 -23.39 -9.03 19.29
C SER H 94 -23.50 -10.54 19.39
N LYS H 95 -24.68 -11.05 19.06
CA LYS H 95 -24.96 -12.47 18.94
C LYS H 95 -25.31 -12.74 17.48
N LYS H 96 -24.39 -13.38 16.76
CA LYS H 96 -24.49 -13.50 15.31
C LYS H 96 -24.84 -14.93 14.90
N GLU H 97 -25.49 -15.05 13.75
CA GLU H 97 -25.83 -16.34 13.15
C GLU H 97 -25.46 -16.25 11.68
N ASP H 98 -24.41 -16.97 11.28
CA ASP H 98 -23.84 -16.82 9.96
C ASP H 98 -23.58 -18.18 9.33
N LEU H 99 -23.61 -18.21 8.00
CA LEU H 99 -23.34 -19.40 7.23
C LEU H 99 -21.85 -19.52 6.95
N VAL H 100 -21.32 -20.73 7.11
CA VAL H 100 -19.91 -21.02 6.87
C VAL H 100 -19.83 -22.11 5.81
N PHE H 101 -19.03 -21.87 4.78
CA PHE H 101 -18.76 -22.84 3.73
C PHE H 101 -17.44 -23.53 4.04
N ILE H 102 -17.50 -24.86 4.19
CA ILE H 102 -16.35 -25.66 4.59
C ILE H 102 -15.98 -26.58 3.44
N PHE H 103 -14.71 -26.56 3.04
CA PHE H 103 -14.21 -27.38 1.96
C PHE H 103 -13.35 -28.49 2.56
N TRP H 104 -13.96 -29.63 2.84
CA TRP H 104 -13.25 -30.73 3.47
C TRP H 104 -12.47 -31.50 2.41
N ALA H 105 -11.15 -31.59 2.60
CA ALA H 105 -10.27 -32.26 1.65
C ALA H 105 -9.08 -32.85 2.39
N PRO H 106 -9.26 -34.00 3.03
CA PRO H 106 -8.16 -34.60 3.77
C PRO H 106 -7.06 -35.08 2.85
N GLU H 107 -5.83 -35.11 3.39
CA GLU H 107 -4.68 -35.53 2.60
C GLU H 107 -4.74 -37.00 2.23
N SER H 108 -5.51 -37.81 2.96
CA SER H 108 -5.64 -39.23 2.64
C SER H 108 -6.63 -39.47 1.49
N ALA H 109 -7.36 -38.46 1.05
CA ALA H 109 -8.29 -38.63 -0.04
C ALA H 109 -7.54 -38.88 -1.34
N PRO H 110 -8.16 -39.57 -2.30
CA PRO H 110 -7.50 -39.80 -3.59
C PRO H 110 -7.23 -38.49 -4.32
N LEU H 111 -6.17 -38.48 -5.13
CA LEU H 111 -5.77 -37.27 -5.84
C LEU H 111 -6.87 -36.79 -6.78
N LYS H 112 -7.56 -37.72 -7.45
CA LYS H 112 -8.61 -37.33 -8.39
C LYS H 112 -9.72 -36.56 -7.69
N SER H 113 -10.20 -37.06 -6.55
CA SER H 113 -11.28 -36.39 -5.83
C SER H 113 -10.84 -35.02 -5.34
N LYS H 114 -9.62 -34.91 -4.79
CA LYS H 114 -9.12 -33.63 -4.33
C LYS H 114 -9.03 -32.63 -5.47
N MET H 115 -8.50 -33.06 -6.61
CA MET H 115 -8.37 -32.16 -7.76
C MET H 115 -9.73 -31.69 -8.25
N ILE H 116 -10.69 -32.61 -8.39
CA ILE H 116 -12.00 -32.24 -8.91
C ILE H 116 -12.73 -31.32 -7.94
N TYR H 117 -12.61 -31.59 -6.63
CA TYR H 117 -13.31 -30.77 -5.66
C TYR H 117 -12.68 -29.38 -5.54
N ALA H 118 -11.35 -29.30 -5.62
CA ALA H 118 -10.69 -28.00 -5.54
C ALA H 118 -10.93 -27.17 -6.79
N SER H 119 -10.96 -27.82 -7.96
CA SER H 119 -11.14 -27.07 -9.20
C SER H 119 -12.55 -26.52 -9.32
N SER H 120 -13.55 -27.28 -8.87
CA SER H 120 -14.95 -26.90 -9.01
C SER H 120 -15.49 -26.12 -7.83
N LYS H 121 -14.66 -25.84 -6.82
CA LYS H 121 -15.13 -25.13 -5.64
C LYS H 121 -15.53 -23.69 -5.97
N ASP H 122 -14.80 -23.05 -6.88
CA ASP H 122 -15.08 -21.65 -7.20
C ASP H 122 -16.47 -21.48 -7.79
N ALA H 123 -16.89 -22.38 -8.68
CA ALA H 123 -18.20 -22.25 -9.31
C ALA H 123 -19.33 -22.36 -8.29
N ILE H 124 -19.27 -23.37 -7.43
CA ILE H 124 -20.34 -23.56 -6.45
C ILE H 124 -20.31 -22.43 -5.42
N LYS H 125 -19.12 -21.96 -5.04
CA LYS H 125 -19.04 -20.85 -4.10
C LYS H 125 -19.64 -19.58 -4.71
N LYS H 126 -19.38 -19.32 -5.99
CA LYS H 126 -20.00 -18.19 -6.66
C LYS H 126 -21.50 -18.33 -6.77
N LYS H 127 -22.00 -19.53 -7.06
CA LYS H 127 -23.45 -19.73 -7.15
C LYS H 127 -24.14 -19.55 -5.80
N LEU H 128 -23.45 -19.86 -4.69
CA LEU H 128 -24.00 -19.64 -3.35
C LEU H 128 -23.70 -18.20 -2.95
N THR H 129 -24.49 -17.29 -3.48
CA THR H 129 -24.29 -15.87 -3.20
C THR H 129 -24.72 -15.53 -1.78
N GLY H 130 -23.97 -14.65 -1.13
CA GLY H 130 -24.31 -14.17 0.18
C GLY H 130 -23.57 -14.82 1.34
N ILE H 131 -22.60 -15.68 1.08
CA ILE H 131 -21.83 -16.34 2.11
C ILE H 131 -20.48 -15.64 2.23
N LYS H 132 -20.07 -15.37 3.47
CA LYS H 132 -18.83 -14.64 3.74
C LYS H 132 -17.71 -15.50 4.30
N HIS H 133 -18.01 -16.30 5.32
CA HIS H 133 -16.98 -17.13 5.95
C HIS H 133 -16.73 -18.39 5.13
N GLU H 134 -15.46 -18.75 5.01
CA GLU H 134 -15.06 -19.97 4.33
C GLU H 134 -13.95 -20.65 5.13
N LEU H 135 -14.16 -21.91 5.46
CA LEU H 135 -13.21 -22.70 6.23
C LEU H 135 -12.63 -23.79 5.34
N GLN H 136 -11.33 -23.72 5.09
CA GLN H 136 -10.64 -24.71 4.26
C GLN H 136 -9.93 -25.68 5.20
N ALA H 137 -10.45 -26.89 5.30
CA ALA H 137 -9.90 -27.93 6.17
C ALA H 137 -9.23 -28.99 5.32
N ASN H 138 -7.97 -29.28 5.61
CA ASN H 138 -7.20 -30.29 4.89
C ASN H 138 -6.75 -31.44 5.77
N CYS H 139 -7.12 -31.44 7.06
CA CYS H 139 -6.76 -32.51 7.97
C CYS H 139 -7.77 -32.53 9.11
N TYR H 140 -7.80 -33.64 9.84
CA TYR H 140 -8.77 -33.77 10.92
C TYR H 140 -8.48 -32.81 12.06
N GLU H 141 -7.20 -32.52 12.30
CA GLU H 141 -6.85 -31.61 13.39
C GLU H 141 -7.28 -30.18 13.07
N GLU H 142 -7.37 -29.82 11.79
CA GLU H 142 -7.72 -28.46 11.42
C GLU H 142 -9.21 -28.16 11.64
N VAL H 143 -10.07 -29.17 11.62
CA VAL H 143 -11.50 -28.94 11.72
C VAL H 143 -12.13 -29.58 12.96
N LYS H 144 -11.46 -30.54 13.61
CA LYS H 144 -12.04 -31.16 14.79
C LYS H 144 -12.18 -30.17 15.94
N ASP H 145 -11.15 -29.36 16.16
CA ASP H 145 -11.16 -28.43 17.28
C ASP H 145 -12.22 -27.35 17.08
N ARG H 146 -12.69 -26.78 18.19
CA ARG H 146 -13.73 -25.76 18.11
C ARG H 146 -13.15 -24.34 18.07
N CYS H 147 -11.82 -24.21 18.07
CA CYS H 147 -11.22 -22.88 18.07
C CYS H 147 -10.97 -22.39 16.65
N THR H 148 -10.79 -23.31 15.69
CA THR H 148 -10.58 -22.90 14.31
C THR H 148 -11.80 -22.19 13.74
N LEU H 149 -12.99 -22.72 14.02
CA LEU H 149 -14.21 -22.06 13.57
C LEU H 149 -14.36 -20.69 14.20
N ALA H 150 -14.04 -20.57 15.49
CA ALA H 150 -14.12 -19.27 16.16
C ALA H 150 -13.14 -18.27 15.55
N GLU H 151 -11.92 -18.72 15.25
CA GLU H 151 -10.95 -17.83 14.64
C GLU H 151 -11.39 -17.40 13.24
N LYS H 152 -11.94 -18.32 12.47
CA LYS H 152 -12.41 -17.98 11.12
C LYS H 152 -13.60 -17.02 11.17
N LEU H 153 -14.53 -17.24 12.09
CA LEU H 153 -15.75 -16.44 12.17
C LEU H 153 -15.44 -14.98 12.47
N GLY H 154 -14.88 -14.70 13.64
CA GLY H 154 -14.57 -13.34 14.02
C GLY H 154 -13.14 -13.14 14.49
N GLY H 155 -12.47 -14.23 14.84
CA GLY H 155 -11.12 -14.15 15.37
C GLY H 155 -11.10 -14.28 16.88
N SER H 156 -10.36 -13.39 17.54
CA SER H 156 -10.30 -13.38 18.99
C SER H 156 -11.48 -12.68 19.64
N ALA H 157 -12.33 -12.03 18.85
CA ALA H 157 -13.48 -11.32 19.40
C ALA H 157 -14.62 -12.25 19.78
N VAL H 158 -14.64 -13.48 19.24
CA VAL H 158 -15.71 -14.42 19.53
C VAL H 158 -15.52 -14.98 20.92
N ILE H 159 -16.55 -14.86 21.76
CA ILE H 159 -16.47 -15.34 23.14
C ILE H 159 -17.31 -16.59 23.37
N SER H 160 -18.34 -16.84 22.57
CA SER H 160 -19.14 -18.05 22.70
C SER H 160 -19.42 -18.62 21.32
N LEU H 161 -19.48 -19.95 21.24
CA LEU H 161 -19.80 -20.63 19.99
C LEU H 161 -20.85 -21.70 20.27
N GLU H 162 -21.94 -21.65 19.52
CA GLU H 162 -23.05 -22.60 19.64
C GLU H 162 -23.61 -22.63 21.07
N GLY H 163 -23.66 -21.46 21.69
CA GLY H 163 -24.24 -21.33 23.02
C GLY H 163 -23.35 -21.77 24.16
N LYS H 164 -22.08 -22.08 23.90
CA LYS H 164 -21.16 -22.49 24.94
C LYS H 164 -19.90 -21.64 24.90
N PRO H 165 -19.30 -21.36 26.06
CA PRO H 165 -18.07 -20.56 26.06
C PRO H 165 -16.91 -21.32 25.45
N LEU H 166 -15.96 -20.57 24.90
CA LEU H 166 -14.79 -21.15 24.27
C LEU H 166 -13.87 -21.79 25.31
N ALA I 2 12.09 32.82 4.10
CA ALA I 2 12.25 34.26 4.30
C ALA I 2 13.67 34.71 3.97
N SER I 3 13.79 35.58 2.96
CA SER I 3 15.10 36.06 2.56
C SER I 3 15.73 36.96 3.61
N GLY I 4 14.91 37.69 4.37
CA GLY I 4 15.40 38.57 5.41
C GLY I 4 15.55 40.02 5.01
N VAL I 5 15.12 40.40 3.81
CA VAL I 5 15.21 41.79 3.39
C VAL I 5 14.27 42.65 4.22
N ALA I 6 14.60 43.92 4.36
CA ALA I 6 13.85 44.86 5.18
C ALA I 6 13.05 45.79 4.29
N VAL I 7 11.75 45.88 4.54
CA VAL I 7 10.89 46.78 3.76
C VAL I 7 11.11 48.21 4.22
N SER I 8 11.36 49.10 3.28
CA SER I 8 11.57 50.51 3.59
C SER I 8 10.28 51.14 4.12
N ASP I 9 10.45 52.16 4.96
CA ASP I 9 9.30 52.84 5.55
C ASP I 9 8.47 53.58 4.51
N GLY I 10 9.09 54.03 3.41
CA GLY I 10 8.35 54.73 2.38
C GLY I 10 7.25 53.89 1.77
N VAL I 11 7.49 52.58 1.64
CA VAL I 11 6.45 51.68 1.14
C VAL I 11 5.24 51.70 2.06
N ILE I 12 5.47 51.61 3.37
CA ILE I 12 4.37 51.60 4.33
C ILE I 12 3.63 52.94 4.31
N LYS I 13 4.37 54.05 4.23
CA LYS I 13 3.71 55.36 4.18
C LYS I 13 2.87 55.49 2.90
N VAL I 14 3.40 55.03 1.78
CA VAL I 14 2.65 55.10 0.52
C VAL I 14 1.38 54.27 0.62
N PHE I 15 1.47 53.07 1.19
CA PHE I 15 0.28 52.24 1.35
C PHE I 15 -0.72 52.89 2.29
N ASN I 16 -0.24 53.53 3.36
CA ASN I 16 -1.15 54.20 4.29
C ASN I 16 -1.89 55.34 3.62
N ASP I 17 -1.18 56.13 2.81
CA ASP I 17 -1.85 57.20 2.07
C ASP I 17 -2.84 56.64 1.05
N MET I 18 -2.48 55.56 0.36
CA MET I 18 -3.35 55.02 -0.67
C MET I 18 -4.59 54.36 -0.09
N LYS I 19 -4.47 53.71 1.08
CA LYS I 19 -5.60 52.98 1.64
C LYS I 19 -6.74 53.91 2.02
N VAL I 20 -6.42 55.06 2.63
CA VAL I 20 -7.44 56.01 3.04
C VAL I 20 -7.78 56.93 1.87
N ARG I 21 -8.97 57.52 1.94
CA ARG I 21 -9.42 58.43 0.89
C ARG I 21 -9.98 59.71 1.49
N GLU I 28 -4.82 67.07 -3.96
CA GLU I 28 -5.57 66.02 -3.28
C GLU I 28 -5.83 64.84 -4.20
N VAL I 29 -6.95 64.87 -4.92
CA VAL I 29 -7.28 63.80 -5.85
C VAL I 29 -6.25 63.72 -6.96
N LYS I 30 -5.81 64.87 -7.48
CA LYS I 30 -4.84 64.90 -8.57
C LYS I 30 -3.48 64.33 -8.16
N LYS I 31 -3.22 64.22 -6.85
CA LYS I 31 -1.94 63.69 -6.37
C LYS I 31 -2.04 62.29 -5.82
N ARG I 32 -3.25 61.74 -5.69
CA ARG I 32 -3.40 60.37 -5.21
C ARG I 32 -2.83 59.38 -6.22
N LYS I 33 -2.30 58.27 -5.71
CA LYS I 33 -1.66 57.27 -6.56
C LYS I 33 -2.64 56.16 -6.89
N LYS I 34 -2.75 55.84 -8.18
CA LYS I 34 -3.56 54.72 -8.64
C LYS I 34 -2.77 53.42 -8.72
N ALA I 35 -1.48 53.52 -9.05
CA ALA I 35 -0.61 52.35 -9.11
C ALA I 35 0.80 52.76 -8.72
N VAL I 36 1.56 51.81 -8.22
CA VAL I 36 2.94 52.06 -7.79
C VAL I 36 3.69 50.73 -7.84
N LEU I 37 5.00 50.80 -8.07
CA LEU I 37 5.83 49.63 -8.21
C LEU I 37 6.90 49.59 -7.12
N PHE I 38 7.14 48.40 -6.57
CA PHE I 38 8.16 48.18 -5.57
C PHE I 38 9.23 47.27 -6.16
N CYS I 39 10.49 47.47 -5.76
CA CYS I 39 11.56 46.64 -6.26
C CYS I 39 12.69 46.59 -5.25
N LEU I 40 13.50 45.54 -5.34
CA LEU I 40 14.69 45.44 -4.49
C LEU I 40 15.70 46.52 -4.86
N SER I 41 16.47 46.94 -3.87
CA SER I 41 17.49 47.95 -4.08
C SER I 41 18.66 47.35 -4.88
N GLU I 42 19.65 48.21 -5.17
CA GLU I 42 20.82 47.75 -5.90
C GLU I 42 21.60 46.71 -5.12
N ASP I 43 21.74 46.91 -3.81
CA ASP I 43 22.41 45.95 -2.95
C ASP I 43 21.51 44.80 -2.53
N LYS I 44 20.22 44.84 -2.91
CA LYS I 44 19.27 43.75 -2.67
C LYS I 44 19.09 43.48 -1.17
N LYS I 45 18.78 44.55 -0.43
CA LYS I 45 18.47 44.43 0.98
C LYS I 45 17.30 45.31 1.41
N ASN I 46 16.66 46.01 0.47
CA ASN I 46 15.52 46.86 0.80
C ASN I 46 14.51 46.79 -0.33
N ILE I 47 13.22 46.77 0.04
CA ILE I 47 12.13 46.82 -0.94
C ILE I 47 11.79 48.31 -1.10
N ILE I 48 12.51 48.98 -1.99
CA ILE I 48 12.35 50.41 -2.19
C ILE I 48 11.25 50.68 -3.22
N LEU I 49 10.83 51.94 -3.28
CA LEU I 49 9.86 52.42 -4.26
C LEU I 49 10.59 52.76 -5.55
N GLU I 50 10.01 52.37 -6.68
CA GLU I 50 10.55 52.79 -7.96
C GLU I 50 10.21 54.25 -8.20
N GLU I 51 11.22 55.04 -8.55
CA GLU I 51 11.07 56.49 -8.60
C GLU I 51 10.14 56.92 -9.74
N GLY I 52 10.38 56.41 -10.94
CA GLY I 52 9.67 56.90 -12.11
C GLY I 52 8.60 55.96 -12.65
N LYS I 53 8.14 55.01 -11.83
CA LYS I 53 7.13 54.04 -12.24
C LYS I 53 5.95 54.16 -11.29
N GLU I 54 5.03 55.08 -11.59
CA GLU I 54 3.81 55.24 -10.82
C GLU I 54 2.79 55.98 -11.67
N ILE I 55 1.53 55.87 -11.28
CA ILE I 55 0.41 56.48 -11.99
C ILE I 55 -0.36 57.35 -11.01
N LEU I 56 -0.63 58.59 -11.40
CA LEU I 56 -1.43 59.49 -10.57
C LEU I 56 -2.90 59.34 -10.89
N VAL I 57 -3.74 59.59 -9.88
CA VAL I 57 -5.18 59.49 -10.07
C VAL I 57 -5.67 60.53 -11.06
N GLY I 58 -5.15 61.75 -10.97
CA GLY I 58 -5.54 62.79 -11.91
C GLY I 58 -5.20 62.45 -13.35
N ASP I 59 -4.10 61.76 -13.57
CA ASP I 59 -3.71 61.35 -14.91
C ASP I 59 -4.69 60.31 -15.47
N ASP I 66 -6.83 53.82 -20.75
CA ASP I 66 -7.16 52.91 -19.66
C ASP I 66 -5.98 52.76 -18.70
N PRO I 67 -6.22 53.07 -17.42
CA PRO I 67 -5.11 53.01 -16.45
C PRO I 67 -4.50 51.63 -16.29
N TYR I 68 -5.30 50.57 -16.40
CA TYR I 68 -4.76 49.22 -16.26
C TYR I 68 -3.79 48.90 -17.40
N ALA I 69 -4.11 49.36 -18.62
CA ALA I 69 -3.22 49.10 -19.75
C ALA I 69 -1.86 49.77 -19.56
N THR I 70 -1.87 51.04 -19.15
CA THR I 70 -0.60 51.74 -18.93
C THR I 70 0.08 51.30 -17.64
N PHE I 71 -0.61 50.58 -16.76
CA PHE I 71 0.05 49.96 -15.62
C PHE I 71 0.73 48.64 -15.99
N VAL I 72 0.08 47.84 -16.83
CA VAL I 72 0.65 46.54 -17.20
C VAL I 72 1.93 46.73 -18.00
N LYS I 73 1.93 47.65 -18.96
CA LYS I 73 3.13 47.87 -19.77
C LYS I 73 4.29 48.44 -18.96
N MET I 74 4.01 49.00 -17.78
CA MET I 74 5.08 49.47 -16.91
C MET I 74 5.89 48.32 -16.32
N LEU I 75 5.30 47.12 -16.24
CA LEU I 75 6.00 45.99 -15.66
C LEU I 75 7.13 45.53 -16.59
N PRO I 76 8.32 45.27 -16.05
CA PRO I 76 9.41 44.75 -16.88
C PRO I 76 9.09 43.35 -17.39
N ASP I 77 9.66 43.03 -18.55
CA ASP I 77 9.41 41.75 -19.20
C ASP I 77 10.32 40.63 -18.70
N LYS I 78 11.36 40.96 -17.93
CA LYS I 78 12.31 39.94 -17.50
C LYS I 78 12.70 40.08 -16.03
N ASP I 79 11.88 40.77 -15.22
CA ASP I 79 12.19 40.96 -13.81
C ASP I 79 10.90 40.92 -13.01
N CYS I 80 11.02 40.56 -11.74
CA CYS I 80 9.88 40.48 -10.84
C CYS I 80 9.69 41.81 -10.12
N ARG I 81 8.43 42.12 -9.81
CA ARG I 81 8.09 43.39 -9.18
C ARG I 81 6.90 43.18 -8.25
N TYR I 82 6.74 44.12 -7.31
CA TYR I 82 5.56 44.24 -6.49
C TYR I 82 4.80 45.49 -6.91
N ALA I 83 3.47 45.43 -6.84
CA ALA I 83 2.65 46.54 -7.27
C ALA I 83 1.44 46.66 -6.36
N LEU I 84 0.89 47.87 -6.29
CA LEU I 84 -0.30 48.15 -5.49
C LEU I 84 -1.26 48.95 -6.38
N TYR I 85 -2.28 48.27 -6.90
CA TYR I 85 -3.21 48.88 -7.85
C TYR I 85 -4.53 49.19 -7.14
N ASP I 86 -4.95 50.46 -7.22
CA ASP I 86 -6.22 50.88 -6.62
C ASP I 86 -7.36 50.60 -7.60
N ALA I 87 -7.67 49.31 -7.73
CA ALA I 87 -8.67 48.89 -8.70
C ALA I 87 -10.08 49.28 -8.26
N THR I 88 -10.81 49.92 -9.15
CA THR I 88 -12.19 50.31 -8.93
C THR I 88 -13.10 49.46 -9.79
N TYR I 89 -14.27 49.09 -9.25
CA TYR I 89 -15.20 48.24 -9.98
C TYR I 89 -16.61 48.56 -9.55
N GLU I 90 -17.56 48.18 -10.40
CA GLU I 90 -18.98 48.47 -10.19
C GLU I 90 -19.74 47.15 -10.21
N THR I 91 -20.12 46.66 -9.03
CA THR I 91 -20.90 45.43 -8.94
C THR I 91 -22.39 45.75 -9.11
N LYS I 92 -23.21 44.70 -9.04
CA LYS I 92 -24.65 44.89 -9.21
C LYS I 92 -25.25 45.68 -8.04
N GLU I 93 -24.80 45.39 -6.82
CA GLU I 93 -25.42 46.00 -5.65
C GLU I 93 -24.75 47.31 -5.26
N SER I 94 -23.45 47.45 -5.50
CA SER I 94 -22.73 48.64 -5.08
C SER I 94 -21.46 48.78 -5.91
N LYS I 95 -20.89 49.99 -5.86
CA LYS I 95 -19.65 50.31 -6.55
C LYS I 95 -18.56 50.49 -5.52
N LYS I 96 -17.43 49.81 -5.69
CA LYS I 96 -16.39 49.84 -4.67
C LYS I 96 -15.00 49.92 -5.31
N GLU I 97 -14.08 50.54 -4.58
CA GLU I 97 -12.68 50.64 -4.97
C GLU I 97 -11.85 50.00 -3.89
N ASP I 98 -10.99 49.06 -4.26
CA ASP I 98 -10.18 48.31 -3.30
C ASP I 98 -8.78 48.09 -3.83
N LEU I 99 -7.80 48.19 -2.93
CA LEU I 99 -6.41 47.96 -3.30
C LEU I 99 -6.15 46.49 -3.59
N VAL I 100 -5.29 46.24 -4.57
CA VAL I 100 -4.88 44.89 -4.95
C VAL I 100 -3.35 44.84 -4.94
N PHE I 101 -2.80 43.87 -4.24
CA PHE I 101 -1.36 43.65 -4.21
C PHE I 101 -1.00 42.67 -5.31
N ILE I 102 -0.18 43.12 -6.27
CA ILE I 102 0.14 42.35 -7.46
C ILE I 102 1.60 41.91 -7.37
N PHE I 103 1.82 40.60 -7.49
CA PHE I 103 3.16 40.04 -7.51
C PHE I 103 3.45 39.59 -8.94
N TRP I 104 4.28 40.37 -9.64
CA TRP I 104 4.60 40.09 -11.04
C TRP I 104 5.91 39.31 -11.10
N ALA I 105 5.82 38.02 -11.43
CA ALA I 105 6.99 37.15 -11.49
C ALA I 105 7.00 36.42 -12.83
N PRO I 106 7.51 37.08 -13.87
CA PRO I 106 7.52 36.45 -15.20
C PRO I 106 8.40 35.23 -15.24
N GLU I 107 8.02 34.27 -16.08
CA GLU I 107 8.80 33.04 -16.23
C GLU I 107 10.15 33.32 -16.87
N SER I 108 10.26 34.36 -17.70
CA SER I 108 11.52 34.71 -18.33
C SER I 108 12.51 35.34 -17.37
N ALA I 109 12.09 35.68 -16.15
CA ALA I 109 12.98 36.31 -15.18
C ALA I 109 14.05 35.32 -14.74
N PRO I 110 15.21 35.82 -14.29
CA PRO I 110 16.25 34.92 -13.80
C PRO I 110 15.82 34.19 -12.53
N LEU I 111 16.46 33.04 -12.30
CA LEU I 111 16.09 32.19 -11.16
C LEU I 111 16.31 32.92 -9.85
N LYS I 112 17.45 33.61 -9.71
CA LYS I 112 17.76 34.27 -8.45
C LYS I 112 16.74 35.36 -8.13
N SER I 113 16.39 36.19 -9.12
CA SER I 113 15.42 37.25 -8.89
C SER I 113 14.05 36.68 -8.52
N LYS I 114 13.62 35.63 -9.22
CA LYS I 114 12.34 35.01 -8.90
C LYS I 114 12.34 34.47 -7.47
N MET I 115 13.40 33.76 -7.08
CA MET I 115 13.45 33.19 -5.75
C MET I 115 13.47 34.27 -4.67
N ILE I 116 14.27 35.32 -4.86
CA ILE I 116 14.35 36.37 -3.85
C ILE I 116 13.03 37.12 -3.74
N TYR I 117 12.38 37.40 -4.87
CA TYR I 117 11.11 38.12 -4.82
C TYR I 117 10.00 37.27 -4.22
N ALA I 118 10.00 35.96 -4.52
CA ALA I 118 8.96 35.09 -3.97
C ALA I 118 9.16 34.87 -2.48
N SER I 119 10.40 34.68 -2.03
CA SER I 119 10.65 34.40 -0.62
C SER I 119 10.44 35.63 0.25
N SER I 120 10.52 36.83 -0.32
CA SER I 120 10.35 38.07 0.43
C SER I 120 9.01 38.73 0.19
N LYS I 121 8.09 38.05 -0.49
CA LYS I 121 6.77 38.64 -0.76
C LYS I 121 5.99 38.84 0.55
N ASP I 122 6.07 37.87 1.46
CA ASP I 122 5.36 37.99 2.72
C ASP I 122 5.88 39.14 3.57
N ALA I 123 7.19 39.42 3.52
CA ALA I 123 7.76 40.48 4.33
C ALA I 123 7.15 41.84 4.02
N ILE I 124 6.76 42.07 2.77
CA ILE I 124 6.13 43.33 2.40
C ILE I 124 4.60 43.21 2.47
N LYS I 125 4.05 42.04 2.17
CA LYS I 125 2.60 41.89 2.21
C LYS I 125 2.06 42.05 3.63
N LYS I 126 2.74 41.48 4.61
CA LYS I 126 2.27 41.57 6.00
C LYS I 126 2.44 42.97 6.58
N LYS I 127 3.48 43.71 6.16
CA LYS I 127 3.67 45.06 6.66
C LYS I 127 2.56 46.00 6.19
N LEU I 128 1.89 45.68 5.10
CA LEU I 128 0.76 46.47 4.61
C LEU I 128 -0.52 45.78 5.07
N THR I 129 -0.85 45.98 6.35
CA THR I 129 -2.04 45.37 6.92
C THR I 129 -3.30 45.98 6.33
N GLY I 130 -4.35 45.19 6.25
CA GLY I 130 -5.61 45.62 5.67
C GLY I 130 -5.81 45.23 4.21
N ILE I 131 -4.75 44.83 3.52
CA ILE I 131 -4.90 44.38 2.14
C ILE I 131 -5.59 43.02 2.12
N LYS I 132 -6.49 42.83 1.15
CA LYS I 132 -7.30 41.63 1.09
C LYS I 132 -7.30 40.95 -0.27
N HIS I 133 -6.87 41.62 -1.32
CA HIS I 133 -6.83 41.04 -2.66
C HIS I 133 -5.38 40.95 -3.12
N GLU I 134 -4.96 39.75 -3.53
CA GLU I 134 -3.62 39.52 -4.05
C GLU I 134 -3.73 38.84 -5.40
N LEU I 135 -3.03 39.37 -6.39
CA LEU I 135 -2.98 38.81 -7.74
C LEU I 135 -1.54 38.40 -8.05
N GLN I 136 -1.33 37.11 -8.25
CA GLN I 136 -0.01 36.57 -8.57
C GLN I 136 0.05 36.33 -10.07
N ALA I 137 0.75 37.22 -10.78
CA ALA I 137 0.84 37.16 -12.24
C ALA I 137 2.20 36.60 -12.61
N ASN I 138 2.21 35.42 -13.22
CA ASN I 138 3.44 34.75 -13.61
C ASN I 138 3.70 34.83 -15.11
N CYS I 139 2.84 35.52 -15.86
CA CYS I 139 3.03 35.70 -17.29
C CYS I 139 2.24 36.93 -17.72
N TYR I 140 2.56 37.42 -18.92
CA TYR I 140 1.88 38.61 -19.43
C TYR I 140 0.41 38.34 -19.69
N GLU I 141 0.06 37.12 -20.13
CA GLU I 141 -1.34 36.78 -20.33
C GLU I 141 -2.12 36.81 -19.02
N GLU I 142 -1.52 36.38 -17.92
CA GLU I 142 -2.21 36.36 -16.64
C GLU I 142 -2.46 37.75 -16.06
N VAL I 143 -1.65 38.73 -16.42
CA VAL I 143 -1.79 40.09 -15.91
C VAL I 143 -2.64 40.96 -16.85
N LYS I 144 -2.52 40.74 -18.16
CA LYS I 144 -3.37 41.47 -19.09
C LYS I 144 -4.83 41.03 -19.01
N ASP I 145 -5.07 39.85 -18.44
CA ASP I 145 -6.42 39.28 -18.43
C ASP I 145 -7.23 40.01 -17.36
N ARG I 146 -8.27 40.72 -17.79
CA ARG I 146 -9.15 41.45 -16.87
C ARG I 146 -10.12 40.54 -16.12
N CYS I 147 -10.50 39.40 -16.72
CA CYS I 147 -11.49 38.52 -16.10
C CYS I 147 -10.96 37.93 -14.80
N THR I 148 -9.68 37.54 -14.76
CA THR I 148 -9.13 37.00 -13.53
C THR I 148 -9.05 38.05 -12.43
N LEU I 149 -8.71 39.30 -12.78
CA LEU I 149 -8.72 40.37 -11.79
C LEU I 149 -10.12 40.61 -11.26
N ALA I 150 -11.13 40.60 -12.14
CA ALA I 150 -12.50 40.76 -11.69
C ALA I 150 -12.93 39.62 -10.78
N GLU I 151 -12.56 38.39 -11.12
CA GLU I 151 -12.87 37.25 -10.27
C GLU I 151 -12.20 37.36 -8.91
N LYS I 152 -10.94 37.81 -8.89
CA LYS I 152 -10.24 37.98 -7.62
C LYS I 152 -10.90 39.06 -6.77
N LEU I 153 -11.38 40.14 -7.41
CA LEU I 153 -12.00 41.23 -6.67
C LEU I 153 -13.30 40.79 -6.01
N GLY I 154 -14.27 40.33 -6.80
CA GLY I 154 -15.55 39.95 -6.25
C GLY I 154 -16.16 38.71 -6.86
N GLY I 155 -15.45 38.08 -7.80
CA GLY I 155 -15.97 36.86 -8.41
C GLY I 155 -17.07 37.17 -9.40
N SER I 156 -18.12 36.35 -9.38
CA SER I 156 -19.22 36.52 -10.32
C SER I 156 -20.05 37.76 -10.03
N ALA I 157 -19.97 38.31 -8.82
CA ALA I 157 -20.74 39.50 -8.49
C ALA I 157 -20.28 40.70 -9.30
N VAL I 158 -18.99 40.76 -9.63
CA VAL I 158 -18.45 41.90 -10.39
C VAL I 158 -18.91 41.80 -11.83
N ILE I 159 -19.49 42.88 -12.33
CA ILE I 159 -19.93 42.95 -13.72
C ILE I 159 -19.11 43.93 -14.55
N SER I 160 -18.68 45.05 -13.96
CA SER I 160 -17.88 46.04 -14.68
C SER I 160 -16.63 46.36 -13.87
N LEU I 161 -15.49 46.40 -14.55
CA LEU I 161 -14.21 46.70 -13.92
C LEU I 161 -13.57 47.90 -14.62
N GLU I 162 -13.04 48.81 -13.80
CA GLU I 162 -12.38 50.03 -14.29
C GLU I 162 -13.33 50.89 -15.13
N GLY I 163 -14.62 50.85 -14.81
CA GLY I 163 -15.61 51.65 -15.51
C GLY I 163 -16.05 51.10 -16.84
N LYS I 164 -15.60 49.91 -17.23
CA LYS I 164 -15.98 49.33 -18.50
C LYS I 164 -16.59 47.95 -18.29
N PRO I 165 -17.52 47.54 -19.15
CA PRO I 165 -18.15 46.22 -18.99
C PRO I 165 -17.14 45.10 -19.19
N LEU I 166 -17.40 43.98 -18.51
CA LEU I 166 -16.54 42.80 -18.63
C LEU I 166 -17.13 41.78 -19.59
N ALA J 2 -42.90 7.95 19.74
CA ALA J 2 -43.70 7.72 20.94
C ALA J 2 -44.12 6.26 21.05
N SER J 3 -44.25 5.77 22.28
CA SER J 3 -44.62 4.38 22.50
C SER J 3 -46.10 4.13 22.24
N GLY J 4 -46.93 5.16 22.32
CA GLY J 4 -48.35 5.02 22.11
C GLY J 4 -49.16 4.57 23.30
N VAL J 5 -48.56 4.55 24.49
CA VAL J 5 -49.29 4.14 25.69
C VAL J 5 -50.31 5.20 26.05
N ALA J 6 -51.56 4.78 26.25
CA ALA J 6 -52.66 5.67 26.56
C ALA J 6 -52.84 5.79 28.07
N VAL J 7 -53.13 7.01 28.52
CA VAL J 7 -53.31 7.29 29.94
C VAL J 7 -54.78 7.10 30.30
N SER J 8 -55.03 6.47 31.44
CA SER J 8 -56.39 6.21 31.88
C SER J 8 -57.07 7.50 32.32
N ASP J 9 -58.40 7.47 32.36
CA ASP J 9 -59.17 8.65 32.73
C ASP J 9 -59.02 9.01 34.20
N GLY J 10 -58.60 8.06 35.05
CA GLY J 10 -58.39 8.39 36.45
C GLY J 10 -57.33 9.45 36.64
N VAL J 11 -56.23 9.36 35.87
CA VAL J 11 -55.14 10.31 36.00
C VAL J 11 -55.60 11.72 35.64
N ILE J 12 -56.31 11.87 34.52
CA ILE J 12 -56.76 13.19 34.11
C ILE J 12 -57.83 13.72 35.06
N LYS J 13 -58.72 12.86 35.57
CA LYS J 13 -59.67 13.32 36.58
C LYS J 13 -58.97 13.83 37.83
N VAL J 14 -57.95 13.11 38.29
CA VAL J 14 -57.20 13.53 39.48
C VAL J 14 -56.52 14.87 39.22
N PHE J 15 -55.87 15.00 38.05
CA PHE J 15 -55.19 16.24 37.72
C PHE J 15 -56.18 17.40 37.65
N ASN J 16 -57.35 17.16 37.08
CA ASN J 16 -58.33 18.23 36.91
C ASN J 16 -58.90 18.67 38.24
N ASP J 17 -59.24 17.72 39.12
CA ASP J 17 -59.84 18.13 40.39
C ASP J 17 -58.80 18.70 41.35
N MET J 18 -57.53 18.30 41.20
CA MET J 18 -56.48 18.89 42.00
C MET J 18 -56.13 20.29 41.49
N LYS J 19 -56.20 20.49 40.17
CA LYS J 19 -55.89 21.80 39.59
C LYS J 19 -56.90 22.85 40.04
N VAL J 20 -58.18 22.49 40.10
CA VAL J 20 -59.21 23.43 40.52
C VAL J 20 -59.10 23.66 42.03
N ARG J 21 -58.97 24.92 42.43
CA ARG J 21 -58.82 25.26 43.83
C ARG J 21 -59.86 26.29 44.26
N VAL J 29 -60.98 19.55 52.90
CA VAL J 29 -59.61 19.83 52.49
C VAL J 29 -58.74 18.59 52.75
N LYS J 30 -59.08 17.83 53.80
CA LYS J 30 -58.34 16.63 54.11
C LYS J 30 -58.48 15.58 53.02
N LYS J 31 -59.59 15.60 52.27
CA LYS J 31 -59.77 14.65 51.18
C LYS J 31 -58.89 15.00 49.98
N ARG J 32 -58.48 16.25 49.87
CA ARG J 32 -57.64 16.67 48.75
C ARG J 32 -56.26 16.03 48.83
N LYS J 33 -55.61 15.89 47.68
CA LYS J 33 -54.30 15.27 47.58
C LYS J 33 -53.24 16.33 47.32
N LYS J 34 -52.14 16.23 48.06
CA LYS J 34 -51.01 17.14 47.87
C LYS J 34 -50.09 16.67 46.75
N ALA J 35 -49.75 15.38 46.73
CA ALA J 35 -48.96 14.80 45.66
C ALA J 35 -49.46 13.39 45.36
N VAL J 36 -49.27 12.97 44.12
CA VAL J 36 -49.78 11.68 43.67
C VAL J 36 -48.78 11.07 42.69
N LEU J 37 -48.63 9.75 42.75
CA LEU J 37 -47.70 9.03 41.90
C LEU J 37 -48.46 8.24 40.84
N PHE J 38 -47.98 8.30 39.60
CA PHE J 38 -48.51 7.53 38.49
C PHE J 38 -47.49 6.46 38.10
N CYS J 39 -47.97 5.24 37.88
CA CYS J 39 -47.11 4.14 37.49
C CYS J 39 -47.65 3.50 36.21
N LEU J 40 -46.93 2.49 35.72
CA LEU J 40 -47.27 1.79 34.49
C LEU J 40 -48.05 0.53 34.83
N SER J 41 -49.00 0.18 33.96
CA SER J 41 -49.83 -0.99 34.17
C SER J 41 -49.00 -2.27 34.04
N GLU J 42 -49.52 -3.35 34.62
CA GLU J 42 -48.87 -4.65 34.48
C GLU J 42 -48.84 -5.10 33.02
N ASP J 43 -49.91 -4.84 32.28
CA ASP J 43 -49.91 -5.08 30.84
C ASP J 43 -49.05 -4.08 30.08
N LYS J 44 -48.58 -3.02 30.76
CA LYS J 44 -47.73 -1.99 30.15
C LYS J 44 -48.46 -1.28 29.00
N LYS J 45 -49.74 -0.98 29.21
CA LYS J 45 -50.53 -0.26 28.21
C LYS J 45 -51.19 1.00 28.73
N ASN J 46 -51.29 1.20 30.04
CA ASN J 46 -51.97 2.36 30.59
C ASN J 46 -51.18 2.95 31.76
N ILE J 47 -51.33 4.26 31.93
CA ILE J 47 -50.80 4.96 33.09
C ILE J 47 -51.86 4.89 34.18
N ILE J 48 -51.55 4.23 35.28
CA ILE J 48 -52.51 4.01 36.35
C ILE J 48 -52.01 4.68 37.63
N LEU J 49 -52.90 4.73 38.62
CA LEU J 49 -52.57 5.30 39.92
C LEU J 49 -52.10 4.19 40.85
N GLU J 50 -50.91 4.37 41.41
CA GLU J 50 -50.41 3.40 42.38
C GLU J 50 -51.21 3.52 43.68
N GLU J 51 -51.47 2.37 44.31
CA GLU J 51 -52.43 2.32 45.39
C GLU J 51 -51.99 3.17 46.58
N GLY J 52 -50.96 2.72 47.30
CA GLY J 52 -50.53 3.41 48.49
C GLY J 52 -49.39 4.38 48.28
N LYS J 53 -49.47 5.20 47.23
CA LYS J 53 -48.45 6.19 46.88
C LYS J 53 -49.08 7.56 46.72
N GLU J 54 -49.87 7.97 47.70
CA GLU J 54 -50.49 9.30 47.69
C GLU J 54 -50.31 9.97 49.04
N ILE J 55 -50.28 11.29 49.01
CA ILE J 55 -50.17 12.12 50.22
C ILE J 55 -51.41 12.99 50.30
N LEU J 56 -52.06 12.99 51.45
CA LEU J 56 -53.28 13.77 51.66
C LEU J 56 -52.93 15.13 52.23
N VAL J 57 -53.71 16.14 51.84
CA VAL J 57 -53.46 17.50 52.32
C VAL J 57 -53.65 17.56 53.83
N GLY J 58 -54.70 16.92 54.35
CA GLY J 58 -54.92 16.92 55.79
C GLY J 58 -53.80 16.21 56.54
N ASP J 59 -53.24 15.17 55.95
CA ASP J 59 -52.14 14.42 56.58
C ASP J 59 -50.87 15.26 56.51
N ASP J 66 -42.62 17.03 57.08
CA ASP J 66 -42.38 17.69 55.81
C ASP J 66 -42.88 16.79 54.67
N PRO J 67 -43.92 17.23 53.97
CA PRO J 67 -44.48 16.39 52.90
C PRO J 67 -43.50 16.09 51.78
N TYR J 68 -42.61 17.02 51.43
CA TYR J 68 -41.68 16.80 50.33
C TYR J 68 -40.70 15.68 50.62
N ALA J 69 -40.17 15.61 51.85
CA ALA J 69 -39.24 14.54 52.19
C ALA J 69 -39.92 13.18 52.10
N THR J 70 -41.14 13.07 52.63
CA THR J 70 -41.87 11.81 52.54
C THR J 70 -42.19 11.45 51.09
N PHE J 71 -42.52 12.44 50.27
CA PHE J 71 -42.75 12.18 48.85
C PHE J 71 -41.48 11.67 48.18
N VAL J 72 -40.32 12.23 48.53
CA VAL J 72 -39.06 11.77 47.95
C VAL J 72 -38.78 10.33 48.38
N LYS J 73 -38.96 10.01 49.66
CA LYS J 73 -38.78 8.62 50.09
C LYS J 73 -39.80 7.69 49.45
N MET J 74 -40.96 8.23 49.04
CA MET J 74 -41.98 7.43 48.39
C MET J 74 -41.56 6.96 47.01
N LEU J 75 -40.66 7.68 46.35
CA LEU J 75 -40.23 7.31 45.01
C LEU J 75 -39.38 6.05 45.05
N PRO J 76 -39.64 5.08 44.19
CA PRO J 76 -38.82 3.86 44.17
C PRO J 76 -37.40 4.14 43.70
N ASP J 77 -36.48 3.31 44.17
CA ASP J 77 -35.07 3.45 43.86
C ASP J 77 -34.70 2.82 42.52
N LYS J 78 -35.36 1.73 42.13
CA LYS J 78 -34.95 0.95 40.97
C LYS J 78 -36.02 0.95 39.88
N ASP J 79 -36.86 1.98 39.84
CA ASP J 79 -37.92 2.03 38.84
C ASP J 79 -38.33 3.48 38.60
N CYS J 80 -38.94 3.73 37.45
CA CYS J 80 -39.35 5.05 37.03
C CYS J 80 -40.83 5.27 37.32
N ARG J 81 -41.20 6.52 37.60
CA ARG J 81 -42.57 6.88 37.92
C ARG J 81 -42.85 8.30 37.43
N TYR J 82 -44.13 8.64 37.35
CA TYR J 82 -44.56 10.01 37.17
C TYR J 82 -45.11 10.53 38.50
N ALA J 83 -45.13 11.85 38.65
CA ALA J 83 -45.62 12.42 39.88
C ALA J 83 -46.22 13.79 39.62
N LEU J 84 -47.30 14.09 40.34
CA LEU J 84 -47.93 15.41 40.33
C LEU J 84 -47.81 15.95 41.75
N TYR J 85 -47.18 17.11 41.91
CA TYR J 85 -46.97 17.72 43.21
C TYR J 85 -47.56 19.12 43.25
N ASP J 86 -48.34 19.40 44.30
CA ASP J 86 -48.92 20.72 44.51
C ASP J 86 -47.89 21.52 45.31
N ALA J 87 -46.88 22.03 44.60
CA ALA J 87 -45.81 22.78 45.24
C ALA J 87 -46.36 24.08 45.82
N THR J 88 -45.86 24.42 47.01
CA THR J 88 -46.25 25.62 47.76
C THR J 88 -44.98 26.42 48.01
N TYR J 89 -44.83 27.54 47.30
CA TYR J 89 -43.67 28.41 47.49
C TYR J 89 -44.16 29.81 47.82
N GLU J 90 -43.53 30.43 48.82
CA GLU J 90 -43.91 31.77 49.22
C GLU J 90 -42.79 32.73 48.85
N THR J 91 -43.14 33.83 48.21
CA THR J 91 -42.18 34.86 47.87
C THR J 91 -42.40 36.09 48.75
N LYS J 92 -41.56 37.11 48.54
CA LYS J 92 -41.75 38.35 49.26
C LYS J 92 -43.06 39.03 48.86
N GLU J 93 -43.42 38.94 47.57
CA GLU J 93 -44.63 39.59 47.09
C GLU J 93 -45.89 38.86 47.56
N SER J 94 -45.91 37.53 47.45
CA SER J 94 -47.14 36.78 47.75
C SER J 94 -46.78 35.32 47.99
N LYS J 95 -47.82 34.51 48.18
CA LYS J 95 -47.71 33.08 48.46
C LYS J 95 -48.37 32.33 47.31
N LYS J 96 -47.59 31.64 46.48
CA LYS J 96 -48.13 31.00 45.29
C LYS J 96 -48.08 29.49 45.40
N GLU J 97 -49.18 28.84 45.02
CA GLU J 97 -49.31 27.40 44.99
C GLU J 97 -49.50 26.97 43.54
N ASP J 98 -48.65 26.07 43.06
CA ASP J 98 -48.73 25.66 41.67
C ASP J 98 -48.40 24.18 41.54
N LEU J 99 -48.93 23.58 40.46
CA LEU J 99 -48.70 22.18 40.17
C LEU J 99 -47.40 22.00 39.42
N VAL J 100 -46.70 20.91 39.72
CA VAL J 100 -45.46 20.55 39.06
C VAL J 100 -45.49 19.07 38.71
N PHE J 101 -44.94 18.76 37.53
CA PHE J 101 -44.88 17.40 37.01
C PHE J 101 -43.45 16.89 37.15
N ILE J 102 -43.29 15.76 37.82
CA ILE J 102 -41.97 15.20 38.12
C ILE J 102 -41.85 13.86 37.40
N PHE J 103 -40.77 13.68 36.67
CA PHE J 103 -40.51 12.46 35.91
C PHE J 103 -39.34 11.73 36.58
N TRP J 104 -39.65 10.85 37.52
CA TRP J 104 -38.62 10.14 38.26
C TRP J 104 -38.07 9.01 37.39
N ALA J 105 -36.81 9.13 36.98
CA ALA J 105 -36.16 8.12 36.14
C ALA J 105 -34.74 7.90 36.63
N PRO J 106 -34.57 7.17 37.72
CA PRO J 106 -33.23 6.95 38.27
C PRO J 106 -32.35 6.17 37.32
N GLU J 107 -31.05 6.45 37.39
CA GLU J 107 -30.08 5.77 36.53
C GLU J 107 -30.02 4.26 36.83
N SER J 108 -30.29 3.87 38.07
CA SER J 108 -30.25 2.46 38.45
C SER J 108 -31.42 1.67 37.90
N ALA J 109 -32.43 2.34 37.33
CA ALA J 109 -33.58 1.63 36.80
C ALA J 109 -33.19 0.82 35.56
N PRO J 110 -33.92 -0.27 35.29
CA PRO J 110 -33.64 -1.03 34.06
C PRO J 110 -33.90 -0.20 32.82
N LEU J 111 -33.18 -0.53 31.75
CA LEU J 111 -33.26 0.26 30.52
C LEU J 111 -34.66 0.23 29.92
N LYS J 112 -35.34 -0.91 29.98
CA LYS J 112 -36.69 -1.01 29.43
C LYS J 112 -37.64 -0.03 30.09
N SER J 113 -37.63 0.03 31.42
CA SER J 113 -38.53 0.94 32.12
C SER J 113 -38.22 2.39 31.79
N LYS J 114 -36.94 2.75 31.76
CA LYS J 114 -36.56 4.12 31.43
C LYS J 114 -37.01 4.50 30.04
N MET J 115 -36.79 3.61 29.06
CA MET J 115 -37.20 3.91 27.69
C MET J 115 -38.71 4.04 27.57
N ILE J 116 -39.46 3.15 28.21
CA ILE J 116 -40.91 3.19 28.11
C ILE J 116 -41.46 4.46 28.78
N TYR J 117 -40.91 4.82 29.94
CA TYR J 117 -41.41 6.00 30.64
C TYR J 117 -41.04 7.28 29.91
N ALA J 118 -39.84 7.34 29.33
CA ALA J 118 -39.44 8.54 28.61
C ALA J 118 -40.22 8.69 27.31
N SER J 119 -40.38 7.60 26.57
CA SER J 119 -41.08 7.66 25.29
C SER J 119 -42.58 7.88 25.45
N SER J 120 -43.13 7.70 26.64
CA SER J 120 -44.54 7.88 26.90
C SER J 120 -44.79 8.99 27.92
N LYS J 121 -43.97 10.04 27.89
CA LYS J 121 -44.14 11.20 28.76
C LYS J 121 -44.86 12.34 28.07
N ASP J 122 -44.63 12.54 26.78
CA ASP J 122 -45.32 13.60 26.05
C ASP J 122 -46.82 13.38 26.04
N ALA J 123 -47.27 12.12 25.92
CA ALA J 123 -48.68 11.83 25.87
C ALA J 123 -49.38 12.24 27.16
N ILE J 124 -48.84 11.83 28.31
CA ILE J 124 -49.49 12.11 29.59
C ILE J 124 -49.38 13.59 29.93
N LYS J 125 -48.24 14.22 29.64
CA LYS J 125 -48.09 15.63 29.94
C LYS J 125 -49.01 16.49 29.07
N LYS J 126 -49.11 16.17 27.78
CA LYS J 126 -50.02 16.90 26.91
C LYS J 126 -51.47 16.65 27.29
N LYS J 127 -51.78 15.45 27.77
CA LYS J 127 -53.12 15.17 28.26
C LYS J 127 -53.46 16.07 29.45
N LEU J 128 -52.49 16.29 30.34
CA LEU J 128 -52.68 17.16 31.50
C LEU J 128 -52.41 18.62 31.09
N THR J 129 -53.31 19.15 30.27
CA THR J 129 -53.16 20.50 29.79
C THR J 129 -53.34 21.51 30.92
N GLY J 130 -52.56 22.59 30.85
CA GLY J 130 -52.62 23.65 31.86
C GLY J 130 -51.48 23.64 32.85
N ILE J 131 -50.51 22.73 32.71
CA ILE J 131 -49.37 22.66 33.61
C ILE J 131 -48.22 23.44 32.98
N LYS J 132 -47.39 24.05 33.82
CA LYS J 132 -46.26 24.85 33.37
C LYS J 132 -44.91 24.32 33.84
N HIS J 133 -44.77 24.07 35.14
CA HIS J 133 -43.50 23.64 35.70
C HIS J 133 -43.33 22.13 35.55
N GLU J 134 -42.19 21.72 35.02
CA GLU J 134 -41.83 20.32 34.87
C GLU J 134 -40.47 20.07 35.51
N LEU J 135 -40.40 19.05 36.35
CA LEU J 135 -39.15 18.66 37.01
C LEU J 135 -38.72 17.31 36.46
N GLN J 136 -37.45 17.20 36.08
CA GLN J 136 -36.89 15.99 35.50
C GLN J 136 -35.78 15.50 36.40
N ALA J 137 -36.12 14.60 37.31
CA ALA J 137 -35.17 14.04 38.27
C ALA J 137 -34.69 12.68 37.77
N ASN J 138 -33.38 12.54 37.61
CA ASN J 138 -32.78 11.28 37.19
C ASN J 138 -31.91 10.64 38.27
N CYS J 139 -31.79 11.28 39.43
CA CYS J 139 -31.07 10.71 40.56
C CYS J 139 -31.56 11.40 41.83
N TYR J 140 -31.20 10.81 42.97
CA TYR J 140 -31.73 11.28 44.25
C TYR J 140 -31.26 12.69 44.57
N GLU J 141 -30.08 13.09 44.09
CA GLU J 141 -29.58 14.41 44.41
C GLU J 141 -30.36 15.50 43.68
N GLU J 142 -30.93 15.19 42.52
CA GLU J 142 -31.71 16.17 41.78
C GLU J 142 -33.08 16.43 42.39
N VAL J 143 -33.62 15.48 43.14
CA VAL J 143 -34.95 15.60 43.69
C VAL J 143 -34.94 15.91 45.19
N LYS J 144 -33.92 15.47 45.93
CA LYS J 144 -33.88 15.72 47.37
C LYS J 144 -33.71 17.21 47.67
N ASP J 145 -32.88 17.90 46.90
CA ASP J 145 -32.64 19.32 47.15
C ASP J 145 -33.85 20.16 46.75
N ARG J 146 -33.86 21.41 47.20
CA ARG J 146 -34.97 22.32 46.98
C ARG J 146 -34.62 23.49 46.07
N CYS J 147 -33.35 23.65 45.69
CA CYS J 147 -32.95 24.81 44.92
C CYS J 147 -33.52 24.77 43.50
N THR J 148 -33.38 23.63 42.82
CA THR J 148 -33.85 23.55 41.44
C THR J 148 -35.37 23.64 41.35
N LEU J 149 -36.08 23.02 42.30
CA LEU J 149 -37.54 23.11 42.30
C LEU J 149 -38.00 24.55 42.52
N ALA J 150 -37.37 25.25 43.46
CA ALA J 150 -37.70 26.65 43.70
C ALA J 150 -37.40 27.50 42.47
N GLU J 151 -36.28 27.22 41.80
CA GLU J 151 -35.95 27.96 40.58
C GLU J 151 -36.99 27.71 39.49
N LYS J 152 -37.45 26.47 39.34
CA LYS J 152 -38.50 26.17 38.37
C LYS J 152 -39.79 26.90 38.71
N LEU J 153 -40.17 26.92 39.99
CA LEU J 153 -41.40 27.61 40.38
C LEU J 153 -41.28 29.11 40.18
N GLY J 154 -40.18 29.71 40.64
CA GLY J 154 -40.00 31.14 40.52
C GLY J 154 -38.58 31.53 40.16
N GLY J 155 -38.44 32.44 39.20
CA GLY J 155 -37.12 32.84 38.75
C GLY J 155 -36.49 33.94 39.58
N SER J 156 -35.54 33.57 40.43
CA SER J 156 -34.80 34.51 41.27
C SER J 156 -35.73 35.34 42.15
N ALA J 157 -36.83 34.72 42.59
CA ALA J 157 -37.78 35.40 43.46
C ALA J 157 -38.25 34.55 44.63
N VAL J 158 -37.96 33.25 44.66
CA VAL J 158 -38.43 32.37 45.73
C VAL J 158 -37.51 32.53 46.93
N ILE J 159 -38.10 32.84 48.08
CA ILE J 159 -37.36 32.91 49.33
C ILE J 159 -37.53 31.65 50.17
N SER J 160 -38.65 30.92 50.04
CA SER J 160 -38.80 29.64 50.71
C SER J 160 -39.91 28.85 50.03
N LEU J 161 -39.81 27.53 50.17
CA LEU J 161 -40.70 26.58 49.52
C LEU J 161 -41.22 25.60 50.57
N GLU J 162 -42.55 25.42 50.59
CA GLU J 162 -43.21 24.51 51.53
C GLU J 162 -42.91 24.89 52.97
N GLY J 163 -42.84 26.20 53.23
CA GLY J 163 -42.61 26.68 54.60
C GLY J 163 -41.20 26.64 55.11
N LYS J 164 -40.48 25.55 54.85
CA LYS J 164 -39.10 25.43 55.33
C LYS J 164 -38.22 26.44 54.63
N PRO J 165 -37.47 27.26 55.35
CA PRO J 165 -36.63 28.28 54.70
C PRO J 165 -35.53 27.66 53.87
N LEU J 166 -35.19 28.35 52.79
CA LEU J 166 -34.12 27.91 51.90
C LEU J 166 -32.76 28.38 52.41
N MET K 6 -21.27 32.84 58.28
CA MET K 6 -21.02 32.21 56.98
C MET K 6 -20.54 30.77 57.17
N PRO K 7 -21.12 29.85 56.39
CA PRO K 7 -20.70 28.44 56.51
C PRO K 7 -19.22 28.23 56.23
N TYR K 8 -18.66 28.96 55.28
CA TYR K 8 -17.25 28.83 54.93
C TYR K 8 -16.70 30.19 54.57
N GLU K 9 -15.42 30.38 54.82
CA GLU K 9 -14.75 31.63 54.48
C GLU K 9 -13.32 31.36 54.08
N ILE K 10 -12.88 31.96 52.96
CA ILE K 10 -11.49 31.81 52.54
C ILE K 10 -10.58 32.51 53.52
N LYS K 11 -9.53 31.82 53.95
CA LYS K 11 -8.61 32.33 54.96
C LYS K 11 -7.26 32.70 54.39
N LYS K 12 -6.62 31.78 53.66
CA LYS K 12 -5.32 32.02 53.06
C LYS K 12 -5.25 31.37 51.70
N VAL K 13 -4.62 32.06 50.74
CA VAL K 13 -4.42 31.54 49.39
C VAL K 13 -2.93 31.48 49.13
N PHE K 14 -2.43 30.28 48.84
CA PHE K 14 -1.03 30.09 48.47
C PHE K 14 -0.97 30.06 46.95
N ALA K 15 -0.59 31.19 46.37
CA ALA K 15 -0.68 31.37 44.92
C ALA K 15 0.32 30.49 44.18
N SER K 16 -0.01 30.18 42.94
CA SER K 16 0.87 29.41 42.07
C SER K 16 1.99 30.30 41.52
N LEU K 17 3.08 29.65 41.15
CA LEU K 17 4.19 30.35 40.53
C LEU K 17 3.86 30.67 39.07
N PRO K 18 4.47 31.71 38.51
CA PRO K 18 4.21 32.03 37.10
C PRO K 18 4.62 30.90 36.18
N GLN K 19 3.82 30.70 35.14
CA GLN K 19 4.09 29.66 34.14
C GLN K 19 5.07 30.22 33.12
N VAL K 20 6.32 29.77 33.20
CA VAL K 20 7.38 30.27 32.34
C VAL K 20 7.85 29.16 31.41
N GLU K 21 8.24 29.56 30.20
CA GLU K 21 8.75 28.65 29.19
C GLU K 21 10.14 29.11 28.76
N ARG K 22 11.00 28.13 28.48
CA ARG K 22 12.38 28.44 28.11
C ARG K 22 12.42 29.23 26.81
N GLY K 23 13.16 30.32 26.80
CA GLY K 23 13.31 31.14 25.62
C GLY K 23 12.15 32.06 25.31
N VAL K 24 11.14 32.11 26.18
CA VAL K 24 9.97 32.95 25.98
C VAL K 24 9.89 33.95 27.13
N SER K 25 9.76 35.23 26.79
CA SER K 25 9.71 36.27 27.80
C SER K 25 8.42 36.18 28.61
N LYS K 26 8.54 36.43 29.91
CA LYS K 26 7.40 36.43 30.82
C LYS K 26 7.11 37.88 31.24
N ILE K 27 5.85 38.27 31.16
CA ILE K 27 5.44 39.65 31.41
C ILE K 27 4.77 39.72 32.76
N ILE K 28 5.32 40.56 33.65
CA ILE K 28 4.78 40.78 34.98
C ILE K 28 4.32 42.23 35.08
N GLY K 29 3.06 42.43 35.41
CA GLY K 29 2.48 43.76 35.51
C GLY K 29 2.45 44.25 36.94
N GLY K 30 2.43 45.57 37.09
CA GLY K 30 2.37 46.20 38.40
C GLY K 30 1.25 47.22 38.45
N ASP K 31 0.67 47.39 39.63
CA ASP K 31 -0.42 48.33 39.78
C ASP K 31 0.11 49.76 39.95
N PRO K 32 -0.66 50.75 39.52
CA PRO K 32 -0.28 52.14 39.82
C PRO K 32 -0.21 52.42 41.31
N LYS K 33 -1.04 51.77 42.11
CA LYS K 33 -1.02 51.94 43.56
C LYS K 33 0.17 51.26 44.22
N GLY K 34 0.87 50.38 43.50
CA GLY K 34 2.04 49.72 44.05
C GLY K 34 1.75 48.78 45.20
N ASN K 35 0.70 47.96 45.08
CA ASN K 35 0.36 47.01 46.14
C ASN K 35 0.50 45.56 45.69
N ASN K 36 -0.13 45.18 44.59
CA ASN K 36 -0.07 43.81 44.10
C ASN K 36 0.55 43.78 42.71
N PHE K 37 1.49 42.87 42.50
CA PHE K 37 2.01 42.58 41.18
C PHE K 37 1.35 41.30 40.66
N LEU K 38 1.06 41.25 39.37
CA LEU K 38 0.28 40.16 38.83
C LEU K 38 1.00 39.46 37.70
N TYR K 39 0.71 38.18 37.56
CA TYR K 39 1.21 37.35 36.46
C TYR K 39 0.12 36.37 36.08
N THR K 40 0.46 35.42 35.20
CA THR K 40 -0.49 34.46 34.70
C THR K 40 0.06 33.04 34.85
N ASN K 41 -0.86 32.09 35.01
CA ASN K 41 -0.49 30.68 35.08
C ASN K 41 -1.70 29.88 34.59
N GLY K 42 -1.55 29.22 33.45
CA GLY K 42 -2.67 28.47 32.89
C GLY K 42 -3.83 29.40 32.59
N LYS K 43 -4.99 29.05 33.13
CA LYS K 43 -6.20 29.86 32.96
C LYS K 43 -6.38 30.89 34.07
N CYS K 44 -5.41 31.02 34.98
CA CYS K 44 -5.54 31.86 36.16
C CYS K 44 -4.65 33.09 36.04
N VAL K 45 -5.15 34.21 36.56
CA VAL K 45 -4.38 35.44 36.71
C VAL K 45 -4.16 35.65 38.20
N ILE K 46 -2.91 35.71 38.62
CA ILE K 46 -2.54 35.77 40.03
C ILE K 46 -2.09 37.18 40.37
N LEU K 47 -2.72 37.78 41.38
CA LEU K 47 -2.33 39.07 41.93
C LEU K 47 -1.70 38.78 43.30
N ARG K 48 -0.37 38.81 43.34
CA ARG K 48 0.36 38.58 44.59
C ARG K 48 0.71 39.92 45.23
N ASN K 49 0.43 40.04 46.52
CA ASN K 49 0.80 41.23 47.26
C ASN K 49 2.32 41.35 47.29
N ILE K 50 2.84 42.48 46.82
CA ILE K 50 4.29 42.62 46.64
C ILE K 50 4.99 42.67 47.99
N ASP K 51 4.37 43.29 49.00
CA ASP K 51 5.00 43.39 50.31
C ASP K 51 5.00 42.04 51.02
N ASN K 52 3.86 41.35 50.99
CA ASN K 52 3.74 40.01 51.58
C ASN K 52 3.31 39.04 50.50
N PRO K 53 4.24 38.27 49.92
CA PRO K 53 3.85 37.35 48.84
C PRO K 53 2.88 36.26 49.27
N ALA K 54 2.77 35.99 50.57
CA ALA K 54 1.81 34.98 51.03
C ALA K 54 0.38 35.39 50.70
N LEU K 55 0.04 36.65 50.91
CA LEU K 55 -1.28 37.14 50.54
C LEU K 55 -1.40 37.25 49.03
N ALA K 56 -2.47 36.69 48.47
CA ALA K 56 -2.64 36.69 47.03
C ALA K 56 -4.11 36.49 46.69
N ASP K 57 -4.44 36.82 45.44
CA ASP K 57 -5.77 36.61 44.88
C ASP K 57 -5.62 35.96 43.51
N ILE K 58 -6.62 35.16 43.13
CA ILE K 58 -6.61 34.43 41.87
C ILE K 58 -7.91 34.68 41.14
N TYR K 59 -7.81 35.03 39.85
CA TYR K 59 -8.96 35.24 38.99
C TYR K 59 -8.90 34.18 37.89
N THR K 60 -9.88 33.28 37.89
CA THR K 60 -9.93 32.16 36.94
C THR K 60 -11.26 32.21 36.21
N GLU K 61 -11.28 32.87 35.05
CA GLU K 61 -12.46 32.91 34.20
C GLU K 61 -12.16 32.72 32.72
N HIS K 62 -10.89 32.58 32.34
CA HIS K 62 -10.55 32.38 30.94
C HIS K 62 -10.71 30.91 30.55
N ALA K 63 -11.18 30.68 29.34
CA ALA K 63 -11.32 29.33 28.81
C ALA K 63 -10.05 28.81 28.15
N HIS K 64 -9.01 29.65 28.03
CA HIS K 64 -7.75 29.27 27.43
C HIS K 64 -6.61 29.75 28.32
N GLN K 65 -5.38 29.57 27.85
CA GLN K 65 -4.21 29.93 28.63
C GLN K 65 -3.99 31.44 28.57
N VAL K 66 -4.07 32.10 29.73
CA VAL K 66 -3.84 33.54 29.80
C VAL K 66 -2.36 33.82 29.63
N VAL K 67 -2.05 34.79 28.77
CA VAL K 67 -0.66 35.15 28.47
C VAL K 67 -0.20 36.36 29.27
N VAL K 68 -1.00 37.42 29.28
CA VAL K 68 -0.60 38.68 29.90
C VAL K 68 -1.83 39.36 30.48
N ALA K 69 -1.66 39.98 31.64
CA ALA K 69 -2.66 40.84 32.24
C ALA K 69 -2.00 42.15 32.64
N LYS K 70 -2.78 43.23 32.61
CA LYS K 70 -2.23 44.57 32.89
C LYS K 70 -3.24 45.37 33.69
N TYR K 71 -2.74 46.08 34.70
CA TYR K 71 -3.58 46.99 35.46
C TYR K 71 -3.88 48.25 34.65
N ALA K 72 -5.08 48.77 34.82
CA ALA K 72 -5.40 50.08 34.24
C ALA K 72 -4.72 51.18 35.06
N PRO K 73 -4.35 52.28 34.41
CA PRO K 73 -3.70 53.38 35.15
C PRO K 73 -4.55 53.93 36.28
N SER K 74 -5.88 53.90 36.13
CA SER K 74 -6.75 54.27 37.24
C SER K 74 -6.72 53.22 38.35
N GLY K 75 -6.31 52.00 38.04
CA GLY K 75 -6.21 50.95 39.04
C GLY K 75 -7.49 50.21 39.33
N PHE K 76 -8.58 50.52 38.62
CA PHE K 76 -9.87 49.90 38.89
C PHE K 76 -10.17 48.69 38.02
N TYR K 77 -9.56 48.58 36.85
CA TYR K 77 -9.84 47.49 35.93
C TYR K 77 -8.55 46.80 35.53
N ILE K 78 -8.66 45.53 35.15
CA ILE K 78 -7.55 44.76 34.62
C ILE K 78 -7.98 44.12 33.31
N ALA K 79 -7.15 44.25 32.28
CA ALA K 79 -7.38 43.61 30.99
C ALA K 79 -6.42 42.43 30.85
N SER K 80 -6.97 41.25 30.63
CA SER K 80 -6.18 40.03 30.48
C SER K 80 -6.54 39.36 29.16
N GLY K 81 -5.53 38.90 28.44
CA GLY K 81 -5.73 38.23 27.17
C GLY K 81 -5.22 36.81 27.21
N ASP K 82 -5.91 35.94 26.49
CA ASP K 82 -5.53 34.53 26.43
C ASP K 82 -5.00 34.19 25.04
N VAL K 83 -4.58 32.94 24.86
CA VAL K 83 -4.00 32.49 23.60
C VAL K 83 -5.01 32.43 22.47
N SER K 84 -6.30 32.50 22.77
CA SER K 84 -7.34 32.46 21.75
C SER K 84 -7.68 33.84 21.21
N GLY K 85 -6.95 34.88 21.61
CA GLY K 85 -7.26 36.23 21.20
C GLY K 85 -8.34 36.90 22.01
N LYS K 86 -8.86 36.25 23.04
CA LYS K 86 -9.91 36.80 23.86
C LYS K 86 -9.32 37.72 24.92
N LEU K 87 -9.86 38.93 25.01
CA LEU K 87 -9.45 39.93 25.98
C LEU K 87 -10.62 40.26 26.89
N ARG K 88 -10.37 40.23 28.20
CA ARG K 88 -11.38 40.49 29.21
C ARG K 88 -10.93 41.65 30.09
N ILE K 89 -11.76 42.69 30.18
CA ILE K 89 -11.55 43.79 31.10
C ILE K 89 -12.51 43.59 32.26
N TRP K 90 -11.96 43.38 33.45
CA TRP K 90 -12.78 43.08 34.62
C TRP K 90 -12.42 43.99 35.78
N ASP K 91 -13.41 44.27 36.62
CA ASP K 91 -13.24 45.11 37.79
C ASP K 91 -12.34 44.44 38.82
N THR K 92 -11.69 45.27 39.63
CA THR K 92 -10.80 44.78 40.67
C THR K 92 -11.13 45.29 42.06
N THR K 93 -12.02 46.27 42.19
CA THR K 93 -12.36 46.82 43.51
C THR K 93 -13.04 45.77 44.38
N GLN K 94 -13.96 45.00 43.80
CA GLN K 94 -14.71 44.00 44.53
C GLN K 94 -14.10 42.61 44.31
N LYS K 95 -14.26 41.75 45.33
CA LYS K 95 -13.69 40.42 45.27
C LYS K 95 -14.34 39.54 44.20
N GLU K 96 -15.53 39.91 43.74
CA GLU K 96 -16.19 39.12 42.70
C GLU K 96 -15.47 39.22 41.37
N HIS K 97 -14.83 40.37 41.09
CA HIS K 97 -14.17 40.63 39.82
C HIS K 97 -15.14 40.46 38.65
N LEU K 98 -16.23 41.22 38.74
CA LEU K 98 -17.27 41.14 37.72
C LEU K 98 -16.74 41.60 36.37
N LEU K 99 -17.09 40.87 35.32
CA LEU K 99 -16.62 41.19 33.98
C LEU K 99 -17.25 42.49 33.50
N LYS K 100 -16.41 43.41 33.01
CA LYS K 100 -16.88 44.69 32.50
C LYS K 100 -17.02 44.66 30.99
N TYR K 101 -15.97 44.25 30.28
CA TYR K 101 -16.01 44.18 28.83
C TYR K 101 -15.27 42.94 28.33
N GLU K 102 -15.62 42.50 27.13
CA GLU K 102 -15.03 41.31 26.52
C GLU K 102 -14.91 41.55 25.03
N TYR K 103 -13.72 41.30 24.48
CA TYR K 103 -13.46 41.56 23.07
C TYR K 103 -12.62 40.45 22.47
N GLN K 104 -12.61 40.40 21.14
CA GLN K 104 -11.74 39.51 20.37
C GLN K 104 -11.06 40.35 19.30
N PRO K 105 -9.98 41.06 19.64
CA PRO K 105 -9.34 41.94 18.65
C PRO K 105 -8.86 41.21 17.41
N PHE K 106 -8.34 39.99 17.56
CA PHE K 106 -7.90 39.21 16.42
C PHE K 106 -7.89 37.74 16.81
N ALA K 107 -7.91 36.87 15.80
CA ALA K 107 -7.96 35.42 16.01
C ALA K 107 -6.52 34.89 16.04
N GLY K 108 -5.90 35.04 17.20
CA GLY K 108 -4.55 34.56 17.39
C GLY K 108 -4.07 34.86 18.79
N LYS K 109 -2.86 34.40 19.08
CA LYS K 109 -2.31 34.55 20.42
C LYS K 109 -2.09 36.03 20.75
N ILE K 110 -2.48 36.41 21.96
CA ILE K 110 -2.27 37.76 22.48
C ILE K 110 -0.97 37.74 23.28
N LYS K 111 -0.08 38.69 22.98
CA LYS K 111 1.23 38.73 23.63
C LYS K 111 1.39 39.86 24.64
N ASP K 112 0.90 41.06 24.34
CA ASP K 112 1.05 42.15 25.28
C ASP K 112 -0.16 43.08 25.19
N ILE K 113 -0.40 43.78 26.30
CA ILE K 113 -1.51 44.70 26.47
C ILE K 113 -0.98 46.00 27.05
N ALA K 114 -1.46 47.13 26.54
CA ALA K 114 -1.04 48.43 27.04
C ALA K 114 -2.25 49.36 27.15
N TRP K 115 -2.19 50.28 28.10
CA TRP K 115 -3.25 51.25 28.35
C TRP K 115 -2.73 52.67 28.14
N THR K 116 -3.65 53.57 27.85
CA THR K 116 -3.34 55.00 27.78
C THR K 116 -3.48 55.63 29.16
N GLU K 117 -2.97 56.86 29.29
CA GLU K 117 -3.00 57.55 30.58
C GLU K 117 -4.42 57.77 31.05
N ASP K 118 -5.32 58.16 30.15
CA ASP K 118 -6.72 58.37 30.50
C ASP K 118 -7.47 57.07 30.74
N SER K 119 -6.84 55.93 30.47
CA SER K 119 -7.40 54.61 30.77
C SER K 119 -8.72 54.37 30.03
N LYS K 120 -8.79 54.83 28.78
CA LYS K 120 -9.95 54.59 27.94
C LYS K 120 -9.62 53.89 26.63
N ARG K 121 -8.34 53.71 26.31
CA ARG K 121 -7.92 53.03 25.09
C ARG K 121 -6.96 51.91 25.45
N ILE K 122 -7.14 50.75 24.81
CA ILE K 122 -6.31 49.58 25.05
C ILE K 122 -5.69 49.15 23.73
N ALA K 123 -4.39 48.92 23.74
CA ALA K 123 -3.66 48.39 22.59
C ALA K 123 -3.22 46.97 22.91
N VAL K 124 -3.69 46.02 22.10
CA VAL K 124 -3.39 44.61 22.28
C VAL K 124 -2.61 44.12 21.07
N VAL K 125 -1.46 43.50 21.32
CA VAL K 125 -0.59 43.03 20.25
C VAL K 125 -0.38 41.53 20.38
N GLY K 126 -0.07 40.90 19.26
CA GLY K 126 0.14 39.47 19.21
C GLY K 126 0.35 38.96 17.80
N GLU K 127 -0.21 37.79 17.49
CA GLU K 127 -0.10 37.20 16.15
C GLU K 127 -1.49 36.74 15.74
N GLY K 128 -2.23 37.60 15.05
CA GLY K 128 -3.52 37.25 14.51
C GLY K 128 -3.41 36.68 13.10
N ARG K 129 -4.56 36.24 12.59
CA ARG K 129 -4.61 35.68 11.24
C ARG K 129 -4.34 36.74 10.19
N GLU K 130 -4.91 37.94 10.36
CA GLU K 130 -4.81 38.99 9.36
C GLU K 130 -4.21 40.28 9.89
N LYS K 131 -3.84 40.33 11.17
CA LYS K 131 -3.26 41.53 11.75
C LYS K 131 -2.41 41.13 12.94
N PHE K 132 -1.51 42.04 13.34
CA PHE K 132 -0.60 41.78 14.44
C PHE K 132 -0.87 42.64 15.67
N GLY K 133 -1.79 43.59 15.59
CA GLY K 133 -2.11 44.43 16.73
C GLY K 133 -3.37 45.22 16.47
N ALA K 134 -3.94 45.73 17.56
CA ALA K 134 -5.17 46.52 17.46
C ALA K 134 -5.30 47.40 18.69
N VAL K 135 -5.52 48.69 18.48
CA VAL K 135 -5.75 49.64 19.56
C VAL K 135 -7.18 50.16 19.42
N PHE K 136 -7.94 50.10 20.51
CA PHE K 136 -9.36 50.39 20.43
C PHE K 136 -9.85 51.00 21.74
N LEU K 137 -10.99 51.69 21.66
CA LEU K 137 -11.65 52.20 22.85
C LEU K 137 -12.09 51.05 23.74
N TRP K 138 -11.95 51.25 25.06
CA TRP K 138 -12.22 50.17 25.99
C TRP K 138 -13.70 49.89 26.15
N ASP K 139 -14.55 50.90 25.98
CA ASP K 139 -15.98 50.75 26.22
C ASP K 139 -16.78 50.41 24.97
N SER K 140 -16.18 50.47 23.80
CA SER K 140 -16.90 50.21 22.55
C SER K 140 -16.19 49.27 21.59
N GLY K 141 -14.87 49.11 21.69
CA GLY K 141 -14.15 48.27 20.77
C GLY K 141 -13.91 48.86 19.40
N SER K 142 -14.24 50.13 19.20
CA SER K 142 -13.99 50.78 17.92
C SER K 142 -12.52 51.14 17.80
N SER K 143 -11.95 50.89 16.62
CA SER K 143 -10.53 51.15 16.41
C SER K 143 -10.24 52.64 16.47
N VAL K 144 -9.18 53.01 17.18
CA VAL K 144 -8.74 54.39 17.27
C VAL K 144 -7.35 54.50 16.67
N GLY K 145 -6.96 53.51 15.88
CA GLY K 145 -5.65 53.51 15.25
C GLY K 145 -5.37 52.19 14.59
N GLU K 146 -4.29 52.18 13.82
CA GLU K 146 -3.87 50.99 13.09
C GLU K 146 -2.42 50.69 13.42
N ILE K 147 -2.14 49.43 13.74
CA ILE K 147 -0.79 48.98 14.06
C ILE K 147 -0.25 48.23 12.85
N THR K 148 0.64 48.87 12.12
CA THR K 148 1.25 48.30 10.92
C THR K 148 2.76 48.45 10.99
N GLY K 149 3.44 47.89 9.99
CA GLY K 149 4.88 47.94 9.93
C GLY K 149 5.60 46.75 10.50
N HIS K 150 4.88 45.70 10.90
CA HIS K 150 5.47 44.48 11.43
C HIS K 150 4.99 43.30 10.61
N ASN K 151 5.92 42.45 10.17
CA ASN K 151 5.58 41.27 9.41
C ASN K 151 5.67 39.98 10.21
N LYS K 152 5.91 40.08 11.52
CA LYS K 152 6.00 38.91 12.39
C LYS K 152 5.28 39.21 13.70
N VAL K 153 5.32 38.25 14.62
CA VAL K 153 4.61 38.39 15.89
C VAL K 153 5.19 39.54 16.69
N ILE K 154 4.30 40.31 17.33
CA ILE K 154 4.73 41.41 18.20
C ILE K 154 4.75 40.91 19.64
N ASN K 155 5.91 41.02 20.28
CA ASN K 155 6.09 40.48 21.62
C ASN K 155 5.74 41.47 22.72
N SER K 156 5.89 42.76 22.47
CA SER K 156 5.68 43.76 23.50
C SER K 156 5.04 45.01 22.91
N VAL K 157 4.42 45.79 23.79
CA VAL K 157 3.81 47.08 23.42
C VAL K 157 3.80 47.97 24.65
N ASP K 158 4.00 49.26 24.44
CA ASP K 158 3.91 50.22 25.53
C ASP K 158 3.43 51.55 24.96
N ILE K 159 2.73 52.31 25.80
CA ILE K 159 2.13 53.59 25.41
C ILE K 159 2.64 54.66 26.36
N LYS K 160 3.08 55.78 25.80
CA LYS K 160 3.58 56.89 26.60
C LYS K 160 2.49 57.41 27.51
N GLN K 161 2.84 57.62 28.78
CA GLN K 161 1.88 58.04 29.80
C GLN K 161 1.79 59.55 29.95
N SER K 162 2.50 60.31 29.12
CA SER K 162 2.48 61.76 29.19
C SER K 162 2.27 62.33 27.79
N ARG K 163 1.65 63.51 27.74
CA ARG K 163 1.40 64.16 26.46
C ARG K 163 2.71 64.66 25.86
N PRO K 164 2.91 64.51 24.55
CA PRO K 164 2.01 63.87 23.57
C PRO K 164 2.09 62.35 23.64
N TYR K 165 1.00 61.66 23.31
CA TYR K 165 0.98 60.20 23.40
C TYR K 165 1.80 59.58 22.28
N ARG K 166 2.53 58.52 22.62
CA ARG K 166 3.32 57.76 21.66
C ARG K 166 3.10 56.29 21.92
N LEU K 167 3.32 55.46 20.90
CA LEU K 167 3.16 54.01 21.01
C LEU K 167 4.39 53.35 20.40
N ALA K 168 4.90 52.32 21.07
CA ALA K 168 6.07 51.60 20.60
C ALA K 168 5.82 50.09 20.68
N THR K 169 6.11 49.39 19.59
CA THR K 169 5.94 47.95 19.54
C THR K 169 7.25 47.28 19.15
N GLY K 170 7.55 46.17 19.80
CA GLY K 170 8.69 45.36 19.42
C GLY K 170 8.26 44.00 18.95
N SER K 171 8.81 43.51 17.84
CA SER K 171 8.34 42.28 17.22
C SER K 171 9.52 41.37 16.92
N ASP K 172 9.24 40.28 16.22
CA ASP K 172 10.23 39.25 15.94
C ASP K 172 10.97 39.47 14.62
N ASP K 173 10.65 40.52 13.86
CA ASP K 173 11.40 40.85 12.66
C ASP K 173 12.60 41.75 12.97
N ASN K 174 13.09 41.72 14.21
CA ASN K 174 14.27 42.49 14.63
C ASN K 174 14.07 43.98 14.43
N CYS K 175 12.86 44.47 14.66
CA CYS K 175 12.54 45.88 14.45
C CYS K 175 11.52 46.33 15.49
N ALA K 176 11.51 47.63 15.76
CA ALA K 176 10.54 48.23 16.68
C ALA K 176 9.84 49.38 15.98
N ALA K 177 8.51 49.31 15.92
CA ALA K 177 7.73 50.35 15.28
C ALA K 177 7.32 51.42 16.28
N PHE K 178 7.27 52.66 15.79
CA PHE K 178 6.93 53.84 16.58
C PHE K 178 5.78 54.55 15.90
N PHE K 179 4.72 54.81 16.67
CA PHE K 179 3.48 55.41 16.22
C PHE K 179 3.19 56.64 17.07
N GLU K 180 2.51 57.62 16.47
CA GLU K 180 2.06 58.81 17.17
C GLU K 180 0.55 58.92 17.12
N GLY K 181 -0.03 59.49 18.16
CA GLY K 181 -1.47 59.64 18.25
C GLY K 181 -1.91 60.16 19.60
N PRO K 182 -3.19 59.95 19.96
CA PRO K 182 -4.25 59.31 19.16
C PRO K 182 -4.90 60.28 18.17
N PRO K 183 -5.39 59.79 17.01
CA PRO K 183 -5.40 58.38 16.57
C PRO K 183 -4.00 57.90 16.21
N PHE K 184 -3.67 56.65 16.53
CA PHE K 184 -2.32 56.16 16.38
C PHE K 184 -2.04 55.85 14.92
N LYS K 185 -1.03 56.52 14.37
CA LYS K 185 -0.61 56.34 12.99
C LYS K 185 0.88 55.99 12.97
N PHE K 186 1.27 55.15 12.02
CA PHE K 186 2.65 54.73 11.93
C PHE K 186 3.57 55.93 11.69
N LYS K 187 4.62 56.03 12.49
CA LYS K 187 5.60 57.10 12.33
C LYS K 187 6.89 56.60 11.70
N PHE K 188 7.56 55.61 12.32
CA PHE K 188 8.74 55.04 11.68
C PHE K 188 9.15 53.76 12.39
N THR K 189 9.99 52.98 11.70
CA THR K 189 10.49 51.72 12.21
C THR K 189 11.98 51.83 12.51
N ILE K 190 12.37 51.46 13.73
CA ILE K 190 13.76 51.45 14.14
C ILE K 190 14.30 50.03 14.00
N GLY K 191 15.40 49.88 13.27
CA GLY K 191 15.97 48.56 13.03
C GLY K 191 17.37 48.40 13.57
N ASP K 192 17.65 49.00 14.72
CA ASP K 192 18.98 48.87 15.31
C ASP K 192 19.24 47.44 15.80
N HIS K 193 18.22 46.76 16.31
CA HIS K 193 18.41 45.43 16.87
C HIS K 193 18.65 44.40 15.77
N SER K 194 19.32 43.32 16.13
CA SER K 194 19.66 42.26 15.20
C SER K 194 18.98 40.93 15.52
N ARG K 195 18.24 40.85 16.62
CA ARG K 195 17.51 39.64 16.98
C ARG K 195 16.12 40.04 17.46
N PHE K 196 15.39 39.07 18.01
CA PHE K 196 14.03 39.32 18.45
C PHE K 196 14.00 40.40 19.51
N VAL K 197 13.20 41.44 19.27
CA VAL K 197 12.98 42.49 20.27
C VAL K 197 11.95 41.98 21.27
N ASN K 198 12.38 41.77 22.51
CA ASN K 198 11.51 41.11 23.49
C ASN K 198 10.64 42.11 24.25
N CYS K 199 11.22 43.15 24.81
CA CYS K 199 10.49 44.10 25.64
C CYS K 199 10.79 45.52 25.21
N VAL K 200 9.75 46.33 25.11
CA VAL K 200 9.87 47.77 24.86
C VAL K 200 9.07 48.49 25.93
N ARG K 201 9.74 49.30 26.74
CA ARG K 201 9.12 49.96 27.88
C ARG K 201 9.41 51.45 27.84
N PHE K 202 8.35 52.26 27.98
CA PHE K 202 8.52 53.69 28.18
C PHE K 202 8.83 53.98 29.63
N SER K 203 9.61 55.03 29.86
CA SER K 203 9.89 55.47 31.22
C SER K 203 8.62 56.02 31.85
N PRO K 204 8.51 55.95 33.18
CA PRO K 204 7.29 56.46 33.83
C PRO K 204 7.01 57.93 33.54
N ASP K 205 8.06 58.75 33.44
CA ASP K 205 7.87 60.14 33.06
C ASP K 205 7.69 60.33 31.55
N GLY K 206 8.03 59.32 30.75
CA GLY K 206 7.82 59.37 29.32
C GLY K 206 8.90 60.04 28.52
N ASN K 207 9.97 60.54 29.16
CA ASN K 207 11.01 61.25 28.44
C ASN K 207 11.86 60.32 27.58
N ARG K 208 11.96 59.05 27.93
CA ARG K 208 12.78 58.10 27.18
C ARG K 208 12.10 56.74 27.19
N PHE K 209 12.48 55.90 26.23
CA PHE K 209 11.99 54.53 26.20
C PHE K 209 13.10 53.61 25.72
N ALA K 210 13.14 52.41 26.30
CA ALA K 210 14.20 51.46 26.06
C ALA K 210 13.66 50.21 25.38
N THR K 211 14.41 49.71 24.40
CA THR K 211 14.09 48.46 23.73
C THR K 211 15.21 47.46 23.98
N ALA K 212 14.84 46.26 24.43
CA ALA K 212 15.77 45.18 24.69
C ALA K 212 15.46 44.02 23.75
N SER K 213 16.51 43.34 23.27
CA SER K 213 16.36 42.28 22.30
C SER K 213 17.15 41.06 22.73
N ALA K 214 17.07 40.01 21.91
CA ALA K 214 17.75 38.76 22.19
C ALA K 214 19.23 38.79 21.80
N ASP K 215 19.72 39.90 21.27
CA ASP K 215 21.12 40.02 20.89
C ASP K 215 21.99 40.56 22.03
N GLY K 216 21.41 40.77 23.21
CA GLY K 216 22.16 41.27 24.34
C GLY K 216 22.37 42.77 24.35
N GLN K 217 21.58 43.52 23.60
CA GLN K 217 21.72 44.96 23.50
C GLN K 217 20.45 45.65 23.96
N ILE K 218 20.61 46.74 24.71
CA ILE K 218 19.50 47.58 25.14
C ILE K 218 19.74 48.97 24.58
N TYR K 219 18.75 49.50 23.87
CA TYR K 219 18.87 50.81 23.24
C TYR K 219 17.87 51.78 23.88
N ILE K 220 18.39 52.93 24.31
CA ILE K 220 17.59 54.01 24.89
C ILE K 220 17.37 55.06 23.81
N TYR K 221 16.10 55.31 23.51
CA TYR K 221 15.69 56.35 22.55
C TYR K 221 14.88 57.41 23.28
N ASP K 222 14.82 58.59 22.66
CA ASP K 222 14.00 59.67 23.18
C ASP K 222 12.53 59.29 23.14
N GLY K 223 11.78 59.67 24.17
CA GLY K 223 10.39 59.28 24.29
C GLY K 223 9.42 60.09 23.46
N LYS K 224 9.86 61.19 22.86
CA LYS K 224 8.99 62.05 22.06
C LYS K 224 9.28 61.99 20.57
N THR K 225 10.57 61.94 20.18
CA THR K 225 10.94 61.92 18.77
C THR K 225 11.38 60.56 18.28
N GLY K 226 11.75 59.64 19.17
CA GLY K 226 12.16 58.32 18.75
C GLY K 226 13.59 58.22 18.25
N GLU K 227 14.35 59.30 18.33
CA GLU K 227 15.75 59.29 17.93
C GLU K 227 16.58 58.55 18.97
N LYS K 228 17.66 57.92 18.51
CA LYS K 228 18.49 57.13 19.42
C LYS K 228 19.27 58.04 20.36
N VAL K 229 19.20 57.72 21.65
CA VAL K 229 19.95 58.44 22.67
C VAL K 229 21.25 57.73 23.02
N CYS K 230 21.18 56.44 23.34
CA CYS K 230 22.39 55.71 23.70
C CYS K 230 22.14 54.22 23.66
N ALA K 231 23.20 53.46 23.87
CA ALA K 231 23.14 52.01 24.02
C ALA K 231 23.73 51.63 25.37
N LEU K 232 22.97 50.90 26.16
CA LEU K 232 23.40 50.55 27.51
C LEU K 232 24.56 49.56 27.47
N GLY K 233 25.60 49.83 28.26
CA GLY K 233 26.74 48.95 28.36
C GLY K 233 27.81 49.14 27.31
N GLY K 234 27.61 50.04 26.36
CA GLY K 234 28.59 50.24 25.30
C GLY K 234 28.50 49.18 24.22
N SER K 235 29.47 48.26 24.20
CA SER K 235 29.45 47.20 23.21
C SER K 235 28.24 46.30 23.38
N LYS K 236 27.94 45.92 24.62
CA LYS K 236 26.78 45.07 24.89
C LYS K 236 26.37 45.26 26.34
N ALA K 237 25.10 44.96 26.62
CA ALA K 237 24.58 45.05 27.98
C ALA K 237 24.62 43.70 28.69
N HIS K 238 24.31 42.62 27.99
CA HIS K 238 24.26 41.30 28.58
C HIS K 238 24.94 40.30 27.65
N ASP K 239 25.44 39.22 28.24
CA ASP K 239 26.04 38.13 27.48
C ASP K 239 25.00 37.19 26.88
N GLY K 240 23.72 37.52 27.02
CA GLY K 240 22.65 36.71 26.47
C GLY K 240 21.46 37.58 26.18
N GLY K 241 20.41 36.96 25.65
CA GLY K 241 19.22 37.71 25.28
C GLY K 241 18.50 38.25 26.50
N ILE K 242 18.16 39.53 26.46
CA ILE K 242 17.37 40.16 27.52
C ILE K 242 15.90 39.87 27.26
N TYR K 243 15.21 39.38 28.29
CA TYR K 243 13.81 38.99 28.13
C TYR K 243 12.83 40.03 28.68
N ALA K 244 13.24 40.85 29.63
CA ALA K 244 12.36 41.86 30.18
C ALA K 244 13.17 42.98 30.82
N ILE K 245 12.63 44.20 30.76
CA ILE K 245 13.22 45.36 31.39
C ILE K 245 12.13 46.07 32.18
N SER K 246 12.55 46.83 33.19
CA SER K 246 11.61 47.55 34.04
C SER K 246 12.27 48.84 34.51
N TRP K 247 11.67 49.97 34.18
CA TRP K 247 12.20 51.26 34.62
C TRP K 247 11.93 51.48 36.11
N SER K 248 12.86 52.19 36.75
CA SER K 248 12.68 52.56 38.14
C SER K 248 11.57 53.60 38.26
N PRO K 249 10.90 53.67 39.42
CA PRO K 249 9.82 54.66 39.58
C PRO K 249 10.26 56.09 39.38
N ASP K 250 11.51 56.43 39.71
CA ASP K 250 12.04 57.76 39.47
C ASP K 250 12.55 57.96 38.05
N SER K 251 12.51 56.90 37.23
CA SER K 251 12.80 56.97 35.79
C SER K 251 14.23 57.37 35.48
N THR K 252 15.20 56.96 36.32
CA THR K 252 16.61 57.17 36.01
C THR K 252 17.41 55.88 36.00
N HIS K 253 16.90 54.81 36.61
CA HIS K 253 17.57 53.51 36.61
C HIS K 253 16.71 52.50 35.86
N LEU K 254 17.37 51.49 35.30
CA LEU K 254 16.69 50.46 34.53
C LEU K 254 17.14 49.09 35.03
N LEU K 255 16.17 48.21 35.28
CA LEU K 255 16.43 46.85 35.71
C LEU K 255 16.20 45.91 34.53
N SER K 256 17.22 45.12 34.19
CA SER K 256 17.17 44.23 33.05
C SER K 256 17.42 42.80 33.49
N ALA K 257 16.62 41.88 32.96
CA ALA K 257 16.76 40.45 33.21
C ALA K 257 17.04 39.76 31.88
N SER K 258 18.06 38.91 31.86
CA SER K 258 18.52 38.30 30.62
C SER K 258 18.66 36.79 30.80
N GLY K 259 18.91 36.12 29.67
CA GLY K 259 19.05 34.68 29.63
C GLY K 259 20.43 34.16 29.98
N ASP K 260 21.38 35.03 30.32
CA ASP K 260 22.70 34.60 30.75
C ASP K 260 22.78 34.43 32.26
N LYS K 261 21.66 34.12 32.90
CA LYS K 261 21.58 33.76 34.31
C LYS K 261 21.99 34.89 35.25
N THR K 262 21.70 36.14 34.89
CA THR K 262 21.97 37.26 35.77
C THR K 262 21.03 38.41 35.45
N SER K 263 20.85 39.30 36.42
CA SER K 263 20.10 40.53 36.26
C SER K 263 21.02 41.72 36.52
N LYS K 264 20.64 42.89 36.02
CA LYS K 264 21.48 44.06 36.17
C LYS K 264 20.65 45.31 36.41
N ILE K 265 21.23 46.25 37.14
CA ILE K 265 20.68 47.58 37.34
C ILE K 265 21.62 48.57 36.69
N TRP K 266 21.09 49.34 35.73
CA TRP K 266 21.85 50.29 34.93
C TRP K 266 21.44 51.71 35.30
N ASP K 267 22.40 52.61 35.33
CA ASP K 267 22.14 54.06 35.43
C ASP K 267 22.00 54.58 34.00
N VAL K 268 20.75 54.84 33.59
CA VAL K 268 20.48 55.19 32.20
C VAL K 268 21.12 56.53 31.85
N SER K 269 21.05 57.50 32.75
CA SER K 269 21.52 58.84 32.44
C SER K 269 23.01 58.89 32.15
N VAL K 270 23.80 58.02 32.79
CA VAL K 270 25.25 58.01 32.62
C VAL K 270 25.75 56.77 31.90
N ASN K 271 24.86 55.84 31.54
CA ASN K 271 25.21 54.63 30.80
C ASN K 271 26.28 53.82 31.55
N SER K 272 25.97 53.50 32.81
CA SER K 272 26.85 52.70 33.65
C SER K 272 26.02 51.68 34.40
N VAL K 273 26.58 50.48 34.56
CA VAL K 273 25.91 49.42 35.30
C VAL K 273 26.08 49.68 36.80
N VAL K 274 24.97 49.83 37.50
CA VAL K 274 25.01 50.09 38.93
C VAL K 274 25.19 48.81 39.73
N SER K 275 24.46 47.76 39.37
CA SER K 275 24.51 46.51 40.13
C SER K 275 24.39 45.31 39.19
N THR K 276 24.98 44.19 39.63
CA THR K 276 24.92 42.94 38.88
C THR K 276 24.59 41.81 39.85
N PHE K 277 23.46 41.14 39.63
CA PHE K 277 23.02 40.03 40.47
C PHE K 277 23.18 38.73 39.70
N PRO K 278 24.15 37.88 40.06
CA PRO K 278 24.24 36.55 39.45
C PRO K 278 23.26 35.58 40.11
N MET K 279 22.36 35.01 39.31
CA MET K 279 21.29 34.18 39.87
C MET K 279 21.64 32.71 39.94
N GLY K 280 22.68 32.26 39.25
CA GLY K 280 23.07 30.87 39.32
C GLY K 280 23.95 30.49 38.14
N SER K 281 24.08 29.17 37.94
CA SER K 281 24.90 28.63 36.87
C SER K 281 24.22 27.50 36.12
N THR K 282 22.93 27.25 36.36
CA THR K 282 22.19 26.20 35.69
C THR K 282 21.19 26.80 34.71
N VAL K 283 20.63 25.92 33.87
CA VAL K 283 19.68 26.37 32.86
C VAL K 283 18.44 26.96 33.50
N LEU K 284 17.99 26.38 34.62
CA LEU K 284 16.79 26.86 35.29
C LEU K 284 16.96 28.22 35.93
N ASP K 285 18.18 28.75 36.00
CA ASP K 285 18.43 30.05 36.61
C ASP K 285 18.32 31.21 35.64
N GLN K 286 17.96 30.96 34.39
CA GLN K 286 17.76 32.06 33.44
C GLN K 286 16.58 32.92 33.88
N GLN K 287 16.76 34.23 33.78
CA GLN K 287 15.71 35.18 34.15
C GLN K 287 14.88 35.52 32.93
N LEU K 288 13.55 35.39 33.07
CA LEU K 288 12.64 35.63 31.96
C LEU K 288 11.74 36.85 32.15
N GLY K 289 11.65 37.37 33.36
CA GLY K 289 10.85 38.56 33.61
C GLY K 289 11.38 39.32 34.80
N CYS K 290 11.11 40.63 34.81
CA CYS K 290 11.59 41.47 35.89
C CYS K 290 10.58 42.58 36.14
N LEU K 291 10.63 43.12 37.35
CA LEU K 291 9.75 44.21 37.74
C LEU K 291 10.42 45.04 38.81
N TRP K 292 10.22 46.35 38.74
CA TRP K 292 10.73 47.31 39.73
C TRP K 292 9.54 48.12 40.24
N GLN K 293 9.08 47.80 41.45
CA GLN K 293 7.94 48.48 42.05
C GLN K 293 8.32 48.95 43.45
N LYS K 294 8.33 50.25 43.66
CA LYS K 294 8.77 50.88 44.91
C LYS K 294 10.21 50.44 45.14
N ASP K 295 10.55 49.84 46.28
CA ASP K 295 11.89 49.33 46.54
C ASP K 295 12.01 47.85 46.23
N HIS K 296 10.96 47.23 45.68
CA HIS K 296 10.94 45.80 45.43
C HIS K 296 11.42 45.53 44.00
N LEU K 297 12.42 44.66 43.88
CA LEU K 297 12.98 44.24 42.59
C LEU K 297 12.73 42.76 42.44
N LEU K 298 11.88 42.39 41.49
CA LEU K 298 11.50 41.01 41.28
C LEU K 298 12.09 40.48 39.98
N SER K 299 12.68 39.28 40.07
CA SER K 299 13.21 38.62 38.88
C SER K 299 12.70 37.18 38.88
N VAL K 300 12.11 36.76 37.77
CA VAL K 300 11.49 35.44 37.66
C VAL K 300 12.47 34.52 36.94
N SER K 301 12.82 33.41 37.59
CA SER K 301 13.73 32.44 37.01
C SER K 301 12.97 31.49 36.08
N LEU K 302 13.74 30.68 35.34
CA LEU K 302 13.13 29.69 34.47
C LEU K 302 12.40 28.61 35.25
N SER K 303 12.80 28.35 36.50
CA SER K 303 12.11 27.37 37.32
C SER K 303 10.78 27.89 37.86
N GLY K 304 10.48 29.17 37.67
CA GLY K 304 9.28 29.76 38.20
C GLY K 304 9.45 30.48 39.53
N TYR K 305 10.58 30.27 40.21
CA TYR K 305 10.81 30.95 41.47
C TYR K 305 10.95 32.44 41.24
N ILE K 306 10.46 33.23 42.21
CA ILE K 306 10.52 34.68 42.12
C ILE K 306 11.53 35.19 43.13
N ASN K 307 12.59 35.83 42.65
CA ASN K 307 13.68 36.30 43.50
C ASN K 307 13.52 37.79 43.76
N TYR K 308 13.54 38.17 45.03
CA TYR K 308 13.56 39.57 45.43
C TYR K 308 15.02 40.02 45.47
N LEU K 309 15.44 40.77 44.47
CA LEU K 309 16.83 41.14 44.35
C LEU K 309 17.27 42.03 45.50
N ASP K 310 18.46 41.74 46.05
CA ASP K 310 19.02 42.49 47.17
C ASP K 310 20.13 43.39 46.62
N ARG K 311 19.91 44.70 46.69
CA ARG K 311 20.91 45.64 46.21
C ARG K 311 22.19 45.58 47.05
N ASN K 312 22.05 45.46 48.37
CA ASN K 312 23.22 45.43 49.23
C ASN K 312 24.05 44.16 49.02
N ASN K 313 23.39 43.01 48.91
CA ASN K 313 24.04 41.72 48.71
C ASN K 313 23.57 41.15 47.38
N PRO K 314 24.24 41.48 46.27
CA PRO K 314 23.79 40.98 44.97
C PRO K 314 23.78 39.46 44.85
N SER K 315 24.71 38.77 45.50
CA SER K 315 24.81 37.33 45.34
C SER K 315 23.58 36.62 45.88
N LYS K 316 23.07 37.05 47.03
CA LYS K 316 21.95 36.37 47.68
C LYS K 316 20.72 37.26 47.65
N PRO K 317 19.64 36.85 46.99
CA PRO K 317 18.41 37.63 47.03
C PRO K 317 17.76 37.59 48.41
N LEU K 318 16.97 38.64 48.69
CA LEU K 318 16.30 38.73 49.97
C LEU K 318 15.35 37.56 50.20
N HIS K 319 14.54 37.24 49.20
CA HIS K 319 13.60 36.14 49.28
C HIS K 319 13.57 35.38 47.96
N VAL K 320 13.32 34.09 48.05
CA VAL K 320 13.13 33.24 46.88
C VAL K 320 11.76 32.59 47.04
N ILE K 321 10.73 33.25 46.51
CA ILE K 321 9.37 32.74 46.57
C ILE K 321 9.29 31.52 45.67
N LYS K 322 9.13 30.34 46.27
CA LYS K 322 8.99 29.09 45.55
C LYS K 322 7.52 28.67 45.54
N GLY K 323 7.28 27.47 45.06
CA GLY K 323 5.93 26.95 44.96
C GLY K 323 5.81 26.00 43.78
N HIS K 324 4.59 25.85 43.30
CA HIS K 324 4.27 24.95 42.21
C HIS K 324 3.88 25.76 40.98
N SER K 325 4.58 25.55 39.87
CA SER K 325 4.18 26.06 38.58
C SER K 325 3.44 25.02 37.75
N LYS K 326 3.34 23.79 38.24
CA LYS K 326 2.65 22.70 37.58
C LYS K 326 1.48 22.24 38.45
N SER K 327 0.54 21.53 37.81
CA SER K 327 -0.66 21.10 38.51
C SER K 327 -0.32 20.24 39.72
N ILE K 328 -0.85 20.62 40.88
CA ILE K 328 -0.61 19.90 42.11
C ILE K 328 -1.50 18.66 42.14
N GLN K 329 -0.91 17.50 42.39
CA GLN K 329 -1.64 16.24 42.37
C GLN K 329 -1.94 15.70 43.75
N CYS K 330 -1.08 15.95 44.74
CA CYS K 330 -1.26 15.40 46.08
C CYS K 330 -1.00 16.46 47.13
N LEU K 331 -1.66 16.30 48.28
CA LEU K 331 -1.57 17.27 49.35
C LEU K 331 -1.74 16.56 50.69
N THR K 332 -0.91 16.92 51.67
CA THR K 332 -1.00 16.34 53.01
C THR K 332 -0.58 17.40 54.02
N VAL K 333 -0.80 17.10 55.30
CA VAL K 333 -0.44 18.01 56.38
C VAL K 333 0.32 17.23 57.44
N HIS K 334 1.16 17.93 58.19
CA HIS K 334 1.91 17.33 59.28
C HIS K 334 2.21 18.39 60.34
N LYS K 335 2.00 18.04 61.60
CA LYS K 335 2.24 18.96 62.73
C LYS K 335 3.61 18.62 63.31
N ASN K 336 4.60 19.44 62.98
CA ASN K 336 5.97 19.25 63.43
C ASN K 336 6.25 20.29 64.52
N GLY K 337 6.76 19.83 65.66
CA GLY K 337 6.97 20.73 66.78
C GLY K 337 5.66 21.37 67.19
N GLY K 338 5.64 22.70 67.21
CA GLY K 338 4.42 23.45 67.46
C GLY K 338 3.81 24.09 66.23
N LYS K 339 4.20 23.70 65.03
CA LYS K 339 3.76 24.35 63.81
C LYS K 339 3.32 23.33 62.77
N SER K 340 2.32 23.68 61.97
CA SER K 340 1.74 22.77 60.99
C SER K 340 2.25 23.14 59.60
N TYR K 341 2.71 22.12 58.86
CA TYR K 341 3.20 22.28 57.51
C TYR K 341 2.27 21.55 56.54
N ILE K 342 2.08 22.14 55.36
CA ILE K 342 1.29 21.55 54.29
C ILE K 342 2.25 21.17 53.17
N TYR K 343 2.28 19.89 52.82
CA TYR K 343 3.18 19.37 51.80
C TYR K 343 2.39 19.04 50.56
N SER K 344 2.77 19.65 49.44
CA SER K 344 2.07 19.49 48.17
C SER K 344 3.02 18.96 47.11
N GLY K 345 2.55 18.01 46.33
CA GLY K 345 3.32 17.42 45.25
C GLY K 345 2.60 17.56 43.92
N SER K 346 3.31 18.08 42.93
CA SER K 346 2.77 18.33 41.60
C SER K 346 3.17 17.21 40.65
N HIS K 347 2.83 17.40 39.37
CA HIS K 347 3.08 16.38 38.36
C HIS K 347 4.49 16.45 37.77
N ASP K 348 5.31 17.41 38.19
CA ASP K 348 6.70 17.48 37.76
C ASP K 348 7.66 16.84 38.75
N GLY K 349 7.16 16.25 39.83
CA GLY K 349 7.99 15.67 40.85
C GLY K 349 8.37 16.61 41.97
N HIS K 350 8.03 17.88 41.87
CA HIS K 350 8.40 18.85 42.89
C HIS K 350 7.49 18.71 44.11
N ILE K 351 8.10 18.64 45.29
CA ILE K 351 7.38 18.58 46.55
C ILE K 351 7.75 19.83 47.34
N ASN K 352 6.73 20.60 47.73
CA ASN K 352 6.92 21.90 48.35
C ASN K 352 6.15 21.94 49.66
N TYR K 353 6.78 22.49 50.71
CA TYR K 353 6.13 22.61 52.01
C TYR K 353 5.87 24.07 52.34
N TRP K 354 4.66 24.34 52.82
CA TRP K 354 4.19 25.67 53.15
C TRP K 354 3.85 25.74 54.64
N ASP K 355 4.21 26.85 55.27
CA ASP K 355 3.77 27.09 56.64
C ASP K 355 2.28 27.38 56.65
N SER K 356 1.57 26.76 57.60
CA SER K 356 0.12 26.93 57.65
C SER K 356 -0.27 28.34 58.06
N GLU K 357 0.48 28.94 58.98
CA GLU K 357 0.12 30.25 59.53
C GLU K 357 0.81 31.39 58.80
N THR K 358 2.16 31.40 58.80
CA THR K 358 2.88 32.51 58.20
C THR K 358 2.84 32.46 56.67
N GLY K 359 2.66 31.27 56.10
CA GLY K 359 2.63 31.12 54.66
C GLY K 359 3.98 30.95 54.01
N GLU K 360 5.06 30.95 54.78
CA GLU K 360 6.39 30.74 54.21
C GLU K 360 6.48 29.34 53.62
N ASN K 361 7.11 29.24 52.45
CA ASN K 361 7.19 27.99 51.72
C ASN K 361 8.61 27.76 51.23
N ASP K 362 8.94 26.49 51.06
CA ASP K 362 10.26 26.09 50.58
C ASP K 362 10.16 24.68 50.00
N SER K 363 11.30 24.14 49.59
CA SER K 363 11.36 22.84 48.94
C SER K 363 12.45 21.99 49.56
N PHE K 364 12.26 20.67 49.48
CA PHE K 364 13.26 19.74 49.99
C PHE K 364 14.54 19.85 49.18
N ALA K 365 15.67 19.90 49.88
CA ALA K 365 16.96 19.98 49.21
C ALA K 365 17.31 18.64 48.57
N GLY K 366 18.13 18.70 47.53
CA GLY K 366 18.55 17.51 46.82
C GLY K 366 17.65 17.17 45.65
N LYS K 367 17.98 16.05 45.02
CA LYS K 367 17.26 15.57 43.84
C LYS K 367 16.36 14.41 44.23
N GLY K 368 15.08 14.51 43.86
CA GLY K 368 14.12 13.50 44.23
C GLY K 368 13.32 12.93 43.07
N HIS K 369 12.01 13.01 43.16
CA HIS K 369 11.14 12.42 42.15
C HIS K 369 11.32 13.12 40.81
N THR K 370 11.22 12.34 39.73
CA THR K 370 11.39 12.84 38.38
C THR K 370 10.10 12.87 37.58
N ASN K 371 9.01 12.31 38.12
CA ASN K 371 7.73 12.29 37.43
C ASN K 371 6.64 12.65 38.43
N GLN K 372 5.39 12.53 37.98
CA GLN K 372 4.26 12.94 38.81
C GLN K 372 4.22 12.19 40.12
N VAL K 373 4.05 12.93 41.21
CA VAL K 373 3.93 12.34 42.55
C VAL K 373 2.48 11.94 42.73
N SER K 374 2.20 10.64 42.64
CA SER K 374 0.82 10.17 42.70
C SER K 374 0.21 10.38 44.08
N ARG K 375 0.93 10.03 45.14
CA ARG K 375 0.39 10.13 46.48
C ARG K 375 1.49 10.41 47.49
N MET K 376 1.11 11.06 48.59
CA MET K 376 2.02 11.31 49.71
C MET K 376 1.27 11.07 51.02
N THR K 377 2.02 10.70 52.05
CA THR K 377 1.46 10.42 53.36
C THR K 377 2.57 10.56 54.40
N VAL K 378 2.16 10.57 55.67
CA VAL K 378 3.08 10.70 56.79
C VAL K 378 2.85 9.56 57.76
N ASP K 379 3.93 8.94 58.22
CA ASP K 379 3.86 7.84 59.17
C ASP K 379 4.08 8.37 60.59
N GLU K 380 4.21 7.46 61.55
CA GLU K 380 4.41 7.85 62.94
C GLU K 380 5.83 8.29 63.24
N SER K 381 6.79 7.98 62.37
CA SER K 381 8.19 8.28 62.61
C SER K 381 8.62 9.59 61.98
N GLY K 382 7.68 10.46 61.64
CA GLY K 382 8.01 11.73 61.02
C GLY K 382 8.69 11.60 59.68
N GLN K 383 8.18 10.72 58.83
CA GLN K 383 8.73 10.51 57.50
C GLN K 383 7.64 10.68 56.45
N LEU K 384 7.97 11.34 55.35
CA LEU K 384 7.06 11.53 54.24
C LEU K 384 7.27 10.39 53.26
N ILE K 385 6.22 9.59 53.06
CA ILE K 385 6.23 8.49 52.10
C ILE K 385 5.46 8.95 50.87
N SER K 386 6.16 9.03 49.74
CA SER K 386 5.55 9.51 48.50
C SER K 386 5.75 8.49 47.39
N CYS K 387 4.65 8.03 46.81
CA CYS K 387 4.70 7.16 45.64
C CYS K 387 4.47 8.00 44.39
N SER K 388 5.34 7.83 43.40
CA SER K 388 5.33 8.69 42.23
C SER K 388 5.24 7.84 40.97
N MET K 389 5.21 8.53 39.82
CA MET K 389 5.01 7.88 38.53
C MET K 389 6.30 7.32 37.93
N ASP K 390 7.46 7.57 38.56
CA ASP K 390 8.70 6.97 38.12
C ASP K 390 8.95 5.62 38.78
N ASP K 391 7.89 4.93 39.20
CA ASP K 391 7.97 3.61 39.81
C ASP K 391 8.83 3.63 41.07
N THR K 392 8.68 4.69 41.87
CA THR K 392 9.45 4.83 43.10
C THR K 392 8.58 5.29 44.25
N VAL K 393 8.84 4.70 45.42
CA VAL K 393 8.29 5.15 46.69
C VAL K 393 9.44 5.68 47.53
N ARG K 394 9.36 6.94 47.91
CA ARG K 394 10.44 7.62 48.62
C ARG K 394 10.03 7.89 50.06
N TYR K 395 10.88 7.47 50.98
CA TYR K 395 10.76 7.79 52.41
C TYR K 395 11.77 8.89 52.70
N THR K 396 11.26 10.10 52.96
CA THR K 396 12.10 11.26 53.22
C THR K 396 11.91 11.71 54.65
N SER K 397 13.01 11.83 55.39
CA SER K 397 12.94 12.32 56.76
C SER K 397 12.43 13.75 56.76
N LEU K 398 11.49 14.05 57.66
CA LEU K 398 10.80 15.32 57.64
C LEU K 398 11.50 16.41 58.45
N MET K 399 12.56 16.07 59.18
CA MET K 399 13.30 17.05 59.95
C MET K 399 14.55 17.55 59.23
N LEU K 400 15.23 16.69 58.49
CA LEU K 400 16.37 17.14 57.69
C LEU K 400 15.92 17.91 56.45
N ARG K 401 14.76 17.55 55.90
CA ARG K 401 14.22 18.15 54.68
C ARG K 401 15.24 18.08 53.55
N ASP K 402 15.93 16.93 53.46
CA ASP K 402 16.95 16.73 52.44
C ASP K 402 16.67 15.41 51.73
N TYR K 403 16.69 15.45 50.39
CA TYR K 403 16.40 14.25 49.62
C TYR K 403 17.57 13.28 49.63
N SER K 404 18.80 13.78 49.62
CA SER K 404 19.97 12.91 49.61
C SER K 404 20.08 12.14 50.92
N GLY K 405 20.41 10.85 50.82
CA GLY K 405 20.56 10.00 51.97
C GLY K 405 19.28 9.41 52.52
N GLN K 406 18.14 9.63 51.85
CA GLN K 406 16.88 9.09 52.31
C GLN K 406 16.59 7.76 51.63
N GLY K 407 15.42 7.19 51.93
CA GLY K 407 15.09 5.86 51.45
C GLY K 407 14.35 5.90 50.12
N VAL K 408 14.78 5.04 49.20
CA VAL K 408 14.13 4.88 47.90
C VAL K 408 13.82 3.40 47.70
N VAL K 409 12.58 3.11 47.32
CA VAL K 409 12.15 1.75 46.99
C VAL K 409 11.65 1.75 45.55
N LYS K 410 12.21 0.86 44.74
CA LYS K 410 11.85 0.77 43.33
C LYS K 410 10.82 -0.33 43.13
N LEU K 411 9.76 0.00 42.41
CA LEU K 411 8.70 -0.96 42.09
C LEU K 411 8.75 -1.31 40.62
N ASP K 412 8.48 -2.57 40.30
CA ASP K 412 8.49 -3.01 38.90
C ASP K 412 7.29 -2.49 38.13
N VAL K 413 6.21 -2.11 38.81
CA VAL K 413 5.01 -1.58 38.18
C VAL K 413 4.76 -0.19 38.72
N GLN K 414 4.15 0.67 37.92
CA GLN K 414 3.91 2.05 38.31
C GLN K 414 2.88 2.11 39.42
N PRO K 415 3.20 2.69 40.58
CA PRO K 415 2.22 2.82 41.65
C PRO K 415 1.19 3.90 41.35
N LYS K 416 0.05 3.77 42.00
CA LYS K 416 -1.06 4.70 41.85
C LYS K 416 -1.56 5.28 43.17
N CYS K 417 -1.39 4.56 44.28
CA CYS K 417 -1.77 5.05 45.59
C CYS K 417 -0.91 4.37 46.64
N VAL K 418 -0.77 5.03 47.79
CA VAL K 418 0.02 4.51 48.89
C VAL K 418 -0.63 4.91 50.21
N ALA K 419 -0.57 4.02 51.19
CA ALA K 419 -1.05 4.30 52.53
C ALA K 419 -0.12 3.66 53.54
N VAL K 420 -0.05 4.25 54.73
CA VAL K 420 0.87 3.79 55.77
C VAL K 420 0.10 3.59 57.07
N GLY K 421 0.68 2.79 57.95
CA GLY K 421 0.11 2.51 59.25
C GLY K 421 1.18 2.29 60.29
N PRO K 422 0.78 2.12 61.55
CA PRO K 422 1.75 1.87 62.60
C PRO K 422 2.50 0.56 62.39
N GLY K 423 3.75 0.53 62.83
CA GLY K 423 4.59 -0.64 62.68
C GLY K 423 5.48 -0.64 61.46
N GLY K 424 5.63 0.49 60.78
CA GLY K 424 6.43 0.55 59.57
C GLY K 424 5.86 -0.26 58.43
N TYR K 425 4.55 -0.21 58.25
CA TYR K 425 3.86 -0.97 57.20
C TYR K 425 3.29 0.00 56.17
N ALA K 426 3.60 -0.24 54.90
CA ALA K 426 3.05 0.56 53.81
C ALA K 426 2.43 -0.38 52.78
N VAL K 427 1.26 -0.01 52.27
CA VAL K 427 0.59 -0.78 51.24
C VAL K 427 0.54 0.08 49.98
N VAL K 428 1.17 -0.40 48.91
CA VAL K 428 1.27 0.32 47.66
C VAL K 428 0.47 -0.42 46.61
N VAL K 429 -0.52 0.24 46.03
CA VAL K 429 -1.30 -0.32 44.93
C VAL K 429 -0.64 0.10 43.63
N CYS K 430 -0.30 -0.86 42.79
CA CYS K 430 0.23 -0.62 41.46
C CYS K 430 -0.84 -1.01 40.44
N ILE K 431 -0.46 -1.00 39.17
CA ILE K 431 -1.38 -1.38 38.10
C ILE K 431 -1.52 -2.90 38.15
N GLY K 432 -2.66 -3.36 38.68
CA GLY K 432 -2.91 -4.79 38.80
C GLY K 432 -1.98 -5.52 39.75
N GLN K 433 -1.68 -4.92 40.90
CA GLN K 433 -0.77 -5.53 41.87
C GLN K 433 -0.90 -4.79 43.19
N ILE K 434 -0.74 -5.52 44.30
CA ILE K 434 -0.69 -4.95 45.63
C ILE K 434 0.63 -5.37 46.28
N VAL K 435 1.39 -4.40 46.76
CA VAL K 435 2.73 -4.63 47.29
C VAL K 435 2.75 -4.14 48.73
N LEU K 436 3.41 -4.91 49.61
CA LEU K 436 3.59 -4.53 51.00
C LEU K 436 5.05 -4.19 51.25
N LEU K 437 5.29 -3.05 51.88
CA LEU K 437 6.63 -2.61 52.22
C LEU K 437 6.76 -2.54 53.75
N LYS K 438 7.75 -3.23 54.28
CA LYS K 438 8.05 -3.21 55.70
C LYS K 438 9.49 -2.76 55.88
N ASP K 439 9.68 -1.68 56.64
CA ASP K 439 11.01 -1.10 56.88
C ASP K 439 11.71 -0.79 55.55
N GLN K 440 10.96 -0.16 54.64
CA GLN K 440 11.47 0.24 53.33
C GLN K 440 11.97 -0.95 52.52
N ARG K 441 11.31 -2.09 52.65
CA ARG K 441 11.67 -3.30 51.93
C ARG K 441 10.42 -4.00 51.43
N LYS K 442 10.48 -4.50 50.20
CA LYS K 442 9.37 -5.25 49.61
C LYS K 442 9.38 -6.66 50.17
N CYS K 443 8.27 -7.09 50.76
CA CYS K 443 8.19 -8.40 51.39
C CYS K 443 6.96 -9.21 50.98
N PHE K 444 6.01 -8.63 50.25
CA PHE K 444 4.84 -9.38 49.82
C PHE K 444 4.24 -8.71 48.60
N SER K 445 3.75 -9.53 47.67
CA SER K 445 3.08 -9.06 46.48
C SER K 445 1.81 -9.85 46.28
N ILE K 446 0.78 -9.20 45.74
CA ILE K 446 -0.53 -9.83 45.57
C ILE K 446 -0.82 -9.73 44.08
N ASP K 447 0.22 -9.90 43.27
CA ASP K 447 0.07 -9.86 41.82
C ASP K 447 -0.99 -10.85 41.35
N ASN K 448 -1.76 -10.44 40.35
CA ASN K 448 -2.96 -11.13 39.88
C ASN K 448 -3.96 -11.28 41.02
N PRO K 449 -4.55 -10.19 41.50
CA PRO K 449 -5.49 -10.28 42.62
C PRO K 449 -6.92 -10.58 42.22
N GLY K 450 -7.19 -10.77 40.93
CA GLY K 450 -8.54 -11.01 40.47
C GLY K 450 -9.35 -9.77 40.18
N TYR K 451 -8.80 -8.59 40.41
CA TYR K 451 -9.50 -7.34 40.14
C TYR K 451 -8.45 -6.27 39.86
N GLU K 452 -8.90 -5.03 39.73
CA GLU K 452 -8.01 -3.89 39.45
C GLU K 452 -8.05 -2.93 40.62
N PRO K 453 -7.08 -2.98 41.53
CA PRO K 453 -7.08 -2.06 42.67
C PRO K 453 -6.87 -0.62 42.22
N GLU K 454 -7.52 0.29 42.92
CA GLU K 454 -7.42 1.72 42.61
C GLU K 454 -6.94 2.57 43.77
N VAL K 455 -7.44 2.32 44.98
CA VAL K 455 -7.05 3.09 46.16
C VAL K 455 -6.89 2.16 47.34
N VAL K 456 -6.07 2.58 48.30
CA VAL K 456 -5.76 1.76 49.46
C VAL K 456 -5.81 2.64 50.70
N ALA K 457 -6.35 2.09 51.79
CA ALA K 457 -6.39 2.78 53.07
C ALA K 457 -6.00 1.80 54.16
N VAL K 458 -5.19 2.26 55.11
CA VAL K 458 -4.73 1.43 56.22
C VAL K 458 -5.41 1.88 57.50
N HIS K 459 -5.94 0.92 58.26
CA HIS K 459 -6.59 1.24 59.51
C HIS K 459 -5.60 1.86 60.48
N PRO K 460 -6.04 2.81 61.31
CA PRO K 460 -5.12 3.43 62.29
C PRO K 460 -4.50 2.42 63.25
N GLY K 461 -5.14 1.28 63.49
CA GLY K 461 -4.55 0.24 64.29
C GLY K 461 -3.51 -0.59 63.58
N GLY K 462 -3.32 -0.39 62.28
CA GLY K 462 -2.32 -1.12 61.52
C GLY K 462 -2.60 -2.60 61.39
N ASP K 463 -3.87 -2.97 61.24
CA ASP K 463 -4.24 -4.38 61.08
C ASP K 463 -5.12 -4.63 59.87
N THR K 464 -5.98 -3.69 59.52
CA THR K 464 -6.94 -3.87 58.42
C THR K 464 -6.60 -2.90 57.30
N VAL K 465 -6.70 -3.38 56.06
CA VAL K 465 -6.43 -2.59 54.86
C VAL K 465 -7.63 -2.71 53.94
N ALA K 466 -8.20 -1.57 53.54
CA ALA K 466 -9.33 -1.53 52.63
C ALA K 466 -8.84 -1.07 51.26
N ILE K 467 -9.08 -1.90 50.24
CA ILE K 467 -8.61 -1.63 48.89
C ILE K 467 -9.82 -1.57 47.97
N GLY K 468 -9.93 -0.46 47.23
CA GLY K 468 -11.02 -0.30 46.29
C GLY K 468 -10.65 -0.78 44.89
N GLY K 469 -11.69 -0.95 44.06
CA GLY K 469 -11.49 -1.43 42.71
C GLY K 469 -12.45 -0.77 41.74
N VAL K 470 -12.20 -1.02 40.45
CA VAL K 470 -13.07 -0.48 39.41
C VAL K 470 -14.45 -1.10 39.46
N ASP K 471 -14.54 -2.36 39.90
CA ASP K 471 -15.82 -3.07 39.94
C ASP K 471 -16.78 -2.45 40.95
N GLY K 472 -16.29 -1.59 41.83
CA GLY K 472 -17.13 -0.97 42.83
C GLY K 472 -17.17 -1.67 44.16
N ASN K 473 -16.26 -2.61 44.41
CA ASN K 473 -16.23 -3.40 45.63
C ASN K 473 -14.96 -3.08 46.40
N VAL K 474 -15.11 -2.79 47.69
CA VAL K 474 -13.97 -2.58 48.59
C VAL K 474 -13.68 -3.91 49.28
N ARG K 475 -12.43 -4.35 49.21
CA ARG K 475 -12.02 -5.62 49.76
C ARG K 475 -11.10 -5.40 50.95
N LEU K 476 -11.23 -6.24 51.96
CA LEU K 476 -10.51 -6.10 53.22
C LEU K 476 -9.42 -7.14 53.34
N TYR K 477 -8.23 -6.70 53.75
CA TYR K 477 -7.08 -7.55 53.96
C TYR K 477 -6.55 -7.32 55.37
N SER K 478 -5.85 -8.33 55.90
CA SER K 478 -5.24 -8.24 57.21
C SER K 478 -3.73 -8.36 57.05
N ILE K 479 -3.00 -7.43 57.67
CA ILE K 479 -1.53 -7.44 57.62
C ILE K 479 -1.08 -8.34 58.76
N LEU K 480 -0.82 -9.60 58.43
CA LEU K 480 -0.35 -10.59 59.40
C LEU K 480 1.10 -10.91 59.08
N GLY K 481 1.99 -10.68 60.04
CA GLY K 481 3.40 -10.90 59.80
C GLY K 481 3.88 -10.01 58.67
N THR K 482 4.45 -10.63 57.64
CA THR K 482 4.89 -9.94 56.44
C THR K 482 3.99 -10.23 55.24
N THR K 483 2.73 -10.59 55.49
CA THR K 483 1.82 -10.98 54.42
C THR K 483 0.47 -10.31 54.60
N LEU K 484 -0.28 -10.25 53.51
CA LEU K 484 -1.66 -9.80 53.51
C LEU K 484 -2.57 -11.00 53.29
N LYS K 485 -3.54 -11.17 54.20
CA LYS K 485 -4.50 -12.26 54.10
C LYS K 485 -5.87 -11.67 53.78
N ASP K 486 -6.48 -12.17 52.71
CA ASP K 486 -7.79 -11.68 52.30
C ASP K 486 -8.85 -12.16 53.29
N GLU K 487 -9.60 -11.22 53.85
CA GLU K 487 -10.60 -11.55 54.86
C GLU K 487 -11.91 -12.04 54.28
N GLY K 488 -12.07 -12.03 52.95
CA GLY K 488 -13.32 -12.45 52.35
C GLY K 488 -14.48 -11.54 52.66
N LYS K 489 -14.24 -10.24 52.77
CA LYS K 489 -15.28 -9.24 53.01
C LYS K 489 -15.35 -8.32 51.80
N LEU K 490 -16.55 -8.10 51.28
CA LEU K 490 -16.76 -7.32 50.06
C LEU K 490 -17.77 -6.23 50.35
N LEU K 491 -17.29 -5.05 50.74
CA LEU K 491 -18.16 -3.90 50.91
C LEU K 491 -18.61 -3.38 49.55
N GLU K 492 -19.90 -3.07 49.44
CA GLU K 492 -20.51 -2.70 48.16
C GLU K 492 -20.69 -1.21 48.08
N ALA K 493 -20.26 -0.63 46.96
CA ALA K 493 -20.47 0.77 46.64
C ALA K 493 -21.40 0.89 45.43
N LYS K 494 -21.68 2.12 45.04
CA LYS K 494 -22.58 2.39 43.93
C LYS K 494 -21.86 2.53 42.59
N GLY K 495 -20.54 2.41 42.57
CA GLY K 495 -19.78 2.55 41.36
C GLY K 495 -18.29 2.39 41.61
N PRO K 496 -17.47 2.60 40.56
CA PRO K 496 -16.02 2.43 40.70
C PRO K 496 -15.46 3.32 41.80
N VAL K 497 -14.78 2.68 42.76
CA VAL K 497 -14.24 3.40 43.91
C VAL K 497 -13.10 4.29 43.47
N THR K 498 -13.13 5.56 43.90
CA THR K 498 -12.10 6.52 43.55
C THR K 498 -11.22 6.92 44.72
N ASP K 499 -11.70 6.78 45.96
CA ASP K 499 -10.89 7.09 47.13
C ASP K 499 -11.52 6.44 48.36
N VAL K 500 -10.67 5.96 49.26
CA VAL K 500 -11.10 5.38 50.53
C VAL K 500 -10.26 6.02 51.64
N ALA K 501 -10.91 6.32 52.77
CA ALA K 501 -10.22 6.98 53.87
C ALA K 501 -10.83 6.53 55.19
N TYR K 502 -10.00 5.94 56.05
CA TYR K 502 -10.44 5.61 57.40
C TYR K 502 -10.55 6.86 58.26
N SER K 503 -11.35 6.77 59.30
CA SER K 503 -11.41 7.85 60.29
C SER K 503 -10.12 7.88 61.10
N HIS K 504 -9.88 9.02 61.73
CA HIS K 504 -8.65 9.17 62.53
C HIS K 504 -8.63 8.22 63.72
N ASP K 505 -9.80 7.90 64.28
CA ASP K 505 -9.89 6.94 65.36
C ASP K 505 -10.12 5.51 64.87
N GLY K 506 -10.31 5.33 63.56
CA GLY K 506 -10.53 4.00 63.01
C GLY K 506 -11.92 3.44 63.19
N ALA K 507 -12.88 4.27 63.59
CA ALA K 507 -14.24 3.79 63.84
C ALA K 507 -15.13 3.84 62.60
N PHE K 508 -14.66 4.41 61.50
CA PHE K 508 -15.49 4.54 60.31
C PHE K 508 -14.62 4.47 59.07
N LEU K 509 -15.17 3.92 58.00
CA LEU K 509 -14.50 3.86 56.70
C LEU K 509 -15.39 4.50 55.66
N ALA K 510 -14.90 5.56 55.02
CA ALA K 510 -15.66 6.30 54.03
C ALA K 510 -15.15 5.96 52.64
N VAL K 511 -16.07 5.60 51.75
CA VAL K 511 -15.76 5.20 50.39
C VAL K 511 -16.52 6.09 49.43
N CYS K 512 -15.81 6.71 48.50
CA CYS K 512 -16.42 7.51 47.46
C CYS K 512 -16.21 6.83 46.10
N ASP K 513 -17.22 6.94 45.25
CA ASP K 513 -17.21 6.26 43.96
C ASP K 513 -17.53 7.28 42.86
N ALA K 514 -17.52 6.79 41.62
CA ALA K 514 -17.86 7.62 40.47
C ALA K 514 -19.36 7.82 40.32
N SER K 515 -20.18 7.15 41.15
CA SER K 515 -21.62 7.30 41.11
C SER K 515 -22.12 8.45 41.99
N LYS K 516 -21.23 9.36 42.37
CA LYS K 516 -21.60 10.58 43.10
C LYS K 516 -22.26 10.27 44.43
N VAL K 517 -21.74 9.26 45.13
CA VAL K 517 -22.30 8.81 46.40
C VAL K 517 -21.14 8.57 47.36
N VAL K 518 -21.29 9.02 48.61
CA VAL K 518 -20.28 8.78 49.64
C VAL K 518 -20.88 7.83 50.68
N THR K 519 -20.38 6.61 50.72
CA THR K 519 -20.89 5.59 51.62
C THR K 519 -19.95 5.43 52.80
N VAL K 520 -20.47 5.63 54.01
CA VAL K 520 -19.70 5.49 55.24
C VAL K 520 -20.15 4.21 55.93
N PHE K 521 -19.19 3.32 56.17
CA PHE K 521 -19.41 2.06 56.86
C PHE K 521 -18.88 2.19 58.28
N SER K 522 -19.61 1.63 59.25
CA SER K 522 -19.19 1.65 60.64
C SER K 522 -18.32 0.42 60.90
N VAL K 523 -17.06 0.64 61.27
CA VAL K 523 -16.13 -0.46 61.49
C VAL K 523 -16.54 -1.28 62.70
N ALA K 524 -17.08 -0.62 63.73
CA ALA K 524 -17.33 -1.30 65.00
C ALA K 524 -18.32 -2.45 64.85
N ASP K 525 -19.42 -2.23 64.12
CA ASP K 525 -20.46 -3.23 63.96
C ASP K 525 -20.28 -3.95 62.63
N GLY K 526 -19.26 -4.80 62.55
CA GLY K 526 -19.08 -5.70 61.44
C GLY K 526 -18.92 -5.07 60.07
N TYR K 527 -18.34 -3.87 60.02
CA TYR K 527 -18.11 -3.15 58.76
C TYR K 527 -19.40 -2.98 57.96
N SER K 528 -20.50 -2.76 58.67
CA SER K 528 -21.79 -2.59 58.03
C SER K 528 -22.00 -1.13 57.62
N GLU K 529 -22.88 -0.93 56.64
CA GLU K 529 -23.13 0.41 56.13
C GLU K 529 -23.78 1.28 57.20
N ASN K 530 -23.19 2.44 57.45
CA ASN K 530 -23.72 3.40 58.41
C ASN K 530 -24.56 4.48 57.76
N ASN K 531 -24.07 5.08 56.68
CA ASN K 531 -24.81 6.13 56.01
C ASN K 531 -24.42 6.24 54.55
N VAL K 532 -25.29 6.88 53.77
CA VAL K 532 -25.03 7.20 52.37
C VAL K 532 -25.29 8.68 52.17
N PHE K 533 -24.37 9.37 51.51
CA PHE K 533 -24.41 10.80 51.33
C PHE K 533 -24.55 11.13 49.85
N TYR K 534 -25.59 11.91 49.53
CA TYR K 534 -25.91 12.34 48.18
C TYR K 534 -25.75 13.86 48.09
N GLY K 535 -25.54 14.35 46.87
CA GLY K 535 -25.41 15.77 46.65
C GLY K 535 -24.40 16.13 45.59
N HIS K 536 -23.41 15.26 45.36
CA HIS K 536 -22.50 15.46 44.26
C HIS K 536 -23.18 15.17 42.94
N HIS K 537 -22.90 15.99 41.93
CA HIS K 537 -23.47 15.79 40.59
C HIS K 537 -22.38 15.47 39.57
N ALA K 538 -21.22 14.99 40.02
CA ALA K 538 -20.15 14.55 39.14
C ALA K 538 -19.27 13.59 39.93
N LYS K 539 -18.32 12.98 39.22
CA LYS K 539 -17.44 11.99 39.83
C LYS K 539 -16.66 12.59 40.99
N ILE K 540 -16.65 11.87 42.11
CA ILE K 540 -15.93 12.31 43.30
C ILE K 540 -14.48 11.87 43.18
N VAL K 541 -13.55 12.76 43.50
CA VAL K 541 -12.13 12.48 43.33
C VAL K 541 -11.35 12.47 44.64
N CYS K 542 -11.73 13.26 45.65
CA CYS K 542 -10.92 13.30 46.85
C CYS K 542 -11.83 13.28 48.07
N LEU K 543 -11.29 12.75 49.17
CA LEU K 543 -12.03 12.62 50.42
C LEU K 543 -11.06 12.70 51.59
N ALA K 544 -11.45 13.41 52.64
CA ALA K 544 -10.62 13.59 53.81
C ALA K 544 -11.49 13.59 55.06
N TRP K 545 -10.91 13.17 56.18
CA TRP K 545 -11.61 13.04 57.45
C TRP K 545 -11.16 14.13 58.41
N SER K 546 -12.13 14.85 58.97
CA SER K 546 -11.82 15.92 59.91
C SER K 546 -11.32 15.34 61.23
N PRO K 547 -10.43 16.06 61.93
CA PRO K 547 -9.84 15.51 63.17
C PRO K 547 -10.84 15.22 64.26
N ASP K 548 -12.00 15.90 64.30
CA ASP K 548 -12.96 15.67 65.36
C ASP K 548 -13.75 14.38 65.17
N ASN K 549 -13.51 13.64 64.10
CA ASN K 549 -14.14 12.34 63.84
C ASN K 549 -15.66 12.45 63.71
N GLU K 550 -16.16 13.62 63.33
CA GLU K 550 -17.58 13.85 63.16
C GLU K 550 -17.94 14.38 61.78
N HIS K 551 -17.00 15.03 61.09
CA HIS K 551 -17.25 15.59 59.77
C HIS K 551 -16.21 15.05 58.80
N PHE K 552 -16.56 15.07 57.51
CA PHE K 552 -15.60 14.70 56.48
C PHE K 552 -15.89 15.46 55.21
N ALA K 553 -14.84 15.83 54.49
CA ALA K 553 -14.96 16.68 53.32
C ALA K 553 -14.62 15.90 52.06
N SER K 554 -15.49 16.01 51.06
CA SER K 554 -15.31 15.33 49.78
C SER K 554 -15.33 16.35 48.65
N GLY K 555 -14.34 16.28 47.78
CA GLY K 555 -14.25 17.16 46.63
C GLY K 555 -14.40 16.38 45.35
N GLY K 556 -15.15 16.94 44.40
CA GLY K 556 -15.46 16.20 43.19
C GLY K 556 -15.11 16.91 41.89
N MET K 557 -15.35 16.22 40.77
CA MET K 557 -15.14 16.80 39.45
C MET K 557 -16.18 17.85 39.08
N ASP K 558 -17.21 18.01 39.90
CA ASP K 558 -18.20 19.07 39.72
C ASP K 558 -17.68 20.44 40.14
N MET K 559 -16.37 20.56 40.38
CA MET K 559 -15.77 21.78 40.92
C MET K 559 -16.42 22.17 42.24
N MET K 560 -16.76 21.18 43.05
CA MET K 560 -17.52 21.40 44.27
C MET K 560 -16.91 20.63 45.42
N VAL K 561 -17.03 21.20 46.63
CA VAL K 561 -16.57 20.56 47.86
C VAL K 561 -17.76 20.51 48.81
N TYR K 562 -18.00 19.34 49.40
CA TYR K 562 -19.05 19.17 50.39
C TYR K 562 -18.45 18.70 51.70
N VAL K 563 -18.76 19.42 52.78
CA VAL K 563 -18.41 19.01 54.13
C VAL K 563 -19.64 18.36 54.75
N TRP K 564 -19.56 17.06 54.94
CA TRP K 564 -20.67 16.26 55.45
C TRP K 564 -20.53 16.06 56.95
N THR K 565 -21.63 16.24 57.67
CA THR K 565 -21.73 15.85 59.07
C THR K 565 -22.14 14.38 59.13
N LEU K 566 -21.38 13.58 59.88
CA LEU K 566 -21.62 12.14 59.90
C LEU K 566 -22.98 11.81 60.50
N SER K 567 -23.36 12.49 61.58
CA SER K 567 -24.61 12.16 62.27
C SER K 567 -25.82 12.46 61.40
N ASP K 568 -25.83 13.60 60.72
CA ASP K 568 -26.97 14.02 59.90
C ASP K 568 -26.56 14.14 58.44
N PRO K 569 -26.90 13.16 57.60
CA PRO K 569 -26.55 13.26 56.18
C PRO K 569 -27.25 14.40 55.45
N GLU K 570 -28.34 14.93 55.99
CA GLU K 570 -29.10 15.98 55.31
C GLU K 570 -28.50 17.37 55.49
N THR K 571 -27.54 17.54 56.39
CA THR K 571 -26.88 18.82 56.61
C THR K 571 -25.47 18.76 56.03
N ARG K 572 -25.11 19.77 55.25
CA ARG K 572 -23.82 19.79 54.59
C ARG K 572 -23.40 21.23 54.32
N VAL K 573 -22.09 21.43 54.21
CA VAL K 573 -21.51 22.72 53.86
C VAL K 573 -21.08 22.64 52.40
N LYS K 574 -21.58 23.58 51.59
CA LYS K 574 -21.36 23.56 50.15
C LYS K 574 -20.38 24.65 49.77
N ILE K 575 -19.15 24.26 49.44
CA ILE K 575 -18.15 25.18 48.91
C ILE K 575 -18.22 25.03 47.39
N GLN K 576 -18.81 26.04 46.75
CA GLN K 576 -19.00 26.02 45.31
C GLN K 576 -17.84 26.74 44.63
N ASP K 577 -17.17 26.06 43.71
CA ASP K 577 -16.03 26.59 42.98
C ASP K 577 -14.95 27.10 43.94
N ALA K 578 -14.43 26.18 44.74
CA ALA K 578 -13.29 26.49 45.58
C ALA K 578 -12.09 26.90 44.74
N HIS K 579 -11.85 26.17 43.66
CA HIS K 579 -10.91 26.56 42.62
C HIS K 579 -11.70 26.64 41.31
N ARG K 580 -11.85 27.83 40.77
CA ARG K 580 -12.69 28.01 39.60
C ARG K 580 -12.10 27.27 38.40
N LEU K 581 -12.98 26.61 37.64
CA LEU K 581 -12.68 25.89 36.41
C LEU K 581 -11.77 24.69 36.63
N HIS K 582 -11.36 24.39 37.86
CA HIS K 582 -10.51 23.25 38.15
C HIS K 582 -11.10 22.46 39.31
N HIS K 583 -11.20 21.15 39.13
CA HIS K 583 -11.67 20.29 40.21
C HIS K 583 -10.60 20.16 41.28
N VAL K 584 -11.03 19.93 42.52
CA VAL K 584 -10.12 19.81 43.64
C VAL K 584 -9.38 18.47 43.51
N SER K 585 -8.06 18.54 43.36
CA SER K 585 -7.28 17.32 43.20
C SER K 585 -7.07 16.61 44.54
N SER K 586 -6.87 17.37 45.62
CA SER K 586 -6.65 16.77 46.93
C SER K 586 -7.04 17.77 48.01
N LEU K 587 -7.25 17.25 49.21
CA LEU K 587 -7.64 18.10 50.33
C LEU K 587 -7.31 17.39 51.64
N ALA K 588 -7.19 18.19 52.70
CA ALA K 588 -6.83 17.70 54.02
C ALA K 588 -7.37 18.67 55.06
N TRP K 589 -7.14 18.34 56.33
CA TRP K 589 -7.63 19.15 57.44
C TRP K 589 -6.46 19.56 58.33
N LEU K 590 -6.28 20.87 58.51
CA LEU K 590 -5.29 21.35 59.47
C LEU K 590 -5.78 21.13 60.90
N ASP K 591 -7.03 21.45 61.17
CA ASP K 591 -7.65 21.21 62.47
C ASP K 591 -9.14 20.98 62.25
N GLU K 592 -9.92 21.05 63.33
CA GLU K 592 -11.35 20.80 63.24
C GLU K 592 -12.12 21.90 62.50
N HIS K 593 -11.47 23.04 62.22
CA HIS K 593 -12.16 24.15 61.58
C HIS K 593 -11.49 24.66 60.32
N THR K 594 -10.36 24.12 59.92
CA THR K 594 -9.63 24.57 58.74
C THR K 594 -9.51 23.43 57.74
N LEU K 595 -9.90 23.70 56.50
CA LEU K 595 -9.84 22.72 55.41
C LEU K 595 -8.92 23.25 54.32
N VAL K 596 -7.92 22.46 53.96
CA VAL K 596 -6.94 22.85 52.95
C VAL K 596 -7.26 22.11 51.66
N THR K 597 -7.42 22.85 50.57
CA THR K 597 -7.78 22.29 49.27
C THR K 597 -6.75 22.71 48.23
N THR K 598 -6.36 21.76 47.38
CA THR K 598 -5.48 22.03 46.25
C THR K 598 -6.14 21.52 44.98
N SER K 599 -5.70 22.04 43.85
CA SER K 599 -6.28 21.69 42.57
C SER K 599 -5.18 21.67 41.51
N HIS K 600 -5.59 21.58 40.24
CA HIS K 600 -4.64 21.54 39.14
C HIS K 600 -4.16 22.92 38.72
N ASP K 601 -4.66 23.98 39.33
CA ASP K 601 -4.16 25.33 39.09
C ASP K 601 -2.91 25.65 39.90
N ALA K 602 -2.32 24.65 40.56
CA ALA K 602 -1.06 24.78 41.30
C ALA K 602 -1.19 25.74 42.48
N SER K 603 -2.39 25.89 43.02
CA SER K 603 -2.64 26.78 44.14
C SER K 603 -3.22 26.00 45.31
N VAL K 604 -2.88 26.44 46.52
CA VAL K 604 -3.33 25.82 47.76
C VAL K 604 -4.12 26.86 48.54
N LYS K 605 -5.33 26.49 48.97
CA LYS K 605 -6.22 27.41 49.67
C LYS K 605 -6.64 26.81 51.00
N GLU K 606 -6.92 27.69 51.97
CA GLU K 606 -7.42 27.29 53.27
C GLU K 606 -8.78 27.93 53.50
N TRP K 607 -9.70 27.16 54.07
CA TRP K 607 -11.06 27.60 54.34
C TRP K 607 -11.39 27.37 55.80
N THR K 608 -11.92 28.41 56.45
CA THR K 608 -12.48 28.30 57.79
C THR K 608 -13.93 27.85 57.66
N ILE K 609 -14.25 26.71 58.26
CA ILE K 609 -15.57 26.10 58.15
C ILE K 609 -16.29 26.29 59.49
N THR K 610 -17.47 26.89 59.44
CA THR K 610 -18.28 27.12 60.63
C THR K 610 -19.59 26.36 60.49
N TYR K 611 -19.89 25.51 61.47
CA TYR K 611 -21.11 24.71 61.44
C TYR K 611 -22.24 25.42 62.17
N MET L 6 -70.28 54.11 -12.28
CA MET L 6 -69.04 53.60 -11.72
C MET L 6 -68.04 53.27 -12.81
N PRO L 7 -66.77 53.66 -12.60
CA PRO L 7 -65.74 53.37 -13.61
C PRO L 7 -65.58 51.89 -13.90
N TYR L 8 -65.74 51.03 -12.88
CA TYR L 8 -65.65 49.60 -13.07
C TYR L 8 -66.60 48.92 -12.09
N GLU L 9 -67.26 47.87 -12.59
CA GLU L 9 -68.19 47.11 -11.77
C GLU L 9 -67.92 45.62 -11.92
N ILE L 10 -67.78 44.92 -10.79
CA ILE L 10 -67.48 43.50 -10.84
C ILE L 10 -68.71 42.72 -11.26
N LYS L 11 -68.62 42.01 -12.38
CA LYS L 11 -69.76 41.35 -13.00
C LYS L 11 -69.91 39.90 -12.56
N LYS L 12 -68.84 39.11 -12.65
CA LYS L 12 -68.90 37.70 -12.31
C LYS L 12 -67.62 37.31 -11.59
N VAL L 13 -67.76 36.45 -10.58
CA VAL L 13 -66.63 35.97 -9.80
C VAL L 13 -66.45 34.49 -10.10
N PHE L 14 -65.36 34.16 -10.77
CA PHE L 14 -65.00 32.76 -11.04
C PHE L 14 -64.09 32.30 -9.91
N ALA L 15 -64.65 31.53 -8.98
CA ALA L 15 -63.91 31.07 -7.82
C ALA L 15 -62.96 29.92 -8.19
N SER L 16 -61.98 29.70 -7.32
CA SER L 16 -61.04 28.61 -7.46
C SER L 16 -61.59 27.34 -6.80
N LEU L 17 -60.93 26.22 -7.09
CA LEU L 17 -61.27 24.97 -6.44
C LEU L 17 -60.64 24.91 -5.05
N PRO L 18 -61.23 24.15 -4.13
CA PRO L 18 -60.63 24.00 -2.80
C PRO L 18 -59.24 23.39 -2.87
N GLN L 19 -58.36 23.87 -2.00
CA GLN L 19 -57.00 23.34 -1.91
C GLN L 19 -57.05 22.04 -1.12
N VAL L 20 -56.73 20.93 -1.78
CA VAL L 20 -56.82 19.61 -1.18
C VAL L 20 -55.48 18.92 -1.26
N GLU L 21 -55.13 18.22 -0.19
CA GLU L 21 -53.87 17.50 -0.09
C GLU L 21 -54.16 16.02 0.13
N ARG L 22 -53.30 15.17 -0.43
CA ARG L 22 -53.48 13.73 -0.31
C ARG L 22 -53.37 13.29 1.15
N GLY L 23 -54.35 12.54 1.61
CA GLY L 23 -54.36 12.04 2.97
C GLY L 23 -54.78 13.02 4.03
N VAL L 24 -55.16 14.24 3.64
CA VAL L 24 -55.56 15.28 4.59
C VAL L 24 -57.02 15.63 4.33
N SER L 25 -57.83 15.57 5.37
CA SER L 25 -59.25 15.84 5.24
C SER L 25 -59.50 17.31 4.91
N LYS L 26 -60.50 17.56 4.07
CA LYS L 26 -60.93 18.90 3.72
C LYS L 26 -62.30 19.14 4.33
N ILE L 27 -62.41 20.21 5.11
CA ILE L 27 -63.64 20.53 5.84
C ILE L 27 -64.42 21.58 5.06
N ILE L 28 -65.71 21.32 4.84
CA ILE L 28 -66.58 22.22 4.11
C ILE L 28 -67.70 22.66 5.05
N GLY L 29 -67.89 23.97 5.16
CA GLY L 29 -68.92 24.54 6.01
C GLY L 29 -70.11 25.01 5.21
N GLY L 30 -71.29 24.89 5.82
CA GLY L 30 -72.54 25.31 5.19
C GLY L 30 -73.26 26.33 6.05
N ASP L 31 -73.91 27.29 5.39
CA ASP L 31 -74.62 28.33 6.09
C ASP L 31 -75.95 27.81 6.64
N PRO L 32 -76.41 28.37 7.75
CA PRO L 32 -77.76 28.02 8.24
C PRO L 32 -78.85 28.37 7.25
N LYS L 33 -78.68 29.44 6.47
CA LYS L 33 -79.64 29.79 5.43
C LYS L 33 -79.58 28.86 4.24
N GLY L 34 -78.50 28.09 4.08
CA GLY L 34 -78.38 27.18 2.96
C GLY L 34 -78.31 27.84 1.61
N ASN L 35 -77.62 28.97 1.50
CA ASN L 35 -77.48 29.69 0.24
C ASN L 35 -76.10 29.52 -0.39
N ASN L 36 -75.04 29.62 0.40
CA ASN L 36 -73.67 29.51 -0.12
C ASN L 36 -72.85 28.59 0.78
N PHE L 37 -72.13 27.67 0.17
CA PHE L 37 -71.19 26.82 0.88
C PHE L 37 -69.77 27.35 0.67
N LEU L 38 -68.95 27.25 1.72
CA LEU L 38 -67.63 27.86 1.70
C LEU L 38 -66.54 26.81 1.83
N TYR L 39 -65.40 27.12 1.22
CA TYR L 39 -64.19 26.34 1.40
C TYR L 39 -63.00 27.30 1.35
N THR L 40 -61.80 26.75 1.29
CA THR L 40 -60.58 27.55 1.39
C THR L 40 -59.57 27.09 0.35
N ASN L 41 -58.95 28.07 -0.32
CA ASN L 41 -57.85 27.79 -1.24
C ASN L 41 -56.79 28.87 -1.02
N GLY L 42 -55.57 28.46 -0.71
CA GLY L 42 -54.51 29.43 -0.45
C GLY L 42 -54.86 30.32 0.72
N LYS L 43 -54.71 31.63 0.51
CA LYS L 43 -55.08 32.62 1.51
C LYS L 43 -56.52 33.10 1.36
N CYS L 44 -57.29 32.48 0.46
CA CYS L 44 -58.62 32.94 0.11
C CYS L 44 -59.68 31.99 0.65
N VAL L 45 -60.78 32.56 1.13
CA VAL L 45 -61.96 31.81 1.54
C VAL L 45 -63.02 32.04 0.47
N ILE L 46 -63.49 30.96 -0.14
CA ILE L 46 -64.43 31.03 -1.26
C ILE L 46 -65.82 30.67 -0.75
N LEU L 47 -66.79 31.53 -1.05
CA LEU L 47 -68.20 31.30 -0.74
C LEU L 47 -68.91 31.11 -2.08
N ARG L 48 -69.15 29.86 -2.44
CA ARG L 48 -69.80 29.54 -3.70
C ARG L 48 -71.28 29.26 -3.48
N ASN L 49 -72.12 29.87 -4.32
CA ASN L 49 -73.54 29.58 -4.27
C ASN L 49 -73.79 28.12 -4.63
N ILE L 50 -74.50 27.41 -3.76
CA ILE L 50 -74.68 25.98 -3.94
C ILE L 50 -75.57 25.69 -5.14
N ASP L 51 -76.66 26.44 -5.29
CA ASP L 51 -77.56 26.22 -6.41
C ASP L 51 -76.89 26.55 -7.74
N ASN L 52 -76.15 27.66 -7.80
CA ASN L 52 -75.44 28.08 -8.99
C ASN L 52 -73.96 28.19 -8.66
N PRO L 53 -73.15 27.17 -8.97
CA PRO L 53 -71.73 27.22 -8.61
C PRO L 53 -70.96 28.35 -9.28
N ALA L 54 -71.43 28.86 -10.42
CA ALA L 54 -70.73 29.95 -11.08
C ALA L 54 -70.72 31.21 -10.21
N LEU L 55 -71.85 31.53 -9.58
CA LEU L 55 -71.91 32.67 -8.68
C LEU L 55 -71.10 32.37 -7.41
N ALA L 56 -70.23 33.29 -7.05
CA ALA L 56 -69.34 33.07 -5.91
C ALA L 56 -68.81 34.41 -5.42
N ASP L 57 -68.19 34.36 -4.24
CA ASP L 57 -67.46 35.50 -3.67
C ASP L 57 -66.18 34.97 -3.05
N ILE L 58 -65.17 35.85 -2.95
CA ILE L 58 -63.89 35.50 -2.35
C ILE L 58 -63.59 36.49 -1.24
N TYR L 59 -62.91 36.02 -0.21
CA TYR L 59 -62.44 36.84 0.90
C TYR L 59 -60.96 36.54 1.10
N THR L 60 -60.11 37.52 0.81
CA THR L 60 -58.66 37.35 0.87
C THR L 60 -58.08 38.45 1.74
N GLU L 61 -57.95 38.16 3.04
CA GLU L 61 -57.38 39.11 3.98
C GLU L 61 -56.37 38.47 4.93
N HIS L 62 -56.35 37.14 5.02
CA HIS L 62 -55.39 36.45 5.87
C HIS L 62 -53.98 36.57 5.28
N ALA L 63 -52.99 36.62 6.16
CA ALA L 63 -51.60 36.79 5.76
C ALA L 63 -50.90 35.46 5.48
N HIS L 64 -51.55 34.33 5.73
CA HIS L 64 -50.98 33.02 5.49
C HIS L 64 -52.05 32.13 4.86
N GLN L 65 -51.71 30.85 4.70
CA GLN L 65 -52.67 29.89 4.16
C GLN L 65 -53.76 29.64 5.19
N VAL L 66 -55.01 29.89 4.80
CA VAL L 66 -56.15 29.58 5.64
C VAL L 66 -56.40 28.09 5.60
N VAL L 67 -56.98 27.53 6.66
CA VAL L 67 -57.28 26.10 6.72
C VAL L 67 -58.78 25.84 6.67
N VAL L 68 -59.55 26.50 7.53
CA VAL L 68 -60.97 26.21 7.65
C VAL L 68 -61.73 27.51 7.94
N ALA L 69 -62.98 27.54 7.49
CA ALA L 69 -63.90 28.64 7.75
C ALA L 69 -65.26 28.05 8.13
N LYS L 70 -66.03 28.81 8.90
CA LYS L 70 -67.33 28.33 9.37
C LYS L 70 -68.31 29.48 9.46
N TYR L 71 -69.54 29.23 9.01
CA TYR L 71 -70.62 30.20 9.19
C TYR L 71 -71.08 30.23 10.63
N ALA L 72 -71.46 31.41 11.10
CA ALA L 72 -72.10 31.51 12.40
C ALA L 72 -73.55 31.05 12.31
N PRO L 73 -74.10 30.50 13.39
CA PRO L 73 -75.51 30.07 13.36
C PRO L 73 -76.47 31.20 13.04
N SER L 74 -76.16 32.43 13.47
CA SER L 74 -76.98 33.56 13.08
C SER L 74 -76.83 33.90 11.60
N GLY L 75 -75.74 33.47 10.96
CA GLY L 75 -75.52 33.74 9.57
C GLY L 75 -74.96 35.11 9.26
N PHE L 76 -74.60 35.90 10.27
CA PHE L 76 -74.12 37.25 10.08
C PHE L 76 -72.60 37.35 10.08
N TYR L 77 -71.89 36.34 10.56
CA TYR L 77 -70.45 36.39 10.67
C TYR L 77 -69.84 35.06 10.28
N ILE L 78 -68.57 35.10 9.86
CA ILE L 78 -67.81 33.92 9.50
C ILE L 78 -66.48 33.98 10.23
N ALA L 79 -66.09 32.88 10.86
CA ALA L 79 -64.80 32.75 11.52
C ALA L 79 -63.89 31.86 10.68
N SER L 80 -62.72 32.38 10.32
CA SER L 80 -61.76 31.67 9.50
C SER L 80 -60.47 31.49 10.29
N GLY L 81 -59.90 30.29 10.22
CA GLY L 81 -58.70 29.97 10.96
C GLY L 81 -57.52 29.76 10.04
N ASP L 82 -56.34 30.16 10.53
CA ASP L 82 -55.12 30.23 9.74
C ASP L 82 -54.11 29.20 10.25
N VAL L 83 -53.09 28.93 9.42
CA VAL L 83 -51.99 28.05 9.82
C VAL L 83 -51.11 28.67 10.88
N SER L 84 -51.13 29.99 11.01
CA SER L 84 -50.35 30.71 12.00
C SER L 84 -51.08 30.86 13.33
N GLY L 85 -52.25 30.25 13.47
CA GLY L 85 -53.04 30.40 14.68
C GLY L 85 -53.92 31.61 14.71
N LYS L 86 -54.02 32.36 13.61
CA LYS L 86 -54.83 33.57 13.57
C LYS L 86 -56.26 33.22 13.19
N LEU L 87 -57.21 33.69 13.98
CA LEU L 87 -58.64 33.50 13.74
C LEU L 87 -59.28 34.84 13.51
N ARG L 88 -60.04 34.96 12.43
CA ARG L 88 -60.70 36.22 12.08
C ARG L 88 -62.20 35.99 11.95
N ILE L 89 -62.98 36.76 12.70
CA ILE L 89 -64.43 36.76 12.60
C ILE L 89 -64.83 38.04 11.88
N TRP L 90 -65.45 37.89 10.71
CA TRP L 90 -65.78 39.01 9.85
C TRP L 90 -67.23 38.91 9.38
N ASP L 91 -67.85 40.06 9.15
CA ASP L 91 -69.24 40.11 8.72
C ASP L 91 -69.36 39.65 7.27
N THR L 92 -70.51 39.05 6.96
CA THR L 92 -70.81 38.59 5.60
C THR L 92 -72.00 39.29 4.97
N THR L 93 -72.78 40.06 5.73
CA THR L 93 -73.94 40.73 5.16
C THR L 93 -73.53 41.75 4.10
N GLN L 94 -72.45 42.48 4.34
CA GLN L 94 -71.95 43.49 3.41
C GLN L 94 -70.82 42.91 2.58
N LYS L 95 -70.76 43.34 1.32
CA LYS L 95 -69.74 42.84 0.41
C LYS L 95 -68.33 43.25 0.83
N GLU L 96 -68.20 44.30 1.63
CA GLU L 96 -66.87 44.73 2.07
C GLU L 96 -66.24 43.72 3.02
N HIS L 97 -67.06 42.97 3.75
CA HIS L 97 -66.60 41.95 4.70
C HIS L 97 -65.63 42.55 5.71
N LEU L 98 -66.13 43.53 6.46
CA LEU L 98 -65.32 44.20 7.47
C LEU L 98 -64.97 43.24 8.60
N LEU L 99 -63.76 43.37 9.12
CA LEU L 99 -63.32 42.53 10.23
C LEU L 99 -64.03 42.94 11.51
N LYS L 100 -64.58 41.94 12.21
CA LYS L 100 -65.26 42.20 13.48
C LYS L 100 -64.35 41.92 14.67
N TYR L 101 -63.75 40.74 14.71
CA TYR L 101 -62.79 40.40 15.75
C TYR L 101 -61.62 39.61 15.17
N GLU L 102 -60.49 39.67 15.85
CA GLU L 102 -59.29 38.92 15.48
C GLU L 102 -58.64 38.39 16.76
N TYR L 103 -58.26 37.11 16.73
CA TYR L 103 -57.70 36.45 17.91
C TYR L 103 -56.57 35.53 17.49
N GLN L 104 -55.77 35.13 18.48
CA GLN L 104 -54.71 34.14 18.30
C GLN L 104 -54.81 33.13 19.43
N PRO L 105 -55.71 32.15 19.32
CA PRO L 105 -55.90 31.20 20.43
C PRO L 105 -54.64 30.44 20.81
N PHE L 106 -53.81 30.06 19.84
CA PHE L 106 -52.59 29.35 20.14
C PHE L 106 -51.61 29.55 18.99
N ALA L 107 -50.32 29.36 19.29
CA ALA L 107 -49.25 29.52 18.30
C ALA L 107 -49.05 28.20 17.58
N GLY L 108 -49.94 27.91 16.65
CA GLY L 108 -49.86 26.69 15.88
C GLY L 108 -50.97 26.63 14.86
N LYS L 109 -50.95 25.56 14.07
CA LYS L 109 -51.92 25.40 13.01
C LYS L 109 -53.32 25.23 13.57
N ILE L 110 -54.28 25.93 12.96
CA ILE L 110 -55.70 25.81 13.29
C ILE L 110 -56.33 24.81 12.34
N LYS L 111 -57.05 23.84 12.88
CA LYS L 111 -57.62 22.78 12.07
C LYS L 111 -59.13 22.88 11.88
N ASP L 112 -59.90 23.18 12.93
CA ASP L 112 -61.34 23.23 12.75
C ASP L 112 -61.92 24.20 13.78
N ILE L 113 -63.04 24.82 13.39
CA ILE L 113 -63.73 25.84 14.19
C ILE L 113 -65.17 25.42 14.36
N ALA L 114 -65.70 25.62 15.57
CA ALA L 114 -67.09 25.28 15.87
C ALA L 114 -67.74 26.42 16.64
N TRP L 115 -69.04 26.59 16.43
CA TRP L 115 -69.83 27.62 17.06
C TRP L 115 -70.90 27.02 17.96
N THR L 116 -71.31 27.79 18.96
CA THR L 116 -72.41 27.42 19.83
C THR L 116 -73.73 27.90 19.20
N GLU L 117 -74.84 27.36 19.73
CA GLU L 117 -76.15 27.69 19.19
C GLU L 117 -76.45 29.18 19.34
N ASP L 118 -76.11 29.76 20.49
CA ASP L 118 -76.32 31.19 20.70
C ASP L 118 -75.35 32.07 19.93
N SER L 119 -74.34 31.47 19.28
CA SER L 119 -73.41 32.19 18.41
C SER L 119 -72.65 33.28 19.16
N LYS L 120 -72.23 32.97 20.39
CA LYS L 120 -71.38 33.85 21.17
C LYS L 120 -70.08 33.20 21.62
N ARG L 121 -69.96 31.88 21.53
CA ARG L 121 -68.77 31.16 21.92
C ARG L 121 -68.21 30.41 20.73
N ILE L 122 -66.89 30.47 20.56
CA ILE L 122 -66.20 29.83 19.45
C ILE L 122 -65.15 28.88 20.01
N ALA L 123 -65.14 27.65 19.51
CA ALA L 123 -64.16 26.64 19.89
C ALA L 123 -63.26 26.36 18.70
N VAL L 124 -61.97 26.59 18.86
CA VAL L 124 -60.99 26.40 17.80
C VAL L 124 -60.00 25.33 18.23
N VAL L 125 -59.77 24.34 17.36
CA VAL L 125 -58.86 23.26 17.67
C VAL L 125 -57.74 23.23 16.63
N GLY L 126 -56.65 22.55 17.00
CA GLY L 126 -55.50 22.44 16.13
C GLY L 126 -54.29 21.86 16.84
N GLU L 127 -53.11 22.41 16.56
CA GLU L 127 -51.87 21.96 17.20
C GLU L 127 -51.07 23.18 17.62
N GLY L 128 -51.30 23.66 18.84
CA GLY L 128 -50.55 24.76 19.39
C GLY L 128 -49.28 24.31 20.09
N ARG L 129 -48.48 25.30 20.48
CA ARG L 129 -47.22 25.00 21.15
C ARG L 129 -47.45 24.44 22.55
N GLU L 130 -48.47 24.93 23.25
CA GLU L 130 -48.73 24.53 24.63
C GLU L 130 -50.15 23.99 24.83
N LYS L 131 -50.97 23.93 23.80
CA LYS L 131 -52.33 23.45 23.94
C LYS L 131 -52.81 22.94 22.58
N PHE L 132 -53.97 22.28 22.60
CA PHE L 132 -54.54 21.71 21.39
C PHE L 132 -55.93 22.25 21.05
N GLY L 133 -56.54 23.04 21.93
CA GLY L 133 -57.84 23.60 21.65
C GLY L 133 -58.18 24.68 22.64
N ALA L 134 -59.12 25.55 22.23
CA ALA L 134 -59.51 26.66 23.09
C ALA L 134 -60.92 27.10 22.71
N VAL L 135 -61.80 27.21 23.69
CA VAL L 135 -63.15 27.73 23.50
C VAL L 135 -63.27 29.03 24.28
N PHE L 136 -63.74 30.08 23.60
CA PHE L 136 -63.73 31.41 24.19
C PHE L 136 -64.88 32.24 23.65
N LEU L 137 -65.23 33.29 24.40
CA LEU L 137 -66.25 34.22 23.94
C LEU L 137 -65.81 34.90 22.66
N TRP L 138 -66.76 35.08 21.73
CA TRP L 138 -66.43 35.60 20.41
C TRP L 138 -66.11 37.09 20.45
N ASP L 139 -66.62 37.81 21.44
CA ASP L 139 -66.49 39.26 21.49
C ASP L 139 -65.37 39.75 22.39
N SER L 140 -64.83 38.88 23.26
CA SER L 140 -63.80 39.29 24.21
C SER L 140 -62.57 38.39 24.23
N GLY L 141 -62.66 37.16 23.76
CA GLY L 141 -61.53 36.25 23.81
C GLY L 141 -61.29 35.61 25.15
N SER L 142 -62.17 35.81 26.13
CA SER L 142 -62.03 35.20 27.44
C SER L 142 -62.41 33.72 27.36
N SER L 143 -61.56 32.87 27.94
CA SER L 143 -61.82 31.43 27.91
C SER L 143 -63.07 31.10 28.71
N VAL L 144 -63.93 30.28 28.11
CA VAL L 144 -65.15 29.82 28.77
C VAL L 144 -65.06 28.31 28.95
N GLY L 145 -63.84 27.80 28.99
CA GLY L 145 -63.62 26.37 29.15
C GLY L 145 -62.22 26.00 28.75
N GLU L 146 -61.87 24.74 29.04
CA GLU L 146 -60.56 24.21 28.73
C GLU L 146 -60.72 22.87 28.00
N ILE L 147 -59.93 22.67 26.96
CA ILE L 147 -59.97 21.46 26.15
C ILE L 147 -58.77 20.61 26.54
N THR L 148 -59.02 19.48 27.19
CA THR L 148 -57.99 18.53 27.58
C THR L 148 -58.32 17.15 27.02
N GLY L 149 -57.53 16.16 27.42
CA GLY L 149 -57.77 14.80 27.01
C GLY L 149 -57.20 14.40 25.67
N HIS L 150 -56.44 15.27 25.02
CA HIS L 150 -55.82 14.98 23.73
C HIS L 150 -54.34 15.31 23.81
N ASN L 151 -53.51 14.37 23.36
CA ASN L 151 -52.07 14.57 23.29
C ASN L 151 -51.56 14.68 21.85
N LYS L 152 -52.45 14.75 20.87
CA LYS L 152 -52.09 14.88 19.48
C LYS L 152 -52.86 16.03 18.86
N VAL L 153 -52.60 16.29 17.57
CA VAL L 153 -53.29 17.35 16.86
C VAL L 153 -54.76 16.98 16.72
N ILE L 154 -55.63 17.94 17.01
CA ILE L 154 -57.07 17.71 16.90
C ILE L 154 -57.53 18.14 15.51
N ASN L 155 -58.18 17.22 14.80
CA ASN L 155 -58.60 17.45 13.43
C ASN L 155 -60.02 18.02 13.33
N SER L 156 -60.93 17.63 14.22
CA SER L 156 -62.32 18.05 14.12
C SER L 156 -62.85 18.43 15.50
N VAL L 157 -63.86 19.31 15.49
CA VAL L 157 -64.55 19.71 16.71
C VAL L 157 -65.97 20.11 16.35
N ASP L 158 -66.92 19.75 17.22
CA ASP L 158 -68.31 20.14 17.01
C ASP L 158 -68.98 20.35 18.36
N ILE L 159 -69.97 21.24 18.37
CA ILE L 159 -70.72 21.59 19.57
C ILE L 159 -72.19 21.29 19.31
N LYS L 160 -72.85 20.64 20.27
CA LYS L 160 -74.26 20.35 20.16
C LYS L 160 -75.07 21.64 20.04
N GLN L 161 -75.99 21.67 19.08
CA GLN L 161 -76.79 22.87 18.81
C GLN L 161 -78.06 22.94 19.66
N SER L 162 -78.30 21.94 20.51
CA SER L 162 -79.48 21.91 21.36
C SER L 162 -79.07 21.69 22.81
N ARG L 163 -79.89 22.21 23.71
CA ARG L 163 -79.61 22.06 25.14
C ARG L 163 -79.85 20.60 25.55
N PRO L 164 -78.98 20.04 26.41
CA PRO L 164 -77.78 20.64 27.00
C PRO L 164 -76.61 20.68 26.02
N TYR L 165 -75.75 21.68 26.12
CA TYR L 165 -74.62 21.80 25.21
C TYR L 165 -73.58 20.72 25.48
N ARG L 166 -73.03 20.16 24.40
CA ARG L 166 -72.00 19.15 24.47
C ARG L 166 -70.90 19.49 23.47
N LEU L 167 -69.70 19.00 23.74
CA LEU L 167 -68.54 19.29 22.90
C LEU L 167 -67.84 17.98 22.58
N ALA L 168 -67.47 17.81 21.31
CA ALA L 168 -66.79 16.60 20.86
C ALA L 168 -65.59 16.96 20.01
N THR L 169 -64.45 16.33 20.29
CA THR L 169 -63.22 16.55 19.55
C THR L 169 -62.62 15.21 19.15
N GLY L 170 -62.01 15.18 17.96
CA GLY L 170 -61.29 14.01 17.51
C GLY L 170 -59.87 14.36 17.12
N SER L 171 -58.90 13.57 17.57
CA SER L 171 -57.48 13.88 17.36
C SER L 171 -56.78 12.70 16.71
N ASP L 172 -55.46 12.83 16.56
CA ASP L 172 -54.65 11.77 15.95
C ASP L 172 -54.30 10.67 16.93
N ASP L 173 -54.65 10.81 18.21
CA ASP L 173 -54.32 9.80 19.21
C ASP L 173 -55.36 8.68 19.26
N ASN L 174 -56.12 8.52 18.18
CA ASN L 174 -57.11 7.45 18.04
C ASN L 174 -58.13 7.46 19.18
N CYS L 175 -58.50 8.66 19.63
CA CYS L 175 -59.49 8.81 20.68
C CYS L 175 -60.28 10.08 20.43
N ALA L 176 -61.51 10.11 20.96
CA ALA L 176 -62.38 11.27 20.83
C ALA L 176 -62.76 11.75 22.23
N ALA L 177 -62.52 13.03 22.50
CA ALA L 177 -62.84 13.62 23.79
C ALA L 177 -64.24 14.22 23.76
N PHE L 178 -64.93 14.11 24.89
CA PHE L 178 -66.30 14.57 25.07
C PHE L 178 -66.37 15.41 26.33
N PHE L 179 -66.89 16.63 26.19
CA PHE L 179 -66.96 17.63 27.24
C PHE L 179 -68.41 18.11 27.38
N GLU L 180 -68.73 18.65 28.56
CA GLU L 180 -70.04 19.19 28.83
C GLU L 180 -69.90 20.62 29.36
N GLY L 181 -70.79 21.50 28.91
CA GLY L 181 -70.79 22.88 29.33
C GLY L 181 -71.99 23.64 28.81
N PRO L 182 -71.90 24.98 28.79
CA PRO L 182 -70.80 25.82 29.25
C PRO L 182 -70.86 26.09 30.76
N PRO L 183 -69.71 26.26 31.42
CA PRO L 183 -68.35 26.19 30.89
C PRO L 183 -67.96 24.75 30.55
N PHE L 184 -67.21 24.55 29.49
CA PHE L 184 -66.95 23.21 28.99
C PHE L 184 -65.86 22.54 29.81
N LYS L 185 -66.24 21.47 30.52
CA LYS L 185 -65.31 20.68 31.31
C LYS L 185 -65.24 19.27 30.75
N PHE L 186 -64.09 18.64 30.91
CA PHE L 186 -63.89 17.30 30.36
C PHE L 186 -64.84 16.31 30.99
N LYS L 187 -65.45 15.47 30.16
CA LYS L 187 -66.35 14.42 30.64
C LYS L 187 -65.73 13.04 30.47
N PHE L 188 -65.36 12.65 29.25
CA PHE L 188 -64.70 11.35 29.08
C PHE L 188 -64.16 11.24 27.66
N THR L 189 -63.27 10.27 27.46
CA THR L 189 -62.71 9.98 26.14
C THR L 189 -63.17 8.60 25.69
N ILE L 190 -63.42 8.47 24.40
CA ILE L 190 -63.83 7.21 23.80
C ILE L 190 -62.70 6.73 22.88
N GLY L 191 -62.32 5.47 23.03
CA GLY L 191 -61.23 4.91 22.26
C GLY L 191 -61.63 3.76 21.37
N ASP L 192 -62.84 3.82 20.79
CA ASP L 192 -63.27 2.77 19.88
C ASP L 192 -62.45 2.76 18.61
N HIS L 193 -62.10 3.94 18.10
CA HIS L 193 -61.31 4.02 16.87
C HIS L 193 -59.87 3.60 17.12
N SER L 194 -59.22 3.15 16.05
CA SER L 194 -57.82 2.73 16.11
C SER L 194 -56.91 3.58 15.24
N ARG L 195 -57.46 4.47 14.43
CA ARG L 195 -56.68 5.35 13.56
C ARG L 195 -57.04 6.80 13.86
N PHE L 196 -56.52 7.70 13.04
CA PHE L 196 -56.80 9.13 13.22
C PHE L 196 -58.27 9.41 12.98
N VAL L 197 -58.93 9.96 13.99
CA VAL L 197 -60.33 10.38 13.87
C VAL L 197 -60.34 11.70 13.11
N ASN L 198 -60.85 11.66 11.87
CA ASN L 198 -60.75 12.81 10.99
C ASN L 198 -61.90 13.80 11.19
N CYS L 199 -63.13 13.31 11.25
CA CYS L 199 -64.30 14.16 11.33
C CYS L 199 -65.23 13.67 12.43
N VAL L 200 -65.65 14.60 13.30
CA VAL L 200 -66.66 14.34 14.31
C VAL L 200 -67.78 15.36 14.10
N ARG L 201 -69.00 14.87 13.85
CA ARG L 201 -70.11 15.72 13.48
C ARG L 201 -71.33 15.39 14.32
N PHE L 202 -71.94 16.42 14.90
CA PHE L 202 -73.20 16.27 15.60
C PHE L 202 -74.38 16.34 14.62
N SER L 203 -75.44 15.63 14.95
CA SER L 203 -76.65 15.70 14.14
C SER L 203 -77.31 17.08 14.29
N PRO L 204 -78.05 17.53 13.28
CA PRO L 204 -78.70 18.84 13.38
C PRO L 204 -79.64 18.97 14.58
N ASP L 205 -80.35 17.90 14.93
CA ASP L 205 -81.18 17.92 16.12
C ASP L 205 -80.39 17.69 17.41
N GLY L 206 -79.15 17.21 17.29
CA GLY L 206 -78.29 17.00 18.44
C GLY L 206 -78.51 15.70 19.19
N ASN L 207 -79.46 14.88 18.78
CA ASN L 207 -79.74 13.64 19.51
C ASN L 207 -78.61 12.63 19.39
N ARG L 208 -77.84 12.68 18.31
CA ARG L 208 -76.76 11.72 18.09
C ARG L 208 -75.58 12.45 17.46
N PHE L 209 -74.40 11.84 17.59
CA PHE L 209 -73.22 12.37 16.93
C PHE L 209 -72.37 11.22 16.40
N ALA L 210 -71.71 11.47 15.27
CA ALA L 210 -70.95 10.45 14.56
C ALA L 210 -69.48 10.84 14.48
N THR L 211 -68.61 9.86 14.67
CA THR L 211 -67.17 10.03 14.52
C THR L 211 -66.66 9.04 13.47
N ALA L 212 -65.87 9.56 12.53
CA ALA L 212 -65.27 8.75 11.47
C ALA L 212 -63.76 8.89 11.52
N SER L 213 -63.07 7.77 11.31
CA SER L 213 -61.62 7.72 11.39
C SER L 213 -61.06 7.13 10.11
N ALA L 214 -59.74 6.98 10.07
CA ALA L 214 -59.04 6.41 8.92
C ALA L 214 -59.00 4.89 8.93
N ASP L 215 -59.55 4.26 9.98
CA ASP L 215 -59.57 2.80 10.07
C ASP L 215 -60.79 2.18 9.40
N GLY L 216 -61.51 2.95 8.60
CA GLY L 216 -62.66 2.41 7.88
C GLY L 216 -63.88 2.14 8.73
N GLN L 217 -64.01 2.82 9.86
CA GLN L 217 -65.15 2.63 10.76
C GLN L 217 -65.80 3.97 11.05
N ILE L 218 -67.12 3.96 11.19
CA ILE L 218 -67.90 5.12 11.61
C ILE L 218 -68.72 4.70 12.82
N TYR L 219 -68.63 5.46 13.89
CA TYR L 219 -69.32 5.14 15.14
C TYR L 219 -70.33 6.23 15.48
N ILE L 220 -71.55 5.80 15.79
CA ILE L 220 -72.63 6.69 16.19
C ILE L 220 -72.86 6.54 17.68
N TYR L 221 -72.78 7.65 18.40
CA TYR L 221 -73.02 7.71 19.84
C TYR L 221 -74.17 8.64 20.13
N ASP L 222 -74.73 8.51 21.32
CA ASP L 222 -75.81 9.40 21.76
C ASP L 222 -75.29 10.82 21.90
N GLY L 223 -76.13 11.78 21.54
CA GLY L 223 -75.74 13.18 21.58
C GLY L 223 -75.75 13.83 22.95
N LYS L 224 -76.33 13.18 23.95
CA LYS L 224 -76.42 13.73 25.30
C LYS L 224 -75.49 13.05 26.29
N THR L 225 -75.44 11.72 26.30
CA THR L 225 -74.62 10.98 27.24
C THR L 225 -73.34 10.42 26.64
N GLY L 226 -73.25 10.33 25.32
CA GLY L 226 -72.03 9.91 24.67
C GLY L 226 -71.80 8.41 24.64
N GLU L 227 -72.76 7.61 25.11
CA GLU L 227 -72.64 6.16 25.07
C GLU L 227 -72.73 5.67 23.63
N LYS L 228 -72.04 4.57 23.34
CA LYS L 228 -72.03 4.06 21.98
C LYS L 228 -73.41 3.53 21.59
N VAL L 229 -73.88 3.97 20.44
CA VAL L 229 -75.16 3.52 19.89
C VAL L 229 -74.97 2.42 18.87
N CYS L 230 -74.16 2.66 17.84
CA CYS L 230 -73.99 1.66 16.79
C CYS L 230 -72.74 1.96 15.98
N ALA L 231 -72.41 1.02 15.09
CA ALA L 231 -71.32 1.14 14.15
C ALA L 231 -71.85 0.97 12.74
N LEU L 232 -71.54 1.92 11.86
CA LEU L 232 -72.04 1.88 10.50
C LEU L 232 -71.37 0.76 9.71
N GLY L 233 -72.19 -0.02 8.99
CA GLY L 233 -71.69 -1.05 8.11
C GLY L 233 -71.36 -2.37 8.77
N GLY L 234 -71.55 -2.49 10.08
CA GLY L 234 -71.24 -3.73 10.77
C GLY L 234 -69.76 -3.90 11.02
N SER L 235 -69.13 -4.80 10.26
CA SER L 235 -67.69 -5.02 10.40
C SER L 235 -66.91 -3.76 10.06
N LYS L 236 -67.29 -3.06 9.00
CA LYS L 236 -66.65 -1.82 8.61
C LYS L 236 -67.63 -0.98 7.80
N ALA L 237 -67.34 0.31 7.73
CA ALA L 237 -68.16 1.23 6.94
C ALA L 237 -67.59 1.48 5.56
N HIS L 238 -66.27 1.63 5.46
CA HIS L 238 -65.60 1.88 4.20
C HIS L 238 -64.36 1.00 4.09
N ASP L 239 -63.97 0.73 2.85
CA ASP L 239 -62.74 -0.01 2.59
C ASP L 239 -61.50 0.86 2.69
N GLY L 240 -61.65 2.11 3.12
CA GLY L 240 -60.54 3.03 3.25
C GLY L 240 -60.82 4.07 4.31
N GLY L 241 -59.87 4.97 4.48
CA GLY L 241 -60.01 6.00 5.50
C GLY L 241 -61.09 7.00 5.14
N ILE L 242 -62.05 7.18 6.04
CA ILE L 242 -63.10 8.18 5.85
C ILE L 242 -62.57 9.54 6.27
N TYR L 243 -62.66 10.51 5.37
CA TYR L 243 -62.10 11.83 5.61
C TYR L 243 -63.11 12.86 6.09
N ALA L 244 -64.39 12.69 5.76
CA ALA L 244 -65.40 13.64 6.18
C ALA L 244 -66.75 12.95 6.24
N ILE L 245 -67.61 13.45 7.13
CA ILE L 245 -69.00 13.00 7.23
C ILE L 245 -69.90 14.23 7.32
N SER L 246 -71.15 14.05 6.92
CA SER L 246 -72.11 15.15 6.92
C SER L 246 -73.50 14.57 7.14
N TRP L 247 -74.14 15.01 8.23
CA TRP L 247 -75.49 14.56 8.53
C TRP L 247 -76.49 15.22 7.58
N SER L 248 -77.58 14.49 7.30
CA SER L 248 -78.66 15.03 6.49
C SER L 248 -79.40 16.10 7.28
N PRO L 249 -80.08 17.02 6.59
CA PRO L 249 -80.84 18.06 7.32
C PRO L 249 -81.90 17.50 8.25
N ASP L 250 -82.48 16.34 7.93
CA ASP L 250 -83.48 15.73 8.78
C ASP L 250 -82.88 14.90 9.91
N SER L 251 -81.54 14.81 9.98
CA SER L 251 -80.83 14.07 11.02
C SER L 251 -81.15 12.58 10.99
N THR L 252 -81.50 12.04 9.83
CA THR L 252 -81.80 10.62 9.69
C THR L 252 -80.80 9.87 8.82
N HIS L 253 -80.06 10.57 7.96
CA HIS L 253 -79.11 9.95 7.05
C HIS L 253 -77.75 10.63 7.18
N LEU L 254 -76.70 9.87 6.86
CA LEU L 254 -75.34 10.36 6.97
C LEU L 254 -74.61 10.17 5.65
N LEU L 255 -73.94 11.21 5.18
CA LEU L 255 -73.13 11.15 3.97
C LEU L 255 -71.66 11.07 4.35
N SER L 256 -70.99 10.04 3.86
CA SER L 256 -69.60 9.78 4.20
C SER L 256 -68.74 9.72 2.93
N ALA L 257 -67.60 10.40 2.98
CA ALA L 257 -66.62 10.39 1.90
C ALA L 257 -65.34 9.75 2.40
N SER L 258 -64.81 8.80 1.66
CA SER L 258 -63.67 8.01 2.08
C SER L 258 -62.60 8.02 1.00
N GLY L 259 -61.41 7.53 1.37
CA GLY L 259 -60.27 7.45 0.49
C GLY L 259 -60.25 6.28 -0.45
N ASP L 260 -61.26 5.41 -0.40
CA ASP L 260 -61.37 4.28 -1.31
C ASP L 260 -62.04 4.66 -2.62
N LYS L 261 -62.02 5.94 -2.97
CA LYS L 261 -62.58 6.47 -4.22
C LYS L 261 -64.09 6.29 -4.32
N THR L 262 -64.77 6.12 -3.18
CA THR L 262 -66.22 5.97 -3.16
C THR L 262 -66.81 6.83 -2.07
N SER L 263 -68.07 7.21 -2.26
CA SER L 263 -68.87 7.90 -1.25
C SER L 263 -70.09 7.07 -0.91
N LYS L 264 -70.72 7.35 0.22
CA LYS L 264 -71.85 6.55 0.64
C LYS L 264 -72.87 7.38 1.41
N ILE L 265 -74.13 6.98 1.28
CA ILE L 265 -75.24 7.54 2.06
C ILE L 265 -75.81 6.41 2.90
N TRP L 266 -75.82 6.61 4.22
CA TRP L 266 -76.19 5.59 5.19
C TRP L 266 -77.46 6.00 5.91
N ASP L 267 -78.32 5.02 6.17
CA ASP L 267 -79.48 5.20 7.05
C ASP L 267 -79.02 4.91 8.48
N VAL L 268 -78.86 5.97 9.27
CA VAL L 268 -78.33 5.82 10.62
C VAL L 268 -79.30 5.05 11.50
N SER L 269 -80.60 5.33 11.36
CA SER L 269 -81.59 4.77 12.27
C SER L 269 -81.66 3.24 12.17
N VAL L 270 -81.38 2.67 11.00
CA VAL L 270 -81.50 1.24 10.77
C VAL L 270 -80.16 0.58 10.52
N ASN L 271 -79.07 1.35 10.44
CA ASN L 271 -77.73 0.82 10.19
C ASN L 271 -77.70 0.03 8.88
N SER L 272 -77.96 0.75 7.78
CA SER L 272 -77.94 0.16 6.46
C SER L 272 -77.51 1.23 5.45
N VAL L 273 -76.74 0.81 4.46
CA VAL L 273 -76.27 1.73 3.43
C VAL L 273 -77.40 1.99 2.44
N VAL L 274 -77.90 3.22 2.42
CA VAL L 274 -78.93 3.60 1.46
C VAL L 274 -78.40 3.61 0.04
N SER L 275 -77.20 4.17 -0.16
CA SER L 275 -76.65 4.26 -1.49
C SER L 275 -75.12 4.27 -1.44
N THR L 276 -74.51 3.76 -2.50
CA THR L 276 -73.07 3.80 -2.69
C THR L 276 -72.78 4.47 -4.03
N PHE L 277 -71.67 5.21 -4.11
CA PHE L 277 -71.33 5.98 -5.29
C PHE L 277 -69.86 5.81 -5.62
N PRO L 278 -69.51 5.13 -6.74
CA PRO L 278 -68.10 5.07 -7.13
C PRO L 278 -67.64 6.31 -7.91
N MET L 279 -66.62 6.99 -7.40
CA MET L 279 -66.07 8.16 -8.09
C MET L 279 -65.02 7.81 -9.14
N GLY L 280 -64.34 6.68 -9.01
CA GLY L 280 -63.35 6.32 -10.01
C GLY L 280 -62.44 5.22 -9.51
N SER L 281 -61.27 5.14 -10.15
CA SER L 281 -60.29 4.09 -9.88
C SER L 281 -58.86 4.61 -9.82
N THR L 282 -58.65 5.92 -9.82
CA THR L 282 -57.32 6.50 -9.75
C THR L 282 -57.14 7.24 -8.43
N VAL L 283 -55.88 7.60 -8.15
CA VAL L 283 -55.55 8.25 -6.89
C VAL L 283 -56.25 9.61 -6.77
N LEU L 284 -56.37 10.33 -7.90
CA LEU L 284 -57.00 11.64 -7.88
C LEU L 284 -58.48 11.60 -7.53
N ASP L 285 -59.10 10.43 -7.56
CA ASP L 285 -60.53 10.29 -7.30
C ASP L 285 -60.85 10.00 -5.83
N GLN L 286 -59.86 9.99 -4.95
CA GLN L 286 -60.14 9.83 -3.53
C GLN L 286 -60.91 11.03 -3.00
N GLN L 287 -61.94 10.75 -2.20
CA GLN L 287 -62.78 11.81 -1.65
C GLN L 287 -62.24 12.27 -0.30
N LEU L 288 -62.08 13.58 -0.16
CA LEU L 288 -61.50 14.18 1.04
C LEU L 288 -62.49 15.01 1.85
N GLY L 289 -63.59 15.45 1.25
CA GLY L 289 -64.57 16.24 1.97
C GLY L 289 -65.96 16.01 1.40
N CYS L 290 -66.96 16.18 2.26
CA CYS L 290 -68.33 15.98 1.85
C CYS L 290 -69.22 16.98 2.57
N LEU L 291 -70.38 17.24 1.96
CA LEU L 291 -71.35 18.16 2.53
C LEU L 291 -72.74 17.75 2.07
N TRP L 292 -73.72 17.90 2.96
CA TRP L 292 -75.13 17.65 2.66
C TRP L 292 -75.91 18.90 3.01
N GLN L 293 -76.21 19.73 2.01
CA GLN L 293 -76.97 20.95 2.21
C GLN L 293 -78.22 20.88 1.34
N LYS L 294 -79.39 20.94 1.98
CA LYS L 294 -80.72 20.73 1.36
C LYS L 294 -80.64 19.44 0.54
N ASP L 295 -81.07 19.41 -0.71
CA ASP L 295 -81.02 18.21 -1.54
C ASP L 295 -79.69 18.07 -2.27
N HIS L 296 -78.74 18.95 -2.03
CA HIS L 296 -77.44 18.93 -2.69
C HIS L 296 -76.44 18.15 -1.83
N LEU L 297 -75.77 17.18 -2.46
CA LEU L 297 -74.73 16.40 -1.82
C LEU L 297 -73.42 16.62 -2.58
N LEU L 298 -72.47 17.28 -1.93
CA LEU L 298 -71.21 17.66 -2.54
C LEU L 298 -70.09 16.77 -2.03
N SER L 299 -69.27 16.30 -2.96
CA SER L 299 -68.09 15.51 -2.60
C SER L 299 -66.88 16.09 -3.31
N VAL L 300 -65.78 16.27 -2.59
CA VAL L 300 -64.57 16.85 -3.15
C VAL L 300 -63.53 15.76 -3.32
N SER L 301 -63.06 15.58 -4.55
CA SER L 301 -62.04 14.59 -4.85
C SER L 301 -60.65 15.16 -4.60
N LEU L 302 -59.65 14.29 -4.71
CA LEU L 302 -58.26 14.72 -4.51
C LEU L 302 -57.82 15.73 -5.55
N SER L 303 -58.38 15.65 -6.76
CA SER L 303 -58.05 16.63 -7.81
C SER L 303 -58.66 18.00 -7.53
N GLY L 304 -59.55 18.12 -6.55
CA GLY L 304 -60.20 19.37 -6.23
C GLY L 304 -61.55 19.58 -6.87
N TYR L 305 -61.95 18.72 -7.81
CA TYR L 305 -63.24 18.87 -8.46
C TYR L 305 -64.36 18.63 -7.46
N ILE L 306 -65.46 19.38 -7.62
CA ILE L 306 -66.60 19.28 -6.72
C ILE L 306 -67.71 18.54 -7.44
N ASN L 307 -68.07 17.36 -6.95
CA ASN L 307 -69.07 16.51 -7.56
C ASN L 307 -70.40 16.70 -6.85
N TYR L 308 -71.43 17.08 -7.59
CA TYR L 308 -72.80 17.13 -7.11
C TYR L 308 -73.36 15.73 -7.22
N LEU L 309 -73.48 15.04 -6.10
CA LEU L 309 -73.81 13.62 -6.12
C LEU L 309 -75.27 13.41 -6.47
N ASP L 310 -75.53 12.44 -7.35
CA ASP L 310 -76.87 12.13 -7.82
C ASP L 310 -77.37 10.88 -7.12
N ARG L 311 -78.54 10.98 -6.49
CA ARG L 311 -79.13 9.83 -5.81
C ARG L 311 -79.73 8.84 -6.80
N ASN L 312 -80.37 9.34 -7.86
CA ASN L 312 -81.08 8.47 -8.79
C ASN L 312 -80.12 7.55 -9.54
N ASN L 313 -79.01 8.10 -10.06
CA ASN L 313 -77.96 7.31 -10.70
C ASN L 313 -76.66 7.55 -9.95
N PRO L 314 -76.10 6.51 -9.33
CA PRO L 314 -74.87 6.70 -8.55
C PRO L 314 -73.62 6.90 -9.40
N SER L 315 -73.56 6.28 -10.58
CA SER L 315 -72.30 6.25 -11.32
C SER L 315 -71.88 7.65 -11.78
N LYS L 316 -72.82 8.43 -12.30
CA LYS L 316 -72.50 9.73 -12.88
C LYS L 316 -73.04 10.84 -12.00
N PRO L 317 -72.20 11.70 -11.44
CA PRO L 317 -72.70 12.84 -10.67
C PRO L 317 -73.40 13.86 -11.58
N LEU L 318 -74.29 14.63 -10.96
CA LEU L 318 -75.04 15.63 -11.72
C LEU L 318 -74.13 16.65 -12.37
N HIS L 319 -73.20 17.21 -11.59
CA HIS L 319 -72.26 18.19 -12.10
C HIS L 319 -70.88 17.92 -11.54
N VAL L 320 -69.86 18.15 -12.36
CA VAL L 320 -68.47 18.09 -11.92
C VAL L 320 -67.91 19.50 -12.07
N ILE L 321 -67.99 20.27 -10.98
CA ILE L 321 -67.45 21.63 -10.96
C ILE L 321 -65.94 21.52 -10.98
N LYS L 322 -65.33 21.84 -12.12
CA LYS L 322 -63.90 21.82 -12.30
C LYS L 322 -63.34 23.23 -12.10
N GLY L 323 -62.07 23.39 -12.37
CA GLY L 323 -61.43 24.68 -12.25
C GLY L 323 -59.94 24.51 -12.07
N HIS L 324 -59.35 25.48 -11.37
CA HIS L 324 -57.93 25.45 -11.05
C HIS L 324 -57.77 25.58 -9.55
N SER L 325 -57.16 24.58 -8.93
CA SER L 325 -56.73 24.66 -7.54
C SER L 325 -55.34 25.25 -7.40
N LYS L 326 -54.69 25.56 -8.52
CA LYS L 326 -53.34 26.12 -8.54
C LYS L 326 -53.38 27.48 -9.22
N SER L 327 -52.43 28.33 -8.84
CA SER L 327 -52.38 29.70 -9.33
C SER L 327 -52.32 29.72 -10.86
N ILE L 328 -53.20 30.50 -11.46
CA ILE L 328 -53.30 30.57 -12.92
C ILE L 328 -52.19 31.48 -13.43
N GLN L 329 -51.41 30.99 -14.39
CA GLN L 329 -50.29 31.74 -14.92
C GLN L 329 -50.57 32.39 -16.26
N CYS L 330 -51.47 31.82 -17.07
CA CYS L 330 -51.77 32.38 -18.38
C CYS L 330 -53.28 32.35 -18.62
N LEU L 331 -53.74 33.30 -19.43
CA LEU L 331 -55.17 33.45 -19.69
C LEU L 331 -55.36 33.99 -21.10
N THR L 332 -56.40 33.51 -21.79
CA THR L 332 -56.73 33.97 -23.13
C THR L 332 -58.23 33.81 -23.35
N VAL L 333 -58.73 34.47 -24.39
CA VAL L 333 -60.14 34.41 -24.75
C VAL L 333 -60.27 34.06 -26.23
N HIS L 334 -61.33 33.31 -26.56
CA HIS L 334 -61.61 32.95 -27.95
C HIS L 334 -63.10 32.97 -28.20
N LYS L 335 -63.49 33.48 -29.35
CA LYS L 335 -64.90 33.55 -29.77
C LYS L 335 -65.16 32.39 -30.72
N ASN L 336 -65.75 31.32 -30.19
CA ASN L 336 -66.05 30.12 -30.97
C ASN L 336 -67.54 30.09 -31.27
N GLY L 337 -67.89 30.00 -32.55
CA GLY L 337 -69.29 30.01 -32.93
C GLY L 337 -69.97 31.27 -32.43
N GLY L 338 -71.05 31.09 -31.68
CA GLY L 338 -71.75 32.20 -31.05
C GLY L 338 -71.48 32.38 -29.58
N LYS L 339 -70.43 31.76 -29.04
CA LYS L 339 -70.14 31.83 -27.61
C LYS L 339 -68.65 32.09 -27.39
N SER L 340 -68.33 32.76 -26.29
CA SER L 340 -66.95 33.10 -25.96
C SER L 340 -66.47 32.21 -24.82
N TYR L 341 -65.26 31.69 -24.96
CA TYR L 341 -64.64 30.82 -23.97
C TYR L 341 -63.34 31.43 -23.48
N ILE L 342 -63.14 31.39 -22.17
CA ILE L 342 -61.93 31.92 -21.54
C ILE L 342 -61.10 30.73 -21.08
N TYR L 343 -59.89 30.61 -21.62
CA TYR L 343 -58.98 29.51 -21.33
C TYR L 343 -57.93 29.98 -20.34
N SER L 344 -57.72 29.19 -19.29
CA SER L 344 -56.77 29.53 -18.24
C SER L 344 -55.82 28.37 -18.00
N GLY L 345 -54.56 28.70 -17.70
CA GLY L 345 -53.54 27.71 -17.45
C GLY L 345 -52.74 28.04 -16.20
N SER L 346 -52.65 27.05 -15.31
CA SER L 346 -51.96 27.17 -14.03
C SER L 346 -50.58 26.51 -14.10
N HIS L 347 -49.93 26.38 -12.95
CA HIS L 347 -48.59 25.81 -12.93
C HIS L 347 -48.58 24.29 -12.90
N ASP L 348 -49.74 23.64 -12.77
CA ASP L 348 -49.80 22.19 -12.75
C ASP L 348 -50.01 21.58 -14.12
N GLY L 349 -50.05 22.40 -15.18
CA GLY L 349 -50.27 21.92 -16.52
C GLY L 349 -51.72 21.82 -16.93
N HIS L 350 -52.64 22.09 -16.02
CA HIS L 350 -54.06 21.97 -16.32
C HIS L 350 -54.54 23.22 -17.06
N ILE L 351 -55.13 23.02 -18.23
CA ILE L 351 -55.71 24.10 -19.02
C ILE L 351 -57.21 23.90 -19.04
N ASN L 352 -57.95 24.93 -18.64
CA ASN L 352 -59.36 24.79 -18.35
C ASN L 352 -60.11 25.95 -18.99
N TYR L 353 -61.19 25.65 -19.72
CA TYR L 353 -61.95 26.67 -20.44
C TYR L 353 -63.31 26.84 -19.78
N TRP L 354 -63.69 28.11 -19.56
CA TRP L 354 -64.95 28.45 -18.92
C TRP L 354 -65.77 29.36 -19.82
N ASP L 355 -67.09 29.19 -19.74
CA ASP L 355 -68.01 30.00 -20.54
C ASP L 355 -68.05 31.43 -20.01
N SER L 356 -68.07 32.40 -20.92
CA SER L 356 -68.08 33.80 -20.52
C SER L 356 -69.42 34.20 -19.90
N GLU L 357 -70.52 33.70 -20.47
CA GLU L 357 -71.85 34.13 -20.04
C GLU L 357 -72.43 33.20 -18.99
N THR L 358 -72.61 31.92 -19.32
CA THR L 358 -73.23 30.99 -18.38
C THR L 358 -72.28 30.62 -17.24
N GLY L 359 -70.97 30.71 -17.47
CA GLY L 359 -70.01 30.36 -16.45
C GLY L 359 -69.67 28.89 -16.37
N GLU L 360 -70.22 28.06 -17.26
CA GLU L 360 -69.91 26.64 -17.25
C GLU L 360 -68.44 26.41 -17.54
N ASN L 361 -67.87 25.39 -16.89
CA ASN L 361 -66.44 25.14 -16.90
C ASN L 361 -66.15 23.70 -17.28
N ASP L 362 -65.07 23.50 -18.03
CA ASP L 362 -64.64 22.14 -18.37
C ASP L 362 -63.18 22.18 -18.81
N SER L 363 -62.61 21.00 -19.03
CA SER L 363 -61.20 20.87 -19.36
C SER L 363 -61.04 20.04 -20.62
N PHE L 364 -59.90 20.23 -21.29
CA PHE L 364 -59.58 19.45 -22.48
C PHE L 364 -59.39 17.98 -22.11
N ALA L 365 -59.97 17.10 -22.92
CA ALA L 365 -59.88 15.68 -22.64
C ALA L 365 -58.47 15.16 -22.95
N GLY L 366 -58.11 14.07 -22.28
CA GLY L 366 -56.81 13.46 -22.48
C GLY L 366 -55.75 13.98 -21.54
N LYS L 367 -54.51 13.63 -21.86
CA LYS L 367 -53.35 14.03 -21.08
C LYS L 367 -52.67 15.21 -21.76
N GLY L 368 -52.51 16.31 -21.02
CA GLY L 368 -51.93 17.51 -21.58
C GLY L 368 -50.58 17.88 -21.01
N HIS L 369 -50.48 19.08 -20.45
CA HIS L 369 -49.20 19.56 -19.95
C HIS L 369 -48.84 18.89 -18.63
N THR L 370 -47.54 18.90 -18.32
CA THR L 370 -47.03 18.30 -17.09
C THR L 370 -46.40 19.33 -16.15
N ASN L 371 -46.31 20.60 -16.54
CA ASN L 371 -45.70 21.63 -15.72
C ASN L 371 -46.38 22.96 -15.99
N GLN L 372 -45.79 24.03 -15.45
CA GLN L 372 -46.37 25.36 -15.58
C GLN L 372 -46.53 25.74 -17.05
N VAL L 373 -47.76 26.07 -17.43
CA VAL L 373 -48.05 26.55 -18.77
C VAL L 373 -47.60 28.00 -18.82
N SER L 374 -46.51 28.25 -19.55
CA SER L 374 -45.92 29.59 -19.56
C SER L 374 -46.83 30.59 -20.27
N ARG L 375 -47.32 30.24 -21.45
CA ARG L 375 -48.14 31.18 -22.23
C ARG L 375 -49.11 30.44 -23.11
N MET L 376 -50.32 31.01 -23.27
CA MET L 376 -51.32 30.50 -24.19
C MET L 376 -51.85 31.65 -25.04
N THR L 377 -52.21 31.34 -26.28
CA THR L 377 -52.83 32.31 -27.18
C THR L 377 -53.59 31.56 -28.26
N VAL L 378 -54.22 32.30 -29.17
CA VAL L 378 -55.07 31.69 -30.20
C VAL L 378 -54.64 32.18 -31.57
N ASP L 379 -54.52 31.25 -32.53
CA ASP L 379 -54.16 31.58 -33.90
C ASP L 379 -55.43 31.74 -34.75
N GLU L 380 -55.24 31.94 -36.06
CA GLU L 380 -56.37 32.16 -36.96
C GLU L 380 -57.16 30.89 -37.26
N SER L 381 -56.53 29.72 -37.21
CA SER L 381 -57.19 28.46 -37.53
C SER L 381 -57.90 27.86 -36.33
N GLY L 382 -58.19 28.66 -35.30
CA GLY L 382 -58.87 28.16 -34.13
C GLY L 382 -58.10 27.11 -33.36
N GLN L 383 -56.79 27.30 -33.20
CA GLN L 383 -55.95 26.38 -32.45
C GLN L 383 -55.28 27.12 -31.30
N LEU L 384 -55.33 26.52 -30.11
CA LEU L 384 -54.72 27.09 -28.92
C LEU L 384 -53.23 26.77 -28.93
N ILE L 385 -52.43 27.79 -28.68
CA ILE L 385 -50.98 27.70 -28.61
C ILE L 385 -50.59 27.74 -27.15
N SER L 386 -49.92 26.70 -26.68
CA SER L 386 -49.52 26.60 -25.28
C SER L 386 -48.06 26.23 -25.16
N CYS L 387 -47.25 27.16 -24.64
CA CYS L 387 -45.85 26.88 -24.35
C CYS L 387 -45.68 26.75 -22.84
N SER L 388 -44.97 25.70 -22.42
CA SER L 388 -44.80 25.42 -21.00
C SER L 388 -43.32 25.13 -20.71
N MET L 389 -43.01 24.93 -19.42
CA MET L 389 -41.63 24.66 -19.02
C MET L 389 -41.28 23.18 -19.01
N ASP L 390 -42.16 22.29 -19.48
CA ASP L 390 -41.75 20.95 -19.81
C ASP L 390 -41.10 20.88 -21.19
N ASP L 391 -40.64 22.03 -21.70
CA ASP L 391 -39.98 22.14 -23.00
C ASP L 391 -40.91 21.70 -24.13
N THR L 392 -42.19 22.03 -24.00
CA THR L 392 -43.19 21.66 -24.99
C THR L 392 -44.00 22.87 -25.42
N VAL L 393 -44.22 22.97 -26.73
CA VAL L 393 -45.21 23.86 -27.31
C VAL L 393 -46.28 22.97 -27.96
N ARG L 394 -47.53 23.21 -27.59
CA ARG L 394 -48.64 22.37 -28.02
C ARG L 394 -49.67 23.17 -28.80
N TYR L 395 -50.09 22.60 -29.92
CA TYR L 395 -51.19 23.08 -30.75
C TYR L 395 -52.40 22.20 -30.44
N THR L 396 -53.45 22.80 -29.88
CA THR L 396 -54.65 22.05 -29.50
C THR L 396 -55.85 22.59 -30.24
N SER L 397 -56.60 21.71 -30.90
CA SER L 397 -57.80 22.14 -31.60
C SER L 397 -58.85 22.63 -30.60
N LEU L 398 -59.40 23.81 -30.86
CA LEU L 398 -60.37 24.42 -29.93
C LEU L 398 -61.79 23.87 -30.12
N MET L 399 -62.02 23.02 -31.11
CA MET L 399 -63.33 22.42 -31.32
C MET L 399 -63.42 20.99 -30.82
N LEU L 400 -62.34 20.22 -30.91
CA LEU L 400 -62.37 18.83 -30.47
C LEU L 400 -62.33 18.71 -28.96
N ARG L 401 -61.60 19.60 -28.28
CA ARG L 401 -61.47 19.60 -26.83
C ARG L 401 -60.91 18.26 -26.33
N ASP L 402 -59.82 17.82 -26.95
CA ASP L 402 -59.14 16.60 -26.55
C ASP L 402 -57.65 16.74 -26.83
N TYR L 403 -56.82 16.36 -25.84
CA TYR L 403 -55.38 16.47 -26.01
C TYR L 403 -54.83 15.39 -26.92
N SER L 404 -55.54 14.27 -27.06
CA SER L 404 -55.01 13.12 -27.79
C SER L 404 -54.85 13.45 -29.27
N GLY L 405 -53.70 13.06 -29.83
CA GLY L 405 -53.43 13.24 -31.24
C GLY L 405 -53.39 14.67 -31.73
N GLN L 406 -52.79 15.58 -30.97
CA GLN L 406 -52.69 16.97 -31.40
C GLN L 406 -51.22 17.38 -31.53
N GLY L 407 -50.99 18.65 -31.83
CA GLY L 407 -49.67 19.12 -32.23
C GLY L 407 -48.70 19.23 -31.08
N VAL L 408 -47.57 18.55 -31.21
CA VAL L 408 -46.48 18.58 -30.22
C VAL L 408 -45.22 19.10 -30.91
N VAL L 409 -44.49 19.97 -30.23
CA VAL L 409 -43.12 20.27 -30.60
C VAL L 409 -42.29 20.40 -29.33
N LYS L 410 -41.16 19.71 -29.29
CA LYS L 410 -40.26 19.70 -28.14
C LYS L 410 -39.13 20.70 -28.38
N LEU L 411 -38.82 21.48 -27.35
CA LEU L 411 -37.78 22.51 -27.43
C LEU L 411 -36.60 22.09 -26.56
N ASP L 412 -35.39 22.30 -27.06
CA ASP L 412 -34.19 21.96 -26.31
C ASP L 412 -33.97 22.89 -25.12
N VAL L 413 -34.58 24.06 -25.11
CA VAL L 413 -34.43 25.03 -24.04
C VAL L 413 -35.82 25.47 -23.59
N GLN L 414 -35.97 25.68 -22.28
CA GLN L 414 -37.24 26.09 -21.70
C GLN L 414 -37.72 27.41 -22.27
N PRO L 415 -38.93 27.47 -22.82
CA PRO L 415 -39.48 28.75 -23.28
C PRO L 415 -40.25 29.46 -22.18
N LYS L 416 -40.48 30.75 -22.40
CA LYS L 416 -41.28 31.56 -21.49
C LYS L 416 -42.42 32.32 -22.16
N CYS L 417 -42.37 32.53 -23.48
CA CYS L 417 -43.41 33.28 -24.16
C CYS L 417 -43.52 32.78 -25.60
N VAL L 418 -44.75 32.81 -26.12
CA VAL L 418 -45.02 32.46 -27.50
C VAL L 418 -46.04 33.43 -28.07
N ALA L 419 -45.81 33.89 -29.30
CA ALA L 419 -46.75 34.73 -30.02
C ALA L 419 -46.89 34.19 -31.44
N VAL L 420 -48.09 34.37 -32.00
CA VAL L 420 -48.43 33.79 -33.30
C VAL L 420 -49.00 34.87 -34.21
N GLY L 421 -49.00 34.58 -35.50
CA GLY L 421 -49.54 35.46 -36.50
C GLY L 421 -50.10 34.70 -37.68
N PRO L 422 -50.66 35.42 -38.66
CA PRO L 422 -51.21 34.76 -39.84
C PRO L 422 -50.13 34.05 -40.64
N GLY L 423 -50.53 32.98 -41.30
CA GLY L 423 -49.60 32.20 -42.10
C GLY L 423 -48.97 31.03 -41.38
N GLY L 424 -49.49 30.61 -40.24
CA GLY L 424 -48.92 29.51 -39.49
C GLY L 424 -47.54 29.81 -38.93
N TYR L 425 -47.34 31.00 -38.39
CA TYR L 425 -46.05 31.43 -37.86
C TYR L 425 -46.15 31.62 -36.36
N ALA L 426 -45.18 31.08 -35.63
CA ALA L 426 -45.08 31.25 -34.18
C ALA L 426 -43.65 31.58 -33.82
N VAL L 427 -43.46 32.45 -32.83
CA VAL L 427 -42.14 32.79 -32.33
C VAL L 427 -42.10 32.42 -30.85
N VAL L 428 -41.17 31.55 -30.48
CA VAL L 428 -41.02 31.10 -29.11
C VAL L 428 -39.69 31.61 -28.56
N VAL L 429 -39.74 32.23 -27.39
CA VAL L 429 -38.56 32.76 -26.73
C VAL L 429 -38.14 31.77 -25.65
N CYS L 430 -36.89 31.32 -25.72
CA CYS L 430 -36.28 30.43 -24.75
C CYS L 430 -35.19 31.20 -24.00
N ILE L 431 -34.45 30.50 -23.14
CA ILE L 431 -33.38 31.11 -22.36
C ILE L 431 -32.25 31.43 -23.32
N GLY L 432 -32.12 32.70 -23.67
CA GLY L 432 -31.10 33.11 -24.63
C GLY L 432 -31.24 32.50 -26.00
N GLN L 433 -32.47 32.43 -26.52
CA GLN L 433 -32.72 31.78 -27.79
C GLN L 433 -34.07 32.23 -28.35
N ILE L 434 -34.14 32.36 -29.66
CA ILE L 434 -35.38 32.66 -30.36
C ILE L 434 -35.57 31.57 -31.41
N VAL L 435 -36.75 30.94 -31.41
CA VAL L 435 -37.04 29.84 -32.33
C VAL L 435 -38.31 30.18 -33.09
N LEU L 436 -38.33 29.89 -34.39
CA LEU L 436 -39.50 30.14 -35.22
C LEU L 436 -40.12 28.79 -35.59
N LEU L 437 -41.42 28.68 -35.41
CA LEU L 437 -42.18 27.47 -35.74
C LEU L 437 -43.15 27.76 -36.87
N LYS L 438 -43.08 26.94 -37.92
CA LYS L 438 -44.00 27.03 -39.05
C LYS L 438 -44.62 25.67 -39.26
N ASP L 439 -45.95 25.59 -39.13
CA ASP L 439 -46.70 24.35 -39.35
C ASP L 439 -46.15 23.20 -38.51
N GLN L 440 -45.99 23.48 -37.21
CA GLN L 440 -45.58 22.48 -36.21
C GLN L 440 -44.18 21.95 -36.49
N ARG L 441 -43.29 22.77 -37.05
CA ARG L 441 -41.91 22.37 -37.25
C ARG L 441 -40.99 23.54 -36.99
N LYS L 442 -39.80 23.25 -36.47
CA LYS L 442 -38.78 24.26 -36.19
C LYS L 442 -37.91 24.44 -37.43
N CYS L 443 -37.86 25.66 -37.96
CA CYS L 443 -37.08 25.94 -39.16
C CYS L 443 -35.99 26.97 -38.95
N PHE L 444 -36.05 27.79 -37.91
CA PHE L 444 -34.99 28.76 -37.66
C PHE L 444 -34.80 28.95 -36.17
N SER L 445 -33.53 29.20 -35.80
CA SER L 445 -33.13 29.45 -34.43
C SER L 445 -32.20 30.65 -34.42
N ILE L 446 -32.27 31.44 -33.34
CA ILE L 446 -31.51 32.68 -33.24
C ILE L 446 -30.62 32.58 -32.00
N ASP L 447 -30.11 31.38 -31.73
CA ASP L 447 -29.25 31.15 -30.57
C ASP L 447 -28.12 32.16 -30.51
N ASN L 448 -27.82 32.61 -29.28
CA ASN L 448 -26.86 33.68 -29.01
C ASN L 448 -27.28 34.95 -29.72
N PRO L 449 -28.39 35.58 -29.32
CA PRO L 449 -28.86 36.79 -30.00
C PRO L 449 -28.19 38.07 -29.53
N GLY L 450 -27.25 38.00 -28.60
CA GLY L 450 -26.61 39.18 -28.06
C GLY L 450 -27.34 39.83 -26.89
N TYR L 451 -28.45 39.27 -26.45
CA TYR L 451 -29.21 39.79 -25.33
C TYR L 451 -29.98 38.64 -24.69
N GLU L 452 -30.84 38.97 -23.73
CA GLU L 452 -31.66 37.97 -23.05
C GLU L 452 -33.13 38.24 -23.37
N PRO L 453 -33.73 37.51 -24.30
CA PRO L 453 -35.13 37.75 -24.63
C PRO L 453 -36.06 37.35 -23.50
N GLU L 454 -37.18 38.08 -23.39
CA GLU L 454 -38.15 37.82 -22.34
C GLU L 454 -39.57 37.64 -22.84
N VAL L 455 -39.98 38.41 -23.86
CA VAL L 455 -41.36 38.39 -24.34
C VAL L 455 -41.36 38.70 -25.83
N VAL L 456 -42.32 38.14 -26.55
CA VAL L 456 -42.38 38.27 -28.00
C VAL L 456 -43.80 38.65 -28.39
N ALA L 457 -43.91 39.56 -29.37
CA ALA L 457 -45.20 39.98 -29.91
C ALA L 457 -45.13 39.97 -31.42
N VAL L 458 -46.11 39.35 -32.06
CA VAL L 458 -46.18 39.24 -33.51
C VAL L 458 -47.23 40.22 -34.03
N HIS L 459 -46.89 40.97 -35.07
CA HIS L 459 -47.81 41.92 -35.65
C HIS L 459 -49.01 41.17 -36.25
N PRO L 460 -50.20 41.78 -36.22
CA PRO L 460 -51.37 41.13 -36.84
C PRO L 460 -51.21 40.86 -38.32
N GLY L 461 -50.32 41.58 -39.01
CA GLY L 461 -50.01 41.28 -40.39
C GLY L 461 -49.06 40.13 -40.59
N GLY L 462 -48.51 39.57 -39.53
CA GLY L 462 -47.62 38.43 -39.62
C GLY L 462 -46.31 38.71 -40.32
N ASP L 463 -45.76 39.91 -40.15
CA ASP L 463 -44.50 40.29 -40.77
C ASP L 463 -43.55 40.98 -39.81
N THR L 464 -44.04 41.50 -38.70
CA THR L 464 -43.24 42.26 -37.75
C THR L 464 -43.31 41.60 -36.37
N VAL L 465 -42.15 41.47 -35.73
CA VAL L 465 -42.05 40.87 -34.40
C VAL L 465 -41.24 41.81 -33.51
N ALA L 466 -41.83 42.17 -32.38
CA ALA L 466 -41.15 42.97 -31.36
C ALA L 466 -40.78 42.05 -30.20
N ILE L 467 -39.51 42.04 -29.84
CA ILE L 467 -39.00 41.14 -28.81
C ILE L 467 -38.35 41.98 -27.71
N GLY L 468 -38.66 41.66 -26.46
CA GLY L 468 -38.14 42.41 -25.34
C GLY L 468 -36.86 41.82 -24.78
N GLY L 469 -36.18 42.61 -23.95
CA GLY L 469 -34.95 42.18 -23.32
C GLY L 469 -34.80 42.77 -21.93
N VAL L 470 -33.95 42.13 -21.13
CA VAL L 470 -33.67 42.62 -19.79
C VAL L 470 -32.97 43.96 -19.83
N ASP L 471 -32.24 44.23 -20.91
CA ASP L 471 -31.49 45.48 -21.03
C ASP L 471 -32.41 46.69 -21.17
N GLY L 472 -33.70 46.48 -21.41
CA GLY L 472 -34.63 47.58 -21.55
C GLY L 472 -34.84 48.08 -22.95
N ASN L 473 -34.46 47.30 -23.97
CA ASN L 473 -34.56 47.72 -25.36
C ASN L 473 -35.31 46.65 -26.13
N VAL L 474 -36.29 47.08 -26.93
CA VAL L 474 -37.12 46.18 -27.73
C VAL L 474 -36.52 46.11 -29.13
N ARG L 475 -36.25 44.90 -29.59
CA ARG L 475 -35.64 44.65 -30.88
C ARG L 475 -36.71 44.24 -31.89
N LEU L 476 -36.46 44.55 -33.15
CA LEU L 476 -37.43 44.34 -34.22
C LEU L 476 -36.91 43.27 -35.19
N TYR L 477 -37.79 42.35 -35.55
CA TYR L 477 -37.47 41.27 -36.48
C TYR L 477 -38.55 41.17 -37.55
N SER L 478 -38.16 40.71 -38.73
CA SER L 478 -39.07 40.51 -39.84
C SER L 478 -39.04 39.04 -40.25
N ILE L 479 -40.21 38.47 -40.46
CA ILE L 479 -40.34 37.05 -40.82
C ILE L 479 -40.39 36.99 -42.34
N LEU L 480 -39.24 36.71 -42.94
CA LEU L 480 -39.12 36.54 -44.39
C LEU L 480 -38.88 35.06 -44.66
N GLY L 481 -39.82 34.42 -45.35
CA GLY L 481 -39.69 33.00 -45.61
C GLY L 481 -39.61 32.22 -44.32
N THR L 482 -38.58 31.38 -44.19
CA THR L 482 -38.31 30.62 -42.99
C THR L 482 -37.24 31.27 -42.13
N THR L 483 -37.11 32.60 -42.20
CA THR L 483 -36.01 33.30 -41.56
C THR L 483 -36.54 34.51 -40.81
N LEU L 484 -35.93 34.78 -39.65
CA LEU L 484 -36.14 36.03 -38.92
C LEU L 484 -34.92 36.92 -39.14
N LYS L 485 -35.15 38.09 -39.72
CA LYS L 485 -34.09 39.04 -40.03
C LYS L 485 -34.18 40.24 -39.10
N ASP L 486 -33.04 40.62 -38.53
CA ASP L 486 -33.00 41.75 -37.60
C ASP L 486 -33.05 43.06 -38.38
N GLU L 487 -34.12 43.82 -38.18
CA GLU L 487 -34.31 45.09 -38.87
C GLU L 487 -33.41 46.20 -38.34
N GLY L 488 -32.69 45.97 -37.24
CA GLY L 488 -31.85 47.00 -36.66
C GLY L 488 -32.62 48.17 -36.10
N LYS L 489 -33.79 47.93 -35.52
CA LYS L 489 -34.57 48.97 -34.87
C LYS L 489 -34.65 48.64 -33.38
N LEU L 490 -34.26 49.61 -32.56
CA LEU L 490 -34.08 49.40 -31.12
C LEU L 490 -34.94 50.41 -30.38
N LEU L 491 -36.17 50.02 -30.05
CA LEU L 491 -37.09 50.90 -29.34
C LEU L 491 -36.72 50.96 -27.86
N GLU L 492 -36.51 52.17 -27.35
CA GLU L 492 -35.99 52.37 -26.01
C GLU L 492 -37.12 52.44 -25.00
N ALA L 493 -37.02 51.63 -23.95
CA ALA L 493 -37.95 51.63 -22.82
C ALA L 493 -37.23 52.18 -21.59
N LYS L 494 -37.98 52.27 -20.49
CA LYS L 494 -37.45 52.81 -19.25
C LYS L 494 -36.90 51.75 -18.31
N GLY L 495 -36.93 50.47 -18.72
CA GLY L 495 -36.40 49.40 -17.91
C GLY L 495 -36.59 48.05 -18.58
N PRO L 496 -36.23 46.98 -17.87
CA PRO L 496 -36.39 45.63 -18.44
C PRO L 496 -37.81 45.35 -18.89
N VAL L 497 -37.98 45.12 -20.18
CA VAL L 497 -39.30 44.87 -20.76
C VAL L 497 -39.81 43.52 -20.29
N THR L 498 -41.09 43.47 -19.93
CA THR L 498 -41.68 42.22 -19.49
C THR L 498 -42.95 41.81 -20.23
N ASP L 499 -43.48 42.67 -21.10
CA ASP L 499 -44.65 42.32 -21.89
C ASP L 499 -44.80 43.32 -23.03
N VAL L 500 -44.93 42.79 -24.24
CA VAL L 500 -45.17 43.59 -25.43
C VAL L 500 -46.39 43.00 -26.14
N ALA L 501 -47.32 43.87 -26.54
CA ALA L 501 -48.55 43.41 -27.17
C ALA L 501 -48.92 44.38 -28.28
N TYR L 502 -49.05 43.85 -29.50
CA TYR L 502 -49.52 44.65 -30.62
C TYR L 502 -51.02 44.94 -30.48
N SER L 503 -51.43 46.07 -31.03
CA SER L 503 -52.85 46.38 -31.09
C SER L 503 -53.54 45.45 -32.07
N HIS L 504 -54.86 45.33 -31.92
CA HIS L 504 -55.63 44.40 -32.76
C HIS L 504 -55.55 44.80 -34.23
N ASP L 505 -55.45 46.09 -34.53
CA ASP L 505 -55.22 46.55 -35.88
C ASP L 505 -53.73 46.65 -36.23
N GLY L 506 -52.85 46.46 -35.24
CA GLY L 506 -51.42 46.51 -35.48
C GLY L 506 -50.84 47.89 -35.68
N ALA L 507 -51.53 48.94 -35.22
CA ALA L 507 -51.07 50.30 -35.42
C ALA L 507 -50.29 50.86 -34.24
N PHE L 508 -50.36 50.24 -33.07
CA PHE L 508 -49.66 50.75 -31.90
C PHE L 508 -49.02 49.60 -31.15
N LEU L 509 -47.90 49.87 -30.49
CA LEU L 509 -47.15 48.89 -29.71
C LEU L 509 -47.03 49.38 -28.28
N ALA L 510 -47.49 48.58 -27.32
CA ALA L 510 -47.40 48.93 -25.91
C ALA L 510 -46.29 48.13 -25.26
N VAL L 511 -45.32 48.83 -24.67
CA VAL L 511 -44.18 48.22 -24.02
C VAL L 511 -44.21 48.58 -22.55
N CYS L 512 -44.08 47.57 -21.69
CA CYS L 512 -44.09 47.76 -20.25
C CYS L 512 -42.79 47.23 -19.65
N ASP L 513 -42.21 48.03 -18.74
CA ASP L 513 -40.88 47.81 -18.23
C ASP L 513 -40.89 47.82 -16.70
N ALA L 514 -39.69 47.85 -16.12
CA ALA L 514 -39.56 47.81 -14.67
C ALA L 514 -39.61 49.18 -14.01
N SER L 515 -39.67 50.26 -14.79
CA SER L 515 -39.72 51.60 -14.25
C SER L 515 -41.15 52.10 -14.03
N LYS L 516 -42.12 51.19 -14.02
CA LYS L 516 -43.53 51.54 -13.80
C LYS L 516 -44.05 52.49 -14.87
N VAL L 517 -43.60 52.25 -16.11
CA VAL L 517 -43.89 53.14 -17.23
C VAL L 517 -44.51 52.30 -18.35
N VAL L 518 -45.54 52.83 -19.00
CA VAL L 518 -46.13 52.22 -20.18
C VAL L 518 -45.85 53.11 -21.37
N THR L 519 -45.17 52.56 -22.38
CA THR L 519 -44.78 53.33 -23.57
C THR L 519 -45.58 52.84 -24.77
N VAL L 520 -46.38 53.73 -25.36
CA VAL L 520 -47.14 53.44 -26.57
C VAL L 520 -46.38 54.03 -27.75
N PHE L 521 -46.08 53.18 -28.73
CA PHE L 521 -45.16 53.47 -29.81
C PHE L 521 -45.94 53.37 -31.11
N SER L 522 -45.85 54.39 -31.95
CA SER L 522 -46.71 54.48 -33.13
C SER L 522 -46.10 53.71 -34.28
N VAL L 523 -46.75 52.61 -34.68
CA VAL L 523 -46.25 51.78 -35.77
C VAL L 523 -46.35 52.52 -37.09
N ALA L 524 -47.44 53.28 -37.30
CA ALA L 524 -47.67 53.91 -38.59
C ALA L 524 -46.62 54.97 -38.89
N ASP L 525 -46.22 55.75 -37.90
CA ASP L 525 -45.32 56.88 -38.10
C ASP L 525 -43.88 56.38 -37.93
N GLY L 526 -43.45 55.55 -38.89
CA GLY L 526 -42.08 55.08 -38.94
C GLY L 526 -41.56 54.49 -37.64
N TYR L 527 -42.46 53.92 -36.82
CA TYR L 527 -42.12 53.41 -35.49
C TYR L 527 -41.50 54.48 -34.61
N SER L 528 -42.28 55.51 -34.30
CA SER L 528 -41.87 56.53 -33.35
C SER L 528 -42.67 56.41 -32.05
N GLU L 529 -42.11 57.00 -30.99
CA GLU L 529 -42.80 57.04 -29.71
C GLU L 529 -44.06 57.90 -29.80
N ASN L 530 -45.16 57.39 -29.24
CA ASN L 530 -46.44 58.08 -29.27
C ASN L 530 -46.82 58.68 -27.91
N ASN L 531 -46.74 57.91 -26.84
CA ASN L 531 -47.19 58.37 -25.53
C ASN L 531 -46.47 57.63 -24.42
N VAL L 532 -46.44 58.27 -23.25
CA VAL L 532 -45.83 57.72 -22.04
C VAL L 532 -46.86 57.80 -20.91
N PHE L 533 -46.97 56.73 -20.13
CA PHE L 533 -47.98 56.60 -19.09
C PHE L 533 -47.33 56.26 -17.76
N TYR L 534 -47.64 57.05 -16.74
CA TYR L 534 -47.15 56.91 -15.38
C TYR L 534 -48.33 56.71 -14.43
N GLY L 535 -48.06 56.10 -13.29
CA GLY L 535 -49.10 55.91 -12.31
C GLY L 535 -49.05 54.59 -11.56
N HIS L 536 -48.45 53.58 -12.17
CA HIS L 536 -48.14 52.36 -11.43
C HIS L 536 -47.08 52.68 -10.39
N HIS L 537 -47.28 52.16 -9.17
CA HIS L 537 -46.35 52.39 -8.07
C HIS L 537 -45.50 51.17 -7.78
N ALA L 538 -45.39 50.24 -8.73
CA ALA L 538 -44.48 49.11 -8.60
C ALA L 538 -44.28 48.48 -9.98
N LYS L 539 -43.50 47.40 -9.98
CA LYS L 539 -43.24 46.65 -11.21
C LYS L 539 -44.54 46.16 -11.85
N ILE L 540 -44.66 46.40 -13.15
CA ILE L 540 -45.80 45.95 -13.94
C ILE L 540 -45.49 44.58 -14.52
N VAL L 541 -46.52 43.74 -14.69
CA VAL L 541 -46.32 42.38 -15.17
C VAL L 541 -47.17 42.02 -16.37
N CYS L 542 -48.32 42.65 -16.62
CA CYS L 542 -49.21 42.14 -17.65
C CYS L 542 -49.91 43.30 -18.34
N LEU L 543 -50.35 43.03 -19.58
CA LEU L 543 -50.86 44.07 -20.46
C LEU L 543 -51.73 43.42 -21.54
N ALA L 544 -52.84 44.08 -21.86
CA ALA L 544 -53.78 43.60 -22.87
C ALA L 544 -54.45 44.77 -23.56
N TRP L 545 -54.93 44.52 -24.77
CA TRP L 545 -55.53 45.55 -25.63
C TRP L 545 -57.03 45.37 -25.73
N SER L 546 -57.76 46.47 -25.58
CA SER L 546 -59.20 46.46 -25.81
C SER L 546 -59.49 46.32 -27.31
N PRO L 547 -60.62 45.71 -27.67
CA PRO L 547 -60.93 45.52 -29.10
C PRO L 547 -61.06 46.81 -29.88
N ASP L 548 -61.44 47.92 -29.25
CA ASP L 548 -61.66 49.17 -29.97
C ASP L 548 -60.36 49.82 -30.45
N ASN L 549 -59.21 49.32 -30.02
CA ASN L 549 -57.90 49.88 -30.35
C ASN L 549 -57.74 51.30 -29.84
N GLU L 550 -58.49 51.67 -28.80
CA GLU L 550 -58.38 52.98 -28.18
C GLU L 550 -58.13 52.91 -26.68
N HIS L 551 -58.25 51.74 -26.06
CA HIS L 551 -58.00 51.56 -24.64
C HIS L 551 -57.18 50.31 -24.44
N PHE L 552 -56.47 50.25 -23.30
CA PHE L 552 -55.71 49.06 -22.98
C PHE L 552 -55.51 48.96 -21.48
N ALA L 553 -55.49 47.72 -20.97
CA ALA L 553 -55.42 47.47 -19.54
C ALA L 553 -54.04 46.90 -19.18
N SER L 554 -53.53 47.30 -18.02
CA SER L 554 -52.21 46.89 -17.58
C SER L 554 -52.20 46.68 -16.06
N GLY L 555 -51.55 45.60 -15.63
CA GLY L 555 -51.56 45.20 -14.23
C GLY L 555 -50.17 44.92 -13.69
N GLY L 556 -49.97 45.26 -12.41
CA GLY L 556 -48.67 45.06 -11.78
C GLY L 556 -48.75 44.39 -10.41
N MET L 557 -47.62 44.07 -9.77
CA MET L 557 -47.73 43.50 -8.42
C MET L 557 -47.96 44.55 -7.35
N ASP L 558 -48.20 45.80 -7.75
CA ASP L 558 -48.73 46.82 -6.86
C ASP L 558 -50.20 46.59 -6.55
N MET L 559 -50.72 45.39 -6.84
CA MET L 559 -52.13 45.07 -6.74
C MET L 559 -52.97 46.11 -7.46
N MET L 560 -52.47 46.58 -8.60
CA MET L 560 -53.07 47.68 -9.35
C MET L 560 -53.35 47.23 -10.78
N VAL L 561 -54.54 47.56 -11.26
CA VAL L 561 -54.91 47.45 -12.66
C VAL L 561 -55.29 48.85 -13.14
N TYR L 562 -54.73 49.26 -14.27
CA TYR L 562 -55.02 50.56 -14.85
C TYR L 562 -55.52 50.37 -16.27
N VAL L 563 -56.69 50.93 -16.56
CA VAL L 563 -57.25 50.97 -17.90
C VAL L 563 -56.93 52.35 -18.46
N TRP L 564 -56.13 52.38 -19.53
CA TRP L 564 -55.63 53.60 -20.11
C TRP L 564 -56.34 53.91 -21.41
N THR L 565 -56.71 55.17 -21.59
CA THR L 565 -57.23 55.68 -22.85
C THR L 565 -56.04 56.11 -23.71
N LEU L 566 -56.00 55.62 -24.95
CA LEU L 566 -54.86 55.89 -25.82
C LEU L 566 -54.73 57.38 -26.13
N SER L 567 -55.85 58.06 -26.36
CA SER L 567 -55.79 59.46 -26.75
C SER L 567 -55.31 60.34 -25.59
N ASP L 568 -55.86 60.15 -24.40
CA ASP L 568 -55.59 61.02 -23.25
C ASP L 568 -54.84 60.25 -22.17
N PRO L 569 -53.53 60.44 -22.03
CA PRO L 569 -52.80 59.78 -20.93
C PRO L 569 -53.25 60.21 -19.54
N GLU L 570 -53.87 61.38 -19.41
CA GLU L 570 -54.25 61.89 -18.10
C GLU L 570 -55.51 61.25 -17.53
N THR L 571 -56.25 60.50 -18.35
CA THR L 571 -57.46 59.82 -17.89
C THR L 571 -57.19 58.33 -17.82
N ARG L 572 -57.54 57.73 -16.68
CA ARG L 572 -57.35 56.30 -16.49
C ARG L 572 -58.39 55.79 -15.50
N VAL L 573 -58.65 54.48 -15.59
CA VAL L 573 -59.57 53.79 -14.67
C VAL L 573 -58.73 52.93 -13.75
N LYS L 574 -58.89 53.12 -12.44
CA LYS L 574 -58.07 52.46 -11.44
C LYS L 574 -58.88 51.33 -10.80
N ILE L 575 -58.49 50.09 -11.09
CA ILE L 575 -59.03 48.92 -10.41
C ILE L 575 -58.05 48.59 -9.30
N GLN L 576 -58.49 48.84 -8.06
CA GLN L 576 -57.65 48.61 -6.89
C GLN L 576 -58.01 47.28 -6.24
N ASP L 577 -56.98 46.54 -5.82
CA ASP L 577 -57.14 45.22 -5.23
C ASP L 577 -58.06 44.35 -6.09
N ALA L 578 -57.69 44.23 -7.36
CA ALA L 578 -58.45 43.40 -8.28
C ALA L 578 -58.51 41.96 -7.77
N HIS L 579 -57.38 41.43 -7.32
CA HIS L 579 -57.31 40.21 -6.55
C HIS L 579 -56.52 40.52 -5.28
N ARG L 580 -57.18 40.46 -4.13
CA ARG L 580 -56.57 40.92 -2.89
C ARG L 580 -55.36 40.06 -2.54
N LEU L 581 -54.28 40.74 -2.15
CA LEU L 581 -53.01 40.16 -1.72
C LEU L 581 -52.32 39.35 -2.81
N HIS L 582 -52.80 39.39 -4.05
CA HIS L 582 -52.19 38.67 -5.16
C HIS L 582 -52.09 39.57 -6.37
N HIS L 583 -50.96 39.52 -7.06
CA HIS L 583 -50.76 40.34 -8.25
C HIS L 583 -51.45 39.70 -9.44
N VAL L 584 -51.88 40.55 -10.37
CA VAL L 584 -52.58 40.08 -11.57
C VAL L 584 -51.56 39.40 -12.47
N SER L 585 -51.78 38.12 -12.77
CA SER L 585 -50.85 37.38 -13.59
C SER L 585 -51.11 37.60 -15.08
N SER L 586 -52.38 37.68 -15.47
CA SER L 586 -52.74 37.86 -16.87
C SER L 586 -54.12 38.48 -16.96
N LEU L 587 -54.41 39.07 -18.12
CA LEU L 587 -55.72 39.64 -18.36
C LEU L 587 -55.97 39.69 -19.86
N ALA L 588 -57.23 39.89 -20.22
CA ALA L 588 -57.63 40.01 -21.61
C ALA L 588 -58.97 40.73 -21.65
N TRP L 589 -59.51 40.87 -22.86
CA TRP L 589 -60.77 41.57 -23.06
C TRP L 589 -61.76 40.64 -23.75
N LEU L 590 -62.89 40.39 -23.09
CA LEU L 590 -64.00 39.72 -23.78
C LEU L 590 -64.47 40.57 -24.95
N ASP L 591 -64.70 41.85 -24.70
CA ASP L 591 -65.10 42.83 -25.71
C ASP L 591 -64.68 44.20 -25.21
N GLU L 592 -65.31 45.25 -25.74
CA GLU L 592 -64.93 46.60 -25.37
C GLU L 592 -65.21 46.95 -23.91
N HIS L 593 -66.39 46.62 -23.36
CA HIS L 593 -66.70 47.06 -22.01
C HIS L 593 -66.47 46.01 -20.93
N THR L 594 -65.94 44.83 -21.26
CA THR L 594 -65.70 43.79 -20.28
C THR L 594 -64.22 43.43 -20.25
N LEU L 595 -63.64 43.40 -19.06
CA LEU L 595 -62.25 43.05 -18.84
C LEU L 595 -62.17 41.79 -18.00
N VAL L 596 -61.43 40.79 -18.50
CA VAL L 596 -61.24 39.51 -17.81
C VAL L 596 -59.83 39.52 -17.23
N THR L 597 -59.70 38.99 -16.01
CA THR L 597 -58.45 39.04 -15.28
C THR L 597 -58.27 37.81 -14.43
N THR L 598 -57.03 37.32 -14.35
CA THR L 598 -56.66 36.19 -13.51
C THR L 598 -55.43 36.57 -12.69
N SER L 599 -55.21 35.82 -11.62
CA SER L 599 -54.12 36.12 -10.69
C SER L 599 -53.61 34.81 -10.10
N HIS L 600 -52.84 34.91 -9.02
CA HIS L 600 -52.26 33.75 -8.37
C HIS L 600 -53.17 33.13 -7.31
N ASP L 601 -54.39 33.64 -7.17
CA ASP L 601 -55.39 33.01 -6.30
C ASP L 601 -56.21 31.95 -7.02
N ALA L 602 -55.85 31.63 -8.26
CA ALA L 602 -56.54 30.62 -9.07
C ALA L 602 -57.98 31.01 -9.34
N SER L 603 -58.27 32.30 -9.34
CA SER L 603 -59.61 32.82 -9.58
C SER L 603 -59.60 33.78 -10.76
N VAL L 604 -60.71 33.79 -11.49
CA VAL L 604 -60.89 34.64 -12.67
C VAL L 604 -62.03 35.62 -12.36
N LYS L 605 -61.91 36.83 -12.88
CA LYS L 605 -62.93 37.86 -12.68
C LYS L 605 -63.19 38.62 -13.98
N GLU L 606 -64.39 39.18 -14.07
CA GLU L 606 -64.75 40.11 -15.12
C GLU L 606 -65.29 41.40 -14.51
N TRP L 607 -64.94 42.52 -15.12
CA TRP L 607 -65.48 43.80 -14.74
C TRP L 607 -66.00 44.55 -15.96
N THR L 608 -67.21 45.08 -15.84
CA THR L 608 -67.76 46.01 -16.81
C THR L 608 -67.06 47.35 -16.60
N ILE L 609 -66.36 47.81 -17.62
CA ILE L 609 -65.57 49.04 -17.56
C ILE L 609 -66.35 50.14 -18.26
N THR L 610 -66.62 51.23 -17.54
CA THR L 610 -67.36 52.36 -18.08
C THR L 610 -66.44 53.57 -18.12
N TYR L 611 -66.32 54.18 -19.29
CA TYR L 611 -65.47 55.35 -19.46
C TYR L 611 -66.27 56.64 -19.30
#